data_9KMG
#
_entry.id   9KMG
#
loop_
_entity.id
_entity.type
_entity.pdbx_description
1 polymer 'Major capsid protein'
2 polymer 'Decoration protein'
#
loop_
_entity_poly.entity_id
_entity_poly.type
_entity_poly.pdbx_seq_one_letter_code
_entity_poly.pdbx_strand_id
1 'polypeptide(L)'
;MTTKKFDEADKSNVEMYLIQAGVKQDAAATMGIWTAQELHRIKSQSYEEDYPVGSALRVFPVTTELSPTDKTFEYMTFDK
VGTAQIIADYTDDLPLVDALGTSEFGKVFRLGNAYLISIDEIKAGQATGRPLSTRKASACQLAHDQLVNRLVFKGSAPHK
IVSVFNHPNITKITSGKWIDASTMKPETAEAELTQAIETIETITRGQHRATNILIPPSMRKVLAIRMPETTMSYLDYFKS
QNSGIEIDSIAELEDIDGAGTKGVLVYEKNPMNMSIEIPEAFNMLPAQPKDLHFKVPCTSKCTGLTIYRPMTIVLITGV
;
A,B,C,D,E,F,G
2 'polypeptide(L)'
;MAQINASYQRDMAIALPGMVADTSKYNIDGACVVNEGDVLVGAAVQVVQAQAVDGHKLVKALTTGTTPYGVAIRSHWQTV
NAQNQMIYEDGGAINVMTSGRVWMLSKSTEAPTFGSAVKLDVDGQEKSDGTIETTWTYAGGWTKYKDIQLVEVQLHQL
;
a,b,c,d,e,f,g
#
# COMPACT_ATOMS: atom_id res chain seq x y z
N ALA A 28 26.98 -36.88 -104.64
CA ALA A 28 27.63 -35.59 -104.84
C ALA A 28 26.60 -34.49 -105.00
N ALA A 29 26.72 -33.46 -104.15
CA ALA A 29 25.76 -32.36 -104.17
C ALA A 29 25.93 -31.50 -105.41
N THR A 30 24.82 -31.28 -106.12
CA THR A 30 24.81 -30.46 -107.33
C THR A 30 23.61 -29.53 -107.31
N MET A 31 23.36 -28.91 -106.16
CA MET A 31 22.17 -28.08 -105.97
C MET A 31 22.46 -26.67 -106.52
N GLY A 32 21.54 -25.73 -106.29
CA GLY A 32 21.65 -24.39 -106.82
C GLY A 32 22.00 -23.37 -105.74
N ILE A 33 22.28 -22.15 -106.19
CA ILE A 33 22.74 -21.11 -105.28
C ILE A 33 21.60 -20.62 -104.38
N TRP A 34 20.37 -20.65 -104.87
CA TRP A 34 19.21 -20.19 -104.11
C TRP A 34 18.45 -21.37 -103.54
N THR A 35 18.03 -21.25 -102.29
CA THR A 35 17.18 -22.25 -101.67
C THR A 35 15.71 -21.82 -101.75
N ALA A 36 14.83 -22.78 -101.51
CA ALA A 36 13.39 -22.52 -101.64
C ALA A 36 12.87 -21.61 -100.54
N GLN A 37 13.62 -21.45 -99.45
CA GLN A 37 13.14 -20.68 -98.32
C GLN A 37 13.20 -19.18 -98.56
N GLU A 38 14.13 -18.70 -99.38
CA GLU A 38 14.30 -17.26 -99.60
C GLU A 38 13.54 -16.76 -100.82
N LEU A 39 12.79 -17.61 -101.51
CA LEU A 39 11.92 -17.17 -102.59
C LEU A 39 10.47 -17.42 -102.21
N HIS A 40 10.13 -17.14 -100.96
CA HIS A 40 8.83 -17.49 -100.40
C HIS A 40 8.29 -16.29 -99.65
N ARG A 41 6.97 -16.12 -99.71
CA ARG A 41 6.29 -14.98 -99.09
C ARG A 41 5.18 -15.46 -98.18
N ILE A 42 4.94 -14.70 -97.12
CA ILE A 42 3.85 -14.95 -96.19
C ILE A 42 2.98 -13.71 -96.18
N LYS A 43 1.69 -13.88 -96.49
CA LYS A 43 0.78 -12.75 -96.56
C LYS A 43 0.58 -12.13 -95.19
N SER A 44 0.62 -10.79 -95.16
CA SER A 44 0.47 -10.08 -93.89
C SER A 44 -0.94 -10.25 -93.32
N GLN A 45 -1.94 -10.23 -94.18
CA GLN A 45 -3.32 -10.35 -93.72
C GLN A 45 -3.60 -11.74 -93.17
N SER A 46 -4.46 -11.79 -92.16
CA SER A 46 -4.96 -13.03 -91.59
C SER A 46 -6.45 -13.16 -91.90
N TYR A 47 -6.88 -14.37 -92.21
CA TYR A 47 -8.24 -14.62 -92.68
C TYR A 47 -8.99 -15.46 -91.64
N GLU A 48 -9.64 -14.78 -90.71
CA GLU A 48 -10.53 -15.39 -89.74
C GLU A 48 -11.83 -14.58 -89.69
N GLU A 49 -12.88 -15.21 -89.18
CA GLU A 49 -14.19 -14.58 -89.17
C GLU A 49 -14.21 -13.41 -88.18
N ASP A 50 -15.23 -12.55 -88.33
CA ASP A 50 -15.36 -11.33 -87.56
C ASP A 50 -16.36 -11.53 -86.41
N TYR A 51 -16.68 -10.44 -85.74
CA TYR A 51 -17.59 -10.48 -84.61
C TYR A 51 -18.97 -10.96 -85.08
N PRO A 52 -19.62 -11.87 -84.34
CA PRO A 52 -20.88 -12.44 -84.83
C PRO A 52 -21.97 -11.40 -84.97
N VAL A 53 -22.84 -11.63 -85.95
CA VAL A 53 -23.97 -10.72 -86.17
C VAL A 53 -25.18 -11.11 -85.34
N GLY A 54 -25.34 -12.38 -85.00
CA GLY A 54 -26.44 -12.81 -84.18
C GLY A 54 -26.06 -12.87 -82.71
N SER A 55 -26.41 -11.83 -81.96
CA SER A 55 -26.07 -11.75 -80.55
C SER A 55 -27.18 -11.00 -79.82
N ALA A 56 -27.24 -11.22 -78.51
CA ALA A 56 -28.24 -10.56 -77.68
C ALA A 56 -27.95 -9.09 -77.46
N LEU A 57 -26.71 -8.65 -77.62
CA LEU A 57 -26.33 -7.26 -77.38
C LEU A 57 -26.58 -6.36 -78.57
N ARG A 58 -26.96 -6.90 -79.71
CA ARG A 58 -27.24 -6.11 -80.91
C ARG A 58 -28.71 -6.08 -81.28
N VAL A 59 -29.48 -7.11 -80.92
CA VAL A 59 -30.90 -7.15 -81.24
C VAL A 59 -31.78 -6.69 -80.08
N PHE A 60 -31.20 -6.43 -78.92
CA PHE A 60 -31.95 -5.95 -77.77
C PHE A 60 -31.38 -4.63 -77.29
N PRO A 61 -32.21 -3.73 -76.77
CA PRO A 61 -31.70 -2.43 -76.31
C PRO A 61 -30.76 -2.57 -75.11
N VAL A 62 -29.78 -1.67 -75.06
CA VAL A 62 -28.78 -1.64 -74.00
C VAL A 62 -28.82 -0.26 -73.36
N THR A 63 -29.00 -0.24 -72.03
CA THR A 63 -29.06 1.01 -71.28
C THR A 63 -28.03 0.97 -70.17
N THR A 64 -27.61 2.17 -69.74
CA THR A 64 -26.59 2.34 -68.69
C THR A 64 -27.19 3.21 -67.59
N GLU A 65 -27.75 2.57 -66.58
CA GLU A 65 -28.38 3.28 -65.47
C GLU A 65 -28.02 2.72 -64.10
N LEU A 66 -27.38 1.56 -64.02
CA LEU A 66 -27.15 0.86 -62.77
C LEU A 66 -25.68 0.96 -62.39
N SER A 67 -25.43 1.25 -61.11
CA SER A 67 -24.07 1.42 -60.60
C SER A 67 -23.35 0.08 -60.47
N PRO A 68 -22.02 0.08 -60.55
CA PRO A 68 -21.28 -1.19 -60.48
C PRO A 68 -21.30 -1.85 -59.11
N THR A 69 -21.76 -1.16 -58.06
CA THR A 69 -21.75 -1.71 -56.72
C THR A 69 -23.08 -2.36 -56.33
N ASP A 70 -24.18 -1.97 -56.96
CA ASP A 70 -25.47 -2.56 -56.65
C ASP A 70 -25.50 -4.02 -57.07
N LYS A 71 -26.11 -4.85 -56.22
CA LYS A 71 -26.29 -6.27 -56.50
C LYS A 71 -27.76 -6.64 -56.65
N THR A 72 -28.67 -5.73 -56.31
CA THR A 72 -30.10 -5.91 -56.53
C THR A 72 -30.69 -4.57 -56.92
N PHE A 73 -31.72 -4.60 -57.76
CA PHE A 73 -32.40 -3.39 -58.21
C PHE A 73 -33.90 -3.63 -58.24
N GLU A 74 -34.65 -2.53 -58.28
CA GLU A 74 -36.10 -2.56 -58.21
C GLU A 74 -36.67 -1.46 -59.10
N TYR A 75 -37.80 -1.75 -59.76
CA TYR A 75 -38.46 -0.79 -60.62
C TYR A 75 -39.97 -0.88 -60.43
N MET A 76 -40.65 0.24 -60.68
CA MET A 76 -42.06 0.39 -60.34
C MET A 76 -42.88 0.86 -61.54
N THR A 77 -44.14 0.44 -61.56
CA THR A 77 -45.13 0.88 -62.54
C THR A 77 -46.39 1.33 -61.82
N PHE A 78 -47.00 2.41 -62.32
CA PHE A 78 -48.14 3.05 -61.67
C PHE A 78 -49.38 2.96 -62.55
N ASP A 79 -50.55 2.89 -61.91
CA ASP A 79 -51.83 2.87 -62.57
C ASP A 79 -52.76 3.90 -61.92
N LYS A 80 -53.80 4.28 -62.66
CA LYS A 80 -54.74 5.30 -62.25
C LYS A 80 -56.16 4.72 -62.21
N VAL A 81 -56.98 5.26 -61.31
CA VAL A 81 -58.39 4.88 -61.22
C VAL A 81 -59.21 6.14 -60.99
N GLY A 82 -60.41 6.18 -61.56
CA GLY A 82 -61.27 7.32 -61.39
C GLY A 82 -62.34 7.37 -62.47
N THR A 83 -63.15 8.42 -62.40
CA THR A 83 -64.23 8.62 -63.36
C THR A 83 -64.65 10.08 -63.30
N ALA A 84 -65.45 10.48 -64.29
CA ALA A 84 -66.01 11.83 -64.35
C ALA A 84 -67.46 11.73 -64.78
N GLN A 85 -68.24 12.74 -64.40
CA GLN A 85 -69.68 12.72 -64.64
C GLN A 85 -70.15 14.10 -65.10
N ILE A 86 -71.26 14.12 -65.83
CA ILE A 86 -71.90 15.37 -66.20
C ILE A 86 -72.62 15.93 -64.98
N ILE A 87 -72.33 17.19 -64.66
CA ILE A 87 -72.80 17.81 -63.42
C ILE A 87 -73.55 19.09 -63.76
N ALA A 88 -74.25 19.61 -62.76
CA ALA A 88 -74.91 20.90 -62.82
C ALA A 88 -74.35 21.79 -61.71
N ASP A 89 -74.64 23.09 -61.80
CA ASP A 89 -74.21 24.00 -60.76
C ASP A 89 -74.90 23.68 -59.45
N TYR A 90 -74.28 24.08 -58.34
CA TYR A 90 -74.73 23.76 -56.99
C TYR A 90 -74.64 22.26 -56.71
N THR A 91 -73.53 21.65 -57.11
CA THR A 91 -73.31 20.21 -56.91
C THR A 91 -72.28 20.02 -55.81
N ASP A 92 -72.50 19.01 -54.98
CA ASP A 92 -71.57 18.65 -53.91
C ASP A 92 -70.90 17.31 -54.14
N ASP A 93 -71.65 16.30 -54.56
CA ASP A 93 -71.10 14.97 -54.78
C ASP A 93 -70.35 14.95 -56.12
N LEU A 94 -69.03 14.96 -56.05
CA LEU A 94 -68.14 14.87 -57.20
C LEU A 94 -67.27 13.62 -57.08
N PRO A 95 -67.19 12.82 -58.14
CA PRO A 95 -66.39 11.60 -58.07
C PRO A 95 -64.90 11.90 -57.89
N LEU A 96 -64.22 10.99 -57.20
CA LEU A 96 -62.81 11.15 -56.86
C LEU A 96 -61.96 10.20 -57.69
N VAL A 97 -60.66 10.52 -57.76
CA VAL A 97 -59.68 9.72 -58.48
C VAL A 97 -58.57 9.31 -57.51
N ASP A 98 -57.75 8.37 -57.95
CA ASP A 98 -56.68 7.83 -57.10
C ASP A 98 -55.63 7.16 -57.99
N ALA A 99 -54.49 6.83 -57.40
CA ALA A 99 -53.40 6.19 -58.11
C ALA A 99 -52.82 5.07 -57.25
N LEU A 100 -52.13 4.14 -57.89
CA LEU A 100 -51.53 3.01 -57.20
C LEU A 100 -50.28 2.57 -57.95
N GLY A 101 -49.47 1.74 -57.29
CA GLY A 101 -48.21 1.31 -57.86
C GLY A 101 -47.83 -0.10 -57.48
N THR A 102 -46.94 -0.68 -58.28
CA THR A 102 -46.44 -2.04 -58.07
C THR A 102 -44.97 -2.08 -58.46
N SER A 103 -44.22 -3.03 -57.90
CA SER A 103 -42.78 -3.08 -58.07
C SER A 103 -42.31 -4.48 -58.40
N GLU A 104 -41.14 -4.55 -59.04
CA GLU A 104 -40.46 -5.79 -59.40
C GLU A 104 -38.96 -5.65 -59.16
N PHE A 105 -38.29 -6.79 -59.00
CA PHE A 105 -36.89 -6.82 -58.58
C PHE A 105 -36.03 -7.54 -59.61
N GLY A 106 -34.70 -7.38 -59.45
CA GLY A 106 -33.74 -8.04 -60.31
C GLY A 106 -32.37 -8.09 -59.66
N LYS A 107 -31.52 -8.98 -60.18
CA LYS A 107 -30.21 -9.27 -59.60
C LYS A 107 -29.11 -9.06 -60.64
N VAL A 108 -27.87 -9.02 -60.14
CA VAL A 108 -26.68 -8.81 -60.95
C VAL A 108 -25.66 -9.90 -60.65
N PHE A 109 -24.93 -10.32 -61.67
CA PHE A 109 -23.94 -11.39 -61.58
C PHE A 109 -22.60 -10.94 -62.15
N ARG A 110 -21.55 -11.66 -61.78
CA ARG A 110 -20.19 -11.41 -62.23
C ARG A 110 -19.67 -12.60 -63.05
N LEU A 111 -18.83 -12.30 -64.03
CA LEU A 111 -18.21 -13.30 -64.90
C LEU A 111 -16.70 -13.12 -64.87
N GLY A 112 -15.98 -14.21 -65.06
CA GLY A 112 -14.52 -14.18 -64.99
C GLY A 112 -13.88 -15.17 -65.95
N ASN A 113 -12.60 -14.92 -66.23
CA ASN A 113 -11.82 -15.75 -67.14
C ASN A 113 -10.35 -15.39 -66.90
N ALA A 114 -9.44 -16.10 -67.57
CA ALA A 114 -8.02 -15.84 -67.37
C ALA A 114 -7.22 -16.45 -68.52
N TYR A 115 -5.94 -16.07 -68.60
CA TYR A 115 -5.03 -16.69 -69.55
C TYR A 115 -3.59 -16.59 -69.04
N LEU A 116 -2.73 -17.45 -69.57
CA LEU A 116 -1.31 -17.48 -69.23
C LEU A 116 -0.47 -17.07 -70.43
N ILE A 117 0.74 -16.56 -70.16
CA ILE A 117 1.68 -16.24 -71.22
C ILE A 117 3.08 -16.15 -70.65
N SER A 118 4.07 -16.57 -71.43
CA SER A 118 5.46 -16.61 -71.00
C SER A 118 6.22 -15.41 -71.55
N ILE A 119 7.44 -15.22 -71.04
CA ILE A 119 8.29 -14.12 -71.48
C ILE A 119 8.80 -14.38 -72.90
N ASP A 120 9.15 -15.63 -73.20
CA ASP A 120 9.66 -15.97 -74.53
C ASP A 120 8.61 -15.67 -75.60
N GLU A 121 7.34 -15.97 -75.32
CA GLU A 121 6.29 -15.69 -76.29
C GLU A 121 6.09 -14.19 -76.48
N ILE A 122 6.23 -13.41 -75.41
CA ILE A 122 6.12 -11.97 -75.52
C ILE A 122 7.24 -11.42 -76.41
N LYS A 123 8.47 -11.89 -76.18
CA LYS A 123 9.59 -11.44 -77.01
C LYS A 123 9.41 -11.86 -78.46
N ALA A 124 8.93 -13.08 -78.70
CA ALA A 124 8.70 -13.54 -80.06
C ALA A 124 7.63 -12.71 -80.75
N GLY A 125 6.55 -12.39 -80.04
CA GLY A 125 5.52 -11.54 -80.61
C GLY A 125 6.04 -10.15 -80.94
N GLN A 126 6.88 -9.59 -80.07
CA GLN A 126 7.46 -8.28 -80.35
C GLN A 126 8.38 -8.33 -81.57
N ALA A 127 9.16 -9.41 -81.71
CA ALA A 127 10.16 -9.49 -82.77
C ALA A 127 9.61 -10.00 -84.09
N THR A 128 8.43 -10.62 -84.11
CA THR A 128 7.87 -11.21 -85.32
C THR A 128 6.79 -10.34 -85.95
N GLY A 129 5.96 -9.68 -85.14
CA GLY A 129 4.87 -8.87 -85.65
C GLY A 129 3.51 -9.50 -85.47
N ARG A 130 3.41 -10.66 -84.80
CA ARG A 130 2.14 -11.33 -84.54
C ARG A 130 2.04 -11.60 -83.05
N PRO A 131 1.63 -10.59 -82.27
CA PRO A 131 1.50 -10.79 -80.82
C PRO A 131 0.43 -11.83 -80.48
N LEU A 132 0.64 -12.52 -79.37
CA LEU A 132 -0.29 -13.55 -78.91
C LEU A 132 -1.22 -13.03 -77.82
N SER A 133 -0.76 -12.07 -77.03
CA SER A 133 -1.56 -11.54 -75.94
C SER A 133 -2.82 -10.86 -76.46
N THR A 134 -2.72 -10.16 -77.60
CA THR A 134 -3.90 -9.56 -78.20
C THR A 134 -4.92 -10.62 -78.60
N ARG A 135 -4.46 -11.72 -79.19
CA ARG A 135 -5.36 -12.80 -79.57
C ARG A 135 -6.04 -13.39 -78.35
N LYS A 136 -5.28 -13.59 -77.26
CA LYS A 136 -5.88 -14.15 -76.05
C LYS A 136 -6.89 -13.20 -75.42
N ALA A 137 -6.61 -11.89 -75.42
CA ALA A 137 -7.57 -10.93 -74.89
C ALA A 137 -8.84 -10.91 -75.73
N SER A 138 -8.71 -10.98 -77.06
CA SER A 138 -9.89 -11.05 -77.91
C SER A 138 -10.69 -12.31 -77.64
N ALA A 139 -10.00 -13.43 -77.42
CA ALA A 139 -10.70 -14.67 -77.07
C ALA A 139 -11.47 -14.52 -75.77
N CYS A 140 -10.86 -13.86 -74.77
CA CYS A 140 -11.56 -13.65 -73.50
C CYS A 140 -12.80 -12.78 -73.69
N GLN A 141 -12.69 -11.71 -74.48
CA GLN A 141 -13.84 -10.85 -74.71
C GLN A 141 -14.96 -11.60 -75.42
N LEU A 142 -14.62 -12.39 -76.44
CA LEU A 142 -15.62 -13.15 -77.16
C LEU A 142 -16.27 -14.20 -76.26
N ALA A 143 -15.49 -14.80 -75.36
CA ALA A 143 -16.05 -15.76 -74.42
C ALA A 143 -17.06 -15.08 -73.49
N HIS A 144 -16.74 -13.89 -72.99
CA HIS A 144 -17.68 -13.16 -72.15
C HIS A 144 -18.96 -12.85 -72.92
N ASP A 145 -18.84 -12.41 -74.17
CA ASP A 145 -20.02 -12.13 -74.97
C ASP A 145 -20.87 -13.38 -75.18
N GLN A 146 -20.22 -14.52 -75.45
CA GLN A 146 -20.95 -15.76 -75.66
C GLN A 146 -21.68 -16.19 -74.40
N LEU A 147 -21.06 -16.00 -73.23
CA LEU A 147 -21.71 -16.32 -71.98
C LEU A 147 -22.94 -15.44 -71.76
N VAL A 148 -22.83 -14.16 -72.07
CA VAL A 148 -23.99 -13.27 -71.96
C VAL A 148 -25.11 -13.74 -72.88
N ASN A 149 -24.77 -14.11 -74.12
CA ASN A 149 -25.77 -14.61 -75.05
C ASN A 149 -26.47 -15.85 -74.51
N ARG A 150 -25.69 -16.80 -73.98
CA ARG A 150 -26.27 -18.03 -73.44
C ARG A 150 -27.19 -17.74 -72.27
N LEU A 151 -26.78 -16.83 -71.37
CA LEU A 151 -27.63 -16.47 -70.25
C LEU A 151 -28.92 -15.82 -70.72
N VAL A 152 -28.87 -14.96 -71.74
CA VAL A 152 -30.06 -14.28 -72.20
C VAL A 152 -31.04 -15.26 -72.85
N PHE A 153 -30.56 -16.13 -73.75
CA PHE A 153 -31.48 -16.90 -74.57
C PHE A 153 -31.85 -18.25 -73.98
N LYS A 154 -30.97 -18.89 -73.21
CA LYS A 154 -31.29 -20.17 -72.60
C LYS A 154 -31.39 -20.13 -71.09
N GLY A 155 -30.91 -19.07 -70.45
CA GLY A 155 -31.02 -18.95 -69.00
C GLY A 155 -30.13 -19.95 -68.29
N SER A 156 -30.30 -19.98 -66.97
CA SER A 156 -29.61 -20.95 -66.12
C SER A 156 -30.60 -21.44 -65.07
N ALA A 157 -30.81 -22.76 -65.02
CA ALA A 157 -31.77 -23.30 -64.06
C ALA A 157 -31.23 -23.27 -62.63
N PRO A 158 -30.01 -23.75 -62.34
CA PRO A 158 -29.51 -23.64 -60.96
C PRO A 158 -29.33 -22.21 -60.46
N HIS A 159 -29.13 -21.25 -61.35
CA HIS A 159 -28.92 -19.86 -60.96
C HIS A 159 -30.22 -19.05 -60.87
N LYS A 160 -31.35 -19.66 -61.22
CA LYS A 160 -32.64 -18.97 -61.24
C LYS A 160 -32.63 -17.72 -62.10
N ILE A 161 -32.05 -17.84 -63.30
CA ILE A 161 -32.12 -16.79 -64.31
C ILE A 161 -33.11 -17.29 -65.35
N VAL A 162 -34.36 -16.82 -65.26
CA VAL A 162 -35.42 -17.33 -66.13
C VAL A 162 -35.22 -16.79 -67.54
N SER A 163 -35.27 -17.68 -68.51
CA SER A 163 -35.14 -17.30 -69.91
C SER A 163 -36.39 -16.58 -70.38
N VAL A 164 -36.29 -15.97 -71.57
CA VAL A 164 -37.38 -15.18 -72.14
C VAL A 164 -38.56 -16.10 -72.46
N PHE A 165 -38.29 -17.40 -72.58
CA PHE A 165 -39.33 -18.38 -72.90
C PHE A 165 -40.02 -18.94 -71.67
N ASN A 166 -39.65 -18.51 -70.46
CA ASN A 166 -40.21 -19.07 -69.24
C ASN A 166 -40.98 -18.07 -68.40
N HIS A 167 -41.14 -16.83 -68.84
CA HIS A 167 -41.88 -15.84 -68.07
C HIS A 167 -43.36 -16.18 -68.09
N PRO A 168 -44.02 -16.29 -66.94
CA PRO A 168 -45.44 -16.67 -66.92
C PRO A 168 -46.37 -15.61 -67.46
N ASN A 169 -45.95 -14.35 -67.51
CA ASN A 169 -46.81 -13.24 -67.93
C ASN A 169 -46.74 -12.97 -69.42
N ILE A 170 -45.96 -13.73 -70.18
CA ILE A 170 -45.80 -13.53 -71.62
C ILE A 170 -46.68 -14.54 -72.35
N THR A 171 -47.45 -14.05 -73.33
CA THR A 171 -48.34 -14.91 -74.08
C THR A 171 -47.54 -15.91 -74.92
N LYS A 172 -48.13 -17.10 -75.12
CA LYS A 172 -47.48 -18.17 -75.85
C LYS A 172 -48.41 -18.72 -76.92
N ILE A 173 -47.81 -19.25 -77.99
CA ILE A 173 -48.57 -19.84 -79.08
C ILE A 173 -48.00 -21.21 -79.41
N THR A 174 -48.72 -22.27 -79.05
CA THR A 174 -48.32 -23.61 -79.46
C THR A 174 -48.50 -23.76 -80.96
N SER A 175 -47.50 -24.35 -81.61
CA SER A 175 -47.42 -24.37 -83.06
C SER A 175 -47.28 -25.78 -83.58
N GLY A 176 -47.96 -26.07 -84.68
CA GLY A 176 -47.66 -27.27 -85.43
C GLY A 176 -46.29 -27.18 -86.06
N LYS A 177 -45.70 -28.34 -86.34
CA LYS A 177 -44.34 -28.38 -86.85
C LYS A 177 -44.26 -27.70 -88.22
N TRP A 178 -43.22 -26.88 -88.39
CA TRP A 178 -42.95 -26.24 -89.67
C TRP A 178 -42.21 -27.16 -90.63
N ILE A 179 -41.50 -28.15 -90.09
CA ILE A 179 -40.84 -29.19 -90.89
C ILE A 179 -41.18 -30.51 -90.22
N ASP A 180 -42.09 -31.27 -90.82
CA ASP A 180 -42.54 -32.55 -90.29
C ASP A 180 -42.28 -33.64 -91.32
N ALA A 181 -41.58 -34.69 -90.89
CA ALA A 181 -41.25 -35.83 -91.76
C ALA A 181 -40.51 -35.38 -93.01
N SER A 182 -39.60 -34.41 -92.83
CA SER A 182 -38.79 -33.82 -93.90
C SER A 182 -39.63 -33.12 -94.96
N THR A 183 -40.88 -32.78 -94.65
CA THR A 183 -41.75 -32.05 -95.57
C THR A 183 -41.98 -30.66 -95.00
N MET A 184 -41.66 -29.63 -95.79
CA MET A 184 -41.73 -28.26 -95.33
C MET A 184 -43.14 -27.71 -95.52
N LYS A 185 -43.66 -27.05 -94.47
CA LYS A 185 -45.02 -26.54 -94.47
C LYS A 185 -45.02 -25.04 -94.18
N PRO A 186 -44.97 -24.18 -95.20
CA PRO A 186 -44.94 -22.74 -94.95
C PRO A 186 -46.30 -22.10 -94.63
N GLU A 187 -47.41 -22.77 -94.92
CA GLU A 187 -48.72 -22.20 -94.64
C GLU A 187 -48.96 -22.01 -93.15
N THR A 188 -48.61 -23.02 -92.33
CA THR A 188 -48.75 -22.89 -90.89
C THR A 188 -47.84 -21.80 -90.35
N ALA A 189 -46.61 -21.70 -90.88
CA ALA A 189 -45.70 -20.65 -90.45
C ALA A 189 -46.27 -19.27 -90.77
N GLU A 190 -46.83 -19.10 -91.96
CA GLU A 190 -47.45 -17.83 -92.32
C GLU A 190 -48.61 -17.49 -91.39
N ALA A 191 -49.47 -18.48 -91.13
CA ALA A 191 -50.62 -18.23 -90.26
C ALA A 191 -50.17 -17.83 -88.85
N GLU A 192 -49.20 -18.54 -88.29
CA GLU A 192 -48.77 -18.26 -86.93
C GLU A 192 -48.05 -16.92 -86.82
N LEU A 193 -47.18 -16.61 -87.79
CA LEU A 193 -46.51 -15.31 -87.77
C LEU A 193 -47.51 -14.17 -87.91
N THR A 194 -48.50 -14.32 -88.80
CA THR A 194 -49.53 -13.30 -88.94
C THR A 194 -50.31 -13.14 -87.63
N GLN A 195 -50.64 -14.25 -86.98
CA GLN A 195 -51.37 -14.18 -85.72
C GLN A 195 -50.57 -13.44 -84.66
N ALA A 196 -49.28 -13.74 -84.55
CA ALA A 196 -48.45 -13.07 -83.56
C ALA A 196 -48.34 -11.58 -83.83
N ILE A 197 -48.13 -11.21 -85.09
CA ILE A 197 -47.95 -9.80 -85.44
C ILE A 197 -49.23 -9.01 -85.16
N GLU A 198 -50.39 -9.59 -85.51
CA GLU A 198 -51.63 -8.88 -85.24
C GLU A 198 -51.97 -8.87 -83.75
N THR A 199 -51.56 -9.90 -83.02
CA THR A 199 -51.80 -9.95 -81.58
C THR A 199 -51.04 -8.84 -80.86
N ILE A 200 -49.80 -8.59 -81.28
CA ILE A 200 -49.02 -7.52 -80.63
C ILE A 200 -49.75 -6.19 -80.75
N GLU A 201 -50.30 -5.88 -81.92
CA GLU A 201 -51.02 -4.62 -82.10
C GLU A 201 -52.35 -4.64 -81.35
N THR A 202 -53.03 -5.78 -81.32
CA THR A 202 -54.35 -5.84 -80.68
C THR A 202 -54.25 -5.65 -79.17
N ILE A 203 -53.34 -6.36 -78.51
CA ILE A 203 -53.28 -6.33 -77.06
C ILE A 203 -52.91 -4.95 -76.55
N THR A 204 -51.91 -4.31 -77.18
CA THR A 204 -51.48 -2.99 -76.73
C THR A 204 -52.41 -1.87 -77.17
N ARG A 205 -53.56 -2.19 -77.74
CA ARG A 205 -54.56 -1.19 -78.14
C ARG A 205 -53.98 -0.19 -79.14
N GLY A 206 -53.08 -0.67 -80.01
CA GLY A 206 -52.53 0.14 -81.07
C GLY A 206 -51.33 0.97 -80.67
N GLN A 207 -50.93 0.97 -79.40
CA GLN A 207 -49.81 1.79 -78.96
C GLN A 207 -48.46 1.20 -79.37
N HIS A 208 -48.39 -0.10 -79.65
CA HIS A 208 -47.14 -0.74 -80.00
C HIS A 208 -47.34 -1.62 -81.22
N ARG A 209 -46.27 -1.76 -82.01
CA ARG A 209 -46.28 -2.59 -83.21
C ARG A 209 -45.01 -3.41 -83.27
N ALA A 210 -45.12 -4.60 -83.85
CA ALA A 210 -43.97 -5.49 -83.95
C ALA A 210 -42.93 -4.94 -84.92
N THR A 211 -41.66 -5.04 -84.53
CA THR A 211 -40.57 -4.60 -85.38
C THR A 211 -39.50 -5.64 -85.63
N ASN A 212 -39.34 -6.66 -84.78
CA ASN A 212 -38.26 -7.62 -84.96
C ASN A 212 -38.80 -9.05 -84.85
N ILE A 213 -38.13 -9.95 -85.57
CA ILE A 213 -38.44 -11.37 -85.53
C ILE A 213 -37.12 -12.13 -85.40
N LEU A 214 -37.07 -13.09 -84.48
CA LEU A 214 -35.92 -13.95 -84.30
C LEU A 214 -36.33 -15.40 -84.51
N ILE A 215 -35.61 -16.11 -85.38
CA ILE A 215 -35.94 -17.47 -85.77
C ILE A 215 -34.69 -18.35 -85.66
N PRO A 216 -34.82 -19.66 -85.47
CA PRO A 216 -33.65 -20.52 -85.54
C PRO A 216 -33.10 -20.57 -86.96
N PRO A 217 -31.80 -20.80 -87.11
CA PRO A 217 -31.21 -20.83 -88.47
C PRO A 217 -31.78 -21.93 -89.34
N SER A 218 -32.19 -23.06 -88.77
CA SER A 218 -32.65 -24.19 -89.57
C SER A 218 -34.02 -23.95 -90.18
N MET A 219 -34.73 -22.91 -89.78
CA MET A 219 -36.03 -22.58 -90.34
C MET A 219 -35.93 -21.58 -91.49
N ARG A 220 -34.73 -21.16 -91.88
CA ARG A 220 -34.59 -20.17 -92.93
C ARG A 220 -34.84 -20.74 -94.32
N LYS A 221 -34.79 -22.06 -94.48
CA LYS A 221 -35.07 -22.65 -95.77
C LYS A 221 -36.57 -22.81 -96.02
N VAL A 222 -37.39 -22.61 -94.99
CA VAL A 222 -38.84 -22.72 -95.18
C VAL A 222 -39.41 -21.39 -95.67
N LEU A 223 -38.93 -20.28 -95.15
CA LEU A 223 -39.41 -18.96 -95.52
C LEU A 223 -38.78 -18.42 -96.79
N ALA A 224 -37.82 -19.13 -97.37
CA ALA A 224 -37.15 -18.69 -98.58
C ALA A 224 -37.87 -19.15 -99.85
N ILE A 225 -38.95 -19.91 -99.71
CA ILE A 225 -39.73 -20.37 -100.85
C ILE A 225 -40.57 -19.23 -101.39
N ARG A 226 -40.59 -19.08 -102.70
CA ARG A 226 -41.44 -18.09 -103.33
C ARG A 226 -42.90 -18.45 -103.12
N MET A 227 -43.72 -17.46 -102.78
CA MET A 227 -45.16 -17.69 -102.69
C MET A 227 -45.70 -18.02 -104.07
N PRO A 228 -46.54 -19.05 -104.20
CA PRO A 228 -47.06 -19.42 -105.52
C PRO A 228 -47.78 -18.27 -106.20
N GLU A 229 -47.56 -18.12 -107.51
CA GLU A 229 -48.18 -17.09 -108.33
C GLU A 229 -47.86 -15.68 -107.85
N THR A 230 -46.69 -15.50 -107.24
CA THR A 230 -46.29 -14.22 -106.67
C THR A 230 -44.83 -13.96 -107.04
N THR A 231 -44.46 -12.68 -107.08
CA THR A 231 -43.08 -12.27 -107.35
C THR A 231 -42.30 -12.03 -106.06
N MET A 232 -42.68 -12.68 -104.97
CA MET A 232 -42.05 -12.47 -103.68
C MET A 232 -42.07 -13.76 -102.88
N SER A 233 -41.23 -13.81 -101.85
CA SER A 233 -41.16 -14.93 -100.93
C SER A 233 -41.79 -14.56 -99.60
N TYR A 234 -41.90 -15.57 -98.72
CA TYR A 234 -42.49 -15.33 -97.40
C TYR A 234 -41.64 -14.37 -96.58
N LEU A 235 -40.32 -14.50 -96.66
CA LEU A 235 -39.43 -13.65 -95.88
C LEU A 235 -39.60 -12.17 -96.26
N ASP A 236 -39.65 -11.88 -97.56
CA ASP A 236 -39.84 -10.50 -97.99
C ASP A 236 -41.24 -9.99 -97.61
N TYR A 237 -42.26 -10.85 -97.73
CA TYR A 237 -43.61 -10.45 -97.35
C TYR A 237 -43.65 -10.03 -95.88
N PHE A 238 -43.01 -10.81 -95.01
CA PHE A 238 -43.02 -10.45 -93.60
C PHE A 238 -42.10 -9.28 -93.30
N LYS A 239 -41.05 -9.08 -94.10
CA LYS A 239 -40.22 -7.90 -93.91
C LYS A 239 -40.85 -6.63 -94.44
N SER A 240 -41.92 -6.71 -95.23
CA SER A 240 -42.57 -5.51 -95.76
C SER A 240 -43.81 -5.12 -94.94
N GLN A 241 -43.80 -5.42 -93.64
CA GLN A 241 -44.95 -5.16 -92.78
C GLN A 241 -44.58 -4.13 -91.71
N ASN A 242 -45.61 -3.42 -91.26
CA ASN A 242 -45.51 -2.49 -90.13
C ASN A 242 -44.38 -1.48 -90.34
N SER A 243 -44.31 -0.95 -91.56
CA SER A 243 -43.27 0.00 -91.95
C SER A 243 -41.87 -0.56 -91.71
N GLY A 244 -41.66 -1.80 -92.16
CA GLY A 244 -40.35 -2.42 -92.06
C GLY A 244 -40.20 -3.35 -90.88
N ILE A 245 -39.70 -4.55 -91.11
CA ILE A 245 -39.45 -5.54 -90.07
C ILE A 245 -38.10 -6.19 -90.32
N GLU A 246 -37.33 -6.38 -89.26
CA GLU A 246 -36.02 -7.02 -89.33
C GLU A 246 -36.11 -8.44 -88.80
N ILE A 247 -35.63 -9.39 -89.59
CA ILE A 247 -35.68 -10.82 -89.28
C ILE A 247 -34.25 -11.31 -89.13
N ASP A 248 -33.97 -12.01 -88.03
CA ASP A 248 -32.63 -12.50 -87.73
C ASP A 248 -32.67 -13.95 -87.31
N SER A 249 -31.54 -14.63 -87.49
CA SER A 249 -31.39 -16.03 -87.15
C SER A 249 -30.38 -16.18 -86.03
N ILE A 250 -30.74 -16.94 -85.00
CA ILE A 250 -29.92 -17.12 -83.80
C ILE A 250 -29.80 -18.60 -83.52
N ALA A 251 -28.56 -19.08 -83.38
CA ALA A 251 -28.32 -20.51 -83.20
C ALA A 251 -28.86 -21.00 -81.85
N GLU A 252 -28.76 -20.17 -80.82
CA GLU A 252 -29.20 -20.57 -79.49
C GLU A 252 -30.68 -20.90 -79.41
N LEU A 253 -31.46 -20.45 -80.39
CA LEU A 253 -32.89 -20.75 -80.46
C LEU A 253 -33.17 -22.15 -80.98
N GLU A 254 -32.13 -22.93 -81.30
CA GLU A 254 -32.35 -24.30 -81.75
C GLU A 254 -32.84 -25.20 -80.63
N ASP A 255 -32.39 -24.93 -79.40
CA ASP A 255 -32.70 -25.76 -78.23
C ASP A 255 -32.97 -24.83 -77.05
N ILE A 256 -34.25 -24.55 -76.78
CA ILE A 256 -34.58 -23.62 -75.72
C ILE A 256 -34.81 -24.36 -74.40
N ASP A 257 -35.62 -25.41 -74.42
CA ASP A 257 -35.96 -26.10 -73.17
C ASP A 257 -34.85 -27.05 -72.75
N GLY A 258 -34.21 -27.72 -73.71
CA GLY A 258 -33.20 -28.70 -73.41
C GLY A 258 -33.49 -30.06 -74.00
N ALA A 259 -34.72 -30.26 -74.45
CA ALA A 259 -35.15 -31.53 -75.04
C ALA A 259 -35.27 -31.47 -76.55
N GLY A 260 -34.81 -30.39 -77.18
CA GLY A 260 -34.83 -30.29 -78.63
C GLY A 260 -36.10 -29.72 -79.22
N THR A 261 -36.48 -28.51 -78.81
CA THR A 261 -37.60 -27.80 -79.42
C THR A 261 -37.14 -26.41 -79.83
N LYS A 262 -37.67 -25.91 -80.93
CA LYS A 262 -37.28 -24.61 -81.47
C LYS A 262 -38.31 -23.55 -81.12
N GLY A 263 -37.86 -22.29 -81.06
CA GLY A 263 -38.73 -21.20 -80.69
C GLY A 263 -38.50 -19.99 -81.56
N VAL A 264 -39.52 -19.15 -81.63
CA VAL A 264 -39.53 -17.94 -82.45
C VAL A 264 -39.98 -16.78 -81.58
N LEU A 265 -39.30 -15.64 -81.72
CA LEU A 265 -39.55 -14.45 -80.91
C LEU A 265 -40.09 -13.34 -81.81
N VAL A 266 -41.17 -12.69 -81.37
CA VAL A 266 -41.69 -11.50 -82.05
C VAL A 266 -41.84 -10.39 -81.02
N TYR A 267 -41.25 -9.22 -81.29
CA TYR A 267 -41.24 -8.16 -80.29
C TYR A 267 -40.99 -6.82 -80.96
N GLU A 268 -41.17 -5.75 -80.18
CA GLU A 268 -40.83 -4.40 -80.56
C GLU A 268 -39.58 -3.96 -79.79
N LYS A 269 -38.58 -3.48 -80.51
CA LYS A 269 -37.32 -3.06 -79.89
C LYS A 269 -37.45 -1.63 -79.41
N ASN A 270 -37.26 -1.43 -78.10
CA ASN A 270 -37.38 -0.12 -77.47
C ASN A 270 -36.77 -0.21 -76.08
N PRO A 271 -35.99 0.77 -75.65
CA PRO A 271 -35.41 0.72 -74.30
C PRO A 271 -36.47 0.68 -73.19
N MET A 272 -37.66 1.21 -73.44
CA MET A 272 -38.71 1.27 -72.43
C MET A 272 -39.51 -0.02 -72.35
N ASN A 273 -39.22 -1.00 -73.20
CA ASN A 273 -39.88 -2.30 -73.17
C ASN A 273 -39.02 -3.39 -72.56
N MET A 274 -37.76 -3.49 -72.97
CA MET A 274 -36.82 -4.45 -72.40
C MET A 274 -35.41 -3.91 -72.60
N SER A 275 -34.48 -4.38 -71.78
CA SER A 275 -33.12 -3.90 -71.84
C SER A 275 -32.18 -4.87 -71.13
N ILE A 276 -30.89 -4.70 -71.40
CA ILE A 276 -29.84 -5.48 -70.77
C ILE A 276 -28.85 -4.51 -70.12
N GLU A 277 -28.51 -4.76 -68.86
CA GLU A 277 -27.66 -3.89 -68.07
C GLU A 277 -26.25 -4.44 -67.98
N ILE A 278 -25.26 -3.58 -68.17
CA ILE A 278 -23.85 -3.93 -67.97
C ILE A 278 -23.27 -2.96 -66.96
N PRO A 279 -23.36 -3.24 -65.66
CA PRO A 279 -22.88 -2.27 -64.67
C PRO A 279 -21.42 -1.90 -64.82
N GLU A 280 -20.55 -2.85 -65.18
CA GLU A 280 -19.16 -2.56 -65.47
C GLU A 280 -18.71 -3.33 -66.71
N ALA A 281 -17.78 -2.74 -67.45
CA ALA A 281 -17.34 -3.29 -68.72
C ALA A 281 -16.17 -4.26 -68.54
N PHE A 282 -15.83 -4.94 -69.62
CA PHE A 282 -14.72 -5.88 -69.61
C PHE A 282 -13.40 -5.15 -69.32
N ASN A 283 -12.62 -5.70 -68.39
CA ASN A 283 -11.34 -5.13 -68.03
C ASN A 283 -10.39 -6.25 -67.63
N MET A 284 -9.10 -5.93 -67.63
CA MET A 284 -8.05 -6.88 -67.28
C MET A 284 -7.27 -6.37 -66.09
N LEU A 285 -7.08 -7.23 -65.09
CA LEU A 285 -6.25 -6.88 -63.95
C LEU A 285 -4.78 -6.94 -64.34
N PRO A 286 -3.91 -6.28 -63.58
CA PRO A 286 -2.47 -6.36 -63.87
C PRO A 286 -1.97 -7.79 -63.80
N ALA A 287 -1.02 -8.10 -64.68
CA ALA A 287 -0.50 -9.46 -64.79
C ALA A 287 0.25 -9.86 -63.54
N GLN A 288 -0.01 -11.08 -63.07
CA GLN A 288 0.66 -11.62 -61.89
C GLN A 288 1.79 -12.55 -62.32
N PRO A 289 3.03 -12.25 -61.95
CA PRO A 289 4.15 -13.08 -62.41
C PRO A 289 4.38 -14.30 -61.53
N LYS A 290 4.62 -15.44 -62.18
CA LYS A 290 4.97 -16.69 -61.51
C LYS A 290 6.14 -17.29 -62.27
N ASP A 291 7.29 -17.40 -61.60
CA ASP A 291 8.52 -17.94 -62.17
C ASP A 291 8.84 -17.14 -63.43
N LEU A 292 8.85 -17.73 -64.62
CA LEU A 292 9.18 -17.03 -65.85
C LEU A 292 7.97 -16.70 -66.72
N HIS A 293 6.76 -16.78 -66.17
CA HIS A 293 5.57 -16.49 -66.96
C HIS A 293 4.61 -15.63 -66.14
N PHE A 294 3.45 -15.35 -66.72
CA PHE A 294 2.47 -14.44 -66.15
C PHE A 294 1.07 -15.02 -66.32
N LYS A 295 0.21 -14.69 -65.36
CA LYS A 295 -1.21 -15.01 -65.42
C LYS A 295 -2.00 -13.70 -65.43
N VAL A 296 -2.89 -13.54 -66.39
CA VAL A 296 -3.70 -12.33 -66.55
C VAL A 296 -5.16 -12.72 -66.35
N PRO A 297 -5.84 -12.22 -65.30
CA PRO A 297 -7.26 -12.47 -65.12
C PRO A 297 -8.15 -11.35 -65.66
N CYS A 298 -9.31 -11.71 -66.19
CA CYS A 298 -10.28 -10.77 -66.72
C CYS A 298 -11.64 -11.02 -66.07
N THR A 299 -12.42 -9.95 -65.94
CA THR A 299 -13.70 -10.03 -65.24
C THR A 299 -14.68 -9.03 -65.85
N SER A 300 -15.97 -9.22 -65.57
CA SER A 300 -17.03 -8.37 -66.09
C SER A 300 -18.28 -8.59 -65.25
N LYS A 301 -19.30 -7.78 -65.50
CA LYS A 301 -20.56 -7.88 -64.80
C LYS A 301 -21.71 -7.85 -65.79
N CYS A 302 -22.80 -8.53 -65.45
CA CYS A 302 -23.97 -8.60 -66.33
C CYS A 302 -25.21 -8.84 -65.48
N THR A 303 -26.38 -8.75 -66.11
CA THR A 303 -27.64 -8.93 -65.40
C THR A 303 -28.62 -9.86 -66.09
N GLY A 304 -28.54 -10.03 -67.41
CA GLY A 304 -29.55 -10.80 -68.12
C GLY A 304 -30.52 -9.92 -68.86
N LEU A 305 -31.73 -10.43 -69.12
CA LEU A 305 -32.76 -9.70 -69.83
C LEU A 305 -33.91 -9.40 -68.89
N THR A 306 -34.35 -8.14 -68.87
CA THR A 306 -35.45 -7.70 -68.02
C THR A 306 -36.57 -7.16 -68.89
N ILE A 307 -37.79 -7.62 -68.64
CA ILE A 307 -38.97 -7.24 -69.42
C ILE A 307 -39.81 -6.33 -68.55
N TYR A 308 -39.77 -5.02 -68.85
CA TYR A 308 -40.60 -4.07 -68.11
C TYR A 308 -42.07 -4.19 -68.51
N ARG A 309 -42.34 -4.29 -69.80
CA ARG A 309 -43.70 -4.45 -70.30
C ARG A 309 -43.83 -5.80 -70.98
N PRO A 310 -44.47 -6.78 -70.36
CA PRO A 310 -44.58 -8.13 -70.96
C PRO A 310 -45.70 -8.27 -71.98
N MET A 311 -46.31 -7.18 -72.44
CA MET A 311 -47.37 -7.24 -73.44
C MET A 311 -46.87 -6.86 -74.82
N THR A 312 -45.56 -6.83 -75.03
CA THR A 312 -44.97 -6.48 -76.31
C THR A 312 -44.16 -7.63 -76.92
N ILE A 313 -44.21 -8.82 -76.32
CA ILE A 313 -43.45 -9.97 -76.77
C ILE A 313 -44.40 -11.14 -76.99
N VAL A 314 -44.22 -11.86 -78.09
CA VAL A 314 -44.98 -13.06 -78.40
C VAL A 314 -44.00 -14.20 -78.68
N LEU A 315 -44.26 -15.34 -78.05
CA LEU A 315 -43.45 -16.54 -78.16
C LEU A 315 -44.15 -17.54 -79.08
N ILE A 316 -43.37 -18.24 -79.89
CA ILE A 316 -43.90 -19.34 -80.70
C ILE A 316 -43.01 -20.55 -80.42
N THR A 317 -43.52 -21.49 -79.63
CA THR A 317 -42.76 -22.68 -79.28
C THR A 317 -43.27 -23.89 -80.08
N GLY A 318 -42.43 -24.92 -80.12
CA GLY A 318 -42.76 -26.13 -80.85
C GLY A 318 -42.50 -26.05 -82.33
N VAL A 319 -41.82 -25.02 -82.81
CA VAL A 319 -41.55 -24.85 -84.23
C VAL A 319 -40.58 -25.92 -84.72
N ALA B 28 -93.74 50.22 -5.91
CA ALA B 28 -92.89 51.35 -6.25
C ALA B 28 -91.42 50.98 -6.09
N ALA B 29 -90.55 51.99 -6.04
CA ALA B 29 -89.11 51.79 -5.92
C ALA B 29 -88.56 52.83 -4.93
N THR B 30 -88.50 52.45 -3.66
CA THR B 30 -87.98 53.33 -2.61
C THR B 30 -86.55 52.89 -2.29
N MET B 31 -85.61 53.44 -3.05
CA MET B 31 -84.20 53.11 -2.91
C MET B 31 -83.42 54.36 -2.48
N GLY B 32 -82.10 54.20 -2.37
CA GLY B 32 -81.23 55.25 -1.91
C GLY B 32 -80.71 56.14 -3.02
N ILE B 33 -79.60 56.82 -2.72
CA ILE B 33 -79.00 57.76 -3.64
C ILE B 33 -77.76 57.21 -4.33
N TRP B 34 -77.09 56.23 -3.73
CA TRP B 34 -75.85 55.69 -4.26
C TRP B 34 -76.05 54.21 -4.59
N THR B 35 -75.66 53.82 -5.80
CA THR B 35 -75.75 52.43 -6.20
C THR B 35 -74.64 51.61 -5.54
N ALA B 36 -74.80 50.29 -5.60
CA ALA B 36 -73.86 49.39 -4.95
C ALA B 36 -72.48 49.39 -5.60
N GLN B 37 -72.36 49.85 -6.84
CA GLN B 37 -71.09 49.86 -7.53
C GLN B 37 -70.33 51.17 -7.34
N GLU B 38 -70.99 52.21 -6.84
CA GLU B 38 -70.30 53.46 -6.53
C GLU B 38 -69.51 53.37 -5.23
N LEU B 39 -69.83 52.41 -4.36
CA LEU B 39 -69.08 52.18 -3.13
C LEU B 39 -68.58 50.74 -3.18
N HIS B 40 -67.45 50.54 -3.86
CA HIS B 40 -66.96 49.20 -4.18
C HIS B 40 -65.58 49.34 -4.79
N ARG B 41 -64.74 48.34 -4.55
CA ARG B 41 -63.36 48.35 -5.02
C ARG B 41 -63.06 47.03 -5.71
N ILE B 42 -62.26 47.08 -6.77
CA ILE B 42 -61.79 45.90 -7.47
C ILE B 42 -60.28 45.85 -7.29
N LYS B 43 -59.79 44.75 -6.73
CA LYS B 43 -58.35 44.60 -6.51
C LYS B 43 -57.62 44.61 -7.85
N SER B 44 -56.46 45.26 -7.86
CA SER B 44 -55.70 45.48 -9.09
C SER B 44 -54.71 44.34 -9.38
N GLN B 45 -54.94 43.15 -8.85
CA GLN B 45 -54.08 42.01 -9.10
C GLN B 45 -54.92 40.75 -9.17
N SER B 46 -54.63 39.90 -10.15
CA SER B 46 -55.37 38.66 -10.37
C SER B 46 -54.48 37.47 -10.05
N TYR B 47 -55.11 36.30 -9.95
CA TYR B 47 -54.43 35.06 -9.61
C TYR B 47 -54.70 34.03 -10.68
N GLU B 48 -53.64 33.42 -11.21
CA GLU B 48 -53.76 32.39 -12.24
C GLU B 48 -53.21 31.08 -11.71
N GLU B 49 -53.90 29.99 -12.02
CA GLU B 49 -53.44 28.66 -11.64
C GLU B 49 -52.24 28.25 -12.47
N ASP B 50 -51.34 27.50 -11.85
CA ASP B 50 -50.09 27.09 -12.47
C ASP B 50 -50.09 25.59 -12.72
N TYR B 51 -49.74 25.20 -13.94
CA TYR B 51 -49.59 23.79 -14.31
C TYR B 51 -48.17 23.56 -14.80
N PRO B 52 -47.26 23.08 -13.96
CA PRO B 52 -45.90 22.79 -14.44
C PRO B 52 -45.91 21.69 -15.49
N VAL B 53 -45.11 21.88 -16.54
CA VAL B 53 -45.13 20.97 -17.67
C VAL B 53 -44.56 19.61 -17.28
N GLY B 54 -43.41 19.61 -16.65
CA GLY B 54 -42.71 18.40 -16.31
C GLY B 54 -41.22 18.61 -16.46
N SER B 55 -40.48 17.49 -16.50
CA SER B 55 -39.02 17.58 -16.53
C SER B 55 -38.39 16.56 -17.48
N ALA B 56 -39.18 15.94 -18.35
CA ALA B 56 -38.61 14.94 -19.26
C ALA B 56 -37.59 15.56 -20.20
N LEU B 57 -37.87 16.75 -20.72
CA LEU B 57 -37.00 17.40 -21.70
C LEU B 57 -35.75 18.02 -21.08
N ARG B 58 -35.70 18.18 -19.76
CA ARG B 58 -34.53 18.74 -19.10
C ARG B 58 -33.73 17.72 -18.32
N VAL B 59 -34.27 16.53 -18.09
CA VAL B 59 -33.51 15.46 -17.44
C VAL B 59 -32.73 14.65 -18.48
N PHE B 60 -33.35 14.33 -19.61
CA PHE B 60 -32.70 13.59 -20.66
C PHE B 60 -32.31 14.51 -21.82
N PRO B 61 -31.23 14.19 -22.54
CA PRO B 61 -30.79 15.08 -23.62
C PRO B 61 -31.73 15.05 -24.81
N VAL B 62 -31.62 16.10 -25.63
CA VAL B 62 -32.44 16.26 -26.82
C VAL B 62 -31.52 16.38 -28.03
N THR B 63 -31.80 15.61 -29.07
CA THR B 63 -31.04 15.63 -30.31
C THR B 63 -31.94 16.02 -31.47
N THR B 64 -31.33 16.60 -32.50
CA THR B 64 -32.07 17.14 -33.64
C THR B 64 -31.62 16.50 -34.95
N GLU B 65 -31.12 15.26 -34.90
CA GLU B 65 -30.64 14.58 -36.10
C GLU B 65 -31.74 13.65 -36.63
N LEU B 66 -32.78 14.26 -37.18
CA LEU B 66 -33.91 13.51 -37.72
C LEU B 66 -34.76 14.45 -38.57
N SER B 67 -35.22 13.95 -39.71
CA SER B 67 -36.00 14.76 -40.65
C SER B 67 -37.47 14.78 -40.26
N PRO B 68 -38.17 15.89 -40.55
CA PRO B 68 -39.60 15.95 -40.23
C PRO B 68 -40.47 14.99 -41.03
N THR B 69 -39.97 14.44 -42.13
CA THR B 69 -40.75 13.55 -42.99
C THR B 69 -40.31 12.10 -42.87
N ASP B 70 -39.60 11.74 -41.81
CA ASP B 70 -39.14 10.38 -41.60
C ASP B 70 -40.07 9.64 -40.64
N LYS B 71 -40.16 8.33 -40.83
CA LYS B 71 -41.02 7.48 -40.03
C LYS B 71 -40.27 6.43 -39.22
N THR B 72 -39.02 6.13 -39.57
CA THR B 72 -38.28 5.06 -38.91
C THR B 72 -36.79 5.36 -39.05
N PHE B 73 -36.02 4.97 -38.03
CA PHE B 73 -34.57 5.16 -38.04
C PHE B 73 -33.90 3.86 -37.61
N GLU B 74 -32.58 3.79 -37.82
CA GLU B 74 -31.82 2.58 -37.55
C GLU B 74 -30.42 2.95 -37.10
N TYR B 75 -29.88 2.18 -36.16
CA TYR B 75 -28.51 2.36 -35.67
C TYR B 75 -27.82 1.01 -35.59
N MET B 76 -26.48 1.06 -35.62
CA MET B 76 -25.65 -0.13 -35.84
C MET B 76 -24.60 -0.28 -34.74
N THR B 77 -24.09 -1.50 -34.60
CA THR B 77 -23.03 -1.85 -33.66
C THR B 77 -22.15 -2.93 -34.28
N PHE B 78 -20.85 -2.88 -33.98
CA PHE B 78 -19.87 -3.77 -34.62
C PHE B 78 -19.02 -4.49 -33.57
N ASP B 79 -18.25 -5.47 -34.06
CA ASP B 79 -17.40 -6.32 -33.22
C ASP B 79 -16.29 -6.91 -34.10
N LYS B 80 -15.24 -7.43 -33.46
CA LYS B 80 -14.08 -7.92 -34.18
C LYS B 80 -13.50 -9.13 -33.46
N VAL B 81 -12.75 -9.95 -34.22
CA VAL B 81 -12.06 -11.13 -33.69
C VAL B 81 -10.70 -11.27 -34.37
N GLY B 82 -9.77 -11.89 -33.65
CA GLY B 82 -8.44 -12.15 -34.17
C GLY B 82 -7.52 -12.72 -33.11
N THR B 83 -6.31 -13.04 -33.55
CA THR B 83 -5.28 -13.58 -32.67
C THR B 83 -3.91 -13.44 -33.34
N ALA B 84 -2.86 -13.80 -32.60
CA ALA B 84 -1.50 -13.72 -33.09
C ALA B 84 -0.67 -14.84 -32.48
N GLN B 85 0.50 -15.10 -33.06
CA GLN B 85 1.36 -16.19 -32.65
C GLN B 85 2.82 -15.76 -32.66
N ILE B 86 3.71 -16.72 -32.40
CA ILE B 86 5.17 -16.52 -32.43
C ILE B 86 5.71 -17.33 -33.60
N ILE B 87 6.44 -16.67 -34.49
CA ILE B 87 6.79 -17.24 -35.79
C ILE B 87 8.30 -17.21 -35.98
N ALA B 88 8.73 -17.79 -37.10
CA ALA B 88 10.11 -17.80 -37.55
C ALA B 88 10.24 -16.96 -38.83
N ASP B 89 11.44 -16.95 -39.42
CA ASP B 89 11.67 -16.12 -40.59
C ASP B 89 10.98 -16.67 -41.82
N TYR B 90 11.03 -17.98 -42.03
CA TYR B 90 10.35 -18.64 -43.14
C TYR B 90 9.02 -19.20 -42.63
N THR B 91 7.95 -18.45 -42.83
CA THR B 91 6.62 -18.89 -42.41
C THR B 91 5.64 -18.70 -43.55
N ASP B 92 4.68 -19.62 -43.64
CA ASP B 92 3.68 -19.57 -44.69
C ASP B 92 2.26 -19.62 -44.15
N ASP B 93 2.08 -19.63 -42.83
CA ASP B 93 0.75 -19.66 -42.23
C ASP B 93 0.70 -18.65 -41.08
N LEU B 94 -0.21 -17.69 -41.19
CA LEU B 94 -0.42 -16.69 -40.16
C LEU B 94 -1.90 -16.59 -39.83
N PRO B 95 -2.25 -16.45 -38.55
CA PRO B 95 -3.67 -16.40 -38.18
C PRO B 95 -4.36 -15.15 -38.72
N LEU B 96 -5.66 -15.28 -38.96
CA LEU B 96 -6.47 -14.24 -39.61
C LEU B 96 -7.43 -13.60 -38.61
N VAL B 97 -8.09 -12.54 -39.07
CA VAL B 97 -9.00 -11.73 -38.25
C VAL B 97 -10.28 -11.50 -39.03
N ASP B 98 -11.34 -11.10 -38.32
CA ASP B 98 -12.63 -10.85 -38.98
C ASP B 98 -13.46 -9.90 -38.11
N ALA B 99 -14.69 -9.62 -38.56
CA ALA B 99 -15.56 -8.63 -37.93
C ALA B 99 -17.02 -9.06 -38.03
N LEU B 100 -17.90 -8.27 -37.42
CA LEU B 100 -19.33 -8.59 -37.34
C LEU B 100 -20.14 -7.29 -37.39
N GLY B 101 -21.45 -7.40 -37.12
CA GLY B 101 -22.34 -6.25 -37.11
C GLY B 101 -23.74 -6.63 -36.67
N THR B 102 -24.50 -5.61 -36.26
CA THR B 102 -25.87 -5.78 -35.77
C THR B 102 -26.56 -4.41 -35.87
N SER B 103 -27.90 -4.43 -35.93
CA SER B 103 -28.69 -3.22 -36.11
C SER B 103 -29.95 -3.25 -35.26
N GLU B 104 -30.48 -2.05 -34.99
CA GLU B 104 -31.74 -1.86 -34.26
C GLU B 104 -32.49 -0.67 -34.84
N PHE B 105 -33.79 -0.58 -34.54
CA PHE B 105 -34.71 0.33 -35.23
C PHE B 105 -35.50 1.18 -34.22
N GLY B 106 -36.44 1.98 -34.75
CA GLY B 106 -37.26 2.88 -33.97
C GLY B 106 -38.46 3.36 -34.74
N LYS B 107 -39.21 4.31 -34.15
CA LYS B 107 -40.44 4.81 -34.74
C LYS B 107 -40.73 6.24 -34.28
N VAL B 108 -41.66 6.90 -34.97
CA VAL B 108 -42.04 8.29 -34.73
C VAL B 108 -43.56 8.42 -34.76
N PHE B 109 -44.09 9.42 -34.05
CA PHE B 109 -45.53 9.64 -33.94
C PHE B 109 -45.93 11.09 -34.20
N ARG B 110 -47.23 11.40 -34.08
CA ARG B 110 -47.76 12.72 -34.37
C ARG B 110 -48.85 13.08 -33.36
N LEU B 111 -48.96 14.38 -33.04
CA LEU B 111 -49.87 14.89 -32.04
C LEU B 111 -50.63 16.10 -32.60
N GLY B 112 -51.83 16.33 -32.10
CA GLY B 112 -52.61 17.48 -32.56
C GLY B 112 -53.80 17.77 -31.67
N ASN B 113 -54.33 18.99 -31.84
CA ASN B 113 -55.56 19.46 -31.18
C ASN B 113 -56.07 20.67 -31.96
N ALA B 114 -57.03 21.40 -31.38
CA ALA B 114 -57.61 22.56 -32.05
C ALA B 114 -58.37 23.42 -31.04
N TYR B 115 -58.85 24.57 -31.51
CA TYR B 115 -59.73 25.42 -30.70
C TYR B 115 -60.60 26.28 -31.60
N LEU B 116 -61.64 26.88 -31.02
CA LEU B 116 -62.62 27.70 -31.71
C LEU B 116 -62.76 29.07 -31.06
N ILE B 117 -63.27 30.02 -31.83
CA ILE B 117 -63.52 31.38 -31.35
C ILE B 117 -64.41 32.09 -32.35
N SER B 118 -65.30 32.95 -31.85
CA SER B 118 -66.21 33.71 -32.69
C SER B 118 -65.70 35.14 -32.85
N ILE B 119 -66.49 35.95 -33.58
CA ILE B 119 -66.09 37.33 -33.86
C ILE B 119 -66.42 38.25 -32.69
N ASP B 120 -67.59 38.04 -32.06
CA ASP B 120 -67.97 38.87 -30.92
C ASP B 120 -66.98 38.71 -29.77
N GLU B 121 -66.49 37.49 -29.54
CA GLU B 121 -65.50 37.28 -28.49
C GLU B 121 -64.20 38.00 -28.81
N ILE B 122 -63.80 38.00 -30.08
CA ILE B 122 -62.59 38.71 -30.49
C ILE B 122 -62.73 40.20 -30.24
N LYS B 123 -63.88 40.76 -30.62
CA LYS B 123 -64.10 42.19 -30.40
C LYS B 123 -64.17 42.54 -28.91
N ALA B 124 -64.80 41.67 -28.12
CA ALA B 124 -64.87 41.90 -26.68
C ALA B 124 -63.47 41.86 -26.05
N GLY B 125 -62.63 40.93 -26.51
CA GLY B 125 -61.26 40.90 -26.02
C GLY B 125 -60.48 42.14 -26.41
N GLN B 126 -60.71 42.63 -27.64
CA GLN B 126 -60.06 43.87 -28.07
C GLN B 126 -60.57 45.08 -27.32
N ALA B 127 -61.78 45.02 -26.76
CA ALA B 127 -62.37 46.15 -26.05
C ALA B 127 -62.10 46.14 -24.55
N THR B 128 -62.32 45.02 -23.88
CA THR B 128 -62.24 44.95 -22.43
C THR B 128 -60.81 44.79 -21.91
N GLY B 129 -59.84 44.69 -22.79
CA GLY B 129 -58.44 44.60 -22.38
C GLY B 129 -57.81 43.23 -22.36
N ARG B 130 -58.56 42.20 -21.93
CA ARG B 130 -58.03 40.86 -21.89
C ARG B 130 -58.58 40.04 -23.04
N PRO B 131 -57.74 39.56 -23.95
CA PRO B 131 -58.22 38.72 -25.05
C PRO B 131 -58.40 37.27 -24.62
N LEU B 132 -59.18 36.54 -25.42
CA LEU B 132 -59.48 35.13 -25.16
C LEU B 132 -58.67 34.17 -26.03
N SER B 133 -58.16 34.61 -27.17
CA SER B 133 -57.44 33.71 -28.07
C SER B 133 -56.10 33.30 -27.49
N THR B 134 -55.39 34.23 -26.84
CA THR B 134 -54.07 33.92 -26.31
C THR B 134 -54.13 32.84 -25.24
N ARG B 135 -55.17 32.89 -24.39
CA ARG B 135 -55.33 31.87 -23.37
C ARG B 135 -55.53 30.49 -23.98
N LYS B 136 -56.34 30.40 -25.03
CA LYS B 136 -56.58 29.11 -25.67
C LYS B 136 -55.33 28.60 -26.37
N ALA B 137 -54.56 29.49 -27.01
CA ALA B 137 -53.30 29.06 -27.61
C ALA B 137 -52.32 28.53 -26.56
N SER B 138 -52.24 29.22 -25.41
CA SER B 138 -51.40 28.74 -24.33
C SER B 138 -51.86 27.38 -23.82
N ALA B 139 -53.18 27.18 -23.72
CA ALA B 139 -53.71 25.89 -23.32
C ALA B 139 -53.31 24.80 -24.30
N CYS B 140 -53.38 25.09 -25.60
CA CYS B 140 -52.99 24.10 -26.61
C CYS B 140 -51.53 23.72 -26.47
N GLN B 141 -50.65 24.72 -26.31
CA GLN B 141 -49.23 24.44 -26.16
C GLN B 141 -48.96 23.61 -24.90
N LEU B 142 -49.61 23.96 -23.80
CA LEU B 142 -49.45 23.21 -22.56
C LEU B 142 -49.90 21.77 -22.73
N ALA B 143 -51.02 21.55 -23.40
CA ALA B 143 -51.50 20.19 -23.63
C ALA B 143 -50.51 19.39 -24.45
N HIS B 144 -49.94 20.01 -25.49
CA HIS B 144 -48.94 19.31 -26.31
C HIS B 144 -47.73 18.89 -25.48
N ASP B 145 -47.20 19.82 -24.68
CA ASP B 145 -46.02 19.50 -23.87
C ASP B 145 -46.33 18.43 -22.84
N GLN B 146 -47.50 18.50 -22.21
CA GLN B 146 -47.85 17.50 -21.20
C GLN B 146 -48.06 16.13 -21.82
N LEU B 147 -48.62 16.07 -23.03
CA LEU B 147 -48.75 14.79 -23.70
C LEU B 147 -47.39 14.19 -24.03
N VAL B 148 -46.45 15.02 -24.48
CA VAL B 148 -45.11 14.51 -24.74
C VAL B 148 -44.48 13.96 -23.47
N ASN B 149 -44.60 14.70 -22.36
CA ASN B 149 -44.04 14.24 -21.09
C ASN B 149 -44.68 12.93 -20.65
N ARG B 150 -46.00 12.82 -20.78
CA ARG B 150 -46.70 11.59 -20.40
C ARG B 150 -46.25 10.41 -21.26
N LEU B 151 -46.05 10.64 -22.55
CA LEU B 151 -45.55 9.59 -23.43
C LEU B 151 -44.16 9.14 -23.00
N VAL B 152 -43.30 10.09 -22.63
CA VAL B 152 -41.95 9.72 -22.23
C VAL B 152 -41.96 8.91 -20.94
N PHE B 153 -42.71 9.35 -19.92
CA PHE B 153 -42.60 8.75 -18.60
C PHE B 153 -43.62 7.64 -18.33
N LYS B 154 -44.72 7.59 -19.06
CA LYS B 154 -45.74 6.58 -18.76
C LYS B 154 -45.97 5.60 -19.90
N GLY B 155 -45.74 6.00 -21.15
CA GLY B 155 -45.94 5.11 -22.27
C GLY B 155 -47.40 4.95 -22.63
N SER B 156 -47.63 4.11 -23.64
CA SER B 156 -48.99 3.82 -24.10
C SER B 156 -49.04 2.38 -24.60
N ALA B 157 -49.84 1.54 -23.92
CA ALA B 157 -49.95 0.14 -24.33
C ALA B 157 -50.55 -0.03 -25.72
N PRO B 158 -51.68 0.60 -26.08
CA PRO B 158 -52.25 0.35 -27.41
C PRO B 158 -51.33 0.74 -28.56
N HIS B 159 -50.54 1.80 -28.41
CA HIS B 159 -49.59 2.20 -29.44
C HIS B 159 -48.26 1.46 -29.35
N LYS B 160 -48.09 0.64 -28.32
CA LYS B 160 -46.84 -0.11 -28.09
C LYS B 160 -45.66 0.85 -27.92
N ILE B 161 -45.81 1.79 -27.00
CA ILE B 161 -44.74 2.71 -26.61
C ILE B 161 -44.26 2.30 -25.22
N VAL B 162 -42.95 2.15 -25.07
CA VAL B 162 -42.35 1.62 -23.85
C VAL B 162 -41.77 2.78 -23.05
N SER B 163 -42.13 2.85 -21.77
CA SER B 163 -41.60 3.86 -20.86
C SER B 163 -40.18 3.50 -20.44
N VAL B 164 -39.53 4.45 -19.75
CA VAL B 164 -38.18 4.22 -19.28
C VAL B 164 -38.16 3.18 -18.17
N PHE B 165 -39.26 3.03 -17.44
CA PHE B 165 -39.32 2.08 -16.33
C PHE B 165 -39.63 0.66 -16.78
N ASN B 166 -40.01 0.46 -18.05
CA ASN B 166 -40.40 -0.85 -18.54
C ASN B 166 -39.45 -1.42 -19.58
N HIS B 167 -38.29 -0.79 -19.79
CA HIS B 167 -37.33 -1.32 -20.73
C HIS B 167 -36.81 -2.67 -20.24
N PRO B 168 -36.72 -3.68 -21.12
CA PRO B 168 -36.34 -5.03 -20.67
C PRO B 168 -34.85 -5.30 -20.62
N ASN B 169 -33.99 -4.33 -20.97
CA ASN B 169 -32.55 -4.56 -21.04
C ASN B 169 -31.77 -3.60 -20.15
N ILE B 170 -32.40 -3.09 -19.09
CA ILE B 170 -31.72 -2.23 -18.14
C ILE B 170 -31.57 -2.97 -16.81
N THR B 171 -30.62 -2.51 -16.01
CA THR B 171 -30.34 -3.10 -14.72
C THR B 171 -31.39 -2.66 -13.71
N LYS B 172 -31.99 -3.62 -13.01
CA LYS B 172 -33.01 -3.36 -12.00
C LYS B 172 -32.59 -4.00 -10.69
N ILE B 173 -32.74 -3.25 -9.60
CA ILE B 173 -32.34 -3.70 -8.27
C ILE B 173 -33.54 -3.59 -7.34
N THR B 174 -34.02 -4.73 -6.84
CA THR B 174 -35.02 -4.71 -5.80
C THR B 174 -34.38 -4.27 -4.49
N SER B 175 -35.05 -3.37 -3.78
CA SER B 175 -34.49 -2.70 -2.62
C SER B 175 -35.35 -2.93 -1.39
N GLY B 176 -34.68 -3.13 -0.26
CA GLY B 176 -35.38 -3.02 1.02
C GLY B 176 -35.89 -1.61 1.23
N LYS B 177 -37.07 -1.50 1.81
CA LYS B 177 -37.73 -0.21 1.93
C LYS B 177 -36.87 0.77 2.72
N TRP B 178 -36.73 1.99 2.19
CA TRP B 178 -36.00 3.03 2.90
C TRP B 178 -36.81 3.59 4.07
N ILE B 179 -38.14 3.52 3.97
CA ILE B 179 -39.04 3.99 5.01
C ILE B 179 -40.07 2.90 5.23
N ASP B 180 -40.00 2.22 6.38
CA ASP B 180 -40.97 1.19 6.75
C ASP B 180 -41.62 1.58 8.07
N ALA B 181 -42.93 1.80 8.04
CA ALA B 181 -43.70 2.19 9.22
C ALA B 181 -43.12 3.45 9.87
N SER B 182 -42.89 4.47 9.04
CA SER B 182 -42.39 5.78 9.42
C SER B 182 -40.98 5.76 10.00
N THR B 183 -40.29 4.61 9.94
CA THR B 183 -38.92 4.52 10.41
C THR B 183 -37.96 4.70 9.24
N MET B 184 -36.96 5.56 9.43
CA MET B 184 -36.00 5.86 8.37
C MET B 184 -34.74 5.02 8.53
N LYS B 185 -34.15 4.65 7.39
CA LYS B 185 -32.92 3.86 7.36
C LYS B 185 -31.94 4.51 6.40
N PRO B 186 -31.22 5.55 6.85
CA PRO B 186 -30.34 6.30 5.96
C PRO B 186 -29.07 5.58 5.56
N GLU B 187 -28.77 4.42 6.15
CA GLU B 187 -27.58 3.67 5.75
C GLU B 187 -27.86 2.70 4.61
N THR B 188 -29.07 2.15 4.55
CA THR B 188 -29.46 1.31 3.43
C THR B 188 -29.44 2.10 2.13
N ALA B 189 -29.91 3.35 2.16
CA ALA B 189 -29.89 4.19 0.97
C ALA B 189 -28.46 4.41 0.48
N GLU B 190 -27.55 4.73 1.40
CA GLU B 190 -26.16 4.95 1.01
C GLU B 190 -25.54 3.69 0.43
N ALA B 191 -25.79 2.54 1.07
CA ALA B 191 -25.25 1.29 0.56
C ALA B 191 -25.77 0.99 -0.84
N GLU B 192 -27.07 1.18 -1.06
CA GLU B 192 -27.65 0.90 -2.37
C GLU B 192 -27.12 1.85 -3.44
N LEU B 193 -26.98 3.14 -3.11
CA LEU B 193 -26.45 4.08 -4.08
C LEU B 193 -25.01 3.74 -4.46
N THR B 194 -24.18 3.41 -3.46
CA THR B 194 -22.81 3.03 -3.76
C THR B 194 -22.75 1.76 -4.61
N GLN B 195 -23.62 0.78 -4.30
CA GLN B 195 -23.65 -0.45 -5.08
C GLN B 195 -24.07 -0.18 -6.52
N ALA B 196 -25.05 0.71 -6.72
CA ALA B 196 -25.47 1.04 -8.08
C ALA B 196 -24.36 1.73 -8.87
N ILE B 197 -23.65 2.67 -8.23
CA ILE B 197 -22.54 3.32 -8.91
C ILE B 197 -21.46 2.31 -9.26
N GLU B 198 -21.16 1.39 -8.34
CA GLU B 198 -20.17 0.35 -8.61
C GLU B 198 -20.60 -0.53 -9.78
N THR B 199 -21.90 -0.88 -9.84
CA THR B 199 -22.38 -1.70 -10.93
C THR B 199 -22.22 -1.00 -12.27
N ILE B 200 -22.57 0.29 -12.32
CA ILE B 200 -22.41 1.05 -13.57
C ILE B 200 -20.94 1.09 -13.98
N GLU B 201 -20.04 1.33 -13.02
CA GLU B 201 -18.63 1.35 -13.33
C GLU B 201 -18.12 0.00 -13.83
N THR B 202 -18.64 -1.09 -13.24
CA THR B 202 -18.09 -2.41 -13.50
C THR B 202 -18.57 -2.98 -14.83
N ILE B 203 -19.88 -3.01 -15.06
CA ILE B 203 -20.41 -3.75 -16.20
C ILE B 203 -20.00 -3.15 -17.54
N THR B 204 -19.68 -1.86 -17.58
CA THR B 204 -19.20 -1.23 -18.80
C THR B 204 -17.68 -1.20 -18.88
N ARG B 205 -16.99 -1.80 -17.90
CA ARG B 205 -15.53 -1.94 -17.90
C ARG B 205 -14.84 -0.57 -18.01
N GLY B 206 -15.25 0.35 -17.15
CA GLY B 206 -14.58 1.63 -17.06
C GLY B 206 -14.76 2.54 -18.25
N GLN B 207 -15.78 2.29 -19.07
CA GLN B 207 -16.06 3.15 -20.22
C GLN B 207 -17.05 4.26 -19.90
N HIS B 208 -17.96 4.03 -18.96
CA HIS B 208 -18.95 5.03 -18.58
C HIS B 208 -19.00 5.13 -17.07
N ARG B 209 -19.22 6.36 -16.59
CA ARG B 209 -19.23 6.65 -15.16
C ARG B 209 -20.53 7.35 -14.82
N ALA B 210 -21.17 6.91 -13.75
CA ALA B 210 -22.45 7.50 -13.35
C ALA B 210 -22.28 8.98 -13.03
N THR B 211 -23.24 9.78 -13.49
CA THR B 211 -23.13 11.24 -13.34
C THR B 211 -24.35 11.84 -12.65
N ASN B 212 -25.53 11.26 -12.83
CA ASN B 212 -26.75 11.87 -12.27
C ASN B 212 -27.54 10.85 -11.48
N ILE B 213 -28.25 11.34 -10.47
CA ILE B 213 -29.13 10.54 -9.62
C ILE B 213 -30.46 11.26 -9.48
N LEU B 214 -31.55 10.50 -9.55
CA LEU B 214 -32.90 11.03 -9.40
C LEU B 214 -33.65 10.24 -8.33
N ILE B 215 -34.24 10.96 -7.38
CA ILE B 215 -34.96 10.37 -6.26
C ILE B 215 -36.32 11.05 -6.13
N PRO B 216 -37.32 10.41 -5.53
CA PRO B 216 -38.60 11.07 -5.32
C PRO B 216 -38.45 12.22 -4.34
N PRO B 217 -39.30 13.24 -4.46
CA PRO B 217 -39.20 14.39 -3.53
C PRO B 217 -39.50 14.05 -2.09
N SER B 218 -40.18 12.93 -1.82
CA SER B 218 -40.51 12.56 -0.45
C SER B 218 -39.38 11.84 0.25
N MET B 219 -38.26 11.57 -0.44
CA MET B 219 -37.12 10.90 0.15
C MET B 219 -36.00 11.87 0.52
N ARG B 220 -36.17 13.17 0.25
CA ARG B 220 -35.14 14.14 0.61
C ARG B 220 -34.95 14.24 2.11
N LYS B 221 -35.97 13.91 2.90
CA LYS B 221 -35.84 13.93 4.35
C LYS B 221 -35.02 12.75 4.87
N VAL B 222 -34.88 11.68 4.09
CA VAL B 222 -34.08 10.54 4.52
C VAL B 222 -32.60 10.89 4.54
N LEU B 223 -32.13 11.61 3.53
CA LEU B 223 -30.73 11.97 3.42
C LEU B 223 -30.36 13.20 4.24
N ALA B 224 -31.33 13.83 4.90
CA ALA B 224 -31.07 14.99 5.74
C ALA B 224 -30.78 14.62 7.18
N ILE B 225 -30.76 13.33 7.51
CA ILE B 225 -30.48 12.90 8.87
C ILE B 225 -28.99 13.09 9.17
N ARG B 226 -28.69 13.47 10.42
CA ARG B 226 -27.32 13.67 10.84
C ARG B 226 -26.62 12.34 11.09
N MET B 227 -25.36 12.25 10.66
CA MET B 227 -24.60 11.04 10.86
C MET B 227 -24.14 10.93 12.31
N PRO B 228 -24.27 9.76 12.92
CA PRO B 228 -23.84 9.61 14.32
C PRO B 228 -22.35 9.87 14.48
N GLU B 229 -21.99 10.41 15.64
CA GLU B 229 -20.62 10.81 15.97
C GLU B 229 -20.10 11.89 15.02
N THR B 230 -20.99 12.70 14.45
CA THR B 230 -20.61 13.76 13.53
C THR B 230 -21.74 14.77 13.47
N THR B 231 -21.39 16.03 13.20
CA THR B 231 -22.39 17.08 13.04
C THR B 231 -22.85 17.24 11.59
N MET B 232 -22.37 16.39 10.69
CA MET B 232 -22.68 16.51 9.27
C MET B 232 -23.81 15.55 8.88
N SER B 233 -24.43 15.84 7.75
CA SER B 233 -25.52 15.03 7.22
C SER B 233 -25.01 13.98 6.25
N TYR B 234 -25.88 13.02 5.92
CA TYR B 234 -25.51 11.96 4.99
C TYR B 234 -25.26 12.48 3.59
N LEU B 235 -26.03 13.47 3.14
CA LEU B 235 -25.85 14.01 1.81
C LEU B 235 -24.46 14.64 1.64
N ASP B 236 -24.01 15.39 2.64
CA ASP B 236 -22.69 16.01 2.55
C ASP B 236 -21.59 14.95 2.50
N TYR B 237 -21.72 13.90 3.30
CA TYR B 237 -20.74 12.81 3.26
C TYR B 237 -20.71 12.14 1.90
N PHE B 238 -21.90 11.88 1.34
CA PHE B 238 -21.97 11.23 0.03
C PHE B 238 -21.35 12.10 -1.05
N LYS B 239 -21.63 13.41 -1.03
CA LYS B 239 -21.03 14.29 -2.03
C LYS B 239 -19.52 14.41 -1.83
N SER B 240 -19.05 14.36 -0.58
CA SER B 240 -17.61 14.39 -0.35
C SER B 240 -16.93 13.16 -0.91
N GLN B 241 -17.54 11.98 -0.72
CA GLN B 241 -16.93 10.75 -1.22
C GLN B 241 -17.07 10.63 -2.73
N ASN B 242 -18.24 10.99 -3.27
CA ASN B 242 -18.53 10.85 -4.69
C ASN B 242 -18.61 12.25 -5.30
N SER B 243 -17.48 12.77 -5.72
CA SER B 243 -17.42 14.10 -6.33
C SER B 243 -17.86 14.04 -7.78
N GLY B 244 -18.42 15.15 -8.26
CA GLY B 244 -18.83 15.27 -9.64
C GLY B 244 -20.17 14.65 -9.98
N ILE B 245 -21.00 14.33 -8.98
CA ILE B 245 -22.29 13.72 -9.20
C ILE B 245 -23.38 14.69 -8.73
N GLU B 246 -24.38 14.90 -9.57
CA GLU B 246 -25.49 15.80 -9.26
C GLU B 246 -26.71 14.99 -8.85
N ILE B 247 -27.34 15.40 -7.75
CA ILE B 247 -28.55 14.75 -7.24
C ILE B 247 -29.70 15.72 -7.38
N ASP B 248 -30.78 15.28 -8.04
CA ASP B 248 -31.97 16.10 -8.23
C ASP B 248 -33.19 15.31 -7.79
N SER B 249 -34.33 15.98 -7.82
CA SER B 249 -35.59 15.39 -7.37
C SER B 249 -36.65 15.54 -8.45
N ILE B 250 -37.37 14.45 -8.71
CA ILE B 250 -38.38 14.41 -9.77
C ILE B 250 -39.66 13.82 -9.18
N ALA B 251 -40.77 14.54 -9.36
CA ALA B 251 -42.05 14.07 -8.82
C ALA B 251 -42.56 12.83 -9.55
N GLU B 252 -42.21 12.66 -10.82
CA GLU B 252 -42.67 11.52 -11.59
C GLU B 252 -42.23 10.19 -11.00
N LEU B 253 -41.19 10.18 -10.18
CA LEU B 253 -40.71 8.96 -9.54
C LEU B 253 -41.55 8.55 -8.33
N GLU B 254 -42.53 9.37 -7.94
CA GLU B 254 -43.38 9.01 -6.81
C GLU B 254 -44.28 7.83 -7.10
N ASP B 255 -44.48 7.49 -8.37
CA ASP B 255 -45.29 6.33 -8.76
C ASP B 255 -44.81 5.88 -10.13
N ILE B 256 -44.35 4.63 -10.21
CA ILE B 256 -43.77 4.13 -11.45
C ILE B 256 -44.57 2.99 -12.06
N ASP B 257 -45.34 2.23 -11.29
CA ASP B 257 -46.16 1.15 -11.82
C ASP B 257 -47.65 1.48 -11.84
N GLY B 258 -48.04 2.67 -11.39
CA GLY B 258 -49.44 3.02 -11.30
C GLY B 258 -50.15 2.49 -10.07
N ALA B 259 -49.42 1.92 -9.11
CA ALA B 259 -50.04 1.38 -7.92
C ALA B 259 -49.36 1.85 -6.64
N GLY B 260 -48.44 2.80 -6.72
CA GLY B 260 -47.83 3.37 -5.53
C GLY B 260 -46.50 2.76 -5.13
N THR B 261 -45.58 2.64 -6.08
CA THR B 261 -44.23 2.17 -5.82
C THR B 261 -43.24 3.23 -6.29
N LYS B 262 -42.29 3.58 -5.42
CA LYS B 262 -41.30 4.59 -5.73
C LYS B 262 -40.04 3.95 -6.31
N GLY B 263 -39.20 4.80 -6.91
CA GLY B 263 -37.97 4.32 -7.52
C GLY B 263 -36.89 5.37 -7.51
N VAL B 264 -35.66 4.92 -7.76
CA VAL B 264 -34.48 5.77 -7.84
C VAL B 264 -33.76 5.43 -9.12
N LEU B 265 -33.27 6.46 -9.81
CA LEU B 265 -32.67 6.28 -11.14
C LEU B 265 -31.25 6.81 -11.14
N VAL B 266 -30.29 5.94 -11.45
CA VAL B 266 -28.88 6.32 -11.59
C VAL B 266 -28.50 6.14 -13.04
N TYR B 267 -27.87 7.17 -13.63
CA TYR B 267 -27.57 7.11 -15.06
C TYR B 267 -26.47 8.10 -15.39
N GLU B 268 -25.94 7.95 -16.60
CA GLU B 268 -24.91 8.82 -17.16
C GLU B 268 -25.53 9.65 -18.27
N LYS B 269 -25.60 10.96 -18.07
CA LYS B 269 -26.26 11.87 -19.01
C LYS B 269 -25.33 12.13 -20.18
N ASN B 270 -25.69 11.63 -21.35
CA ASN B 270 -24.91 11.79 -22.57
C ASN B 270 -25.80 11.46 -23.76
N PRO B 271 -25.80 12.27 -24.82
CA PRO B 271 -26.67 12.00 -25.97
C PRO B 271 -26.31 10.72 -26.72
N MET B 272 -25.29 10.02 -26.25
CA MET B 272 -24.91 8.74 -26.84
C MET B 272 -25.65 7.57 -26.22
N ASN B 273 -26.22 7.74 -25.03
CA ASN B 273 -26.88 6.66 -24.30
C ASN B 273 -28.39 6.71 -24.38
N MET B 274 -28.99 7.89 -24.29
CA MET B 274 -30.43 8.05 -24.42
C MET B 274 -30.71 9.38 -25.10
N SER B 275 -31.87 9.47 -25.72
CA SER B 275 -32.22 10.69 -26.44
C SER B 275 -33.73 10.79 -26.64
N ILE B 276 -34.17 12.02 -26.90
CA ILE B 276 -35.54 12.32 -27.29
C ILE B 276 -35.48 13.20 -28.53
N GLU B 277 -36.29 12.90 -29.53
CA GLU B 277 -36.30 13.62 -30.80
C GLU B 277 -37.62 14.35 -30.97
N ILE B 278 -37.56 15.59 -31.46
CA ILE B 278 -38.74 16.36 -31.82
C ILE B 278 -38.59 16.78 -33.27
N PRO B 279 -38.97 15.93 -34.23
CA PRO B 279 -38.76 16.28 -35.65
C PRO B 279 -39.47 17.55 -36.08
N GLU B 280 -40.65 17.82 -35.57
CA GLU B 280 -41.43 18.99 -35.95
C GLU B 280 -41.92 19.69 -34.69
N ALA B 281 -41.69 21.00 -34.64
CA ALA B 281 -42.07 21.80 -33.48
C ALA B 281 -43.55 22.16 -33.54
N PHE B 282 -44.08 22.62 -32.41
CA PHE B 282 -45.48 23.02 -32.34
C PHE B 282 -45.73 24.23 -33.23
N ASN B 283 -46.83 24.18 -33.98
CA ASN B 283 -47.20 25.27 -34.88
C ASN B 283 -48.71 25.28 -35.03
N MET B 284 -49.23 26.45 -35.43
CA MET B 284 -50.66 26.65 -35.62
C MET B 284 -50.97 26.87 -37.09
N LEU B 285 -51.97 26.16 -37.59
CA LEU B 285 -52.41 26.31 -38.96
C LEU B 285 -53.24 27.59 -39.11
N PRO B 286 -53.37 28.11 -40.34
CA PRO B 286 -54.23 29.27 -40.56
C PRO B 286 -55.67 28.97 -40.17
N ALA B 287 -56.35 30.01 -39.68
CA ALA B 287 -57.73 29.85 -39.23
C ALA B 287 -58.65 29.52 -40.41
N GLN B 288 -59.64 28.66 -40.15
CA GLN B 288 -60.59 28.25 -41.17
C GLN B 288 -61.95 28.85 -40.85
N PRO B 289 -62.37 29.89 -41.56
CA PRO B 289 -63.61 30.59 -41.20
C PRO B 289 -64.85 29.75 -41.47
N LYS B 290 -65.82 29.89 -40.58
CA LYS B 290 -67.16 29.34 -40.76
C LYS B 290 -68.11 30.54 -40.73
N ASP B 291 -69.42 30.27 -40.66
CA ASP B 291 -70.45 31.30 -40.75
C ASP B 291 -70.06 32.59 -40.03
N LEU B 292 -69.82 32.51 -38.73
CA LEU B 292 -69.39 33.70 -37.98
C LEU B 292 -68.29 33.38 -36.98
N HIS B 293 -67.64 32.22 -37.11
CA HIS B 293 -66.61 31.79 -36.17
C HIS B 293 -65.49 31.11 -36.94
N PHE B 294 -64.41 30.81 -36.24
CA PHE B 294 -63.20 30.25 -36.84
C PHE B 294 -62.86 28.92 -36.17
N LYS B 295 -61.87 28.24 -36.74
CA LYS B 295 -61.36 26.99 -36.20
C LYS B 295 -59.86 26.94 -36.45
N VAL B 296 -59.08 26.92 -35.38
CA VAL B 296 -57.62 26.92 -35.48
C VAL B 296 -57.11 25.56 -35.02
N PRO B 297 -56.59 24.74 -35.93
CA PRO B 297 -55.96 23.49 -35.55
C PRO B 297 -54.46 23.65 -35.33
N CYS B 298 -53.91 22.76 -34.51
CA CYS B 298 -52.51 22.76 -34.14
C CYS B 298 -51.99 21.33 -34.13
N THR B 299 -50.70 21.17 -34.44
CA THR B 299 -50.12 19.84 -34.56
C THR B 299 -48.62 19.91 -34.31
N SER B 300 -48.02 18.74 -34.08
CA SER B 300 -46.59 18.61 -33.81
C SER B 300 -46.23 17.13 -33.91
N LYS B 301 -44.95 16.82 -33.69
CA LYS B 301 -44.45 15.45 -33.77
C LYS B 301 -43.50 15.17 -32.61
N CYS B 302 -43.37 13.89 -32.28
CA CYS B 302 -42.49 13.45 -31.21
C CYS B 302 -42.22 11.96 -31.42
N THR B 303 -41.25 11.44 -30.67
CA THR B 303 -40.88 10.03 -30.77
C THR B 303 -40.86 9.30 -29.45
N GLY B 304 -40.49 9.96 -28.36
CA GLY B 304 -40.30 9.30 -27.08
C GLY B 304 -38.83 9.17 -26.73
N LEU B 305 -38.57 8.35 -25.72
CA LEU B 305 -37.22 8.13 -25.23
C LEU B 305 -36.63 6.89 -25.90
N THR B 306 -35.42 7.05 -26.46
CA THR B 306 -34.69 5.94 -27.08
C THR B 306 -33.38 5.75 -26.34
N ILE B 307 -33.12 4.52 -25.90
CA ILE B 307 -31.91 4.19 -25.18
C ILE B 307 -31.03 3.40 -26.15
N TYR B 308 -30.08 4.10 -26.77
CA TYR B 308 -29.18 3.44 -27.72
C TYR B 308 -28.22 2.50 -27.01
N ARG B 309 -27.68 2.93 -25.87
CA ARG B 309 -26.69 2.16 -25.12
C ARG B 309 -27.27 1.83 -23.75
N PRO B 310 -27.87 0.65 -23.58
CA PRO B 310 -28.31 0.23 -22.25
C PRO B 310 -27.12 -0.11 -21.37
N MET B 311 -27.38 -0.58 -20.16
CA MET B 311 -26.39 -0.90 -19.13
C MET B 311 -25.75 0.34 -18.53
N THR B 312 -26.11 1.54 -18.99
CA THR B 312 -25.70 2.78 -18.35
C THR B 312 -26.83 3.39 -17.52
N ILE B 313 -27.91 2.65 -17.30
CA ILE B 313 -29.03 3.09 -16.49
C ILE B 313 -29.34 2.00 -15.47
N VAL B 314 -29.42 2.36 -14.19
CA VAL B 314 -29.77 1.45 -13.12
C VAL B 314 -31.01 1.98 -12.42
N LEU B 315 -32.01 1.12 -12.27
CA LEU B 315 -33.27 1.48 -11.61
C LEU B 315 -33.41 0.68 -10.33
N ILE B 316 -33.48 1.38 -9.20
CA ILE B 316 -33.70 0.78 -7.90
C ILE B 316 -35.17 0.91 -7.59
N THR B 317 -35.84 -0.23 -7.39
CA THR B 317 -37.28 -0.28 -7.19
C THR B 317 -37.62 -0.56 -5.74
N GLY B 318 -38.88 -0.30 -5.39
CA GLY B 318 -39.34 -0.53 -4.02
C GLY B 318 -38.70 0.36 -2.99
N VAL B 319 -38.47 1.62 -3.34
CA VAL B 319 -37.85 2.56 -2.42
C VAL B 319 -38.91 3.27 -1.58
N ALA C 28 -62.69 58.41 76.99
CA ALA C 28 -61.79 59.52 76.71
C ALA C 28 -60.70 59.11 75.74
N ALA C 29 -60.03 60.10 75.15
CA ALA C 29 -58.99 59.87 74.15
C ALA C 29 -57.62 60.18 74.75
N THR C 30 -56.70 59.24 74.62
CA THR C 30 -55.33 59.37 75.13
C THR C 30 -54.37 59.10 73.97
N MET C 31 -54.02 60.15 73.23
CA MET C 31 -53.16 60.00 72.06
C MET C 31 -51.88 60.82 72.21
N GLY C 32 -51.06 60.86 71.15
CA GLY C 32 -49.81 61.58 71.19
C GLY C 32 -49.90 62.88 70.42
N ILE C 33 -48.83 63.68 70.53
CA ILE C 33 -48.81 64.97 69.86
C ILE C 33 -48.62 64.78 68.35
N TRP C 34 -47.91 63.74 67.94
CA TRP C 34 -47.62 63.48 66.54
C TRP C 34 -48.62 62.47 65.98
N THR C 35 -49.17 62.79 64.81
CA THR C 35 -50.07 61.89 64.10
C THR C 35 -49.26 61.03 63.12
N ALA C 36 -49.93 60.01 62.57
CA ALA C 36 -49.25 59.08 61.69
C ALA C 36 -48.74 59.75 60.43
N GLN C 37 -49.57 60.58 59.79
CA GLN C 37 -49.21 61.19 58.51
C GLN C 37 -47.98 62.10 58.62
N GLU C 38 -47.71 62.65 59.80
CA GLU C 38 -46.52 63.48 59.97
C GLU C 38 -45.24 62.68 59.89
N LEU C 39 -45.29 61.38 60.15
CA LEU C 39 -44.11 60.51 60.11
C LEU C 39 -44.25 59.44 59.03
N HIS C 40 -44.80 59.82 57.88
CA HIS C 40 -45.08 58.89 56.80
C HIS C 40 -44.55 59.46 55.49
N ARG C 41 -44.11 58.57 54.60
CA ARG C 41 -43.53 58.97 53.33
C ARG C 41 -44.23 58.25 52.19
N ILE C 42 -44.34 58.93 51.04
CA ILE C 42 -44.91 58.35 49.83
C ILE C 42 -43.77 58.21 48.82
N LYS C 43 -43.60 57.01 48.28
CA LYS C 43 -42.56 56.78 47.29
C LYS C 43 -42.83 57.58 46.03
N SER C 44 -41.75 58.00 45.35
CA SER C 44 -41.89 58.89 44.21
C SER C 44 -42.46 58.16 42.99
N GLN C 45 -42.12 56.89 42.82
CA GLN C 45 -42.48 56.15 41.61
C GLN C 45 -43.64 55.22 41.87
N SER C 46 -44.62 55.23 40.97
CA SER C 46 -45.79 54.36 41.04
C SER C 46 -45.68 53.26 39.99
N TYR C 47 -46.64 52.35 40.00
CA TYR C 47 -46.66 51.20 39.11
C TYR C 47 -47.99 51.15 38.38
N GLU C 48 -47.97 50.62 37.16
CA GLU C 48 -49.16 50.51 36.32
C GLU C 48 -49.29 49.08 35.80
N GLU C 49 -50.52 48.58 35.77
CA GLU C 49 -50.77 47.24 35.26
C GLU C 49 -50.51 47.18 33.76
N ASP C 50 -50.07 46.02 33.30
CA ASP C 50 -49.68 45.83 31.91
C ASP C 50 -50.76 45.04 31.17
N TYR C 51 -51.23 45.61 30.06
CA TYR C 51 -52.17 44.95 29.17
C TYR C 51 -51.61 45.02 27.76
N PRO C 52 -50.76 44.07 27.37
CA PRO C 52 -50.24 44.05 26.01
C PRO C 52 -51.36 43.82 25.00
N VAL C 53 -51.29 44.54 23.87
CA VAL C 53 -52.37 44.50 22.89
C VAL C 53 -52.44 43.14 22.22
N GLY C 54 -51.36 42.73 21.57
CA GLY C 54 -51.36 41.49 20.82
C GLY C 54 -50.25 41.54 19.78
N SER C 55 -50.35 40.62 18.81
CA SER C 55 -49.31 40.49 17.80
C SER C 55 -49.89 40.27 16.41
N ALA C 56 -51.17 40.54 16.22
CA ALA C 56 -51.82 40.26 14.95
C ALA C 56 -51.34 41.18 13.82
N LEU C 57 -50.90 42.39 14.13
CA LEU C 57 -50.48 43.34 13.11
C LEU C 57 -49.01 43.25 12.75
N ARG C 58 -48.22 42.47 13.49
CA ARG C 58 -46.81 42.32 13.16
C ARG C 58 -46.45 40.93 12.64
N VAL C 59 -47.41 40.01 12.62
CA VAL C 59 -47.21 38.67 12.06
C VAL C 59 -47.83 38.55 10.68
N PHE C 60 -48.90 39.31 10.42
CA PHE C 60 -49.56 39.35 9.13
C PHE C 60 -49.36 40.70 8.46
N PRO C 61 -49.30 40.73 7.13
CA PRO C 61 -49.05 42.00 6.44
C PRO C 61 -50.21 42.97 6.58
N VAL C 62 -49.89 44.26 6.47
CA VAL C 62 -50.87 45.33 6.49
C VAL C 62 -50.75 46.13 5.21
N THR C 63 -51.87 46.30 4.51
CA THR C 63 -51.90 47.00 3.24
C THR C 63 -52.79 48.23 3.35
N THR C 64 -52.64 49.14 2.38
CA THR C 64 -53.37 50.40 2.38
C THR C 64 -54.11 50.64 1.07
N GLU C 65 -54.51 49.57 0.37
CA GLU C 65 -55.25 49.71 -0.89
C GLU C 65 -56.74 49.57 -0.59
N LEU C 66 -57.27 50.60 0.06
CA LEU C 66 -58.69 50.64 0.40
C LEU C 66 -59.05 52.06 0.79
N SER C 67 -59.96 52.67 0.03
CA SER C 67 -60.43 54.00 0.36
C SER C 67 -61.25 53.97 1.65
N PRO C 68 -61.24 55.05 2.43
CA PRO C 68 -62.04 55.07 3.66
C PRO C 68 -63.54 55.00 3.42
N THR C 69 -63.99 55.27 2.19
CA THR C 69 -65.42 55.32 1.89
C THR C 69 -65.90 54.02 1.24
N ASP C 70 -64.99 53.10 0.92
CA ASP C 70 -65.36 51.83 0.31
C ASP C 70 -66.00 50.90 1.34
N LYS C 71 -66.99 50.13 0.90
CA LYS C 71 -67.67 49.17 1.76
C LYS C 71 -67.37 47.72 1.41
N THR C 72 -67.01 47.43 0.16
CA THR C 72 -66.73 46.07 -0.26
C THR C 72 -65.54 46.09 -1.22
N PHE C 73 -64.96 44.91 -1.43
CA PHE C 73 -63.87 44.74 -2.38
C PHE C 73 -63.98 43.36 -3.00
N GLU C 74 -63.37 43.21 -4.18
CA GLU C 74 -63.52 42.00 -4.98
C GLU C 74 -62.18 41.64 -5.62
N TYR C 75 -61.92 40.34 -5.74
CA TYR C 75 -60.75 39.86 -6.44
C TYR C 75 -61.13 38.67 -7.31
N MET C 76 -60.28 38.36 -8.29
CA MET C 76 -60.62 37.46 -9.37
C MET C 76 -59.50 36.46 -9.66
N THR C 77 -59.89 35.29 -10.15
CA THR C 77 -58.99 34.20 -10.52
C THR C 77 -59.43 33.60 -11.85
N PHE C 78 -58.48 32.93 -12.52
CA PHE C 78 -58.72 32.35 -13.84
C PHE C 78 -58.13 30.95 -13.91
N ASP C 79 -58.67 30.14 -14.83
CA ASP C 79 -58.23 28.76 -15.00
C ASP C 79 -58.50 28.33 -16.44
N LYS C 80 -58.05 27.12 -16.78
CA LYS C 80 -58.19 26.62 -18.15
C LYS C 80 -58.21 25.10 -18.15
N VAL C 81 -58.71 24.54 -19.26
CA VAL C 81 -58.77 23.09 -19.47
C VAL C 81 -58.35 22.78 -20.89
N GLY C 82 -58.11 21.52 -21.17
CA GLY C 82 -57.73 21.07 -22.49
C GLY C 82 -57.09 19.70 -22.47
N THR C 83 -56.78 19.20 -23.67
CA THR C 83 -56.15 17.91 -23.85
C THR C 83 -55.60 17.81 -25.27
N ALA C 84 -54.82 16.75 -25.52
CA ALA C 84 -54.29 16.46 -26.85
C ALA C 84 -54.32 14.96 -27.07
N GLN C 85 -54.13 14.55 -28.32
CA GLN C 85 -54.24 13.14 -28.69
C GLN C 85 -53.23 12.82 -29.79
N ILE C 86 -53.14 11.53 -30.13
CA ILE C 86 -52.30 11.04 -31.21
C ILE C 86 -53.21 10.73 -32.40
N ILE C 87 -52.90 11.31 -33.55
CA ILE C 87 -53.81 11.32 -34.69
C ILE C 87 -53.11 10.72 -35.91
N ALA C 88 -53.88 10.64 -37.00
CA ALA C 88 -53.40 10.19 -38.30
C ALA C 88 -53.43 11.35 -39.30
N ASP C 89 -53.13 11.05 -40.56
CA ASP C 89 -53.07 12.11 -41.56
C ASP C 89 -54.45 12.68 -41.86
N TYR C 90 -55.43 11.81 -42.10
CA TYR C 90 -56.82 12.22 -42.28
C TYR C 90 -57.50 12.11 -40.92
N THR C 91 -57.90 13.26 -40.36
CA THR C 91 -58.55 13.27 -39.06
C THR C 91 -59.48 14.48 -38.98
N ASP C 92 -60.65 14.28 -38.37
CA ASP C 92 -61.67 15.31 -38.27
C ASP C 92 -62.15 15.54 -36.85
N ASP C 93 -61.48 14.99 -35.85
CA ASP C 93 -61.99 15.00 -34.47
C ASP C 93 -60.91 15.44 -33.50
N LEU C 94 -60.27 16.56 -33.78
CA LEU C 94 -59.29 17.12 -32.84
C LEU C 94 -60.01 17.68 -31.62
N PRO C 95 -59.53 17.39 -30.41
CA PRO C 95 -60.19 17.92 -29.21
C PRO C 95 -59.91 19.40 -29.01
N LEU C 96 -60.72 20.02 -28.16
CA LEU C 96 -60.74 21.47 -27.99
C LEU C 96 -60.36 21.87 -26.57
N VAL C 97 -60.19 23.18 -26.36
CA VAL C 97 -59.77 23.76 -25.09
C VAL C 97 -60.69 24.93 -24.74
N ASP C 98 -60.67 25.33 -23.47
CA ASP C 98 -61.50 26.41 -22.98
C ASP C 98 -60.91 26.96 -21.69
N ALA C 99 -61.48 28.08 -21.21
CA ALA C 99 -61.00 28.77 -20.01
C ALA C 99 -62.18 29.08 -19.09
N LEU C 100 -61.86 29.61 -17.90
CA LEU C 100 -62.83 29.86 -16.85
C LEU C 100 -62.52 31.18 -16.14
N GLY C 101 -63.30 31.46 -15.09
CA GLY C 101 -63.08 32.63 -14.26
C GLY C 101 -63.90 32.53 -12.98
N THR C 102 -63.46 33.26 -11.96
CA THR C 102 -64.09 33.20 -10.64
C THR C 102 -63.78 34.49 -9.90
N SER C 103 -64.67 34.86 -8.97
CA SER C 103 -64.48 36.08 -8.18
C SER C 103 -64.94 35.85 -6.74
N GLU C 104 -64.36 36.65 -5.84
CA GLU C 104 -64.66 36.58 -4.41
C GLU C 104 -64.71 38.00 -3.84
N PHE C 105 -65.36 38.15 -2.68
CA PHE C 105 -65.69 39.45 -2.12
C PHE C 105 -65.24 39.57 -0.67
N GLY C 106 -65.30 40.80 -0.16
CA GLY C 106 -64.98 41.11 1.23
C GLY C 106 -65.82 42.24 1.82
N LYS C 107 -65.55 42.64 3.06
CA LYS C 107 -66.39 43.63 3.73
C LYS C 107 -65.58 44.42 4.76
N VAL C 108 -66.14 45.56 5.16
CA VAL C 108 -65.50 46.50 6.08
C VAL C 108 -66.48 46.81 7.21
N PHE C 109 -65.95 47.06 8.42
CA PHE C 109 -66.76 47.29 9.60
C PHE C 109 -66.37 48.60 10.29
N ARG C 110 -67.11 48.95 11.36
CA ARG C 110 -66.84 50.14 12.15
C ARG C 110 -66.91 49.78 13.62
N LEU C 111 -66.04 50.42 14.42
CA LEU C 111 -65.94 50.16 15.85
C LEU C 111 -66.08 51.48 16.60
N GLY C 112 -66.63 51.39 17.82
CA GLY C 112 -66.81 52.58 18.62
C GLY C 112 -67.03 52.38 20.10
N ASN C 113 -66.65 53.38 20.89
CA ASN C 113 -66.95 53.41 22.33
C ASN C 113 -67.02 54.88 22.76
N ALA C 114 -67.06 55.10 24.07
CA ALA C 114 -67.19 56.46 24.59
C ALA C 114 -66.77 56.48 26.05
N TYR C 115 -66.67 57.70 26.61
CA TYR C 115 -66.44 57.84 28.03
C TYR C 115 -67.09 59.13 28.53
N LEU C 116 -67.31 59.19 29.85
CA LEU C 116 -67.99 60.29 30.51
C LEU C 116 -67.11 60.87 31.62
N ILE C 117 -67.24 62.18 31.83
CA ILE C 117 -66.49 62.87 32.88
C ILE C 117 -67.24 64.15 33.23
N SER C 118 -67.18 64.53 34.51
CA SER C 118 -67.87 65.71 35.00
C SER C 118 -66.87 66.85 35.21
N ILE C 119 -67.36 67.99 35.67
CA ILE C 119 -66.52 69.17 35.87
C ILE C 119 -65.74 69.10 37.18
N ASP C 120 -66.38 68.60 38.24
CA ASP C 120 -65.70 68.49 39.53
C ASP C 120 -64.51 67.55 39.43
N GLU C 121 -64.64 66.46 38.68
CA GLU C 121 -63.52 65.55 38.49
C GLU C 121 -62.39 66.21 37.70
N ILE C 122 -62.74 67.07 36.74
CA ILE C 122 -61.72 67.81 35.99
C ILE C 122 -60.96 68.74 36.92
N LYS C 123 -61.67 69.47 37.78
CA LYS C 123 -61.03 70.36 38.73
C LYS C 123 -60.14 69.59 39.70
N ALA C 124 -60.63 68.45 40.19
CA ALA C 124 -59.83 67.64 41.11
C ALA C 124 -58.57 67.12 40.44
N GLY C 125 -58.69 66.65 39.20
CA GLY C 125 -57.52 66.17 38.49
C GLY C 125 -56.49 67.26 38.23
N GLN C 126 -56.97 68.47 37.92
CA GLN C 126 -56.04 69.58 37.74
C GLN C 126 -55.38 69.98 39.05
N ALA C 127 -56.12 69.92 40.17
CA ALA C 127 -55.56 70.33 41.45
C ALA C 127 -54.54 69.33 41.97
N THR C 128 -54.86 68.03 41.93
CA THR C 128 -53.98 67.02 42.50
C THR C 128 -52.84 66.61 41.58
N GLY C 129 -52.85 67.06 40.32
CA GLY C 129 -51.79 66.73 39.40
C GLY C 129 -51.91 65.38 38.72
N ARG C 130 -53.02 64.66 38.92
CA ARG C 130 -53.27 63.37 38.30
C ARG C 130 -54.57 63.45 37.51
N PRO C 131 -54.51 63.87 36.25
CA PRO C 131 -55.74 63.99 35.46
C PRO C 131 -56.42 62.66 35.23
N LEU C 132 -57.74 62.71 35.07
CA LEU C 132 -58.55 61.52 34.90
C LEU C 132 -58.98 61.28 33.46
N SER C 133 -58.99 62.32 32.62
CA SER C 133 -59.45 62.15 31.24
C SER C 133 -58.45 61.37 30.40
N THR C 134 -57.15 61.58 30.65
CA THR C 134 -56.13 60.91 29.86
C THR C 134 -56.18 59.39 30.06
N ARG C 135 -56.42 58.95 31.29
CA ARG C 135 -56.53 57.52 31.56
C ARG C 135 -57.69 56.90 30.79
N LYS C 136 -58.82 57.61 30.75
CA LYS C 136 -59.99 57.10 30.04
C LYS C 136 -59.76 57.07 28.53
N ALA C 137 -59.07 58.08 28.00
CA ALA C 137 -58.73 58.05 26.58
C ALA C 137 -57.80 56.88 26.25
N SER C 138 -56.81 56.64 27.12
CA SER C 138 -55.93 55.49 26.92
C SER C 138 -56.70 54.18 26.97
N ALA C 139 -57.65 54.07 27.89
CA ALA C 139 -58.46 52.87 27.97
C ALA C 139 -59.28 52.68 26.69
N CYS C 140 -59.82 53.76 26.14
CA CYS C 140 -60.58 53.66 24.89
C CYS C 140 -59.70 53.15 23.75
N GLN C 141 -58.50 53.73 23.61
CA GLN C 141 -57.60 53.30 22.55
C GLN C 141 -57.21 51.82 22.71
N LEU C 142 -56.92 51.42 23.96
CA LEU C 142 -56.56 50.03 24.21
C LEU C 142 -57.73 49.10 23.88
N ALA C 143 -58.95 49.51 24.20
CA ALA C 143 -60.11 48.70 23.88
C ALA C 143 -60.26 48.51 22.38
N HIS C 144 -60.07 49.59 21.62
CA HIS C 144 -60.14 49.48 20.16
C HIS C 144 -59.11 48.48 19.63
N ASP C 145 -57.85 48.62 20.08
CA ASP C 145 -56.80 47.74 19.58
C ASP C 145 -57.06 46.29 19.97
N GLN C 146 -57.49 46.04 21.21
CA GLN C 146 -57.75 44.68 21.65
C GLN C 146 -58.94 44.08 20.91
N LEU C 147 -59.94 44.90 20.56
CA LEU C 147 -61.04 44.40 19.75
C LEU C 147 -60.56 43.98 18.36
N VAL C 148 -59.66 44.77 17.77
CA VAL C 148 -59.12 44.38 16.46
C VAL C 148 -58.38 43.05 16.56
N ASN C 149 -57.55 42.90 17.60
CA ASN C 149 -56.81 41.64 17.79
C ASN C 149 -57.77 40.46 17.99
N ARG C 150 -58.81 40.66 18.79
CA ARG C 150 -59.78 39.60 19.03
C ARG C 150 -60.52 39.22 17.75
N LEU C 151 -60.86 40.21 16.92
CA LEU C 151 -61.48 39.91 15.64
C LEU C 151 -60.55 39.08 14.77
N VAL C 152 -59.27 39.42 14.73
CA VAL C 152 -58.34 38.68 13.88
C VAL C 152 -58.20 37.24 14.37
N PHE C 153 -58.04 37.02 15.66
CA PHE C 153 -57.67 35.71 16.17
C PHE C 153 -58.83 34.87 16.69
N LYS C 154 -60.06 35.39 16.70
CA LYS C 154 -61.22 34.62 17.15
C LYS C 154 -62.44 34.73 16.26
N GLY C 155 -62.59 35.80 15.48
CA GLY C 155 -63.75 35.93 14.62
C GLY C 155 -65.02 36.29 15.38
N SER C 156 -66.11 36.35 14.63
CA SER C 156 -67.42 36.66 15.19
C SER C 156 -68.47 35.92 14.38
N ALA C 157 -69.14 34.95 15.00
CA ALA C 157 -70.11 34.14 14.27
C ALA C 157 -71.29 34.96 13.75
N PRO C 158 -71.94 35.82 14.54
CA PRO C 158 -73.07 36.59 13.98
C PRO C 158 -72.68 37.50 12.84
N HIS C 159 -71.46 38.04 12.85
CA HIS C 159 -71.02 38.96 11.80
C HIS C 159 -70.40 38.23 10.61
N LYS C 160 -70.38 36.90 10.63
CA LYS C 160 -69.78 36.10 9.56
C LYS C 160 -68.32 36.48 9.34
N ILE C 161 -67.60 36.67 10.44
CA ILE C 161 -66.16 36.88 10.44
C ILE C 161 -65.51 35.58 10.92
N VAL C 162 -64.61 35.04 10.10
CA VAL C 162 -63.99 33.74 10.36
C VAL C 162 -62.56 33.95 10.82
N SER C 163 -62.19 33.25 11.90
CA SER C 163 -60.83 33.32 12.39
C SER C 163 -59.89 32.51 11.50
N VAL C 164 -58.59 32.72 11.69
CA VAL C 164 -57.59 31.99 10.90
C VAL C 164 -57.66 30.51 11.22
N PHE C 165 -57.96 30.15 12.47
CA PHE C 165 -58.04 28.74 12.87
C PHE C 165 -59.28 28.04 12.35
N ASN C 166 -60.35 28.76 12.05
CA ASN C 166 -61.62 28.17 11.65
C ASN C 166 -61.85 28.24 10.15
N HIS C 167 -60.86 28.66 9.37
CA HIS C 167 -61.01 28.68 7.92
C HIS C 167 -61.21 27.25 7.42
N PRO C 168 -62.13 27.02 6.49
CA PRO C 168 -62.43 25.66 6.04
C PRO C 168 -61.54 25.16 4.89
N ASN C 169 -60.60 25.96 4.40
CA ASN C 169 -59.81 25.58 3.23
C ASN C 169 -58.31 25.63 3.51
N ILE C 170 -57.92 25.45 4.77
CA ILE C 170 -56.52 25.41 5.14
C ILE C 170 -56.17 24.00 5.59
N THR C 171 -54.90 23.64 5.47
CA THR C 171 -54.45 22.30 5.81
C THR C 171 -54.28 22.19 7.32
N LYS C 172 -54.86 21.13 7.90
CA LYS C 172 -54.79 20.87 9.33
C LYS C 172 -54.13 19.52 9.55
N ILE C 173 -53.20 19.46 10.50
CA ILE C 173 -52.46 18.25 10.79
C ILE C 173 -52.65 17.92 12.28
N THR C 174 -53.21 16.75 12.56
CA THR C 174 -53.26 16.25 13.92
C THR C 174 -51.88 15.69 14.29
N SER C 175 -51.44 15.94 15.52
CA SER C 175 -50.09 15.64 15.94
C SER C 175 -50.06 15.01 17.32
N GLY C 176 -49.10 14.13 17.54
CA GLY C 176 -48.81 13.68 18.89
C GLY C 176 -48.21 14.80 19.72
N LYS C 177 -48.39 14.68 21.04
CA LYS C 177 -47.97 15.75 21.93
C LYS C 177 -46.45 15.87 21.96
N TRP C 178 -45.97 17.12 21.92
CA TRP C 178 -44.53 17.35 22.07
C TRP C 178 -44.10 17.23 23.52
N ILE C 179 -45.03 17.31 24.46
CA ILE C 179 -44.76 17.16 25.89
C ILE C 179 -45.85 16.29 26.46
N ASP C 180 -45.49 15.08 26.90
CA ASP C 180 -46.43 14.15 27.50
C ASP C 180 -45.82 13.56 28.76
N ALA C 181 -46.60 13.52 29.83
CA ALA C 181 -46.15 12.98 31.12
C ALA C 181 -44.88 13.69 31.60
N SER C 182 -44.83 15.00 31.36
CA SER C 182 -43.73 15.87 31.81
C SER C 182 -42.39 15.48 31.21
N THR C 183 -42.38 14.75 30.10
CA THR C 183 -41.16 14.43 29.37
C THR C 183 -41.25 14.99 27.95
N MET C 184 -40.10 15.26 27.36
CA MET C 184 -40.03 15.99 26.10
C MET C 184 -39.78 15.04 24.93
N LYS C 185 -40.29 15.42 23.76
CA LYS C 185 -40.11 14.65 22.53
C LYS C 185 -39.66 15.59 21.42
N PRO C 186 -38.39 16.01 21.43
CA PRO C 186 -37.91 16.87 20.34
C PRO C 186 -37.94 16.21 18.98
N GLU C 187 -37.76 14.88 18.91
CA GLU C 187 -37.78 14.19 17.62
C GLU C 187 -39.13 14.32 16.95
N THR C 188 -40.22 14.16 17.72
CA THR C 188 -41.56 14.30 17.17
C THR C 188 -41.80 15.72 16.67
N ALA C 189 -41.34 16.72 17.43
CA ALA C 189 -41.49 18.10 17.00
C ALA C 189 -40.77 18.36 15.69
N GLU C 190 -39.53 17.89 15.57
CA GLU C 190 -38.78 18.08 14.33
C GLU C 190 -39.45 17.38 13.17
N ALA C 191 -39.92 16.15 13.38
CA ALA C 191 -40.59 15.42 12.31
C ALA C 191 -41.84 16.14 11.85
N GLU C 192 -42.64 16.66 12.79
CA GLU C 192 -43.86 17.34 12.42
C GLU C 192 -43.58 18.67 11.71
N LEU C 193 -42.55 19.39 12.13
CA LEU C 193 -42.20 20.63 11.44
C LEU C 193 -41.76 20.34 10.01
N THR C 194 -40.92 19.32 9.82
CA THR C 194 -40.50 18.96 8.47
C THR C 194 -41.69 18.51 7.62
N GLN C 195 -42.62 17.77 8.22
CA GLN C 195 -43.81 17.34 7.50
C GLN C 195 -44.65 18.52 7.06
N ALA C 196 -44.81 19.52 7.92
CA ALA C 196 -45.59 20.70 7.56
C ALA C 196 -44.92 21.48 6.43
N ILE C 197 -43.60 21.65 6.49
CA ILE C 197 -42.90 22.35 5.42
C ILE C 197 -43.04 21.59 4.11
N GLU C 198 -42.91 20.26 4.16
CA GLU C 198 -43.09 19.44 2.96
C GLU C 198 -44.51 19.56 2.41
N THR C 199 -45.50 19.65 3.30
CA THR C 199 -46.88 19.82 2.86
C THR C 199 -47.06 21.14 2.12
N ILE C 200 -46.49 22.23 2.66
CA ILE C 200 -46.55 23.50 1.95
C ILE C 200 -45.88 23.39 0.58
N GLU C 201 -44.73 22.73 0.51
CA GLU C 201 -44.02 22.62 -0.77
C GLU C 201 -44.82 21.81 -1.77
N THR C 202 -45.48 20.74 -1.33
CA THR C 202 -46.12 19.80 -2.23
C THR C 202 -47.49 20.29 -2.71
N ILE C 203 -48.31 20.80 -1.79
CA ILE C 203 -49.71 21.07 -2.14
C ILE C 203 -49.81 22.18 -3.19
N THR C 204 -48.86 23.12 -3.17
CA THR C 204 -48.83 24.20 -4.16
C THR C 204 -47.99 23.86 -5.38
N ARG C 205 -47.42 22.66 -5.43
CA ARG C 205 -46.60 22.20 -6.55
C ARG C 205 -45.45 23.15 -6.84
N GLY C 206 -44.78 23.57 -5.77
CA GLY C 206 -43.55 24.33 -5.87
C GLY C 206 -43.71 25.80 -6.17
N GLN C 207 -44.94 26.31 -6.28
CA GLN C 207 -45.12 27.72 -6.58
C GLN C 207 -44.82 28.60 -5.36
N HIS C 208 -45.21 28.13 -4.17
CA HIS C 208 -44.98 28.86 -2.93
C HIS C 208 -44.15 28.00 -1.99
N ARG C 209 -43.40 28.66 -1.11
CA ARG C 209 -42.54 27.99 -0.16
C ARG C 209 -42.73 28.60 1.22
N ALA C 210 -42.68 27.77 2.26
CA ALA C 210 -42.89 28.24 3.62
C ALA C 210 -41.78 29.18 4.05
N THR C 211 -42.13 30.17 4.85
CA THR C 211 -41.18 31.20 5.29
C THR C 211 -41.17 31.38 6.80
N ASN C 212 -42.33 31.29 7.47
CA ASN C 212 -42.44 31.63 8.88
C ASN C 212 -43.17 30.54 9.65
N ILE C 213 -42.73 30.37 10.91
CA ILE C 213 -43.30 29.42 11.85
C ILE C 213 -43.65 30.17 13.14
N LEU C 214 -44.83 29.89 13.68
CA LEU C 214 -45.28 30.46 14.95
C LEU C 214 -45.64 29.32 15.88
N ILE C 215 -45.07 29.33 17.08
CA ILE C 215 -45.21 28.23 18.04
C ILE C 215 -45.66 28.84 19.37
N PRO C 216 -46.29 28.06 20.24
CA PRO C 216 -46.59 28.55 21.57
C PRO C 216 -45.31 28.89 22.32
N PRO C 217 -45.33 29.92 23.16
CA PRO C 217 -44.12 30.30 23.89
C PRO C 217 -43.72 29.31 24.98
N SER C 218 -44.59 28.37 25.34
CA SER C 218 -44.26 27.37 26.35
C SER C 218 -43.54 26.15 25.77
N MET C 219 -43.42 26.07 24.45
CA MET C 219 -42.72 24.97 23.79
C MET C 219 -41.31 25.36 23.37
N ARG C 220 -40.84 26.53 23.77
CA ARG C 220 -39.48 26.95 23.42
C ARG C 220 -38.43 26.11 24.11
N LYS C 221 -38.77 25.44 25.21
CA LYS C 221 -37.81 24.60 25.92
C LYS C 221 -37.58 23.28 25.20
N VAL C 222 -38.55 22.80 24.43
CA VAL C 222 -38.40 21.53 23.73
C VAL C 222 -37.35 21.62 22.64
N LEU C 223 -37.32 22.74 21.92
CA LEU C 223 -36.41 22.91 20.79
C LEU C 223 -35.02 23.35 21.19
N ALA C 224 -34.78 23.63 22.47
CA ALA C 224 -33.47 24.05 22.95
C ALA C 224 -32.65 22.91 23.54
N ILE C 225 -33.15 21.68 23.51
CA ILE C 225 -32.44 20.55 24.10
C ILE C 225 -31.21 20.23 23.26
N ARG C 226 -30.09 20.00 23.93
CA ARG C 226 -28.86 19.62 23.23
C ARG C 226 -28.95 18.20 22.71
N MET C 227 -28.61 18.03 21.43
CA MET C 227 -28.57 16.69 20.87
C MET C 227 -27.43 15.90 21.50
N PRO C 228 -27.63 14.59 21.69
CA PRO C 228 -26.59 13.78 22.35
C PRO C 228 -25.28 13.80 21.59
N GLU C 229 -24.18 13.80 22.34
CA GLU C 229 -22.83 13.64 21.80
C GLU C 229 -22.45 14.76 20.83
N THR C 230 -22.98 15.97 21.05
CA THR C 230 -22.58 17.14 20.26
C THR C 230 -22.78 18.38 21.12
N THR C 231 -22.40 19.53 20.57
CA THR C 231 -22.41 20.79 21.31
C THR C 231 -23.41 21.78 20.73
N MET C 232 -24.48 21.28 20.11
CA MET C 232 -25.51 22.15 19.57
C MET C 232 -26.88 21.51 19.77
N SER C 233 -27.92 22.33 19.67
CA SER C 233 -29.28 21.93 19.98
C SER C 233 -30.03 21.57 18.70
N TYR C 234 -31.28 21.10 18.88
CA TYR C 234 -32.12 20.74 17.75
C TYR C 234 -32.44 21.95 16.88
N LEU C 235 -32.68 23.10 17.50
CA LEU C 235 -33.03 24.30 16.74
C LEU C 235 -31.90 24.70 15.80
N ASP C 236 -30.66 24.61 16.26
CA ASP C 236 -29.53 25.00 15.41
C ASP C 236 -29.41 24.10 14.20
N TYR C 237 -29.56 22.79 14.39
CA TYR C 237 -29.51 21.87 13.25
C TYR C 237 -30.68 22.12 12.29
N PHE C 238 -31.88 22.34 12.84
CA PHE C 238 -33.03 22.60 11.98
C PHE C 238 -32.82 23.86 11.15
N LYS C 239 -32.29 24.92 11.76
CA LYS C 239 -32.04 26.15 11.04
C LYS C 239 -30.93 25.97 10.00
N SER C 240 -29.94 25.14 10.32
CA SER C 240 -28.87 24.88 9.35
C SER C 240 -29.41 24.14 8.13
N GLN C 241 -30.30 23.18 8.34
CA GLN C 241 -30.85 22.38 7.24
C GLN C 241 -32.06 23.04 6.58
N ASN C 242 -32.55 24.15 7.12
CA ASN C 242 -33.73 24.84 6.61
C ASN C 242 -33.47 26.34 6.52
N SER C 243 -32.37 26.71 5.89
CA SER C 243 -31.97 28.11 5.81
C SER C 243 -33.05 28.95 5.16
N GLY C 244 -33.29 30.13 5.74
CA GLY C 244 -34.30 31.04 5.23
C GLY C 244 -35.65 30.96 5.90
N ILE C 245 -35.74 30.40 7.11
CA ILE C 245 -36.99 30.26 7.82
C ILE C 245 -36.82 30.88 9.21
N GLU C 246 -37.80 31.69 9.63
CA GLU C 246 -37.78 32.35 10.92
C GLU C 246 -38.75 31.67 11.87
N ILE C 247 -38.40 31.68 13.16
CA ILE C 247 -39.21 31.05 14.20
C ILE C 247 -39.50 32.07 15.29
N ASP C 248 -40.76 32.13 15.71
CA ASP C 248 -41.21 33.10 16.70
C ASP C 248 -42.29 32.46 17.57
N SER C 249 -42.52 33.06 18.73
CA SER C 249 -43.46 32.55 19.71
C SER C 249 -44.59 33.55 19.90
N ILE C 250 -45.83 33.06 19.94
CA ILE C 250 -47.03 33.89 19.99
C ILE C 250 -47.93 33.37 21.12
N ALA C 251 -48.35 34.28 22.00
CA ALA C 251 -49.15 33.88 23.15
C ALA C 251 -50.54 33.39 22.79
N GLU C 252 -51.16 33.96 21.75
CA GLU C 252 -52.51 33.55 21.36
C GLU C 252 -52.58 32.09 20.92
N LEU C 253 -51.46 31.44 20.66
CA LEU C 253 -51.43 30.04 20.30
C LEU C 253 -51.49 29.11 21.50
N GLU C 254 -51.51 29.65 22.73
CA GLU C 254 -51.67 28.80 23.90
C GLU C 254 -53.08 28.23 24.02
N ASP C 255 -54.04 28.75 23.27
CA ASP C 255 -55.42 28.24 23.31
C ASP C 255 -56.09 28.68 22.02
N ILE C 256 -56.52 27.71 21.20
CA ILE C 256 -57.02 28.02 19.86
C ILE C 256 -58.49 27.71 19.74
N ASP C 257 -59.05 26.96 20.69
CA ASP C 257 -60.46 26.62 20.66
C ASP C 257 -61.23 27.00 21.92
N GLY C 258 -60.60 27.65 22.89
CA GLY C 258 -61.25 27.97 24.14
C GLY C 258 -61.31 26.84 25.13
N ALA C 259 -60.72 25.69 24.82
CA ALA C 259 -60.76 24.53 25.70
C ALA C 259 -59.39 24.15 26.26
N GLY C 260 -58.30 24.73 25.74
CA GLY C 260 -56.98 24.50 26.29
C GLY C 260 -56.01 23.75 25.42
N THR C 261 -56.28 23.61 24.12
CA THR C 261 -55.36 22.94 23.22
C THR C 261 -54.44 23.95 22.56
N LYS C 262 -53.27 23.49 22.12
CA LYS C 262 -52.26 24.35 21.53
C LYS C 262 -52.19 24.10 20.02
N GLY C 263 -51.39 24.91 19.34
CA GLY C 263 -51.25 24.76 17.90
C GLY C 263 -50.01 25.48 17.41
N VAL C 264 -49.64 25.14 16.17
CA VAL C 264 -48.49 25.72 15.50
C VAL C 264 -48.91 26.16 14.10
N LEU C 265 -48.44 27.33 13.67
CA LEU C 265 -48.76 27.86 12.35
C LEU C 265 -47.51 27.86 11.48
N VAL C 266 -47.62 27.31 10.27
CA VAL C 266 -46.57 27.39 9.26
C VAL C 266 -47.15 28.09 8.05
N TYR C 267 -46.52 29.18 7.62
CA TYR C 267 -47.11 29.96 6.52
C TYR C 267 -46.03 30.73 5.81
N GLU C 268 -46.43 31.40 4.73
CA GLU C 268 -45.58 32.32 3.99
C GLU C 268 -46.14 33.73 4.13
N LYS C 269 -45.32 34.66 4.60
CA LYS C 269 -45.76 36.02 4.87
C LYS C 269 -45.52 36.86 3.62
N ASN C 270 -46.55 36.96 2.79
CA ASN C 270 -46.53 37.78 1.59
C ASN C 270 -47.82 38.57 1.49
N PRO C 271 -47.75 39.83 1.06
CA PRO C 271 -48.99 40.64 0.95
C PRO C 271 -50.01 40.09 -0.02
N MET C 272 -49.60 39.27 -0.99
CA MET C 272 -50.51 38.72 -1.97
C MET C 272 -51.25 37.49 -1.46
N ASN C 273 -50.83 36.91 -0.34
CA ASN C 273 -51.46 35.73 0.22
C ASN C 273 -52.48 36.06 1.30
N MET C 274 -52.19 37.03 2.17
CA MET C 274 -53.11 37.44 3.22
C MET C 274 -52.89 38.91 3.51
N SER C 275 -53.91 39.55 4.07
CA SER C 275 -53.82 40.98 4.33
C SER C 275 -54.78 41.39 5.44
N ILE C 276 -54.46 42.53 6.05
CA ILE C 276 -55.33 43.21 7.01
C ILE C 276 -55.41 44.67 6.62
N GLU C 277 -56.60 45.26 6.73
CA GLU C 277 -56.85 46.63 6.32
C GLU C 277 -57.34 47.44 7.52
N ILE C 278 -56.82 48.66 7.66
CA ILE C 278 -57.28 49.61 8.67
C ILE C 278 -57.61 50.92 7.97
N PRO C 279 -58.77 51.03 7.32
CA PRO C 279 -59.05 52.23 6.52
C PRO C 279 -59.05 53.53 7.30
N GLU C 280 -59.54 53.53 8.54
CA GLU C 280 -59.62 54.73 9.35
C GLU C 280 -59.03 54.48 10.73
N ALA C 281 -58.36 55.50 11.27
CA ALA C 281 -57.65 55.39 12.53
C ALA C 281 -58.47 56.03 13.66
N PHE C 282 -57.99 55.85 14.88
CA PHE C 282 -58.64 56.41 16.06
C PHE C 282 -58.76 57.92 15.94
N ASN C 283 -59.94 58.46 16.27
CA ASN C 283 -60.21 59.84 15.89
C ASN C 283 -60.55 60.76 17.06
N MET C 284 -61.25 60.28 18.09
CA MET C 284 -61.57 61.06 19.28
C MET C 284 -62.39 62.31 18.94
N LEU C 285 -63.64 62.05 18.54
CA LEU C 285 -64.64 63.08 18.25
C LEU C 285 -64.74 64.12 19.37
N PRO C 286 -65.23 65.33 19.08
CA PRO C 286 -65.31 66.38 20.10
C PRO C 286 -66.27 66.01 21.23
N ALA C 287 -66.26 66.84 22.27
CA ALA C 287 -67.05 66.59 23.46
C ALA C 287 -68.40 67.30 23.37
N GLN C 288 -69.43 66.63 23.87
CA GLN C 288 -70.79 67.15 23.85
C GLN C 288 -71.25 67.48 25.26
N PRO C 289 -71.47 68.74 25.59
CA PRO C 289 -71.82 69.10 26.96
C PRO C 289 -73.23 68.69 27.35
N LYS C 290 -73.45 68.62 28.64
CA LYS C 290 -74.76 68.38 29.24
C LYS C 290 -74.88 69.29 30.46
N ASP C 291 -75.80 68.96 31.36
CA ASP C 291 -76.04 69.78 32.54
C ASP C 291 -74.75 70.20 33.23
N LEU C 292 -73.99 69.22 33.76
CA LEU C 292 -72.74 69.54 34.43
C LEU C 292 -71.63 68.54 34.09
N HIS C 293 -71.77 67.76 33.01
CA HIS C 293 -70.76 66.80 32.63
C HIS C 293 -70.65 66.78 31.11
N PHE C 294 -69.85 65.84 30.59
CA PHE C 294 -69.53 65.74 29.17
C PHE C 294 -69.60 64.29 28.73
N LYS C 295 -69.53 64.10 27.41
CA LYS C 295 -69.55 62.78 26.81
C LYS C 295 -68.64 62.81 25.58
N VAL C 296 -67.67 61.91 25.52
CA VAL C 296 -66.71 61.90 24.43
C VAL C 296 -66.78 60.55 23.70
N PRO C 297 -67.21 60.53 22.44
CA PRO C 297 -67.22 59.30 21.67
C PRO C 297 -65.96 59.12 20.82
N CYS C 298 -65.67 57.85 20.51
CA CYS C 298 -64.47 57.47 19.78
C CYS C 298 -64.83 56.36 18.80
N THR C 299 -64.25 56.42 17.60
CA THR C 299 -64.59 55.49 16.53
C THR C 299 -63.34 55.09 15.76
N SER C 300 -63.48 54.04 14.97
CA SER C 300 -62.40 53.52 14.12
C SER C 300 -63.01 52.59 13.08
N LYS C 301 -62.17 52.17 12.13
CA LYS C 301 -62.60 51.27 11.06
C LYS C 301 -61.57 50.17 10.83
N CYS C 302 -62.06 48.97 10.52
CA CYS C 302 -61.20 47.82 10.26
C CYS C 302 -61.97 46.82 9.43
N THR C 303 -61.23 45.87 8.86
CA THR C 303 -61.81 44.82 8.02
C THR C 303 -61.65 43.42 8.62
N GLY C 304 -60.43 43.01 8.93
CA GLY C 304 -60.14 41.68 9.43
C GLY C 304 -59.02 41.07 8.63
N LEU C 305 -58.91 39.75 8.72
CA LEU C 305 -57.90 39.00 7.97
C LEU C 305 -58.52 38.45 6.71
N THR C 306 -57.94 38.81 5.56
CA THR C 306 -58.39 38.30 4.27
C THR C 306 -57.32 37.36 3.73
N ILE C 307 -57.73 36.13 3.44
CA ILE C 307 -56.82 35.06 3.00
C ILE C 307 -57.14 34.78 1.54
N TYR C 308 -56.32 35.32 0.64
CA TYR C 308 -56.55 35.11 -0.78
C TYR C 308 -56.16 33.70 -1.21
N ARG C 309 -55.04 33.18 -0.71
CA ARG C 309 -54.57 31.85 -1.04
C ARG C 309 -54.56 30.99 0.23
N PRO C 310 -55.58 30.16 0.44
CA PRO C 310 -55.66 29.40 1.70
C PRO C 310 -54.77 28.17 1.76
N MET C 311 -54.09 27.81 0.68
CA MET C 311 -53.24 26.62 0.67
C MET C 311 -51.82 26.91 1.13
N THR C 312 -51.52 28.15 1.50
CA THR C 312 -50.20 28.52 2.01
C THR C 312 -50.16 28.61 3.53
N ILE C 313 -51.10 27.98 4.21
CA ILE C 313 -51.17 28.00 5.67
C ILE C 313 -51.42 26.57 6.16
N VAL C 314 -50.61 26.12 7.11
CA VAL C 314 -50.81 24.83 7.75
C VAL C 314 -50.91 25.04 9.25
N LEU C 315 -51.93 24.44 9.86
CA LEU C 315 -52.13 24.47 11.30
C LEU C 315 -51.92 23.09 11.87
N ILE C 316 -50.98 22.97 12.80
CA ILE C 316 -50.68 21.72 13.48
C ILE C 316 -51.38 21.79 14.83
N THR C 317 -52.37 20.93 15.03
CA THR C 317 -53.17 20.92 16.24
C THR C 317 -52.71 19.85 17.20
N GLY C 318 -53.17 19.96 18.45
CA GLY C 318 -52.85 18.99 19.47
C GLY C 318 -51.44 19.09 20.03
N VAL C 319 -50.70 20.14 19.69
CA VAL C 319 -49.33 20.31 20.15
C VAL C 319 -49.29 20.46 21.66
N ALA D 29 19.14 26.44 97.73
CA ALA D 29 18.87 27.02 96.41
C ALA D 29 20.15 27.12 95.60
N THR D 30 20.30 26.20 94.64
CA THR D 30 21.51 26.12 93.80
C THR D 30 21.06 26.15 92.33
N MET D 31 21.02 27.34 91.75
CA MET D 31 20.58 27.49 90.37
C MET D 31 21.65 28.15 89.52
N GLY D 32 21.32 28.49 88.28
CA GLY D 32 22.29 29.04 87.35
C GLY D 32 22.36 30.56 87.35
N ILE D 33 23.38 31.10 86.69
CA ILE D 33 23.57 32.55 86.65
C ILE D 33 22.44 33.22 85.89
N TRP D 34 22.06 32.67 84.73
CA TRP D 34 21.05 33.25 83.87
C TRP D 34 19.71 32.55 84.06
N THR D 35 18.65 33.31 83.84
CA THR D 35 17.28 32.81 83.94
C THR D 35 16.75 32.48 82.55
N ALA D 36 15.54 31.91 82.51
CA ALA D 36 14.96 31.49 81.24
C ALA D 36 14.56 32.69 80.39
N GLN D 37 14.04 33.74 81.02
CA GLN D 37 13.53 34.88 80.27
C GLN D 37 14.64 35.67 79.58
N GLU D 38 15.89 35.54 80.03
CA GLU D 38 16.98 36.27 79.42
C GLU D 38 17.35 35.71 78.05
N LEU D 39 17.01 34.47 77.76
CA LEU D 39 17.24 33.85 76.46
C LEU D 39 15.89 33.36 75.93
N HIS D 40 15.14 34.27 75.33
CA HIS D 40 13.79 33.98 74.88
C HIS D 40 13.36 35.09 73.93
N ARG D 41 12.99 34.72 72.72
CA ARG D 41 12.60 35.69 71.70
C ARG D 41 11.08 35.71 71.52
N ILE D 42 10.53 36.91 71.40
CA ILE D 42 9.12 37.09 71.08
C ILE D 42 9.00 37.44 69.61
N LYS D 43 8.27 36.63 68.86
CA LYS D 43 8.06 36.90 67.44
C LYS D 43 7.24 38.17 67.26
N SER D 44 7.54 38.92 66.21
CA SER D 44 6.91 40.20 65.94
C SER D 44 5.77 40.10 64.94
N GLN D 45 5.17 38.93 64.81
CA GLN D 45 4.05 38.71 63.90
C GLN D 45 2.90 38.08 64.69
N SER D 46 1.73 38.71 64.62
CA SER D 46 0.55 38.24 65.31
C SER D 46 -0.49 37.74 64.32
N TYR D 47 -1.26 36.74 64.75
CA TYR D 47 -2.28 36.12 63.92
C TYR D 47 -3.66 36.39 64.53
N GLU D 48 -4.63 36.71 63.68
CA GLU D 48 -5.96 37.09 64.11
C GLU D 48 -7.01 36.26 63.37
N GLU D 49 -8.04 35.85 64.11
CA GLU D 49 -9.15 35.11 63.51
C GLU D 49 -9.92 36.00 62.53
N ASP D 50 -10.54 35.36 61.55
CA ASP D 50 -11.29 36.06 60.52
C ASP D 50 -12.79 35.81 60.67
N TYR D 51 -13.56 36.88 60.53
CA TYR D 51 -15.03 36.80 60.53
C TYR D 51 -15.56 37.66 59.38
N PRO D 52 -15.67 37.10 58.18
CA PRO D 52 -16.22 37.88 57.06
C PRO D 52 -17.68 38.20 57.27
N VAL D 53 -18.10 39.36 56.76
CA VAL D 53 -19.46 39.84 57.02
C VAL D 53 -20.46 39.10 56.15
N GLY D 54 -20.34 39.23 54.84
CA GLY D 54 -21.28 38.63 53.92
C GLY D 54 -21.36 39.44 52.64
N SER D 55 -22.45 39.24 51.91
CA SER D 55 -22.60 39.85 50.59
C SER D 55 -24.03 40.32 50.33
N ALA D 56 -24.79 40.60 51.39
CA ALA D 56 -26.17 41.05 51.20
C ALA D 56 -26.22 42.42 50.54
N LEU D 57 -25.19 43.25 50.75
CA LEU D 57 -25.16 44.60 50.21
C LEU D 57 -24.48 44.70 48.85
N ARG D 58 -23.95 43.59 48.32
CA ARG D 58 -23.31 43.64 47.01
C ARG D 58 -24.15 42.96 45.93
N VAL D 59 -25.01 42.00 46.31
CA VAL D 59 -25.86 41.31 45.34
C VAL D 59 -27.26 41.88 45.27
N PHE D 60 -27.57 42.91 46.06
CA PHE D 60 -28.88 43.55 46.02
C PHE D 60 -28.71 45.06 45.91
N PRO D 61 -29.67 45.74 45.29
CA PRO D 61 -29.57 47.20 45.19
C PRO D 61 -29.78 47.88 46.52
N VAL D 62 -29.16 49.04 46.71
CA VAL D 62 -29.33 49.78 47.96
C VAL D 62 -29.72 51.21 47.67
N THR D 63 -30.68 51.76 48.41
CA THR D 63 -31.14 53.12 48.15
C THR D 63 -31.22 53.96 49.41
N THR D 64 -31.33 55.27 49.25
CA THR D 64 -31.41 56.17 50.41
C THR D 64 -32.57 57.15 50.29
N GLU D 65 -33.56 56.81 49.49
CA GLU D 65 -34.73 57.67 49.32
C GLU D 65 -35.62 57.67 50.56
N LEU D 66 -34.99 57.55 51.74
CA LEU D 66 -35.75 57.49 52.98
C LEU D 66 -35.05 58.39 54.00
N SER D 67 -35.84 58.91 54.96
CA SER D 67 -35.34 59.85 55.94
C SER D 67 -35.13 59.17 57.29
N PRO D 68 -34.17 59.63 58.09
CA PRO D 68 -33.91 59.00 59.39
C PRO D 68 -35.08 59.06 60.36
N THR D 69 -36.05 59.96 60.16
CA THR D 69 -37.17 60.12 61.07
C THR D 69 -38.47 59.57 60.51
N ASP D 70 -38.40 58.70 59.52
CA ASP D 70 -39.59 58.06 58.94
C ASP D 70 -39.84 56.73 59.61
N LYS D 71 -41.11 56.39 59.79
CA LYS D 71 -41.51 55.10 60.33
C LYS D 71 -42.13 54.17 59.30
N THR D 72 -42.79 54.70 58.28
CA THR D 72 -43.44 53.90 57.26
C THR D 72 -43.23 54.55 55.89
N PHE D 73 -43.63 53.81 54.86
CA PHE D 73 -43.66 54.31 53.49
C PHE D 73 -44.69 53.52 52.71
N GLU D 74 -45.14 54.08 51.59
CA GLU D 74 -46.13 53.38 50.78
C GLU D 74 -45.94 53.72 49.31
N TYR D 75 -46.42 52.80 48.47
CA TYR D 75 -46.38 52.95 47.02
C TYR D 75 -47.72 52.53 46.42
N MET D 76 -48.03 53.12 45.26
CA MET D 76 -49.37 53.02 44.67
C MET D 76 -49.33 52.34 43.31
N THR D 77 -50.48 51.82 42.90
CA THR D 77 -50.66 51.10 41.65
C THR D 77 -52.03 51.43 41.07
N PHE D 78 -52.16 51.32 39.74
CA PHE D 78 -53.37 51.73 39.03
C PHE D 78 -53.80 50.64 38.04
N ASP D 79 -55.05 50.76 37.58
CA ASP D 79 -55.68 49.76 36.72
C ASP D 79 -56.83 50.43 35.98
N LYS D 80 -57.32 49.75 34.93
CA LYS D 80 -58.36 50.30 34.09
C LYS D 80 -59.25 49.17 33.56
N VAL D 81 -60.46 49.55 33.12
CA VAL D 81 -61.40 48.63 32.48
C VAL D 81 -62.08 49.34 31.32
N GLY D 82 -62.53 48.57 30.35
CA GLY D 82 -63.24 49.11 29.20
C GLY D 82 -63.43 48.04 28.13
N THR D 83 -64.16 48.43 27.08
CA THR D 83 -64.48 47.52 25.99
C THR D 83 -64.91 48.36 24.77
N ALA D 84 -65.18 47.66 23.66
CA ALA D 84 -65.61 48.28 22.42
C ALA D 84 -66.53 47.33 21.67
N GLN D 85 -67.27 47.87 20.71
CA GLN D 85 -68.25 47.09 19.97
C GLN D 85 -68.29 47.53 18.51
N ILE D 86 -68.99 46.73 17.70
CA ILE D 86 -69.25 47.05 16.29
C ILE D 86 -70.62 47.70 16.20
N ILE D 87 -70.68 48.87 15.56
CA ILE D 87 -71.86 49.73 15.61
C ILE D 87 -72.33 50.02 14.19
N ALA D 88 -73.53 50.60 14.12
CA ALA D 88 -74.08 51.15 12.88
C ALA D 88 -73.79 52.66 12.84
N ASP D 89 -74.39 53.37 11.88
CA ASP D 89 -74.11 54.79 11.75
C ASP D 89 -75.03 55.66 12.59
N TYR D 90 -76.30 55.30 12.72
CA TYR D 90 -77.25 56.03 13.54
C TYR D 90 -77.35 55.44 14.94
N THR D 91 -76.23 55.32 15.64
CA THR D 91 -76.19 54.65 16.94
C THR D 91 -75.88 55.66 18.05
N ASP D 92 -76.50 55.45 19.21
CA ASP D 92 -76.21 56.27 20.38
C ASP D 92 -76.18 55.43 21.66
N ASP D 93 -75.55 54.24 21.61
CA ASP D 93 -75.46 53.36 22.78
C ASP D 93 -74.04 52.79 22.90
N LEU D 94 -73.05 53.66 22.79
CA LEU D 94 -71.64 53.27 22.87
C LEU D 94 -71.27 52.91 24.31
N PRO D 95 -70.43 51.91 24.52
CA PRO D 95 -70.06 51.50 25.88
C PRO D 95 -69.06 52.48 26.50
N LEU D 96 -68.70 52.18 27.76
CA LEU D 96 -67.93 53.09 28.60
C LEU D 96 -66.70 52.40 29.17
N VAL D 97 -65.86 53.20 29.84
CA VAL D 97 -64.60 52.75 30.44
C VAL D 97 -64.47 53.35 31.84
N ASP D 98 -63.46 52.91 32.58
CA ASP D 98 -63.25 53.41 33.95
C ASP D 98 -61.85 53.02 34.41
N ALA D 99 -61.48 53.48 35.62
CA ALA D 99 -60.15 53.28 36.16
C ALA D 99 -60.21 53.18 37.69
N LEU D 100 -59.12 52.69 38.29
CA LEU D 100 -59.05 52.51 39.74
C LEU D 100 -57.58 52.37 40.17
N GLY D 101 -57.37 52.25 41.49
CA GLY D 101 -56.04 52.16 42.06
C GLY D 101 -56.03 51.59 43.46
N THR D 102 -54.81 51.43 44.01
CA THR D 102 -54.58 50.85 45.34
C THR D 102 -53.15 51.17 45.77
N SER D 103 -52.77 50.69 46.96
CA SER D 103 -51.46 51.01 47.52
C SER D 103 -51.04 49.97 48.57
N GLU D 104 -49.75 49.99 48.91
CA GLU D 104 -49.14 49.06 49.86
C GLU D 104 -48.07 49.77 50.68
N PHE D 105 -47.71 49.17 51.83
CA PHE D 105 -46.94 49.87 52.88
C PHE D 105 -45.61 49.19 53.27
N GLY D 106 -44.94 49.72 54.29
CA GLY D 106 -43.66 49.22 54.75
C GLY D 106 -43.35 49.66 56.16
N LYS D 107 -42.12 49.35 56.62
CA LYS D 107 -41.73 49.61 58.00
C LYS D 107 -40.21 49.72 58.13
N VAL D 108 -39.76 50.24 59.28
CA VAL D 108 -38.34 50.47 59.59
C VAL D 108 -38.06 50.05 61.03
N PHE D 109 -36.82 49.63 61.30
CA PHE D 109 -36.40 49.10 62.59
C PHE D 109 -35.07 49.71 63.05
N ARG D 110 -34.75 49.47 64.33
CA ARG D 110 -33.55 49.99 64.96
C ARG D 110 -32.80 48.86 65.68
N LEU D 111 -31.47 49.00 65.76
CA LEU D 111 -30.58 48.00 66.31
C LEU D 111 -29.61 48.65 67.29
N GLY D 112 -29.10 47.88 68.25
CA GLY D 112 -28.14 48.43 69.19
C GLY D 112 -27.46 47.37 70.04
N ASN D 113 -26.32 47.77 70.61
CA ASN D 113 -25.58 46.97 71.58
C ASN D 113 -24.72 47.92 72.42
N ALA D 114 -23.76 47.36 73.16
CA ALA D 114 -22.92 48.17 74.03
C ALA D 114 -21.68 47.36 74.43
N TYR D 115 -20.78 48.02 75.17
CA TYR D 115 -19.64 47.33 75.75
C TYR D 115 -19.18 48.05 77.02
N LEU D 116 -18.46 47.32 77.86
CA LEU D 116 -17.95 47.81 79.14
C LEU D 116 -16.43 47.82 79.12
N ILE D 117 -15.83 48.74 79.88
CA ILE D 117 -14.39 48.77 80.10
C ILE D 117 -14.12 49.38 81.47
N SER D 118 -12.92 49.12 81.98
CA SER D 118 -12.49 49.59 83.29
C SER D 118 -11.39 50.63 83.13
N ILE D 119 -11.06 51.30 84.24
CA ILE D 119 -9.97 52.27 84.24
C ILE D 119 -8.61 51.58 84.18
N ASP D 120 -8.44 50.51 84.95
CA ASP D 120 -7.17 49.78 84.95
C ASP D 120 -6.85 49.24 83.57
N GLU D 121 -7.86 48.73 82.86
CA GLU D 121 -7.64 48.23 81.50
C GLU D 121 -7.26 49.37 80.55
N ILE D 122 -7.87 50.54 80.72
CA ILE D 122 -7.54 51.68 79.88
C ILE D 122 -6.08 52.09 80.10
N LYS D 123 -5.63 52.12 81.36
CA LYS D 123 -4.24 52.48 81.62
C LYS D 123 -3.28 51.40 81.15
N ALA D 124 -3.68 50.13 81.26
CA ALA D 124 -2.80 49.04 80.85
C ALA D 124 -2.65 48.98 79.34
N GLY D 125 -3.68 49.39 78.60
CA GLY D 125 -3.60 49.39 77.15
C GLY D 125 -2.61 50.39 76.59
N GLN D 126 -2.34 51.48 77.30
CA GLN D 126 -1.36 52.46 76.86
C GLN D 126 0.06 52.09 77.25
N ALA D 127 0.25 51.04 78.04
CA ALA D 127 1.56 50.61 78.48
C ALA D 127 1.98 49.30 77.81
N THR D 128 1.10 48.30 77.79
CA THR D 128 1.44 47.04 77.13
C THR D 128 1.59 47.22 75.63
N GLY D 129 0.91 48.21 75.06
CA GLY D 129 0.95 48.50 73.64
C GLY D 129 -0.28 48.04 72.89
N ARG D 130 -1.10 47.19 73.50
CA ARG D 130 -2.32 46.72 72.87
C ARG D 130 -3.52 47.30 73.60
N PRO D 131 -4.15 48.35 73.09
CA PRO D 131 -5.38 48.84 73.71
C PRO D 131 -6.51 47.83 73.60
N LEU D 132 -7.42 47.88 74.56
CA LEU D 132 -8.54 46.95 74.63
C LEU D 132 -9.85 47.52 74.12
N SER D 133 -10.00 48.85 74.08
CA SER D 133 -11.27 49.45 73.67
C SER D 133 -11.49 49.32 72.16
N THR D 134 -10.41 49.44 71.38
CA THR D 134 -10.54 49.37 69.92
C THR D 134 -11.08 48.03 69.46
N ARG D 135 -10.60 46.94 70.07
CA ARG D 135 -11.08 45.62 69.71
C ARG D 135 -12.58 45.48 69.99
N LYS D 136 -13.03 46.02 71.13
CA LYS D 136 -14.45 45.93 71.46
C LYS D 136 -15.30 46.79 70.53
N ALA D 137 -14.80 47.96 70.14
CA ALA D 137 -15.52 48.77 69.16
C ALA D 137 -15.64 48.06 67.82
N SER D 138 -14.56 47.42 67.38
CA SER D 138 -14.62 46.64 66.14
C SER D 138 -15.60 45.49 66.27
N ALA D 139 -15.64 44.84 67.43
CA ALA D 139 -16.60 43.76 67.65
C ALA D 139 -18.02 44.28 67.56
N CYS D 140 -18.29 45.47 68.11
CA CYS D 140 -19.63 46.05 68.03
C CYS D 140 -20.02 46.33 66.58
N GLN D 141 -19.10 46.90 65.81
CA GLN D 141 -19.39 47.19 64.41
C GLN D 141 -19.64 45.91 63.61
N LEU D 142 -18.82 44.88 63.85
CA LEU D 142 -19.02 43.61 63.16
C LEU D 142 -20.36 42.99 63.54
N ALA D 143 -20.75 43.10 64.81
CA ALA D 143 -22.04 42.57 65.23
C ALA D 143 -23.18 43.27 64.50
N HIS D 144 -23.10 44.60 64.37
CA HIS D 144 -24.14 45.33 63.65
C HIS D 144 -24.23 44.87 62.19
N ASP D 145 -23.08 44.76 61.52
CA ASP D 145 -23.08 44.35 60.12
C ASP D 145 -23.63 42.94 59.95
N GLN D 146 -23.22 42.02 60.82
CA GLN D 146 -23.69 40.64 60.70
C GLN D 146 -25.17 40.52 61.01
N LEU D 147 -25.68 41.34 61.94
CA LEU D 147 -27.12 41.34 62.18
C LEU D 147 -27.90 41.85 60.98
N VAL D 148 -27.38 42.88 60.31
CA VAL D 148 -28.05 43.36 59.09
C VAL D 148 -28.07 42.27 58.03
N ASN D 149 -26.93 41.60 57.83
CA ASN D 149 -26.87 40.51 56.85
C ASN D 149 -27.84 39.40 57.21
N ARG D 150 -27.91 39.03 58.49
CA ARG D 150 -28.83 37.97 58.92
C ARG D 150 -30.28 38.36 58.67
N LEU D 151 -30.64 39.62 58.93
CA LEU D 151 -32.00 40.06 58.68
C LEU D 151 -32.34 40.01 57.20
N VAL D 152 -31.38 40.35 56.34
CA VAL D 152 -31.65 40.36 54.90
C VAL D 152 -31.99 38.96 54.39
N PHE D 153 -31.21 37.95 54.81
CA PHE D 153 -31.34 36.61 54.25
C PHE D 153 -32.27 35.70 55.04
N LYS D 154 -32.10 35.58 56.35
CA LYS D 154 -32.93 34.67 57.13
C LYS D 154 -34.17 35.33 57.72
N GLY D 155 -34.15 36.66 57.91
CA GLY D 155 -35.31 37.36 58.40
C GLY D 155 -35.64 37.08 59.85
N SER D 156 -36.74 37.65 60.34
CA SER D 156 -37.22 37.42 61.68
C SER D 156 -38.71 37.09 61.62
N ALA D 157 -39.09 35.97 62.25
CA ALA D 157 -40.48 35.52 62.22
C ALA D 157 -41.37 36.34 63.14
N PRO D 158 -41.06 36.48 64.44
CA PRO D 158 -41.94 37.28 65.31
C PRO D 158 -42.04 38.74 64.90
N HIS D 159 -41.01 39.29 64.26
CA HIS D 159 -41.01 40.69 63.85
C HIS D 159 -41.73 40.91 62.53
N LYS D 160 -42.23 39.85 61.89
CA LYS D 160 -42.91 39.94 60.60
C LYS D 160 -42.01 40.58 59.55
N ILE D 161 -40.75 40.14 59.53
CA ILE D 161 -39.78 40.54 58.51
C ILE D 161 -39.61 39.33 57.60
N VAL D 162 -40.25 39.38 56.43
CA VAL D 162 -40.19 38.28 55.48
C VAL D 162 -38.84 38.29 54.78
N SER D 163 -38.26 37.10 54.61
CA SER D 163 -36.96 36.96 53.99
C SER D 163 -37.11 36.65 52.50
N VAL D 164 -35.98 36.47 51.83
CA VAL D 164 -36.01 36.11 50.41
C VAL D 164 -36.37 34.64 50.23
N PHE D 165 -36.27 33.83 51.27
CA PHE D 165 -36.58 32.41 51.18
C PHE D 165 -37.99 32.06 51.68
N ASN D 166 -38.63 32.96 52.42
CA ASN D 166 -39.92 32.67 53.03
C ASN D 166 -41.07 33.49 52.46
N HIS D 167 -40.82 34.33 51.47
CA HIS D 167 -41.88 35.16 50.92
C HIS D 167 -42.90 34.29 50.20
N PRO D 168 -44.19 34.39 50.54
CA PRO D 168 -45.18 33.48 49.94
C PRO D 168 -45.59 33.84 48.52
N ASN D 169 -45.04 34.91 47.93
CA ASN D 169 -45.43 35.34 46.60
C ASN D 169 -44.33 35.13 45.56
N ILE D 170 -43.16 34.66 45.95
CA ILE D 170 -42.08 34.38 45.01
C ILE D 170 -42.27 32.97 44.48
N THR D 171 -41.66 32.70 43.32
CA THR D 171 -41.82 31.40 42.68
C THR D 171 -40.89 30.40 43.35
N LYS D 172 -41.43 29.22 43.68
CA LYS D 172 -40.67 28.17 44.35
C LYS D 172 -40.75 26.89 43.55
N ILE D 173 -39.62 26.26 43.31
CA ILE D 173 -39.53 25.01 42.55
C ILE D 173 -38.84 23.96 43.41
N THR D 174 -39.54 22.87 43.69
CA THR D 174 -38.92 21.70 44.29
C THR D 174 -38.17 20.94 43.21
N SER D 175 -37.12 20.22 43.62
CA SER D 175 -36.25 19.59 42.64
C SER D 175 -35.61 18.34 43.23
N GLY D 176 -35.27 17.41 42.34
CA GLY D 176 -34.41 16.31 42.72
C GLY D 176 -32.99 16.78 42.97
N LYS D 177 -32.27 16.02 43.79
CA LYS D 177 -30.94 16.41 44.20
C LYS D 177 -30.00 16.52 43.00
N TRP D 178 -29.27 17.62 42.92
CA TRP D 178 -28.20 17.72 41.93
C TRP D 178 -27.05 16.79 42.24
N ILE D 179 -26.85 16.45 43.51
CA ILE D 179 -25.85 15.48 43.94
C ILE D 179 -26.53 14.51 44.90
N ASP D 180 -26.94 13.35 44.39
CA ASP D 180 -27.68 12.38 45.16
C ASP D 180 -26.75 11.25 45.59
N ALA D 181 -26.30 11.29 46.85
CA ALA D 181 -25.41 10.28 47.42
C ALA D 181 -24.14 10.12 46.59
N SER D 182 -23.39 11.22 46.49
CA SER D 182 -22.12 11.29 45.78
C SER D 182 -22.25 10.98 44.29
N THR D 183 -23.45 11.07 43.73
CA THR D 183 -23.68 10.87 42.31
C THR D 183 -24.03 12.23 41.70
N MET D 184 -23.05 12.89 41.12
CA MET D 184 -23.27 14.21 40.52
C MET D 184 -24.08 14.05 39.23
N LYS D 185 -25.11 14.88 39.08
CA LYS D 185 -26.07 14.79 37.98
C LYS D 185 -26.16 16.16 37.30
N PRO D 186 -25.23 16.48 36.40
CA PRO D 186 -25.25 17.79 35.74
C PRO D 186 -26.41 17.97 34.77
N GLU D 187 -27.04 16.88 34.31
CA GLU D 187 -28.13 17.00 33.35
C GLU D 187 -29.36 17.62 33.99
N THR D 188 -29.66 17.25 35.24
CA THR D 188 -30.83 17.80 35.92
C THR D 188 -30.62 19.28 36.26
N ALA D 189 -29.40 19.64 36.63
CA ALA D 189 -29.09 21.04 36.91
C ALA D 189 -29.26 21.91 35.67
N GLU D 190 -28.82 21.40 34.52
CA GLU D 190 -28.96 22.13 33.26
C GLU D 190 -30.41 22.31 32.84
N ALA D 191 -31.32 21.46 33.32
CA ALA D 191 -32.73 21.57 33.00
C ALA D 191 -33.52 22.39 34.01
N GLU D 192 -33.05 22.46 35.26
CA GLU D 192 -33.76 23.24 36.27
C GLU D 192 -33.52 24.74 36.18
N LEU D 193 -32.43 25.18 35.54
CA LEU D 193 -32.15 26.61 35.43
C LEU D 193 -32.94 27.26 34.31
N THR D 194 -33.01 26.60 33.15
CA THR D 194 -33.77 27.12 32.03
C THR D 194 -35.25 27.21 32.37
N GLN D 195 -35.75 26.28 33.19
CA GLN D 195 -37.14 26.33 33.62
C GLN D 195 -37.41 27.60 34.41
N ALA D 196 -36.52 27.95 35.33
CA ALA D 196 -36.70 29.18 36.11
C ALA D 196 -36.60 30.42 35.22
N ILE D 197 -35.63 30.42 34.31
CA ILE D 197 -35.46 31.57 33.41
C ILE D 197 -36.71 31.76 32.55
N GLU D 198 -37.32 30.66 32.12
CA GLU D 198 -38.55 30.76 31.34
C GLU D 198 -39.73 31.17 32.22
N THR D 199 -39.75 30.72 33.47
CA THR D 199 -40.85 31.08 34.37
C THR D 199 -40.88 32.59 34.63
N ILE D 200 -39.70 33.19 34.83
CA ILE D 200 -39.65 34.63 35.05
C ILE D 200 -40.23 35.38 33.87
N GLU D 201 -39.89 34.95 32.65
CA GLU D 201 -40.44 35.59 31.45
C GLU D 201 -41.94 35.36 31.33
N THR D 202 -42.41 34.16 31.69
CA THR D 202 -43.81 33.81 31.46
C THR D 202 -44.74 34.52 32.43
N ILE D 203 -44.40 34.54 33.72
CA ILE D 203 -45.36 35.03 34.70
C ILE D 203 -45.43 36.56 34.73
N THR D 204 -44.44 37.25 34.19
CA THR D 204 -44.47 38.71 34.13
C THR D 204 -44.93 39.23 32.77
N ARG D 205 -45.25 38.33 31.83
CA ARG D 205 -45.67 38.69 30.48
C ARG D 205 -44.67 39.67 29.84
N GLY D 206 -43.40 39.30 29.89
CA GLY D 206 -42.35 40.16 29.41
C GLY D 206 -42.03 41.26 30.40
N GLN D 207 -41.28 42.25 29.91
CA GLN D 207 -40.91 43.45 30.66
C GLN D 207 -39.92 43.13 31.79
N HIS D 208 -39.61 41.85 31.99
CA HIS D 208 -38.68 41.46 33.04
C HIS D 208 -37.97 40.18 32.61
N ARG D 209 -36.66 40.25 32.44
CA ARG D 209 -35.85 39.11 32.06
C ARG D 209 -34.84 38.80 33.16
N ALA D 210 -34.56 37.51 33.34
CA ALA D 210 -33.61 37.08 34.36
C ALA D 210 -32.21 37.61 34.05
N THR D 211 -31.51 38.02 35.09
CA THR D 211 -30.17 38.58 34.92
C THR D 211 -29.12 37.91 35.79
N ASN D 212 -29.48 37.51 37.01
CA ASN D 212 -28.49 37.00 37.96
C ASN D 212 -28.93 35.66 38.53
N ILE D 213 -27.94 34.81 38.76
CA ILE D 213 -28.10 33.51 39.38
C ILE D 213 -27.11 33.38 40.53
N LEU D 214 -27.57 32.86 41.67
CA LEU D 214 -26.73 32.63 42.83
C LEU D 214 -26.87 31.17 43.25
N ILE D 215 -25.73 30.50 43.40
CA ILE D 215 -25.66 29.07 43.71
C ILE D 215 -24.72 28.85 44.88
N PRO D 216 -24.89 27.77 45.65
CA PRO D 216 -23.96 27.48 46.75
C PRO D 216 -22.56 27.22 46.25
N PRO D 217 -21.53 27.58 47.02
CA PRO D 217 -20.15 27.40 46.55
C PRO D 217 -19.71 25.95 46.42
N SER D 218 -20.41 25.01 47.06
CA SER D 218 -20.01 23.60 47.03
C SER D 218 -20.49 22.88 45.79
N MET D 219 -21.24 23.54 44.92
CA MET D 219 -21.83 22.89 43.75
C MET D 219 -21.23 23.37 42.44
N ARG D 220 -20.10 24.09 42.48
CA ARG D 220 -19.43 24.49 41.24
C ARG D 220 -18.78 23.32 40.53
N LYS D 221 -18.61 22.19 41.21
CA LYS D 221 -18.02 21.03 40.56
C LYS D 221 -19.00 20.37 39.60
N VAL D 222 -20.31 20.51 39.86
CA VAL D 222 -21.32 19.95 38.97
C VAL D 222 -21.29 20.64 37.61
N LEU D 223 -21.09 21.96 37.60
CA LEU D 223 -21.08 22.72 36.36
C LEU D 223 -19.72 22.72 35.67
N ALA D 224 -18.71 22.08 36.25
CA ALA D 224 -17.39 21.98 35.64
C ALA D 224 -17.15 20.64 34.98
N ILE D 225 -18.12 19.73 35.03
CA ILE D 225 -17.96 18.42 34.41
C ILE D 225 -17.94 18.57 32.89
N ARG D 226 -17.01 17.87 32.24
CA ARG D 226 -16.95 17.89 30.79
C ARG D 226 -18.00 16.95 30.22
N MET D 227 -18.80 17.45 29.27
CA MET D 227 -19.86 16.65 28.70
C MET D 227 -19.29 15.46 27.92
N PRO D 228 -19.96 14.32 27.95
CA PRO D 228 -19.39 13.12 27.31
C PRO D 228 -19.19 13.32 25.81
N GLU D 229 -18.08 12.76 25.31
CA GLU D 229 -17.72 12.79 23.89
C GLU D 229 -17.57 14.21 23.35
N THR D 230 -17.20 15.17 24.21
CA THR D 230 -17.02 16.55 23.79
C THR D 230 -15.78 17.11 24.48
N THR D 231 -15.45 18.36 24.15
CA THR D 231 -14.29 19.05 24.72
C THR D 231 -14.70 20.33 25.45
N MET D 232 -15.97 20.43 25.83
CA MET D 232 -16.46 21.59 26.57
C MET D 232 -17.35 21.11 27.71
N SER D 233 -17.47 21.95 28.73
CA SER D 233 -18.22 21.63 29.93
C SER D 233 -19.64 22.19 29.85
N TYR D 234 -20.46 21.81 30.83
CA TYR D 234 -21.85 22.26 30.87
C TYR D 234 -21.96 23.77 31.04
N LEU D 235 -21.04 24.37 31.80
CA LEU D 235 -21.10 25.81 32.03
C LEU D 235 -20.92 26.59 30.73
N ASP D 236 -19.99 26.15 29.88
CA ASP D 236 -19.77 26.84 28.61
C ASP D 236 -20.99 26.73 27.71
N TYR D 237 -21.62 25.56 27.65
CA TYR D 237 -22.83 25.41 26.84
C TYR D 237 -23.96 26.29 27.37
N PHE D 238 -24.13 26.33 28.70
CA PHE D 238 -25.16 27.18 29.29
C PHE D 238 -24.92 28.64 28.97
N LYS D 239 -23.66 29.10 29.08
CA LYS D 239 -23.36 30.49 28.78
C LYS D 239 -23.57 30.80 27.30
N SER D 240 -23.24 29.84 26.43
CA SER D 240 -23.46 30.05 25.00
C SER D 240 -24.94 30.16 24.67
N GLN D 241 -25.78 29.34 25.31
CA GLN D 241 -27.20 29.36 25.01
C GLN D 241 -27.96 30.44 25.75
N ASN D 242 -27.42 30.97 26.85
CA ASN D 242 -28.11 31.92 27.71
C ASN D 242 -27.23 33.14 27.95
N SER D 243 -26.67 33.69 26.88
CA SER D 243 -25.75 34.82 27.01
C SER D 243 -26.46 36.03 27.62
N GLY D 244 -25.71 36.78 28.42
CA GLY D 244 -26.26 37.93 29.10
C GLY D 244 -26.66 37.71 30.54
N ILE D 245 -26.34 36.56 31.12
CA ILE D 245 -26.68 36.24 32.50
C ILE D 245 -25.40 35.90 33.25
N GLU D 246 -25.24 36.49 34.42
CA GLU D 246 -24.04 36.31 35.23
C GLU D 246 -24.31 35.31 36.35
N ILE D 247 -23.34 34.44 36.61
CA ILE D 247 -23.43 33.42 37.65
C ILE D 247 -22.42 33.74 38.73
N ASP D 248 -22.88 33.78 39.98
CA ASP D 248 -22.02 34.07 41.12
C ASP D 248 -22.28 33.06 42.21
N SER D 249 -21.36 32.99 43.17
CA SER D 249 -21.43 32.04 44.27
C SER D 249 -21.57 32.77 45.59
N ILE D 250 -22.48 32.28 46.43
CA ILE D 250 -22.81 32.91 47.71
C ILE D 250 -22.82 31.83 48.78
N ALA D 251 -22.12 32.07 49.88
CA ALA D 251 -22.00 31.08 50.95
C ALA D 251 -23.26 30.94 51.77
N GLU D 252 -24.16 31.93 51.74
CA GLU D 252 -25.39 31.87 52.53
C GLU D 252 -26.39 30.85 52.01
N LEU D 253 -26.18 30.29 50.83
CA LEU D 253 -27.14 29.41 50.20
C LEU D 253 -26.95 27.95 50.57
N GLU D 254 -25.98 27.63 51.43
CA GLU D 254 -25.78 26.26 51.88
C GLU D 254 -26.66 25.89 53.07
N ASP D 255 -27.42 26.84 53.61
CA ASP D 255 -28.32 26.58 54.72
C ASP D 255 -29.45 27.60 54.64
N ILE D 256 -30.63 27.15 54.19
CA ILE D 256 -31.77 28.04 54.01
C ILE D 256 -32.86 27.81 55.04
N ASP D 257 -32.83 26.71 55.79
CA ASP D 257 -33.81 26.45 56.82
C ASP D 257 -33.21 25.91 58.11
N GLY D 258 -31.88 25.76 58.18
CA GLY D 258 -31.24 25.19 59.35
C GLY D 258 -31.09 23.69 59.34
N ALA D 259 -31.64 23.01 58.33
CA ALA D 259 -31.59 21.55 58.23
C ALA D 259 -30.65 21.07 57.13
N GLY D 260 -29.74 21.94 56.68
CA GLY D 260 -28.79 21.57 55.65
C GLY D 260 -29.30 21.69 54.23
N THR D 261 -30.53 22.16 54.03
CA THR D 261 -31.05 22.30 52.69
C THR D 261 -30.33 23.41 51.92
N LYS D 262 -30.13 23.19 50.63
CA LYS D 262 -29.47 24.14 49.76
C LYS D 262 -30.47 24.66 48.73
N GLY D 263 -30.16 25.82 48.16
CA GLY D 263 -31.05 26.45 47.22
C GLY D 263 -30.32 27.28 46.19
N VAL D 264 -31.03 27.56 45.09
CA VAL D 264 -30.52 28.37 43.99
C VAL D 264 -31.47 29.52 43.76
N LEU D 265 -30.94 30.73 43.59
CA LEU D 265 -31.74 31.93 43.41
C LEU D 265 -31.57 32.47 42.00
N VAL D 266 -32.67 32.69 41.30
CA VAL D 266 -32.67 33.33 39.99
C VAL D 266 -33.50 34.60 40.10
N TYR D 267 -32.93 35.73 39.70
CA TYR D 267 -33.63 36.99 39.87
C TYR D 267 -33.10 38.01 38.87
N GLU D 268 -33.75 39.18 38.86
CA GLU D 268 -33.34 40.32 38.05
C GLU D 268 -32.94 41.45 38.99
N LYS D 269 -31.76 42.02 38.78
CA LYS D 269 -31.25 43.10 39.62
C LYS D 269 -31.77 44.43 39.09
N ASN D 270 -32.56 45.12 39.90
CA ASN D 270 -33.17 46.39 39.52
C ASN D 270 -33.67 47.09 40.78
N PRO D 271 -33.38 48.38 40.96
CA PRO D 271 -33.90 49.09 42.13
C PRO D 271 -35.42 49.12 42.22
N MET D 272 -36.12 48.96 41.10
CA MET D 272 -37.58 48.99 41.11
C MET D 272 -38.20 47.66 41.51
N ASN D 273 -37.44 46.60 41.68
CA ASN D 273 -38.03 45.32 42.03
C ASN D 273 -37.78 44.99 43.47
N MET D 274 -36.65 45.41 44.00
CA MET D 274 -36.29 45.10 45.37
C MET D 274 -35.35 46.18 45.83
N SER D 275 -35.23 46.35 47.14
CA SER D 275 -34.25 47.31 47.64
C SER D 275 -33.92 47.19 49.11
N ILE D 276 -32.87 47.86 49.53
CA ILE D 276 -32.41 47.87 50.92
C ILE D 276 -32.10 49.30 51.32
N GLU D 277 -32.57 49.69 52.51
CA GLU D 277 -32.38 51.04 53.02
C GLU D 277 -31.61 51.00 54.34
N ILE D 278 -30.68 51.94 54.50
CA ILE D 278 -29.96 52.11 55.75
C ILE D 278 -30.08 53.58 56.16
N PRO D 279 -31.20 53.98 56.76
CA PRO D 279 -31.39 55.41 57.07
C PRO D 279 -30.36 56.01 58.00
N GLU D 280 -29.87 55.26 58.99
CA GLU D 280 -28.93 55.78 59.96
C GLU D 280 -27.74 54.84 60.07
N ALA D 281 -26.54 55.39 59.99
CA ALA D 281 -25.31 54.60 60.03
C ALA D 281 -24.92 54.29 61.47
N PHE D 282 -23.93 53.41 61.62
CA PHE D 282 -23.43 53.03 62.93
C PHE D 282 -22.77 54.23 63.61
N ASN D 283 -23.01 54.37 64.90
CA ASN D 283 -22.42 55.47 65.66
C ASN D 283 -22.31 55.09 67.12
N MET D 284 -21.47 55.83 67.85
CA MET D 284 -21.24 55.62 69.26
C MET D 284 -21.77 56.80 70.06
N LEU D 285 -22.16 56.53 71.30
CA LEU D 285 -22.62 57.53 72.24
C LEU D 285 -21.55 57.81 73.27
N PRO D 286 -21.56 59.01 73.89
CA PRO D 286 -20.56 59.32 74.91
C PRO D 286 -20.64 58.34 76.07
N ALA D 287 -19.47 58.05 76.65
CA ALA D 287 -19.38 57.09 77.73
C ALA D 287 -20.14 57.58 78.96
N GLN D 288 -20.74 56.64 79.69
CA GLN D 288 -21.54 56.93 80.87
C GLN D 288 -20.80 56.43 82.10
N PRO D 289 -20.17 57.31 82.88
CA PRO D 289 -19.31 56.85 83.97
C PRO D 289 -20.08 56.15 85.08
N LYS D 290 -19.42 55.19 85.71
CA LYS D 290 -19.90 54.58 86.94
C LYS D 290 -18.81 54.66 87.98
N ASP D 291 -18.94 53.89 89.07
CA ASP D 291 -17.99 53.94 90.19
C ASP D 291 -16.54 54.00 89.70
N LEU D 292 -16.09 52.96 88.99
CA LEU D 292 -14.72 52.97 88.48
C LEU D 292 -14.61 52.43 87.06
N HIS D 293 -15.73 52.24 86.35
CA HIS D 293 -15.70 51.73 84.98
C HIS D 293 -16.62 52.58 84.13
N PHE D 294 -16.75 52.21 82.86
CA PHE D 294 -17.54 52.95 81.89
C PHE D 294 -18.52 52.02 81.18
N LYS D 295 -19.30 52.61 80.27
CA LYS D 295 -20.26 51.87 79.47
C LYS D 295 -20.53 52.66 78.20
N VAL D 296 -20.28 52.03 77.05
CA VAL D 296 -20.43 52.72 75.77
C VAL D 296 -21.45 52.00 74.91
N PRO D 297 -22.57 52.63 74.58
CA PRO D 297 -23.56 52.01 73.69
C PRO D 297 -23.38 52.40 72.23
N CYS D 298 -24.02 51.62 71.36
CA CYS D 298 -23.97 51.82 69.91
C CYS D 298 -25.34 51.49 69.33
N THR D 299 -25.75 52.29 68.33
CA THR D 299 -27.06 52.16 67.73
C THR D 299 -26.97 52.34 66.22
N SER D 300 -28.02 51.89 65.53
CA SER D 300 -28.13 51.99 64.08
C SER D 300 -29.58 51.76 63.68
N LYS D 301 -29.89 52.02 62.42
CA LYS D 301 -31.24 51.81 61.89
C LYS D 301 -31.17 51.09 60.55
N CYS D 302 -32.18 50.26 60.28
CA CYS D 302 -32.22 49.49 59.04
C CYS D 302 -33.65 49.07 58.76
N THR D 303 -33.88 48.58 57.54
CA THR D 303 -35.21 48.14 57.12
C THR D 303 -35.25 46.75 56.50
N GLY D 304 -34.12 46.16 56.17
CA GLY D 304 -34.11 44.85 55.55
C GLY D 304 -34.28 44.92 54.04
N LEU D 305 -34.76 43.82 53.48
CA LEU D 305 -35.01 43.72 52.04
C LEU D 305 -36.49 43.95 51.78
N THR D 306 -36.80 44.95 50.95
CA THR D 306 -38.17 45.24 50.55
C THR D 306 -38.36 44.77 49.11
N ILE D 307 -39.37 43.94 48.90
CA ILE D 307 -39.66 43.37 47.59
C ILE D 307 -40.99 43.95 47.12
N TYR D 308 -40.93 44.88 46.16
CA TYR D 308 -42.15 45.46 45.61
C TYR D 308 -42.82 44.50 44.64
N ARG D 309 -42.06 43.97 43.68
CA ARG D 309 -42.57 43.01 42.73
C ARG D 309 -42.01 41.64 43.05
N PRO D 310 -42.80 40.73 43.63
CA PRO D 310 -42.27 39.42 44.04
C PRO D 310 -42.29 38.36 42.96
N MET D 311 -42.73 38.67 41.74
CA MET D 311 -42.80 37.72 40.65
C MET D 311 -41.50 37.67 39.83
N THR D 312 -40.47 38.35 40.28
CA THR D 312 -39.17 38.33 39.60
C THR D 312 -38.12 37.55 40.38
N ILE D 313 -38.54 36.68 41.29
CA ILE D 313 -37.63 35.87 42.11
C ILE D 313 -38.08 34.42 42.05
N VAL D 314 -37.14 33.53 41.71
CA VAL D 314 -37.39 32.10 41.66
C VAL D 314 -36.37 31.42 42.55
N LEU D 315 -36.85 30.56 43.45
CA LEU D 315 -36.01 29.81 44.36
C LEU D 315 -36.17 28.32 44.08
N ILE D 316 -35.07 27.66 43.75
CA ILE D 316 -35.03 26.22 43.56
C ILE D 316 -34.55 25.61 44.87
N THR D 317 -35.40 24.78 45.47
CA THR D 317 -35.16 24.20 46.79
C THR D 317 -34.77 22.74 46.66
N GLY D 318 -34.00 22.25 47.64
CA GLY D 318 -33.51 20.90 47.62
C GLY D 318 -32.27 20.68 46.79
N VAL D 319 -31.69 21.73 46.25
CA VAL D 319 -30.49 21.64 45.42
C VAL D 319 -29.32 21.13 46.23
N ALA E 28 68.90 -18.12 37.41
CA ALA E 28 67.69 -18.76 36.93
C ALA E 28 66.66 -17.70 36.50
N ALA E 29 67.09 -16.44 36.51
CA ALA E 29 66.21 -15.32 36.15
C ALA E 29 66.26 -15.14 34.64
N THR E 30 65.13 -15.44 33.99
CA THR E 30 64.99 -15.29 32.54
C THR E 30 63.76 -14.42 32.27
N MET E 31 63.99 -13.14 32.01
CA MET E 31 62.92 -12.18 31.79
C MET E 31 63.24 -11.35 30.56
N GLY E 32 62.28 -10.51 30.17
CA GLY E 32 62.48 -9.58 29.07
C GLY E 32 63.09 -8.27 29.56
N ILE E 33 63.44 -7.43 28.59
CA ILE E 33 64.07 -6.14 28.86
C ILE E 33 63.03 -5.06 29.15
N TRP E 34 61.75 -5.39 29.13
CA TRP E 34 60.69 -4.44 29.43
C TRP E 34 59.85 -4.97 30.58
N THR E 35 59.59 -4.11 31.56
CA THR E 35 58.75 -4.44 32.69
C THR E 35 57.30 -4.06 32.38
N ALA E 36 56.38 -4.59 33.19
CA ALA E 36 54.96 -4.37 32.93
C ALA E 36 54.59 -2.90 33.01
N GLN E 37 55.07 -2.20 34.04
CA GLN E 37 54.69 -0.81 34.25
C GLN E 37 55.12 0.09 33.10
N GLU E 38 56.14 -0.30 32.34
CA GLU E 38 56.57 0.52 31.21
C GLU E 38 55.51 0.54 30.11
N LEU E 39 54.62 -0.44 30.09
CA LEU E 39 53.59 -0.52 29.04
C LEU E 39 52.19 -0.44 29.65
N HIS E 40 51.99 0.50 30.57
CA HIS E 40 50.72 0.63 31.27
C HIS E 40 50.35 2.11 31.32
N ARG E 41 49.05 2.38 31.29
CA ARG E 41 48.54 3.74 31.22
C ARG E 41 47.41 3.93 32.22
N ILE E 42 47.35 5.14 32.78
CA ILE E 42 46.27 5.54 33.68
C ILE E 42 45.35 6.48 32.92
N LYS E 43 44.04 6.25 33.01
CA LYS E 43 43.08 6.96 32.16
C LYS E 43 42.96 8.43 32.51
N SER E 44 43.51 8.87 33.64
CA SER E 44 43.56 10.27 34.04
C SER E 44 42.19 10.92 34.21
N GLN E 45 41.15 10.11 34.44
CA GLN E 45 39.82 10.63 34.72
C GLN E 45 39.17 9.74 35.76
N SER E 46 38.93 10.30 36.95
CA SER E 46 38.40 9.54 38.07
C SER E 46 36.89 9.69 38.17
N TYR E 47 36.27 8.73 38.85
CA TYR E 47 34.83 8.72 39.09
C TYR E 47 34.57 8.85 40.58
N GLU E 48 33.59 9.68 40.92
CA GLU E 48 33.23 9.92 42.32
C GLU E 48 31.76 9.64 42.52
N GLU E 49 31.44 8.88 43.57
CA GLU E 49 30.05 8.62 43.91
C GLU E 49 29.37 9.90 44.39
N ASP E 50 28.09 10.03 44.05
CA ASP E 50 27.31 11.23 44.33
C ASP E 50 26.26 10.95 45.39
N TYR E 51 26.22 11.81 46.41
CA TYR E 51 25.23 11.73 47.48
C TYR E 51 24.42 13.02 47.52
N PRO E 52 23.28 13.09 46.84
CA PRO E 52 22.45 14.29 46.93
C PRO E 52 21.94 14.50 48.34
N VAL E 53 21.85 15.77 48.74
CA VAL E 53 21.49 16.11 50.12
C VAL E 53 20.00 15.87 50.34
N GLY E 54 19.17 16.59 49.61
CA GLY E 54 17.73 16.52 49.79
C GLY E 54 17.08 17.77 49.24
N SER E 55 15.82 17.98 49.64
CA SER E 55 15.07 19.13 49.15
C SER E 55 14.27 19.82 50.25
N ALA E 56 14.58 19.56 51.52
CA ALA E 56 13.82 20.17 52.60
C ALA E 56 13.97 21.69 52.60
N LEU E 57 15.19 22.19 52.39
CA LEU E 57 15.43 23.62 52.41
C LEU E 57 15.02 24.32 51.13
N ARG E 58 14.62 23.57 50.10
CA ARG E 58 14.22 24.15 48.83
C ARG E 58 12.70 24.26 48.67
N VAL E 59 11.93 23.44 49.36
CA VAL E 59 10.48 23.47 49.25
C VAL E 59 9.82 24.24 50.38
N PHE E 60 10.55 24.57 51.45
CA PHE E 60 10.01 25.32 52.57
C PHE E 60 10.80 26.61 52.79
N PRO E 61 10.11 27.72 53.04
CA PRO E 61 10.83 29.00 53.20
C PRO E 61 11.72 29.00 54.43
N VAL E 62 12.80 29.77 54.34
CA VAL E 62 13.80 29.88 55.41
C VAL E 62 13.84 31.32 55.88
N THR E 63 13.70 31.53 57.19
CA THR E 63 13.74 32.84 57.79
C THR E 63 14.99 32.99 58.66
N THR E 64 15.33 34.24 58.96
CA THR E 64 16.56 34.56 59.69
C THR E 64 16.29 35.46 60.88
N GLU E 65 15.10 35.36 61.48
CA GLU E 65 14.75 36.18 62.62
C GLU E 65 14.96 35.36 63.90
N LEU E 66 16.24 35.10 64.19
CA LEU E 66 16.60 34.39 65.42
C LEU E 66 18.09 34.57 65.70
N SER E 67 18.42 35.16 66.85
CA SER E 67 19.81 35.32 67.24
C SER E 67 20.40 33.97 67.60
N PRO E 68 21.72 33.79 67.41
CA PRO E 68 22.33 32.48 67.71
C PRO E 68 22.25 32.07 69.17
N THR E 69 21.97 33.00 70.08
CA THR E 69 21.97 32.72 71.51
C THR E 69 20.57 32.54 72.09
N ASP E 70 19.56 32.33 71.25
CA ASP E 70 18.22 32.07 71.75
C ASP E 70 17.99 30.57 71.92
N LYS E 71 17.08 30.23 72.83
CA LYS E 71 16.71 28.85 73.09
C LYS E 71 15.22 28.58 72.93
N THR E 72 14.38 29.62 72.88
CA THR E 72 12.94 29.46 72.82
C THR E 72 12.36 30.70 72.16
N PHE E 73 11.28 30.51 71.39
CA PHE E 73 10.54 31.61 70.78
C PHE E 73 9.06 31.44 71.08
N GLU E 74 8.27 32.46 70.74
CA GLU E 74 6.87 32.52 71.11
C GLU E 74 6.11 33.39 70.12
N TYR E 75 4.85 33.04 69.89
CA TYR E 75 3.97 33.82 69.03
C TYR E 75 2.54 33.71 69.55
N MET E 76 1.72 34.69 69.16
CA MET E 76 0.40 34.91 69.76
C MET E 76 -0.69 34.93 68.72
N THR E 77 -1.92 34.63 69.16
CA THR E 77 -3.13 34.70 68.35
C THR E 77 -4.27 35.29 69.19
N PHE E 78 -5.26 35.87 68.51
CA PHE E 78 -6.33 36.62 69.15
C PHE E 78 -7.69 36.23 68.58
N ASP E 79 -8.75 36.63 69.29
CA ASP E 79 -10.11 36.27 68.94
C ASP E 79 -11.07 37.25 69.61
N LYS E 80 -12.34 37.22 69.20
CA LYS E 80 -13.34 38.15 69.71
C LYS E 80 -14.73 37.51 69.66
N VAL E 81 -15.65 38.04 70.46
CA VAL E 81 -17.05 37.62 70.49
C VAL E 81 -17.95 38.83 70.71
N GLY E 82 -19.18 38.71 70.24
CA GLY E 82 -20.18 39.76 70.41
C GLY E 82 -21.46 39.43 69.67
N THR E 83 -22.45 40.31 69.84
CA THR E 83 -23.75 40.15 69.19
C THR E 83 -24.51 41.46 69.28
N ALA E 84 -25.68 41.50 68.63
CA ALA E 84 -26.54 42.69 68.60
C ALA E 84 -28.00 42.23 68.57
N GLN E 85 -28.91 43.18 68.75
CA GLN E 85 -30.33 42.88 68.87
C GLN E 85 -31.17 44.03 68.37
N ILE E 86 -32.48 43.81 68.30
CA ILE E 86 -33.45 44.83 67.89
C ILE E 86 -34.14 45.37 69.15
N ILE E 87 -34.05 46.68 69.35
CA ILE E 87 -34.43 47.30 70.62
C ILE E 87 -35.48 48.39 70.36
N ALA E 88 -35.91 49.02 71.44
CA ALA E 88 -36.87 50.11 71.44
C ALA E 88 -36.21 51.38 71.98
N ASP E 89 -37.01 52.43 72.15
CA ASP E 89 -36.47 53.72 72.58
C ASP E 89 -36.09 53.73 74.05
N TYR E 90 -36.91 53.11 74.90
CA TYR E 90 -36.63 53.00 76.33
C TYR E 90 -36.12 51.59 76.62
N THR E 91 -34.82 51.40 76.39
CA THR E 91 -34.18 50.11 76.57
C THR E 91 -33.05 50.23 77.58
N ASP E 92 -33.03 49.31 78.54
CA ASP E 92 -32.03 49.31 79.60
C ASP E 92 -31.07 48.13 79.52
N ASP E 93 -31.29 47.17 78.62
CA ASP E 93 -30.45 45.99 78.51
C ASP E 93 -29.94 45.88 77.08
N LEU E 94 -28.62 45.88 76.93
CA LEU E 94 -27.97 45.73 75.64
C LEU E 94 -26.89 44.66 75.72
N PRO E 95 -26.70 43.90 74.64
CA PRO E 95 -25.64 42.87 74.65
C PRO E 95 -24.25 43.47 74.65
N LEU E 96 -23.28 42.67 75.07
CA LEU E 96 -21.89 43.10 75.25
C LEU E 96 -20.96 42.28 74.36
N VAL E 97 -19.68 42.65 74.36
CA VAL E 97 -18.66 42.03 73.52
C VAL E 97 -17.43 41.74 74.39
N ASP E 98 -16.50 40.95 73.83
CA ASP E 98 -15.32 40.54 74.60
C ASP E 98 -14.21 40.15 73.61
N ALA E 99 -13.09 39.64 74.14
CA ALA E 99 -11.92 39.30 73.34
C ALA E 99 -11.10 38.24 74.06
N LEU E 100 -10.19 37.60 73.32
CA LEU E 100 -9.40 36.48 73.83
C LEU E 100 -8.05 36.45 73.13
N GLY E 101 -7.09 35.73 73.74
CA GLY E 101 -5.78 35.52 73.16
C GLY E 101 -5.09 34.29 73.71
N THR E 102 -4.04 33.87 73.02
CA THR E 102 -3.23 32.72 73.43
C THR E 102 -1.91 32.73 72.67
N SER E 103 -1.04 31.75 72.98
CA SER E 103 0.32 31.74 72.47
C SER E 103 0.84 30.31 72.33
N GLU E 104 1.97 30.17 71.60
CA GLU E 104 2.64 28.90 71.37
C GLU E 104 4.16 29.10 71.47
N PHE E 105 4.92 27.99 71.43
CA PHE E 105 6.36 28.02 71.73
C PHE E 105 7.13 27.13 70.76
N GLY E 106 8.46 27.11 70.91
CA GLY E 106 9.36 26.33 70.07
C GLY E 106 10.73 26.20 70.72
N LYS E 107 11.64 25.51 70.02
CA LYS E 107 12.96 25.20 70.56
C LYS E 107 14.02 25.20 69.46
N VAL E 108 15.29 25.08 69.89
CA VAL E 108 16.47 25.09 69.01
C VAL E 108 17.45 24.04 69.52
N PHE E 109 18.22 23.45 68.59
CA PHE E 109 19.14 22.35 68.90
C PHE E 109 20.53 22.63 68.31
N ARG E 110 21.47 21.74 68.59
CA ARG E 110 22.82 21.77 68.04
C ARG E 110 23.19 20.42 67.47
N LEU E 111 24.25 20.40 66.65
CA LEU E 111 24.74 19.17 66.04
C LEU E 111 26.20 19.37 65.64
N GLY E 112 26.93 18.26 65.52
CA GLY E 112 28.34 18.34 65.17
C GLY E 112 28.99 16.98 65.03
N ASN E 113 30.25 17.01 64.61
CA ASN E 113 31.07 15.82 64.41
C ASN E 113 32.54 16.25 64.39
N ALA E 114 33.41 15.35 63.93
CA ALA E 114 34.85 15.64 63.88
C ALA E 114 35.53 14.72 62.88
N TYR E 115 36.84 14.93 62.70
CA TYR E 115 37.65 14.04 61.87
C TYR E 115 39.10 14.08 62.35
N LEU E 116 39.88 13.09 61.88
CA LEU E 116 41.25 12.87 62.31
C LEU E 116 42.17 12.80 61.09
N ILE E 117 43.43 13.20 61.29
CA ILE E 117 44.44 13.10 60.24
C ILE E 117 45.81 13.09 60.90
N SER E 118 46.82 12.58 60.18
CA SER E 118 48.17 12.48 60.69
C SER E 118 49.11 13.30 59.82
N ILE E 119 50.40 13.27 60.14
CA ILE E 119 51.39 14.07 59.42
C ILE E 119 51.87 13.37 58.14
N ASP E 120 52.09 12.05 58.23
CA ASP E 120 52.51 11.30 57.05
C ASP E 120 51.47 11.38 55.95
N GLU E 121 50.18 11.33 56.32
CA GLU E 121 49.13 11.44 55.32
C GLU E 121 49.08 12.83 54.70
N ILE E 122 49.34 13.87 55.51
CA ILE E 122 49.39 15.22 54.96
C ILE E 122 50.51 15.35 53.95
N LYS E 123 51.69 14.83 54.28
CA LYS E 123 52.82 14.90 53.35
C LYS E 123 52.57 14.08 52.10
N ALA E 124 51.95 12.90 52.25
CA ALA E 124 51.61 12.08 51.08
C ALA E 124 50.63 12.80 50.17
N GLY E 125 49.59 13.42 50.75
CA GLY E 125 48.64 14.15 49.96
C GLY E 125 49.22 15.39 49.29
N GLN E 126 50.23 16.00 49.91
CA GLN E 126 50.92 17.11 49.27
C GLN E 126 51.84 16.64 48.14
N ALA E 127 52.41 15.45 48.27
CA ALA E 127 53.35 14.96 47.26
C ALA E 127 52.62 14.32 46.08
N THR E 128 51.72 13.38 46.37
CA THR E 128 51.06 12.64 45.30
C THR E 128 50.09 13.49 44.50
N GLY E 129 49.74 14.68 44.99
CA GLY E 129 48.84 15.56 44.29
C GLY E 129 47.37 15.39 44.63
N ARG E 130 47.02 14.35 45.39
CA ARG E 130 45.64 14.11 45.80
C ARG E 130 45.54 14.22 47.31
N PRO E 131 45.10 15.36 47.86
CA PRO E 131 45.04 15.52 49.31
C PRO E 131 43.94 14.68 49.93
N LEU E 132 44.03 14.53 51.26
CA LEU E 132 43.11 13.70 52.01
C LEU E 132 42.22 14.48 52.97
N SER E 133 42.67 15.64 53.47
CA SER E 133 41.90 16.39 54.45
C SER E 133 40.65 17.01 53.83
N THR E 134 40.74 17.45 52.58
CA THR E 134 39.59 18.09 51.93
C THR E 134 38.42 17.13 51.81
N ARG E 135 38.70 15.86 51.52
CA ARG E 135 37.63 14.86 51.44
C ARG E 135 36.92 14.72 52.77
N LYS E 136 37.67 14.72 53.88
CA LYS E 136 37.06 14.59 55.19
C LYS E 136 36.25 15.83 55.56
N ALA E 137 36.73 17.02 55.20
CA ALA E 137 35.95 18.22 55.45
C ALA E 137 34.63 18.20 54.66
N SER E 138 34.70 17.78 53.40
CA SER E 138 33.49 17.66 52.59
C SER E 138 32.53 16.65 53.19
N ALA E 139 33.05 15.53 53.67
CA ALA E 139 32.19 14.53 54.31
C ALA E 139 31.51 15.09 55.55
N CYS E 140 32.23 15.88 56.34
CA CYS E 140 31.64 16.49 57.53
C CYS E 140 30.49 17.42 57.14
N GLN E 141 30.71 18.28 56.15
CA GLN E 141 29.65 19.19 55.73
C GLN E 141 28.44 18.43 55.19
N LEU E 142 28.69 17.40 54.40
CA LEU E 142 27.59 16.61 53.85
C LEU E 142 26.79 15.92 54.96
N ALA E 143 27.48 15.41 55.97
CA ALA E 143 26.81 14.77 57.09
C ALA E 143 25.92 15.77 57.83
N HIS E 144 26.42 16.99 58.05
CA HIS E 144 25.60 18.00 58.71
C HIS E 144 24.34 18.30 57.91
N ASP E 145 24.49 18.50 56.59
CA ASP E 145 23.33 18.80 55.76
C ASP E 145 22.32 17.65 55.78
N GLN E 146 22.81 16.41 55.69
CA GLN E 146 21.91 15.27 55.66
C GLN E 146 21.18 15.11 56.99
N LEU E 147 21.85 15.39 58.11
CA LEU E 147 21.16 15.31 59.39
C LEU E 147 20.09 16.39 59.52
N VAL E 148 20.37 17.59 58.99
CA VAL E 148 19.33 18.62 58.99
C VAL E 148 18.12 18.18 58.18
N ASN E 149 18.36 17.60 57.00
CA ASN E 149 17.26 17.13 56.17
C ASN E 149 16.46 16.02 56.87
N ARG E 150 17.17 15.09 57.51
CA ARG E 150 16.49 14.01 58.23
C ARG E 150 15.65 14.57 59.36
N LEU E 151 16.16 15.56 60.09
CA LEU E 151 15.37 16.19 61.14
C LEU E 151 14.10 16.81 60.59
N VAL E 152 14.21 17.50 59.45
CA VAL E 152 13.03 18.14 58.87
C VAL E 152 12.00 17.09 58.43
N PHE E 153 12.44 16.02 57.78
CA PHE E 153 11.50 15.09 57.15
C PHE E 153 11.19 13.84 57.95
N LYS E 154 11.96 13.53 58.98
CA LYS E 154 11.70 12.34 59.79
C LYS E 154 11.51 12.65 61.27
N GLY E 155 12.06 13.73 61.78
CA GLY E 155 11.95 14.05 63.18
C GLY E 155 12.83 13.15 64.04
N SER E 156 12.65 13.30 65.36
CA SER E 156 13.38 12.51 66.34
C SER E 156 12.47 12.27 67.54
N ALA E 157 12.07 11.02 67.73
CA ALA E 157 11.16 10.70 68.84
C ALA E 157 11.76 10.99 70.21
N PRO E 158 12.99 10.57 70.54
CA PRO E 158 13.53 10.90 71.86
C PRO E 158 13.65 12.39 72.11
N HIS E 159 13.99 13.18 71.11
CA HIS E 159 14.12 14.62 71.25
C HIS E 159 12.78 15.35 71.17
N LYS E 160 11.70 14.63 70.87
CA LYS E 160 10.38 15.22 70.65
C LYS E 160 10.41 16.27 69.55
N ILE E 161 10.97 15.88 68.41
CA ILE E 161 10.92 16.66 67.18
C ILE E 161 9.95 15.97 66.23
N VAL E 162 8.89 16.66 65.85
CA VAL E 162 7.81 16.07 65.06
C VAL E 162 8.02 16.42 63.61
N SER E 163 7.80 15.44 62.73
CA SER E 163 7.94 15.64 61.30
C SER E 163 6.69 16.30 60.74
N VAL E 164 6.75 16.67 59.45
CA VAL E 164 5.61 17.32 58.82
C VAL E 164 4.47 16.34 58.56
N PHE E 165 4.75 15.04 58.62
CA PHE E 165 3.71 14.03 58.40
C PHE E 165 3.00 13.63 59.69
N ASN E 166 3.53 14.01 60.85
CA ASN E 166 2.98 13.60 62.13
C ASN E 166 2.38 14.75 62.92
N HIS E 167 2.24 15.92 62.32
CA HIS E 167 1.66 17.05 63.01
C HIS E 167 0.19 16.78 63.31
N PRO E 168 -0.28 17.02 64.54
CA PRO E 168 -1.65 16.63 64.91
C PRO E 168 -2.72 17.65 64.54
N ASN E 169 -2.37 18.74 63.87
CA ASN E 169 -3.35 19.78 63.55
C ASN E 169 -3.47 20.02 62.05
N ILE E 170 -2.98 19.11 61.24
CA ILE E 170 -3.06 19.25 59.79
C ILE E 170 -4.17 18.35 59.27
N THR E 171 -4.58 18.60 58.03
CA THR E 171 -5.65 17.83 57.41
C THR E 171 -5.07 16.59 56.74
N LYS E 172 -5.68 15.44 57.00
CA LYS E 172 -5.25 14.17 56.42
C LYS E 172 -6.41 13.53 55.68
N ILE E 173 -6.15 13.00 54.49
CA ILE E 173 -7.18 12.37 53.67
C ILE E 173 -6.71 10.96 53.32
N THR E 174 -7.47 9.96 53.73
CA THR E 174 -7.22 8.60 53.28
C THR E 174 -7.58 8.47 51.81
N SER E 175 -6.75 7.75 51.06
CA SER E 175 -6.86 7.69 49.61
C SER E 175 -6.91 6.26 49.14
N GLY E 176 -7.78 5.99 48.16
CA GLY E 176 -7.67 4.77 47.41
C GLY E 176 -6.39 4.72 46.60
N LYS E 177 -5.87 3.51 46.39
CA LYS E 177 -4.57 3.36 45.74
C LYS E 177 -4.58 3.96 44.35
N TRP E 178 -3.57 4.77 44.05
CA TRP E 178 -3.40 5.28 42.69
C TRP E 178 -2.87 4.20 41.76
N ILE E 179 -2.13 3.23 42.31
CA ILE E 179 -1.64 2.07 41.55
C ILE E 179 -1.97 0.85 42.40
N ASP E 180 -3.03 0.13 42.03
CA ASP E 180 -3.47 -1.06 42.74
C ASP E 180 -3.15 -2.29 41.91
N ALA E 181 -2.16 -3.06 42.36
CA ALA E 181 -1.75 -4.31 41.70
C ALA E 181 -1.45 -4.09 40.22
N SER E 182 -0.53 -3.16 39.96
CA SER E 182 -0.07 -2.79 38.63
C SER E 182 -1.17 -2.22 37.75
N THR E 183 -2.28 -1.77 38.33
CA THR E 183 -3.36 -1.13 37.60
C THR E 183 -3.41 0.34 38.01
N MET E 184 -3.31 1.23 37.03
CA MET E 184 -3.22 2.66 37.30
C MET E 184 -4.59 3.31 37.09
N LYS E 185 -5.02 4.12 38.06
CA LYS E 185 -6.32 4.78 38.01
C LYS E 185 -6.12 6.29 38.09
N PRO E 186 -5.97 6.99 36.98
CA PRO E 186 -5.77 8.45 37.03
C PRO E 186 -7.00 9.23 37.45
N GLU E 187 -8.20 8.66 37.30
CA GLU E 187 -9.42 9.37 37.70
C GLU E 187 -9.42 9.63 39.20
N THR E 188 -9.04 8.62 39.98
CA THR E 188 -8.95 8.80 41.43
C THR E 188 -7.93 9.86 41.80
N ALA E 189 -6.78 9.86 41.10
CA ALA E 189 -5.75 10.85 41.39
C ALA E 189 -6.25 12.26 41.13
N GLU E 190 -6.88 12.48 39.97
CA GLU E 190 -7.39 13.82 39.65
C GLU E 190 -8.48 14.23 40.63
N ALA E 191 -9.38 13.31 40.98
CA ALA E 191 -10.44 13.63 41.92
C ALA E 191 -9.87 14.03 43.28
N GLU E 192 -8.89 13.28 43.78
CA GLU E 192 -8.32 13.58 45.08
C GLU E 192 -7.55 14.91 45.07
N LEU E 193 -6.82 15.18 43.97
CA LEU E 193 -6.11 16.44 43.88
C LEU E 193 -7.07 17.63 43.89
N THR E 194 -8.14 17.54 43.10
CA THR E 194 -9.12 18.62 43.08
C THR E 194 -9.80 18.77 44.42
N GLN E 195 -10.11 17.65 45.09
CA GLN E 195 -10.75 17.72 46.39
C GLN E 195 -9.85 18.39 47.42
N ALA E 196 -8.55 18.07 47.41
CA ALA E 196 -7.62 18.70 48.34
C ALA E 196 -7.48 20.19 48.08
N ILE E 197 -7.37 20.57 46.81
CA ILE E 197 -7.25 21.99 46.47
C ILE E 197 -8.51 22.74 46.91
N GLU E 198 -9.68 22.12 46.74
CA GLU E 198 -10.93 22.74 47.16
C GLU E 198 -11.01 22.85 48.68
N THR E 199 -10.55 21.81 49.39
CA THR E 199 -10.63 21.82 50.85
C THR E 199 -9.76 22.92 51.45
N ILE E 200 -8.56 23.11 50.89
CA ILE E 200 -7.67 24.16 51.42
C ILE E 200 -8.36 25.52 51.38
N GLU E 201 -9.06 25.82 50.30
CA GLU E 201 -9.79 27.08 50.21
C GLU E 201 -11.06 27.09 51.04
N THR E 202 -11.70 25.93 51.22
CA THR E 202 -12.97 25.89 51.95
C THR E 202 -12.76 26.11 53.44
N ILE E 203 -11.79 25.44 54.05
CA ILE E 203 -11.65 25.49 55.50
C ILE E 203 -11.06 26.82 55.97
N THR E 204 -10.41 27.57 55.10
CA THR E 204 -9.83 28.86 55.47
C THR E 204 -10.70 30.04 55.02
N ARG E 205 -11.88 29.77 54.48
CA ARG E 205 -12.83 30.81 54.06
C ARG E 205 -12.21 31.77 53.06
N GLY E 206 -11.41 31.22 52.14
CA GLY E 206 -10.96 31.95 50.98
C GLY E 206 -9.78 32.86 51.16
N GLN E 207 -9.24 32.99 52.39
CA GLN E 207 -8.08 33.86 52.56
C GLN E 207 -6.79 33.20 52.11
N HIS E 208 -6.79 31.87 51.96
CA HIS E 208 -5.62 31.14 51.50
C HIS E 208 -6.01 30.18 50.38
N ARG E 209 -5.06 29.93 49.49
CA ARG E 209 -5.24 29.00 48.38
C ARG E 209 -3.98 28.15 48.24
N ALA E 210 -4.18 26.91 47.80
CA ALA E 210 -3.07 26.00 47.56
C ALA E 210 -2.20 26.51 46.41
N THR E 211 -0.90 26.31 46.56
CA THR E 211 0.04 26.81 45.56
C THR E 211 0.99 25.73 45.08
N ASN E 212 1.32 24.76 45.93
CA ASN E 212 2.33 23.77 45.62
C ASN E 212 1.83 22.36 45.91
N ILE E 213 2.25 21.42 45.07
CA ILE E 213 1.95 20.01 45.20
C ILE E 213 3.24 19.21 45.08
N LEU E 214 3.41 18.24 45.97
CA LEU E 214 4.55 17.33 45.93
C LEU E 214 4.05 15.90 45.91
N ILE E 215 4.57 15.11 44.97
CA ILE E 215 4.13 13.74 44.72
C ILE E 215 5.36 12.84 44.66
N PRO E 216 5.19 11.55 44.94
CA PRO E 216 6.32 10.62 44.80
C PRO E 216 6.77 10.53 43.36
N PRO E 217 8.06 10.29 43.13
CA PRO E 217 8.55 10.16 41.74
C PRO E 217 7.91 9.00 40.98
N SER E 218 7.57 7.91 41.66
CA SER E 218 7.00 6.76 40.97
C SER E 218 5.59 7.00 40.46
N MET E 219 4.95 8.09 40.87
CA MET E 219 3.59 8.40 40.45
C MET E 219 3.54 9.33 39.25
N ARG E 220 4.69 9.72 38.69
CA ARG E 220 4.69 10.60 37.52
C ARG E 220 4.07 9.91 36.31
N LYS E 221 4.21 8.59 36.21
CA LYS E 221 3.66 7.86 35.07
C LYS E 221 2.15 7.76 35.10
N VAL E 222 1.54 7.92 36.27
CA VAL E 222 0.07 7.86 36.36
C VAL E 222 -0.56 9.07 35.69
N LEU E 223 0.06 10.24 35.85
CA LEU E 223 -0.48 11.47 35.27
C LEU E 223 -0.12 11.66 33.81
N ALA E 224 0.67 10.76 33.23
CA ALA E 224 1.02 10.84 31.82
C ALA E 224 0.12 9.99 30.94
N ILE E 225 -0.89 9.34 31.51
CA ILE E 225 -1.80 8.52 30.72
C ILE E 225 -2.70 9.40 29.87
N ARG E 226 -2.94 8.97 28.64
CA ARG E 226 -3.79 9.73 27.73
C ARG E 226 -5.24 9.68 28.16
N MET E 227 -5.90 10.84 28.15
CA MET E 227 -7.29 10.91 28.52
C MET E 227 -8.16 10.22 27.46
N PRO E 228 -9.27 9.63 27.87
CA PRO E 228 -10.22 9.09 26.88
C PRO E 228 -10.81 10.21 26.03
N GLU E 229 -11.10 9.88 24.78
CA GLU E 229 -11.77 10.78 23.84
C GLU E 229 -10.96 12.04 23.55
N THR E 230 -9.64 11.98 23.72
CA THR E 230 -8.75 13.07 23.33
C THR E 230 -7.32 12.54 23.31
N THR E 231 -6.39 13.38 22.84
CA THR E 231 -5.00 12.99 22.69
C THR E 231 -4.08 13.83 23.59
N MET E 232 -4.49 14.06 24.83
CA MET E 232 -3.68 14.79 25.79
C MET E 232 -3.69 14.04 27.12
N SER E 233 -2.63 14.27 27.91
CA SER E 233 -2.49 13.57 29.17
C SER E 233 -3.36 14.24 30.24
N TYR E 234 -3.51 13.53 31.37
CA TYR E 234 -4.26 14.08 32.50
C TYR E 234 -3.56 15.30 33.08
N LEU E 235 -2.23 15.31 33.06
CA LEU E 235 -1.48 16.43 33.63
C LEU E 235 -1.75 17.73 32.89
N ASP E 236 -1.82 17.68 31.56
CA ASP E 236 -2.11 18.89 30.78
C ASP E 236 -3.50 19.42 31.10
N TYR E 237 -4.47 18.52 31.22
CA TYR E 237 -5.83 18.93 31.60
C TYR E 237 -5.83 19.59 32.97
N PHE E 238 -5.12 18.99 33.92
CA PHE E 238 -5.06 19.53 35.28
C PHE E 238 -4.43 20.90 35.29
N LYS E 239 -3.32 21.08 34.59
CA LYS E 239 -2.64 22.38 34.53
C LYS E 239 -3.41 23.41 33.73
N SER E 240 -4.29 22.99 32.83
CA SER E 240 -5.19 23.91 32.15
C SER E 240 -6.33 24.38 33.05
N GLN E 241 -6.92 23.47 33.83
CA GLN E 241 -8.01 23.87 34.73
C GLN E 241 -7.49 24.63 35.94
N ASN E 242 -6.40 24.15 36.55
CA ASN E 242 -5.85 24.77 37.76
C ASN E 242 -4.55 25.47 37.39
N SER E 243 -4.67 26.73 36.98
CA SER E 243 -3.51 27.55 36.65
C SER E 243 -2.91 28.14 37.91
N GLY E 244 -1.62 28.46 37.83
CA GLY E 244 -0.90 29.04 38.95
C GLY E 244 -0.40 28.07 39.98
N ILE E 245 -0.50 26.76 39.73
CA ILE E 245 -0.07 25.73 40.68
C ILE E 245 1.16 25.04 40.11
N GLU E 246 2.20 24.93 40.92
CA GLU E 246 3.45 24.26 40.54
C GLU E 246 3.45 22.83 41.08
N ILE E 247 3.87 21.88 40.24
CA ILE E 247 3.93 20.48 40.60
C ILE E 247 5.39 20.03 40.51
N ASP E 248 5.89 19.47 41.60
CA ASP E 248 7.26 18.96 41.65
C ASP E 248 7.25 17.58 42.28
N SER E 249 8.37 16.87 42.15
CA SER E 249 8.52 15.53 42.66
C SER E 249 9.64 15.51 43.70
N ILE E 250 9.38 14.88 44.84
CA ILE E 250 10.33 14.77 45.93
C ILE E 250 10.50 13.30 46.27
N ALA E 251 11.76 12.85 46.37
CA ALA E 251 12.03 11.44 46.59
C ALA E 251 11.76 10.99 48.02
N GLU E 252 11.58 11.93 48.95
CA GLU E 252 11.34 11.58 50.35
C GLU E 252 9.89 11.18 50.62
N LEU E 253 9.00 11.32 49.64
CA LEU E 253 7.61 10.93 49.81
C LEU E 253 7.36 9.47 49.46
N GLU E 254 8.39 8.74 49.04
CA GLU E 254 8.22 7.31 48.77
C GLU E 254 7.83 6.56 50.03
N ASP E 255 8.46 6.88 51.16
CA ASP E 255 8.09 6.35 52.46
C ASP E 255 7.87 7.52 53.41
N ILE E 256 6.73 7.50 54.11
CA ILE E 256 6.41 8.56 55.06
C ILE E 256 6.26 8.05 56.48
N ASP E 257 6.33 6.73 56.70
CA ASP E 257 6.23 6.17 58.03
C ASP E 257 7.22 5.03 58.28
N GLY E 258 8.10 4.73 57.33
CA GLY E 258 9.08 3.67 57.50
C GLY E 258 8.55 2.28 57.25
N ALA E 259 7.36 2.13 56.68
CA ALA E 259 6.78 0.81 56.45
C ALA E 259 6.30 0.64 55.02
N GLY E 260 6.71 1.54 54.13
CA GLY E 260 6.35 1.42 52.73
C GLY E 260 5.02 2.05 52.37
N THR E 261 4.82 3.30 52.78
CA THR E 261 3.60 4.04 52.49
C THR E 261 3.93 5.35 51.80
N LYS E 262 3.24 5.63 50.70
CA LYS E 262 3.45 6.85 49.92
C LYS E 262 2.44 7.91 50.33
N GLY E 263 2.69 9.13 49.89
CA GLY E 263 1.82 10.23 50.23
C GLY E 263 2.03 11.43 49.33
N VAL E 264 0.99 12.26 49.25
CA VAL E 264 1.02 13.48 48.47
C VAL E 264 0.82 14.66 49.41
N LEU E 265 1.51 15.76 49.14
CA LEU E 265 1.47 16.94 50.00
C LEU E 265 0.98 18.13 49.20
N VAL E 266 -0.10 18.77 49.65
CA VAL E 266 -0.65 19.96 49.02
C VAL E 266 -0.60 21.10 50.02
N TYR E 267 0.04 22.21 49.64
CA TYR E 267 0.24 23.27 50.62
C TYR E 267 0.37 24.61 49.90
N GLU E 268 0.47 25.67 50.71
CA GLU E 268 0.75 27.02 50.24
C GLU E 268 2.08 27.46 50.82
N LYS E 269 2.97 27.94 49.96
CA LYS E 269 4.32 28.30 50.36
C LYS E 269 4.35 29.77 50.77
N ASN E 270 4.58 30.02 52.06
CA ASN E 270 4.64 31.37 52.60
C ASN E 270 5.41 31.36 53.92
N PRO E 271 6.30 32.33 54.15
CA PRO E 271 7.01 32.38 55.43
C PRO E 271 6.10 32.50 56.64
N MET E 272 4.95 33.15 56.49
CA MET E 272 4.00 33.27 57.60
C MET E 272 3.28 31.96 57.90
N ASN E 273 3.34 31.00 56.98
CA ASN E 273 2.68 29.71 57.16
C ASN E 273 3.59 28.68 57.81
N MET E 274 4.82 28.55 57.33
CA MET E 274 5.78 27.61 57.88
C MET E 274 7.18 28.16 57.66
N SER E 275 8.13 27.66 58.43
CA SER E 275 9.48 28.22 58.38
C SER E 275 10.51 27.21 58.90
N ILE E 276 11.76 27.47 58.54
CA ILE E 276 12.93 26.74 59.01
C ILE E 276 14.03 27.74 59.32
N GLU E 277 14.73 27.54 60.43
CA GLU E 277 15.78 28.47 60.88
C GLU E 277 17.10 27.74 61.04
N ILE E 278 18.19 28.42 60.66
CA ILE E 278 19.54 27.93 60.87
C ILE E 278 20.32 29.02 61.59
N PRO E 279 20.21 29.13 62.92
CA PRO E 279 20.82 30.28 63.61
C PRO E 279 22.33 30.39 63.43
N GLU E 280 23.04 29.27 63.40
CA GLU E 280 24.49 29.28 63.25
C GLU E 280 24.89 28.29 62.16
N ALA E 281 25.68 28.77 61.20
CA ALA E 281 26.06 27.98 60.05
C ALA E 281 27.24 27.07 60.38
N PHE E 282 27.56 26.19 59.44
CA PHE E 282 28.66 25.24 59.62
C PHE E 282 29.99 25.98 59.72
N ASN E 283 30.81 25.56 60.68
CA ASN E 283 32.13 26.12 60.86
C ASN E 283 33.03 25.07 61.49
N MET E 284 34.34 25.26 61.30
CA MET E 284 35.35 24.31 61.77
C MET E 284 36.22 24.97 62.84
N LEU E 285 36.41 24.27 63.95
CA LEU E 285 37.32 24.73 64.98
C LEU E 285 38.76 24.45 64.58
N PRO E 286 39.72 25.20 65.14
CA PRO E 286 41.13 24.93 64.84
C PRO E 286 41.56 23.55 65.35
N ALA E 287 42.58 23.00 64.70
CA ALA E 287 43.05 21.66 65.04
C ALA E 287 43.66 21.63 66.43
N GLN E 288 43.58 20.47 67.06
CA GLN E 288 44.12 20.25 68.40
C GLN E 288 45.22 19.21 68.34
N PRO E 289 46.50 19.62 68.37
CA PRO E 289 47.58 18.66 68.10
C PRO E 289 47.72 17.62 69.19
N LYS E 290 48.06 16.41 68.77
CA LYS E 290 48.41 15.30 69.65
C LYS E 290 49.82 14.84 69.27
N ASP E 291 50.22 13.67 69.77
CA ASP E 291 51.58 13.15 69.58
C ASP E 291 52.11 13.38 68.17
N LEU E 292 51.45 12.79 67.17
CA LEU E 292 51.88 12.99 65.78
C LEU E 292 50.71 13.19 64.84
N HIS E 293 49.52 13.42 65.36
CA HIS E 293 48.33 13.60 64.54
C HIS E 293 47.45 14.68 65.16
N PHE E 294 46.44 15.12 64.42
CA PHE E 294 45.57 16.21 64.84
C PHE E 294 44.14 15.71 65.00
N LYS E 295 43.25 16.65 65.30
CA LYS E 295 41.82 16.38 65.45
C LYS E 295 41.06 17.66 65.16
N VAL E 296 40.07 17.59 64.28
CA VAL E 296 39.33 18.79 63.89
C VAL E 296 37.84 18.58 64.13
N PRO E 297 37.23 19.31 65.07
CA PRO E 297 35.79 19.25 65.27
C PRO E 297 35.02 20.34 64.53
N CYS E 298 33.77 20.02 64.21
CA CYS E 298 32.88 20.90 63.47
C CYS E 298 31.48 20.84 64.10
N THR E 299 30.74 21.94 64.00
CA THR E 299 29.44 22.03 64.65
C THR E 299 28.59 23.08 63.96
N SER E 300 27.29 23.04 64.26
CA SER E 300 26.31 24.01 63.75
C SER E 300 25.01 23.84 64.55
N LYS E 301 24.02 24.67 64.22
CA LYS E 301 22.74 24.68 64.93
C LYS E 301 21.58 24.66 63.93
N CYS E 302 20.44 24.14 64.39
CA CYS E 302 19.24 24.04 63.58
C CYS E 302 18.03 23.91 64.50
N THR E 303 16.84 24.09 63.93
CA THR E 303 15.62 24.06 64.72
C THR E 303 14.56 23.10 64.17
N GLY E 304 14.52 22.87 62.86
CA GLY E 304 13.48 22.05 62.27
C GLY E 304 12.44 22.86 61.54
N LEU E 305 11.26 22.29 61.31
CA LEU E 305 10.18 22.97 60.61
C LEU E 305 9.12 23.39 61.61
N THR E 306 8.79 24.68 61.61
CA THR E 306 7.75 25.24 62.47
C THR E 306 6.56 25.62 61.61
N ILE E 307 5.38 25.16 62.00
CA ILE E 307 4.14 25.40 61.26
C ILE E 307 3.31 26.37 62.08
N TYR E 308 3.10 27.58 61.54
CA TYR E 308 2.33 28.59 62.25
C TYR E 308 0.84 28.41 62.01
N ARG E 309 0.43 28.30 60.75
CA ARG E 309 -0.97 28.06 60.41
C ARG E 309 -1.11 26.62 59.92
N PRO E 310 -1.62 25.71 60.73
CA PRO E 310 -1.69 24.29 60.32
C PRO E 310 -2.83 23.98 59.37
N MET E 311 -3.64 24.97 58.98
CA MET E 311 -4.79 24.75 58.12
C MET E 311 -4.45 24.94 56.65
N THR E 312 -3.19 25.19 56.31
CA THR E 312 -2.76 25.41 54.94
C THR E 312 -1.99 24.22 54.36
N ILE E 313 -2.05 23.06 55.03
CA ILE E 313 -1.33 21.87 54.61
C ILE E 313 -2.29 20.69 54.61
N VAL E 314 -2.26 19.90 53.54
CA VAL E 314 -3.09 18.71 53.42
C VAL E 314 -2.20 17.54 53.01
N LEU E 315 -2.32 16.43 53.73
CA LEU E 315 -1.57 15.22 53.44
C LEU E 315 -2.54 14.14 52.96
N ILE E 316 -2.31 13.65 51.74
CA ILE E 316 -3.10 12.56 51.17
C ILE E 316 -2.28 11.29 51.40
N THR E 317 -2.80 10.42 52.27
CA THR E 317 -2.09 9.24 52.70
C THR E 317 -2.59 8.00 51.96
N GLY E 318 -1.68 7.05 51.72
CA GLY E 318 -2.01 5.82 51.06
C GLY E 318 -1.88 5.83 49.56
N VAL E 319 -1.36 6.91 48.98
CA VAL E 319 -1.16 7.00 47.54
C VAL E 319 -0.16 5.95 47.07
N ALA F 29 31.89 -29.55 -41.74
CA ALA F 29 31.58 -28.24 -41.20
C ALA F 29 30.70 -27.45 -42.16
N THR F 30 29.44 -27.29 -41.79
CA THR F 30 28.43 -26.61 -42.61
C THR F 30 27.74 -25.51 -41.81
N MET F 31 28.54 -24.65 -41.19
CA MET F 31 28.01 -23.58 -40.35
C MET F 31 27.40 -22.47 -41.20
N GLY F 32 26.97 -21.40 -40.51
CA GLY F 32 26.49 -20.21 -41.17
C GLY F 32 27.59 -19.16 -41.30
N ILE F 33 27.19 -18.00 -41.84
CA ILE F 33 28.16 -16.94 -42.13
C ILE F 33 28.26 -15.91 -41.00
N TRP F 34 27.41 -15.98 -39.99
CA TRP F 34 27.46 -15.08 -38.84
C TRP F 34 27.66 -15.89 -37.57
N THR F 35 28.56 -15.43 -36.71
CA THR F 35 28.80 -16.06 -35.43
C THR F 35 27.88 -15.47 -34.36
N ALA F 36 27.87 -16.12 -33.19
CA ALA F 36 27.00 -15.67 -32.11
C ALA F 36 27.36 -14.28 -31.63
N GLN F 37 28.66 -14.00 -31.48
CA GLN F 37 29.08 -12.74 -30.89
C GLN F 37 28.63 -11.54 -31.71
N GLU F 38 28.39 -11.72 -33.01
CA GLU F 38 27.97 -10.62 -33.86
C GLU F 38 26.50 -10.26 -33.64
N LEU F 39 25.71 -11.14 -33.02
CA LEU F 39 24.29 -10.92 -32.81
C LEU F 39 23.98 -11.07 -31.31
N HIS F 40 24.81 -10.44 -30.49
CA HIS F 40 24.71 -10.58 -29.04
C HIS F 40 24.94 -9.21 -28.42
N ARG F 41 24.22 -8.93 -27.34
CA ARG F 41 24.27 -7.64 -26.66
C ARG F 41 24.80 -7.81 -25.25
N ILE F 42 25.76 -6.99 -24.87
CA ILE F 42 26.32 -6.98 -23.52
C ILE F 42 25.81 -5.72 -22.82
N LYS F 43 25.01 -5.91 -21.77
CA LYS F 43 24.46 -4.77 -21.04
C LYS F 43 25.56 -4.09 -20.25
N SER F 44 25.62 -2.76 -20.35
CA SER F 44 26.70 -1.98 -19.74
C SER F 44 26.37 -1.59 -18.31
N GLN F 45 26.07 -2.60 -17.47
CA GLN F 45 25.72 -2.33 -16.08
C GLN F 45 25.94 -3.60 -15.29
N SER F 46 26.77 -3.52 -14.24
CA SER F 46 27.11 -4.66 -13.41
C SER F 46 26.43 -4.54 -12.06
N TYR F 47 26.17 -5.69 -11.44
CA TYR F 47 25.54 -5.77 -10.13
C TYR F 47 26.53 -6.32 -9.12
N GLU F 48 26.57 -5.70 -7.94
CA GLU F 48 27.49 -6.09 -6.88
C GLU F 48 26.70 -6.52 -5.65
N GLU F 49 27.26 -7.45 -4.89
CA GLU F 49 26.67 -7.84 -3.62
C GLU F 49 26.92 -6.77 -2.57
N ASP F 50 26.06 -6.76 -1.55
CA ASP F 50 26.14 -5.78 -0.47
C ASP F 50 26.49 -6.48 0.83
N TYR F 51 27.53 -5.98 1.50
CA TYR F 51 27.95 -6.50 2.81
C TYR F 51 28.09 -5.32 3.76
N PRO F 52 27.03 -4.93 4.46
CA PRO F 52 27.15 -3.85 5.43
C PRO F 52 28.05 -4.23 6.59
N VAL F 53 28.81 -3.26 7.09
CA VAL F 53 29.77 -3.53 8.15
C VAL F 53 29.05 -3.81 9.46
N GLY F 54 28.22 -2.87 9.90
CA GLY F 54 27.55 -2.99 11.19
C GLY F 54 27.22 -1.60 11.72
N SER F 55 27.02 -1.54 13.04
CA SER F 55 26.63 -0.29 13.67
C SER F 55 27.35 -0.02 15.00
N ALA F 56 28.34 -0.82 15.37
CA ALA F 56 28.98 -0.64 16.67
C ALA F 56 29.66 0.71 16.78
N LEU F 57 30.37 1.13 15.73
CA LEU F 57 31.16 2.35 15.81
C LEU F 57 30.32 3.61 15.66
N ARG F 58 29.07 3.50 15.24
CA ARG F 58 28.18 4.65 15.15
C ARG F 58 27.14 4.70 16.25
N VAL F 59 26.97 3.62 17.00
CA VAL F 59 26.05 3.60 18.14
C VAL F 59 26.76 3.93 19.44
N PHE F 60 27.92 3.34 19.68
CA PHE F 60 28.66 3.61 20.90
C PHE F 60 29.79 4.59 20.62
N PRO F 61 30.12 5.46 21.57
CA PRO F 61 31.15 6.48 21.33
C PRO F 61 32.52 5.87 21.15
N VAL F 62 33.34 6.56 20.35
CA VAL F 62 34.70 6.14 20.05
C VAL F 62 35.65 7.24 20.50
N THR F 63 36.62 6.90 21.35
CA THR F 63 37.58 7.85 21.86
C THR F 63 38.99 7.39 21.54
N THR F 64 39.93 8.33 21.55
CA THR F 64 41.33 8.09 21.20
C THR F 64 42.21 8.63 22.31
N GLU F 65 42.59 7.77 23.26
CA GLU F 65 43.48 8.19 24.34
C GLU F 65 44.69 7.26 24.43
N LEU F 66 44.49 5.98 24.12
CA LEU F 66 45.58 5.02 24.20
C LEU F 66 46.57 5.21 23.05
N SER F 67 47.84 5.00 23.36
CA SER F 67 48.95 5.00 22.43
C SER F 67 49.11 3.62 21.80
N PRO F 68 49.66 3.55 20.58
CA PRO F 68 49.76 2.24 19.92
C PRO F 68 50.62 1.22 20.65
N THR F 69 51.48 1.66 21.57
CA THR F 69 52.40 0.75 22.26
C THR F 69 51.91 0.31 23.63
N ASP F 70 50.67 0.64 24.00
CA ASP F 70 50.12 0.26 25.29
C ASP F 70 49.47 -1.11 25.22
N LYS F 71 49.65 -1.90 26.28
CA LYS F 71 49.00 -3.19 26.40
C LYS F 71 47.84 -3.20 27.39
N THR F 72 47.87 -2.35 28.40
CA THR F 72 46.83 -2.32 29.43
C THR F 72 46.53 -0.87 29.80
N PHE F 73 45.42 -0.68 30.52
CA PHE F 73 45.06 0.62 31.07
C PHE F 73 44.32 0.41 32.37
N GLU F 74 44.10 1.49 33.11
CA GLU F 74 43.52 1.43 34.44
C GLU F 74 42.72 2.70 34.73
N TYR F 75 41.63 2.54 35.47
CA TYR F 75 40.83 3.66 35.93
C TYR F 75 40.41 3.45 37.38
N MET F 76 40.06 4.56 38.06
CA MET F 76 39.85 4.55 39.50
C MET F 76 38.52 5.18 39.88
N THR F 77 38.02 4.80 41.05
CA THR F 77 36.79 5.33 41.64
C THR F 77 37.00 5.57 43.13
N PHE F 78 36.21 6.49 43.69
CA PHE F 78 36.34 6.90 45.08
C PHE F 78 34.99 6.90 45.76
N ASP F 79 35.01 7.08 47.09
CA ASP F 79 33.81 7.06 47.91
C ASP F 79 34.10 7.76 49.24
N LYS F 80 33.13 7.71 50.16
CA LYS F 80 33.27 8.35 51.46
C LYS F 80 32.19 7.83 52.39
N VAL F 81 32.40 8.05 53.70
CA VAL F 81 31.44 7.72 54.75
C VAL F 81 31.44 8.83 55.79
N GLY F 82 30.49 8.76 56.71
CA GLY F 82 30.41 9.72 57.81
C GLY F 82 29.01 9.84 58.36
N THR F 83 28.89 10.61 59.43
CA THR F 83 27.61 10.87 60.09
C THR F 83 27.77 12.04 61.05
N ALA F 84 26.65 12.41 61.68
CA ALA F 84 26.62 13.51 62.64
C ALA F 84 25.56 13.20 63.69
N GLN F 85 25.61 13.94 64.81
CA GLN F 85 24.74 13.66 65.94
C GLN F 85 24.35 14.97 66.62
N ILE F 86 23.30 14.90 67.42
CA ILE F 86 22.84 16.02 68.24
C ILE F 86 23.56 15.94 69.59
N ILE F 87 24.24 17.02 69.97
CA ILE F 87 25.15 17.02 71.10
C ILE F 87 24.76 18.12 72.08
N ALA F 88 25.51 18.18 73.17
CA ALA F 88 25.43 19.24 74.17
C ALA F 88 26.82 19.80 74.40
N ASP F 89 26.90 20.83 75.24
CA ASP F 89 28.21 21.36 75.61
C ASP F 89 28.93 20.37 76.53
N TYR F 90 30.24 20.58 76.67
CA TYR F 90 31.11 19.67 77.43
C TYR F 90 31.07 18.26 76.86
N THR F 91 30.98 18.16 75.53
CA THR F 91 30.91 16.88 74.84
C THR F 91 32.31 16.46 74.42
N ASP F 92 32.68 15.22 74.74
CA ASP F 92 34.00 14.70 74.42
C ASP F 92 34.01 13.71 73.27
N ASP F 93 32.89 13.07 72.96
CA ASP F 93 32.83 12.08 71.89
C ASP F 93 32.07 12.65 70.68
N LEU F 94 32.65 12.46 69.49
CA LEU F 94 32.08 12.93 68.24
C LEU F 94 32.35 11.91 67.14
N PRO F 95 31.43 11.75 66.20
CA PRO F 95 31.63 10.78 65.12
C PRO F 95 32.72 11.24 64.14
N LEU F 96 33.23 10.28 63.39
CA LEU F 96 34.34 10.50 62.45
C LEU F 96 33.95 10.06 61.05
N VAL F 97 34.81 10.43 60.08
CA VAL F 97 34.58 10.17 58.66
C VAL F 97 35.85 9.57 58.05
N ASP F 98 35.70 8.98 56.88
CA ASP F 98 36.83 8.33 56.19
C ASP F 98 36.55 8.37 54.69
N ALA F 99 37.32 7.58 53.91
CA ALA F 99 37.20 7.56 52.45
C ALA F 99 37.75 6.24 51.93
N LEU F 100 37.46 5.95 50.66
CA LEU F 100 37.78 4.66 50.04
C LEU F 100 38.39 4.87 48.66
N GLY F 101 38.57 3.78 47.92
CA GLY F 101 39.08 3.84 46.56
C GLY F 101 39.10 2.44 45.95
N THR F 102 39.07 2.42 44.62
CA THR F 102 39.01 1.16 43.86
C THR F 102 39.54 1.43 42.45
N SER F 103 39.96 0.36 41.77
CA SER F 103 40.49 0.49 40.41
C SER F 103 40.13 -0.73 39.56
N GLU F 104 40.11 -0.52 38.25
CA GLU F 104 39.81 -1.56 37.26
C GLU F 104 40.73 -1.41 36.05
N PHE F 105 40.80 -2.46 35.23
CA PHE F 105 41.82 -2.62 34.18
C PHE F 105 41.18 -2.92 32.83
N GLY F 106 42.03 -3.16 31.83
CA GLY F 106 41.61 -3.46 30.48
C GLY F 106 42.74 -4.06 29.66
N LYS F 107 42.48 -4.22 28.35
CA LYS F 107 43.43 -4.91 27.48
C LYS F 107 43.27 -4.45 26.03
N VAL F 108 44.27 -4.77 25.21
CA VAL F 108 44.32 -4.43 23.78
C VAL F 108 44.72 -5.67 22.99
N PHE F 109 44.34 -5.70 21.70
CA PHE F 109 44.60 -6.86 20.84
C PHE F 109 45.10 -6.44 19.45
N ARG F 110 45.36 -7.43 18.59
CA ARG F 110 45.80 -7.17 17.21
C ARG F 110 45.10 -8.12 16.25
N LEU F 111 44.90 -7.64 15.02
CA LEU F 111 44.24 -8.40 13.96
C LEU F 111 45.08 -8.30 12.69
N GLY F 112 44.94 -9.29 11.80
CA GLY F 112 45.66 -9.24 10.53
C GLY F 112 45.22 -10.34 9.60
N ASN F 113 45.43 -10.07 8.31
CA ASN F 113 45.26 -11.06 7.24
C ASN F 113 46.17 -10.67 6.08
N ALA F 114 45.96 -11.31 4.93
CA ALA F 114 46.82 -11.08 3.77
C ALA F 114 46.09 -11.51 2.51
N TYR F 115 46.73 -11.26 1.35
CA TYR F 115 46.21 -11.73 0.07
C TYR F 115 47.36 -11.97 -0.91
N LEU F 116 47.04 -12.72 -1.96
CA LEU F 116 48.00 -13.13 -2.98
C LEU F 116 47.59 -12.64 -4.35
N ILE F 117 48.59 -12.49 -5.23
CA ILE F 117 48.36 -12.14 -6.63
C ILE F 117 49.57 -12.56 -7.43
N SER F 118 49.41 -12.70 -8.74
CA SER F 118 50.48 -13.05 -9.65
C SER F 118 50.63 -11.98 -10.72
N ILE F 119 51.73 -12.07 -11.47
CA ILE F 119 52.05 -11.05 -12.46
C ILE F 119 51.06 -11.10 -13.63
N ASP F 120 50.68 -12.31 -14.05
CA ASP F 120 49.72 -12.45 -15.13
C ASP F 120 48.39 -11.80 -14.78
N GLU F 121 47.93 -12.00 -13.54
CA GLU F 121 46.66 -11.41 -13.13
C GLU F 121 46.74 -9.89 -13.09
N ILE F 122 47.88 -9.35 -12.65
CA ILE F 122 48.07 -7.91 -12.65
C ILE F 122 48.01 -7.36 -14.07
N LYS F 123 48.71 -8.01 -15.00
CA LYS F 123 48.72 -7.54 -16.38
C LYS F 123 47.34 -7.64 -17.02
N ALA F 124 46.63 -8.75 -16.76
CA ALA F 124 45.29 -8.90 -17.32
C ALA F 124 44.33 -7.85 -16.76
N GLY F 125 44.44 -7.57 -15.46
CA GLY F 125 43.59 -6.53 -14.88
C GLY F 125 43.90 -5.16 -15.47
N GLN F 126 45.18 -4.86 -15.70
CA GLN F 126 45.52 -3.58 -16.32
C GLN F 126 44.99 -3.50 -17.75
N ALA F 127 45.09 -4.60 -18.51
CA ALA F 127 44.70 -4.57 -19.92
C ALA F 127 43.19 -4.51 -20.09
N THR F 128 42.45 -5.36 -19.37
CA THR F 128 41.00 -5.44 -19.57
C THR F 128 40.28 -4.21 -19.02
N GLY F 129 40.78 -3.65 -17.91
CA GLY F 129 40.13 -2.53 -17.26
C GLY F 129 39.50 -2.86 -15.92
N ARG F 130 39.63 -4.10 -15.45
CA ARG F 130 39.08 -4.55 -14.17
C ARG F 130 40.21 -5.15 -13.34
N PRO F 131 40.95 -4.32 -12.59
CA PRO F 131 42.04 -4.85 -11.77
C PRO F 131 41.52 -5.77 -10.68
N LEU F 132 42.37 -6.74 -10.30
CA LEU F 132 42.01 -7.73 -9.29
C LEU F 132 42.54 -7.40 -7.91
N SER F 133 43.53 -6.52 -7.79
CA SER F 133 44.13 -6.24 -6.49
C SER F 133 43.22 -5.34 -5.65
N THR F 134 42.51 -4.40 -6.28
CA THR F 134 41.67 -3.48 -5.54
C THR F 134 40.52 -4.22 -4.84
N ARG F 135 39.93 -5.20 -5.51
CA ARG F 135 38.87 -5.98 -4.90
C ARG F 135 39.39 -6.75 -3.69
N LYS F 136 40.59 -7.31 -3.78
CA LYS F 136 41.15 -8.05 -2.65
C LYS F 136 41.47 -7.12 -1.48
N ALA F 137 41.99 -5.93 -1.76
CA ALA F 137 42.23 -4.96 -0.69
C ALA F 137 40.92 -4.56 -0.01
N SER F 138 39.87 -4.34 -0.81
CA SER F 138 38.56 -4.01 -0.24
C SER F 138 38.04 -5.14 0.63
N ALA F 139 38.22 -6.38 0.18
CA ALA F 139 37.78 -7.53 0.98
C ALA F 139 38.54 -7.60 2.30
N CYS F 140 39.85 -7.34 2.27
CA CYS F 140 40.62 -7.35 3.51
C CYS F 140 40.13 -6.30 4.49
N GLN F 141 39.92 -5.08 4.01
CA GLN F 141 39.44 -4.01 4.91
C GLN F 141 38.06 -4.34 5.46
N LEU F 142 37.16 -4.86 4.62
CA LEU F 142 35.82 -5.23 5.07
C LEU F 142 35.89 -6.33 6.12
N ALA F 143 36.79 -7.30 5.94
CA ALA F 143 36.93 -8.37 6.91
C ALA F 143 37.39 -7.83 8.26
N HIS F 144 38.35 -6.90 8.24
CA HIS F 144 38.80 -6.28 9.49
C HIS F 144 37.64 -5.58 10.20
N ASP F 145 36.89 -4.77 9.45
CA ASP F 145 35.79 -4.02 10.06
C ASP F 145 34.74 -4.96 10.64
N GLN F 146 34.41 -6.03 9.90
CA GLN F 146 33.40 -6.97 10.38
C GLN F 146 33.87 -7.74 11.60
N LEU F 147 35.16 -8.08 11.67
CA LEU F 147 35.68 -8.72 12.88
C LEU F 147 35.58 -7.79 14.08
N VAL F 148 35.88 -6.50 13.89
CA VAL F 148 35.73 -5.55 14.99
C VAL F 148 34.27 -5.49 15.45
N ASN F 149 33.34 -5.43 14.50
CA ASN F 149 31.92 -5.40 14.85
C ASN F 149 31.51 -6.66 15.61
N ARG F 150 31.96 -7.83 15.16
CA ARG F 150 31.64 -9.08 15.83
C ARG F 150 32.19 -9.09 17.25
N LEU F 151 33.42 -8.62 17.44
CA LEU F 151 33.99 -8.57 18.78
C LEU F 151 33.16 -7.67 19.70
N VAL F 152 32.72 -6.53 19.19
CA VAL F 152 31.92 -5.63 20.02
C VAL F 152 30.58 -6.26 20.39
N PHE F 153 29.90 -6.87 19.42
CA PHE F 153 28.53 -7.30 19.65
C PHE F 153 28.37 -8.78 19.98
N LYS F 154 29.35 -9.62 19.69
CA LYS F 154 29.21 -11.05 19.93
C LYS F 154 30.21 -11.58 20.96
N GLY F 155 31.41 -11.01 21.00
CA GLY F 155 32.40 -11.41 21.99
C GLY F 155 33.16 -12.67 21.61
N SER F 156 34.21 -12.93 22.37
CA SER F 156 35.04 -14.12 22.19
C SER F 156 35.24 -14.79 23.54
N ALA F 157 34.98 -16.09 23.60
CA ALA F 157 35.11 -16.84 24.85
C ALA F 157 36.55 -17.19 25.17
N PRO F 158 37.34 -17.77 24.24
CA PRO F 158 38.73 -18.10 24.59
C PRO F 158 39.58 -16.90 24.94
N HIS F 159 39.32 -15.74 24.34
CA HIS F 159 40.10 -14.54 24.58
C HIS F 159 39.57 -13.73 25.77
N LYS F 160 38.55 -14.22 26.46
CA LYS F 160 37.97 -13.55 27.63
C LYS F 160 37.48 -12.15 27.27
N ILE F 161 36.82 -12.03 26.13
CA ILE F 161 36.20 -10.78 25.71
C ILE F 161 34.70 -10.91 25.92
N VAL F 162 34.12 -9.95 26.63
CA VAL F 162 32.73 -10.01 27.05
C VAL F 162 31.91 -9.09 26.16
N SER F 163 30.82 -9.62 25.59
CA SER F 163 29.92 -8.83 24.78
C SER F 163 29.09 -7.91 25.67
N VAL F 164 28.43 -6.95 25.03
CA VAL F 164 27.59 -6.01 25.77
C VAL F 164 26.38 -6.72 26.37
N PHE F 165 25.98 -7.85 25.80
CA PHE F 165 24.83 -8.59 26.30
C PHE F 165 25.18 -9.57 27.41
N ASN F 166 26.46 -9.72 27.76
CA ASN F 166 26.89 -10.70 28.74
C ASN F 166 27.61 -10.06 29.93
N HIS F 167 27.60 -8.74 30.04
CA HIS F 167 28.23 -8.09 31.17
C HIS F 167 27.49 -8.45 32.46
N PRO F 168 28.18 -8.94 33.49
CA PRO F 168 27.51 -9.39 34.71
C PRO F 168 27.04 -8.29 35.64
N ASN F 169 27.24 -7.02 35.30
CA ASN F 169 26.90 -5.91 36.19
C ASN F 169 26.00 -4.91 35.50
N ILE F 170 25.06 -5.39 34.69
CA ILE F 170 24.08 -4.54 34.04
C ILE F 170 22.69 -5.00 34.44
N THR F 171 21.72 -4.09 34.32
CA THR F 171 20.35 -4.41 34.65
C THR F 171 19.73 -5.22 33.51
N LYS F 172 19.13 -6.36 33.87
CA LYS F 172 18.47 -7.24 32.92
C LYS F 172 17.03 -7.43 33.36
N ILE F 173 16.09 -7.26 32.42
CA ILE F 173 14.67 -7.39 32.71
C ILE F 173 14.08 -8.45 31.81
N THR F 174 13.54 -9.50 32.43
CA THR F 174 12.73 -10.46 31.69
C THR F 174 11.43 -9.80 31.24
N SER F 175 11.02 -10.11 30.01
CA SER F 175 9.92 -9.41 29.37
C SER F 175 8.87 -10.39 28.89
N GLY F 176 7.63 -9.93 28.89
CA GLY F 176 6.56 -10.63 28.20
C GLY F 176 6.70 -10.47 26.70
N LYS F 177 6.08 -11.38 25.98
CA LYS F 177 6.20 -11.44 24.52
C LYS F 177 5.45 -10.25 23.93
N TRP F 178 6.18 -9.34 23.28
CA TRP F 178 5.54 -8.24 22.58
C TRP F 178 4.66 -8.75 21.44
N ILE F 179 5.07 -9.84 20.80
CA ILE F 179 4.29 -10.53 19.78
C ILE F 179 4.19 -11.99 20.18
N ASP F 180 2.97 -12.48 20.39
CA ASP F 180 2.75 -13.87 20.73
C ASP F 180 1.62 -14.45 19.87
N ALA F 181 1.88 -15.62 19.29
CA ALA F 181 0.92 -16.31 18.42
C ALA F 181 0.39 -15.38 17.33
N SER F 182 1.30 -14.58 16.77
CA SER F 182 0.97 -13.56 15.77
C SER F 182 -0.08 -12.58 16.26
N THR F 183 -0.07 -12.30 17.58
CA THR F 183 -0.96 -11.31 18.18
C THR F 183 -0.09 -10.22 18.78
N MET F 184 -0.40 -8.97 18.43
CA MET F 184 0.48 -7.85 18.73
C MET F 184 -0.01 -7.09 19.96
N LYS F 185 0.95 -6.74 20.83
CA LYS F 185 0.65 -6.13 22.13
C LYS F 185 1.50 -4.88 22.32
N PRO F 186 1.03 -3.72 21.83
CA PRO F 186 1.82 -2.49 21.98
C PRO F 186 1.82 -1.93 23.39
N GLU F 187 0.77 -2.16 24.17
CA GLU F 187 0.69 -1.59 25.52
C GLU F 187 1.78 -2.16 26.43
N THR F 188 2.06 -3.47 26.30
CA THR F 188 3.15 -4.06 27.06
C THR F 188 4.48 -3.45 26.66
N ALA F 189 4.68 -3.18 25.37
CA ALA F 189 5.91 -2.56 24.92
C ALA F 189 6.08 -1.17 25.53
N GLU F 190 5.02 -0.36 25.52
CA GLU F 190 5.10 0.97 26.10
C GLU F 190 5.38 0.90 27.60
N ALA F 191 4.70 -0.01 28.30
CA ALA F 191 4.92 -0.14 29.74
C ALA F 191 6.35 -0.54 30.05
N GLU F 192 6.91 -1.49 29.29
CA GLU F 192 8.27 -1.94 29.56
C GLU F 192 9.30 -0.86 29.23
N LEU F 193 9.07 -0.11 28.15
CA LEU F 193 9.97 1.00 27.84
C LEU F 193 9.96 2.04 28.94
N THR F 194 8.78 2.39 29.44
CA THR F 194 8.70 3.36 30.53
C THR F 194 9.38 2.82 31.79
N GLN F 195 9.20 1.52 32.07
CA GLN F 195 9.84 0.92 33.24
C GLN F 195 11.35 1.01 33.14
N ALA F 196 11.91 0.71 31.97
CA ALA F 196 13.36 0.79 31.79
C ALA F 196 13.86 2.23 31.95
N ILE F 197 13.13 3.18 31.35
CA ILE F 197 13.55 4.58 31.41
C ILE F 197 13.56 5.07 32.86
N GLU F 198 12.53 4.70 33.64
CA GLU F 198 12.51 5.13 35.03
C GLU F 198 13.52 4.36 35.87
N THR F 199 13.81 3.11 35.52
CA THR F 199 14.80 2.33 36.27
C THR F 199 16.18 2.96 36.17
N ILE F 200 16.57 3.40 34.97
CA ILE F 200 17.89 4.00 34.81
C ILE F 200 18.07 5.19 35.75
N GLU F 201 17.03 6.01 35.88
CA GLU F 201 17.14 7.19 36.74
C GLU F 201 17.04 6.80 38.21
N THR F 202 16.20 5.83 38.56
CA THR F 202 15.97 5.55 39.96
C THR F 202 17.14 4.81 40.59
N ILE F 203 17.94 4.11 39.80
CA ILE F 203 19.07 3.40 40.38
C ILE F 203 20.31 4.29 40.49
N THR F 204 20.41 5.35 39.68
CA THR F 204 21.55 6.25 39.72
C THR F 204 21.25 7.53 40.50
N ARG F 205 20.08 7.62 41.14
CA ARG F 205 19.70 8.77 41.95
C ARG F 205 19.77 10.08 41.16
N GLY F 206 19.37 10.03 39.89
CA GLY F 206 19.17 11.25 39.12
C GLY F 206 20.40 11.96 38.64
N GLN F 207 21.53 11.26 38.52
CA GLN F 207 22.72 11.84 37.89
C GLN F 207 22.96 11.32 36.49
N HIS F 208 22.22 10.29 36.07
CA HIS F 208 22.30 9.77 34.71
C HIS F 208 20.88 9.55 34.21
N ARG F 209 20.61 10.02 33.00
CA ARG F 209 19.28 9.90 32.40
C ARG F 209 19.40 9.27 31.02
N ALA F 210 18.47 8.36 30.72
CA ALA F 210 18.49 7.66 29.45
C ALA F 210 18.33 8.63 28.28
N THR F 211 19.06 8.37 27.20
CA THR F 211 18.97 9.17 25.99
C THR F 211 18.80 8.35 24.72
N ASN F 212 19.10 7.05 24.72
CA ASN F 212 19.07 6.25 23.50
C ASN F 212 18.39 4.93 23.76
N ILE F 213 17.59 4.50 22.78
CA ILE F 213 16.88 3.23 22.78
C ILE F 213 17.11 2.54 21.44
N LEU F 214 17.39 1.24 21.48
CA LEU F 214 17.55 0.43 20.28
C LEU F 214 16.65 -0.79 20.37
N ILE F 215 15.90 -1.04 19.30
CA ILE F 215 14.95 -2.14 19.21
C ILE F 215 15.23 -2.92 17.93
N PRO F 216 14.87 -4.21 17.85
CA PRO F 216 15.09 -4.95 16.62
C PRO F 216 14.21 -4.41 15.50
N PRO F 217 14.63 -4.55 14.24
CA PRO F 217 13.81 -4.04 13.12
C PRO F 217 12.47 -4.70 12.99
N SER F 218 12.28 -5.91 13.53
CA SER F 218 11.03 -6.63 13.37
C SER F 218 9.92 -6.11 14.28
N MET F 219 10.25 -5.25 15.25
CA MET F 219 9.26 -4.70 16.16
C MET F 219 8.87 -3.26 15.83
N ARG F 220 9.28 -2.75 14.67
CA ARG F 220 8.87 -1.41 14.28
C ARG F 220 7.38 -1.33 13.97
N LYS F 221 6.77 -2.46 13.58
CA LYS F 221 5.35 -2.53 13.33
C LYS F 221 4.52 -2.61 14.61
N VAL F 222 5.15 -2.95 15.73
CA VAL F 222 4.43 -3.01 17.00
C VAL F 222 4.11 -1.61 17.52
N LEU F 223 5.01 -0.66 17.33
CA LEU F 223 4.81 0.70 17.79
C LEU F 223 4.12 1.59 16.77
N ALA F 224 3.74 1.05 15.61
CA ALA F 224 3.06 1.81 14.58
C ALA F 224 1.55 1.63 14.62
N ILE F 225 1.04 0.83 15.56
CA ILE F 225 -0.40 0.62 15.67
C ILE F 225 -1.07 1.86 16.24
N ARG F 226 -2.20 2.24 15.65
CA ARG F 226 -2.96 3.36 16.17
C ARG F 226 -3.68 2.97 17.46
N MET F 227 -3.74 3.91 18.40
CA MET F 227 -4.49 3.67 19.62
C MET F 227 -5.98 3.67 19.32
N PRO F 228 -6.78 2.92 20.08
CA PRO F 228 -8.22 2.87 19.80
C PRO F 228 -8.87 4.23 19.98
N GLU F 229 -9.92 4.47 19.19
CA GLU F 229 -10.74 5.68 19.26
C GLU F 229 -9.96 6.94 18.91
N THR F 230 -8.86 6.82 18.18
CA THR F 230 -8.07 7.98 17.76
C THR F 230 -7.38 7.64 16.46
N THR F 231 -6.71 8.64 15.87
CA THR F 231 -6.08 8.51 14.56
C THR F 231 -4.59 8.82 14.64
N MET F 232 -3.90 8.31 15.66
CA MET F 232 -2.46 8.41 15.74
C MET F 232 -1.91 7.20 16.49
N SER F 233 -0.64 6.91 16.25
CA SER F 233 0.00 5.70 16.72
C SER F 233 0.55 5.86 18.13
N TYR F 234 0.93 4.73 18.72
CA TYR F 234 1.54 4.74 20.05
C TYR F 234 2.85 5.48 20.05
N LEU F 235 3.61 5.40 18.96
CA LEU F 235 4.94 6.01 18.92
C LEU F 235 4.85 7.53 19.06
N ASP F 236 3.87 8.16 18.41
CA ASP F 236 3.75 9.61 18.50
C ASP F 236 3.47 10.06 19.92
N TYR F 237 2.56 9.39 20.61
CA TYR F 237 2.26 9.76 21.99
C TYR F 237 3.45 9.49 22.92
N PHE F 238 4.13 8.36 22.72
CA PHE F 238 5.29 8.04 23.55
C PHE F 238 6.39 9.08 23.35
N LYS F 239 6.61 9.50 22.10
CA LYS F 239 7.59 10.54 21.83
C LYS F 239 7.19 11.88 22.44
N SER F 240 5.88 12.20 22.40
CA SER F 240 5.43 13.45 23.01
C SER F 240 5.65 13.44 24.51
N GLN F 241 5.39 12.30 25.16
CA GLN F 241 5.59 12.22 26.61
C GLN F 241 7.07 12.24 26.98
N ASN F 242 7.89 11.44 26.31
CA ASN F 242 9.31 11.32 26.60
C ASN F 242 10.07 12.13 25.55
N SER F 243 10.26 13.41 25.82
CA SER F 243 10.98 14.28 24.90
C SER F 243 12.49 14.19 25.14
N GLY F 244 13.23 14.21 24.04
CA GLY F 244 14.68 14.16 24.12
C GLY F 244 15.29 12.77 24.07
N ILE F 245 14.55 11.77 23.62
CA ILE F 245 15.04 10.40 23.52
C ILE F 245 14.91 9.94 22.08
N GLU F 246 15.99 9.39 21.54
CA GLU F 246 16.05 8.94 20.15
C GLU F 246 15.83 7.43 20.09
N ILE F 247 15.03 7.00 19.13
CA ILE F 247 14.73 5.59 18.93
C ILE F 247 15.24 5.19 17.54
N ASP F 248 16.16 4.23 17.50
CA ASP F 248 16.71 3.70 16.26
C ASP F 248 16.52 2.19 16.25
N SER F 249 16.90 1.56 15.14
CA SER F 249 16.77 0.12 14.96
C SER F 249 18.11 -0.48 14.58
N ILE F 250 18.43 -1.62 15.20
CA ILE F 250 19.72 -2.29 15.00
C ILE F 250 19.46 -3.75 14.70
N ALA F 251 20.01 -4.23 13.58
CA ALA F 251 19.79 -5.62 13.18
C ALA F 251 20.57 -6.62 14.02
N GLU F 252 21.52 -6.16 14.82
CA GLU F 252 22.30 -7.07 15.66
C GLU F 252 21.52 -7.57 16.86
N LEU F 253 20.33 -7.01 17.14
CA LEU F 253 19.54 -7.37 18.31
C LEU F 253 18.54 -8.48 18.04
N GLU F 254 18.50 -9.01 16.82
CA GLU F 254 17.57 -10.07 16.49
C GLU F 254 17.91 -11.40 17.17
N ASP F 255 19.20 -11.70 17.33
CA ASP F 255 19.66 -12.92 17.99
C ASP F 255 20.77 -12.52 18.95
N ILE F 256 20.43 -12.38 20.24
CA ILE F 256 21.41 -11.93 21.22
C ILE F 256 22.09 -13.08 21.94
N ASP F 257 21.55 -14.30 21.86
CA ASP F 257 22.12 -15.44 22.53
C ASP F 257 22.50 -16.60 21.61
N GLY F 258 22.07 -16.58 20.35
CA GLY F 258 22.33 -17.67 19.43
C GLY F 258 21.24 -18.70 19.32
N ALA F 259 20.05 -18.44 19.90
CA ALA F 259 18.95 -19.38 19.84
C ALA F 259 17.63 -18.73 19.45
N GLY F 260 17.67 -17.48 18.97
CA GLY F 260 16.47 -16.79 18.54
C GLY F 260 15.89 -15.79 19.51
N THR F 261 16.59 -15.50 20.62
CA THR F 261 16.09 -14.53 21.58
C THR F 261 16.38 -13.12 21.11
N LYS F 262 15.39 -12.23 21.25
CA LYS F 262 15.53 -10.84 20.89
C LYS F 262 15.80 -10.00 22.15
N GLY F 263 15.94 -8.70 21.95
CA GLY F 263 16.22 -7.83 23.07
C GLY F 263 16.13 -6.37 22.69
N VAL F 264 15.94 -5.53 23.70
CA VAL F 264 15.87 -4.08 23.55
C VAL F 264 16.91 -3.47 24.48
N LEU F 265 17.62 -2.45 24.01
CA LEU F 265 18.69 -1.83 24.77
C LEU F 265 18.36 -0.37 25.06
N VAL F 266 18.43 0.01 26.34
CA VAL F 266 18.22 1.40 26.74
C VAL F 266 19.48 1.87 27.46
N TYR F 267 19.99 3.04 27.08
CA TYR F 267 21.26 3.49 27.64
C TYR F 267 21.41 4.99 27.45
N GLU F 268 22.44 5.53 28.08
CA GLU F 268 22.85 6.92 27.90
C GLU F 268 24.20 6.96 27.20
N LYS F 269 24.27 7.67 26.08
CA LYS F 269 25.46 7.69 25.25
C LYS F 269 26.38 8.80 25.74
N ASN F 270 27.53 8.42 26.31
CA ASN F 270 28.50 9.37 26.83
C ASN F 270 29.87 8.72 26.82
N PRO F 271 30.92 9.43 26.41
CA PRO F 271 32.27 8.82 26.42
C PRO F 271 32.71 8.37 27.80
N MET F 272 32.28 9.05 28.85
CA MET F 272 32.65 8.65 30.20
C MET F 272 31.94 7.40 30.68
N ASN F 273 30.92 6.94 29.94
CA ASN F 273 30.15 5.76 30.34
C ASN F 273 30.59 4.50 29.62
N MET F 274 31.14 4.62 28.42
CA MET F 274 31.43 3.48 27.57
C MET F 274 32.25 3.97 26.38
N SER F 275 33.13 3.11 25.89
CA SER F 275 34.04 3.56 24.82
C SER F 275 34.58 2.37 24.04
N ILE F 276 35.07 2.68 22.84
CA ILE F 276 35.78 1.74 21.99
C ILE F 276 37.02 2.45 21.44
N GLU F 277 38.17 1.78 21.50
CA GLU F 277 39.44 2.34 21.07
C GLU F 277 39.93 1.64 19.81
N ILE F 278 40.53 2.41 18.90
CA ILE F 278 41.21 1.89 17.73
C ILE F 278 42.62 2.49 17.71
N PRO F 279 43.56 1.94 18.50
CA PRO F 279 44.88 2.58 18.61
C PRO F 279 45.63 2.67 17.30
N GLU F 280 45.54 1.66 16.44
CA GLU F 280 46.25 1.62 15.17
C GLU F 280 45.24 1.34 14.06
N ALA F 281 45.19 2.23 13.07
CA ALA F 281 44.25 2.08 11.97
C ALA F 281 44.73 1.00 10.99
N PHE F 282 43.83 0.60 10.09
CA PHE F 282 44.16 -0.41 9.09
C PHE F 282 45.29 0.09 8.19
N ASN F 283 46.26 -0.78 7.94
CA ASN F 283 47.42 -0.42 7.14
C ASN F 283 47.94 -1.66 6.43
N MET F 284 48.65 -1.43 5.33
CA MET F 284 49.23 -2.49 4.51
C MET F 284 50.74 -2.38 4.52
N LEU F 285 51.41 -3.52 4.48
CA LEU F 285 52.85 -3.62 4.39
C LEU F 285 53.28 -3.76 2.93
N PRO F 286 54.53 -3.44 2.61
CA PRO F 286 55.01 -3.62 1.24
C PRO F 286 54.91 -5.08 0.80
N ALA F 287 54.66 -5.27 -0.48
CA ALA F 287 54.51 -6.62 -1.02
C ALA F 287 55.83 -7.37 -0.98
N GLN F 288 55.76 -8.65 -0.63
CA GLN F 288 56.94 -9.50 -0.54
C GLN F 288 57.00 -10.44 -1.73
N PRO F 289 57.92 -10.23 -2.68
CA PRO F 289 57.92 -11.03 -3.90
C PRO F 289 58.32 -12.48 -3.66
N LYS F 290 57.72 -13.36 -4.46
CA LYS F 290 58.14 -14.75 -4.58
C LYS F 290 58.30 -15.06 -6.05
N ASP F 291 58.43 -16.34 -6.40
CA ASP F 291 58.66 -16.72 -7.80
C ASP F 291 57.43 -16.34 -8.62
N LEU F 292 57.51 -15.20 -9.30
CA LEU F 292 56.48 -14.72 -10.23
C LEU F 292 55.15 -14.38 -9.56
N HIS F 293 55.13 -14.17 -8.25
CA HIS F 293 53.90 -13.76 -7.59
C HIS F 293 54.26 -13.09 -6.26
N PHE F 294 53.28 -12.38 -5.70
CA PHE F 294 53.49 -11.53 -4.53
C PHE F 294 52.61 -11.99 -3.38
N LYS F 295 52.77 -11.32 -2.24
CA LYS F 295 51.98 -11.61 -1.04
C LYS F 295 51.94 -10.34 -0.19
N VAL F 296 50.75 -9.83 0.06
CA VAL F 296 50.60 -8.56 0.77
C VAL F 296 49.89 -8.79 2.10
N PRO F 297 50.54 -8.54 3.24
CA PRO F 297 49.85 -8.59 4.53
C PRO F 297 49.30 -7.24 4.95
N CYS F 298 48.38 -7.28 5.91
CA CYS F 298 47.77 -6.07 6.45
C CYS F 298 47.19 -6.35 7.82
N THR F 299 47.44 -5.44 8.77
CA THR F 299 47.08 -5.62 10.17
C THR F 299 46.36 -4.39 10.69
N SER F 300 45.90 -4.50 11.94
CA SER F 300 45.15 -3.45 12.62
C SER F 300 45.13 -3.77 14.12
N LYS F 301 44.64 -2.80 14.89
CA LYS F 301 44.55 -2.94 16.35
C LYS F 301 43.16 -2.55 16.83
N CYS F 302 42.71 -3.20 17.91
CA CYS F 302 41.41 -2.94 18.49
C CYS F 302 41.44 -3.35 19.96
N THR F 303 40.41 -2.95 20.70
CA THR F 303 40.30 -3.27 22.11
C THR F 303 38.95 -3.82 22.54
N GLY F 304 37.90 -3.65 21.75
CA GLY F 304 36.56 -4.04 22.17
C GLY F 304 35.83 -2.89 22.83
N LEU F 305 34.78 -3.24 23.58
CA LEU F 305 33.93 -2.28 24.25
C LEU F 305 34.25 -2.27 25.74
N THR F 306 34.54 -1.08 26.28
CA THR F 306 34.83 -0.91 27.69
C THR F 306 33.70 -0.12 28.33
N ILE F 307 33.11 -0.68 29.37
CA ILE F 307 32.00 -0.06 30.10
C ILE F 307 32.52 0.41 31.44
N TYR F 308 32.54 1.73 31.65
CA TYR F 308 33.08 2.27 32.88
C TYR F 308 32.02 2.32 33.97
N ARG F 309 30.85 2.87 33.66
CA ARG F 309 29.74 2.91 34.61
C ARG F 309 28.66 1.95 34.13
N PRO F 310 28.55 0.74 34.71
CA PRO F 310 27.68 -0.28 34.16
C PRO F 310 26.21 -0.17 34.56
N MET F 311 25.83 0.84 35.36
CA MET F 311 24.45 1.00 35.76
C MET F 311 23.65 1.88 34.81
N THR F 312 24.27 2.35 33.72
CA THR F 312 23.58 3.18 32.75
C THR F 312 23.09 2.39 31.53
N ILE F 313 23.09 1.06 31.62
CA ILE F 313 22.63 0.20 30.52
C ILE F 313 21.59 -0.76 31.06
N VAL F 314 20.45 -0.84 30.39
CA VAL F 314 19.38 -1.77 30.72
C VAL F 314 19.06 -2.61 29.49
N LEU F 315 18.98 -3.93 29.69
CA LEU F 315 18.68 -4.87 28.63
C LEU F 315 17.34 -5.54 28.93
N ILE F 316 16.34 -5.27 28.10
CA ILE F 316 15.05 -5.92 28.17
C ILE F 316 15.13 -7.15 27.28
N THR F 317 15.24 -8.32 27.89
CA THR F 317 15.47 -9.56 27.15
C THR F 317 14.17 -10.34 26.99
N GLY F 318 14.13 -11.20 25.98
CA GLY F 318 12.94 -11.97 25.68
C GLY F 318 11.88 -11.22 24.90
N VAL F 319 12.22 -10.05 24.36
CA VAL F 319 11.26 -9.26 23.60
C VAL F 319 10.87 -9.98 22.31
N MET G 31 -49.38 -1.85 -52.46
CA MET G 31 -50.11 -1.23 -53.56
C MET G 31 -50.15 0.28 -53.40
N GLY G 32 -49.00 0.87 -53.06
CA GLY G 32 -48.92 2.30 -52.86
C GLY G 32 -47.93 2.97 -53.81
N ILE G 33 -47.55 4.20 -53.50
CA ILE G 33 -46.64 4.97 -54.34
C ILE G 33 -45.23 4.99 -53.76
N TRP G 34 -45.10 4.98 -52.43
CA TRP G 34 -43.80 4.97 -51.77
C TRP G 34 -43.59 3.64 -51.07
N THR G 35 -42.31 3.29 -50.89
CA THR G 35 -41.92 2.10 -50.16
C THR G 35 -41.30 2.50 -48.82
N ALA G 36 -41.13 1.50 -47.95
CA ALA G 36 -40.58 1.78 -46.63
C ALA G 36 -39.16 2.33 -46.71
N GLN G 37 -38.35 1.77 -47.62
CA GLN G 37 -36.96 2.20 -47.74
C GLN G 37 -36.83 3.68 -48.09
N GLU G 38 -37.82 4.26 -48.76
CA GLU G 38 -37.78 5.66 -49.12
C GLU G 38 -38.09 6.59 -47.94
N LEU G 39 -38.55 6.04 -46.82
CA LEU G 39 -38.87 6.82 -45.63
C LEU G 39 -38.08 6.31 -44.44
N HIS G 40 -36.82 5.96 -44.67
CA HIS G 40 -35.94 5.38 -43.67
C HIS G 40 -34.70 6.24 -43.54
N ARG G 41 -34.11 6.23 -42.35
CA ARG G 41 -32.87 6.95 -42.10
C ARG G 41 -31.95 6.11 -41.24
N ILE G 42 -30.66 6.15 -41.55
CA ILE G 42 -29.63 5.43 -40.80
C ILE G 42 -28.79 6.45 -40.05
N LYS G 43 -28.65 6.25 -38.75
CA LYS G 43 -27.89 7.19 -37.93
C LYS G 43 -26.46 7.29 -38.41
N SER G 44 -25.92 8.51 -38.38
CA SER G 44 -24.57 8.74 -38.88
C SER G 44 -23.52 8.06 -38.03
N GLN G 45 -23.74 7.99 -36.72
CA GLN G 45 -22.77 7.43 -35.80
C GLN G 45 -23.04 5.96 -35.54
N SER G 46 -21.97 5.18 -35.44
CA SER G 46 -22.04 3.76 -35.11
C SER G 46 -21.40 3.52 -33.75
N TYR G 47 -21.69 2.36 -33.17
CA TYR G 47 -21.19 1.98 -31.86
C TYR G 47 -20.23 0.81 -31.99
N GLU G 48 -19.10 0.88 -31.30
CA GLU G 48 -18.07 -0.14 -31.37
C GLU G 48 -17.92 -0.84 -30.02
N GLU G 49 -17.72 -2.15 -30.08
CA GLU G 49 -17.44 -2.92 -28.88
C GLU G 49 -16.03 -2.59 -28.39
N ASP G 50 -15.84 -2.68 -27.07
CA ASP G 50 -14.59 -2.27 -26.44
C ASP G 50 -13.79 -3.50 -26.01
N TYR G 51 -12.51 -3.51 -26.35
CA TYR G 51 -11.55 -4.54 -25.93
C TYR G 51 -10.31 -3.84 -25.39
N PRO G 52 -10.27 -3.54 -24.09
CA PRO G 52 -9.07 -2.88 -23.54
C PRO G 52 -7.83 -3.73 -23.71
N VAL G 53 -6.71 -3.08 -24.01
CA VAL G 53 -5.47 -3.79 -24.26
C VAL G 53 -4.93 -4.42 -22.98
N GLY G 54 -5.00 -3.68 -21.88
CA GLY G 54 -4.39 -4.07 -20.62
C GLY G 54 -3.35 -3.06 -20.19
N SER G 55 -2.74 -3.37 -19.04
CA SER G 55 -1.76 -2.46 -18.43
C SER G 55 -0.53 -3.27 -18.02
N ALA G 56 0.39 -3.43 -18.97
CA ALA G 56 1.69 -4.04 -18.70
C ALA G 56 2.85 -3.15 -19.11
N LEU G 57 2.67 -2.27 -20.10
CA LEU G 57 3.65 -1.27 -20.46
C LEU G 57 3.51 0.00 -19.63
N ARG G 58 2.52 0.06 -18.75
CA ARG G 58 2.28 1.23 -17.92
C ARG G 58 2.54 0.98 -16.44
N VAL G 59 2.81 -0.27 -16.05
CA VAL G 59 3.06 -0.59 -14.64
C VAL G 59 4.48 -1.11 -14.47
N PHE G 60 5.11 -1.49 -15.58
CA PHE G 60 6.50 -1.93 -15.54
C PHE G 60 7.35 -1.04 -16.43
N PRO G 61 8.61 -0.81 -16.07
CA PRO G 61 9.46 0.09 -16.87
C PRO G 61 9.73 -0.46 -18.25
N VAL G 62 9.90 0.45 -19.20
CA VAL G 62 10.21 0.11 -20.59
C VAL G 62 11.55 0.74 -20.95
N THR G 63 12.49 -0.07 -21.40
CA THR G 63 13.81 0.39 -21.81
C THR G 63 14.02 0.11 -23.30
N THR G 64 14.89 0.91 -23.91
CA THR G 64 15.10 0.87 -25.36
C THR G 64 16.59 0.72 -25.68
N GLU G 65 17.25 -0.23 -25.01
CA GLU G 65 18.68 -0.45 -25.22
C GLU G 65 18.98 -1.47 -26.30
N LEU G 66 18.17 -2.53 -26.40
CA LEU G 66 18.42 -3.58 -27.37
C LEU G 66 18.30 -3.05 -28.80
N SER G 67 19.14 -3.57 -29.68
CA SER G 67 19.14 -3.24 -31.09
C SER G 67 18.11 -4.08 -31.84
N PRO G 68 17.58 -3.57 -32.96
CA PRO G 68 16.57 -4.35 -33.71
C PRO G 68 17.12 -5.59 -34.38
N THR G 69 18.44 -5.79 -34.40
CA THR G 69 19.05 -6.97 -35.01
C THR G 69 19.81 -7.81 -34.02
N ASP G 70 19.43 -7.78 -32.74
CA ASP G 70 20.06 -8.61 -31.73
C ASP G 70 19.23 -9.87 -31.48
N LYS G 71 19.88 -10.88 -30.90
CA LYS G 71 19.21 -12.14 -30.58
C LYS G 71 19.34 -12.55 -29.12
N THR G 72 20.24 -11.95 -28.34
CA THR G 72 20.50 -12.39 -26.99
C THR G 72 21.19 -11.27 -26.23
N PHE G 73 20.86 -11.12 -24.95
CA PHE G 73 21.53 -10.17 -24.08
C PHE G 73 22.02 -10.88 -22.83
N GLU G 74 22.94 -10.22 -22.11
CA GLU G 74 23.66 -10.83 -21.00
C GLU G 74 24.08 -9.74 -20.02
N TYR G 75 24.08 -10.07 -18.73
CA TYR G 75 24.54 -9.17 -17.68
C TYR G 75 25.35 -9.95 -16.64
N MET G 76 26.20 -9.22 -15.92
CA MET G 76 27.19 -9.79 -15.00
C MET G 76 26.81 -9.52 -13.54
N THR G 77 27.52 -10.20 -12.65
CA THR G 77 27.40 -10.04 -11.20
C THR G 77 28.72 -10.44 -10.55
N PHE G 78 29.01 -9.83 -9.40
CA PHE G 78 30.29 -10.01 -8.72
C PHE G 78 30.08 -10.24 -7.22
N ASP G 79 31.10 -10.80 -6.58
CA ASP G 79 31.03 -11.16 -5.17
C ASP G 79 32.45 -11.18 -4.60
N LYS G 80 32.56 -11.52 -3.31
CA LYS G 80 33.86 -11.63 -2.65
C LYS G 80 33.72 -12.45 -1.38
N VAL G 81 34.86 -12.90 -0.86
CA VAL G 81 34.96 -13.64 0.40
C VAL G 81 36.15 -13.13 1.19
N GLY G 82 36.31 -13.61 2.40
CA GLY G 82 37.45 -13.25 3.22
C GLY G 82 37.12 -13.37 4.70
N THR G 83 38.17 -13.20 5.52
CA THR G 83 38.04 -13.28 6.97
C THR G 83 39.28 -12.64 7.60
N ALA G 84 39.23 -12.52 8.93
CA ALA G 84 40.36 -12.00 9.70
C ALA G 84 40.47 -12.79 11.00
N GLN G 85 41.60 -12.63 11.68
CA GLN G 85 41.88 -13.37 12.89
C GLN G 85 42.71 -12.53 13.85
N ILE G 86 42.84 -13.01 15.08
CA ILE G 86 43.69 -12.39 16.09
C ILE G 86 45.02 -13.14 16.10
N ILE G 87 46.12 -12.39 15.94
CA ILE G 87 47.43 -12.99 15.74
C ILE G 87 48.39 -12.53 16.83
N ALA G 88 49.59 -13.10 16.80
CA ALA G 88 50.69 -12.73 17.67
C ALA G 88 51.76 -12.01 16.85
N ASP G 89 52.88 -11.67 17.48
CA ASP G 89 53.91 -10.89 16.81
C ASP G 89 54.71 -11.72 15.81
N TYR G 90 54.96 -12.99 16.12
CA TYR G 90 55.62 -13.90 15.18
C TYR G 90 54.55 -14.80 14.58
N THR G 91 54.11 -14.48 13.37
CA THR G 91 53.00 -15.18 12.74
C THR G 91 53.32 -15.46 11.29
N ASP G 92 52.92 -16.65 10.82
CA ASP G 92 53.19 -17.04 9.44
C ASP G 92 51.98 -17.67 8.75
N ASP G 93 50.78 -17.50 9.29
CA ASP G 93 49.58 -18.15 8.75
C ASP G 93 48.40 -17.18 8.68
N LEU G 94 48.63 -16.01 8.09
CA LEU G 94 47.54 -15.06 7.90
C LEU G 94 46.56 -15.57 6.86
N PRO G 95 45.25 -15.45 7.09
CA PRO G 95 44.26 -15.95 6.12
C PRO G 95 44.14 -15.06 4.88
N LEU G 96 43.49 -15.57 3.83
CA LEU G 96 43.46 -14.93 2.52
C LEU G 96 42.02 -14.62 2.10
N VAL G 97 41.89 -13.87 1.01
CA VAL G 97 40.61 -13.43 0.47
C VAL G 97 40.59 -13.71 -1.03
N ASP G 98 39.41 -13.56 -1.64
CA ASP G 98 39.24 -13.82 -3.06
C ASP G 98 38.01 -13.06 -3.57
N ALA G 99 37.56 -13.41 -4.78
CA ALA G 99 36.45 -12.74 -5.45
C ALA G 99 35.83 -13.70 -6.44
N LEU G 100 34.64 -13.35 -6.94
CA LEU G 100 33.86 -14.23 -7.82
C LEU G 100 33.31 -13.43 -9.00
N GLY G 101 32.44 -14.09 -9.77
CA GLY G 101 31.71 -13.49 -10.87
C GLY G 101 30.75 -14.47 -11.50
N THR G 102 29.72 -13.97 -12.19
CA THR G 102 28.73 -14.82 -12.86
C THR G 102 27.96 -13.96 -13.85
N SER G 103 27.13 -14.62 -14.67
CA SER G 103 26.41 -13.94 -15.73
C SER G 103 25.09 -14.65 -16.02
N GLU G 104 24.18 -13.92 -16.68
CA GLU G 104 22.86 -14.43 -17.05
C GLU G 104 22.58 -14.12 -18.52
N PHE G 105 21.41 -14.55 -19.00
CA PHE G 105 21.08 -14.49 -20.42
C PHE G 105 19.61 -14.16 -20.62
N GLY G 106 19.29 -13.67 -21.82
CA GLY G 106 17.92 -13.42 -22.24
C GLY G 106 17.82 -13.38 -23.75
N LYS G 107 16.59 -13.60 -24.24
CA LYS G 107 16.32 -13.79 -25.67
C LYS G 107 15.24 -12.82 -26.15
N VAL G 108 15.03 -12.83 -27.48
CA VAL G 108 14.06 -11.98 -28.16
C VAL G 108 13.23 -12.85 -29.10
N PHE G 109 11.95 -12.48 -29.28
CA PHE G 109 10.99 -13.23 -30.08
C PHE G 109 10.28 -12.31 -31.08
N ARG G 110 9.70 -12.93 -32.11
CA ARG G 110 8.99 -12.24 -33.17
C ARG G 110 7.53 -12.69 -33.19
N LEU G 111 6.65 -11.77 -33.60
CA LEU G 111 5.21 -11.99 -33.60
C LEU G 111 4.65 -11.60 -34.96
N GLY G 112 3.55 -12.25 -35.35
CA GLY G 112 2.92 -11.93 -36.62
C GLY G 112 1.56 -12.54 -36.90
N ASN G 113 0.84 -11.92 -37.83
CA ASN G 113 -0.46 -12.41 -38.31
C ASN G 113 -0.71 -11.82 -39.69
N ALA G 114 -1.94 -11.92 -40.19
CA ALA G 114 -2.28 -11.41 -41.52
C ALA G 114 -3.79 -11.32 -41.66
N TYR G 115 -4.23 -10.77 -42.79
CA TYR G 115 -5.67 -10.74 -43.11
C TYR G 115 -5.87 -10.73 -44.61
N LEU G 116 -7.09 -11.06 -45.03
CA LEU G 116 -7.48 -11.16 -46.43
C LEU G 116 -8.60 -10.17 -46.74
N ILE G 117 -8.73 -9.82 -48.03
CA ILE G 117 -9.81 -8.98 -48.49
C ILE G 117 -9.89 -9.10 -50.02
N SER G 118 -11.10 -9.01 -50.55
CA SER G 118 -11.34 -9.14 -51.98
C SER G 118 -11.68 -7.79 -52.60
N ILE G 119 -11.70 -7.76 -53.93
CA ILE G 119 -11.95 -6.52 -54.67
C ILE G 119 -13.40 -6.09 -54.51
N ASP G 120 -14.33 -7.05 -54.52
CA ASP G 120 -15.75 -6.72 -54.35
C ASP G 120 -16.00 -6.08 -52.99
N GLU G 121 -15.35 -6.58 -51.94
CA GLU G 121 -15.49 -5.98 -50.62
C GLU G 121 -14.90 -4.58 -50.59
N ILE G 122 -13.79 -4.37 -51.30
CA ILE G 122 -13.19 -3.04 -51.37
C ILE G 122 -14.14 -2.05 -52.03
N LYS G 123 -14.76 -2.46 -53.15
CA LYS G 123 -15.71 -1.58 -53.82
C LYS G 123 -16.94 -1.32 -52.96
N ALA G 124 -17.45 -2.35 -52.29
CA ALA G 124 -18.61 -2.17 -51.41
C ALA G 124 -18.29 -1.22 -50.27
N GLY G 125 -17.10 -1.32 -49.70
CA GLY G 125 -16.70 -0.38 -48.66
C GLY G 125 -16.56 1.04 -49.17
N GLN G 126 -16.00 1.19 -50.38
CA GLN G 126 -15.87 2.53 -50.96
C GLN G 126 -17.22 3.15 -51.24
N ALA G 127 -18.21 2.34 -51.62
CA ALA G 127 -19.52 2.88 -51.97
C ALA G 127 -20.40 3.13 -50.76
N THR G 128 -20.51 2.14 -49.85
CA THR G 128 -21.41 2.28 -48.72
C THR G 128 -20.88 3.24 -47.65
N GLY G 129 -19.61 3.63 -47.73
CA GLY G 129 -19.02 4.54 -46.77
C GLY G 129 -18.41 3.88 -45.56
N ARG G 130 -18.50 2.56 -45.44
CA ARG G 130 -17.87 1.83 -44.33
C ARG G 130 -16.87 0.82 -44.87
N PRO G 131 -15.59 1.16 -44.95
CA PRO G 131 -14.59 0.19 -45.42
C PRO G 131 -14.41 -0.96 -44.45
N LEU G 132 -13.97 -2.08 -44.99
CA LEU G 132 -13.74 -3.30 -44.22
C LEU G 132 -12.27 -3.54 -43.91
N SER G 133 -11.36 -2.87 -44.61
CA SER G 133 -9.93 -3.08 -44.41
C SER G 133 -9.39 -2.43 -43.14
N THR G 134 -9.87 -1.22 -42.82
CA THR G 134 -9.37 -0.53 -41.63
C THR G 134 -9.77 -1.27 -40.35
N ARG G 135 -10.97 -1.86 -40.34
CA ARG G 135 -11.38 -2.65 -39.20
C ARG G 135 -10.45 -3.84 -38.98
N LYS G 136 -10.06 -4.52 -40.07
CA LYS G 136 -9.15 -5.65 -39.95
C LYS G 136 -7.77 -5.21 -39.52
N ALA G 137 -7.31 -4.04 -40.00
CA ALA G 137 -6.02 -3.51 -39.54
C ALA G 137 -6.03 -3.23 -38.04
N SER G 138 -7.12 -2.62 -37.56
CA SER G 138 -7.26 -2.36 -36.13
C SER G 138 -7.28 -3.66 -35.34
N ALA G 139 -7.97 -4.68 -35.87
CA ALA G 139 -8.01 -5.97 -35.20
C ALA G 139 -6.62 -6.59 -35.12
N CYS G 140 -5.83 -6.47 -36.19
CA CYS G 140 -4.47 -7.01 -36.17
C CYS G 140 -3.61 -6.31 -35.12
N GLN G 141 -3.68 -4.98 -35.06
CA GLN G 141 -2.91 -4.26 -34.07
C GLN G 141 -3.33 -4.63 -32.65
N LEU G 142 -4.64 -4.75 -32.42
CA LEU G 142 -5.13 -5.14 -31.10
C LEU G 142 -4.66 -6.54 -30.73
N ALA G 143 -4.66 -7.46 -31.70
CA ALA G 143 -4.17 -8.81 -31.45
C ALA G 143 -2.72 -8.81 -31.03
N HIS G 144 -1.88 -8.02 -31.72
CA HIS G 144 -0.48 -7.95 -31.34
C HIS G 144 -0.31 -7.41 -29.92
N ASP G 145 -1.00 -6.31 -29.60
CA ASP G 145 -0.87 -5.73 -28.26
C ASP G 145 -1.33 -6.69 -27.17
N GLN G 146 -2.46 -7.38 -27.41
CA GLN G 146 -2.96 -8.33 -26.42
C GLN G 146 -2.03 -9.52 -26.28
N LEU G 147 -1.38 -9.95 -27.37
CA LEU G 147 -0.41 -11.03 -27.26
C LEU G 147 0.78 -10.61 -26.40
N VAL G 148 1.24 -9.37 -26.57
CA VAL G 148 2.34 -8.88 -25.74
C VAL G 148 1.94 -8.87 -24.26
N ASN G 149 0.75 -8.35 -23.98
CA ASN G 149 0.27 -8.31 -22.60
C ASN G 149 0.14 -9.71 -22.00
N ARG G 150 -0.41 -10.65 -22.78
CA ARG G 150 -0.56 -12.02 -22.33
C ARG G 150 0.78 -12.70 -22.09
N LEU G 151 1.78 -12.42 -22.93
CA LEU G 151 3.12 -12.96 -22.70
C LEU G 151 3.69 -12.42 -21.40
N VAL G 152 3.50 -11.13 -21.13
CA VAL G 152 4.03 -10.57 -19.90
C VAL G 152 3.35 -11.19 -18.67
N PHE G 153 2.02 -11.31 -18.68
CA PHE G 153 1.30 -11.67 -17.47
C PHE G 153 1.00 -13.16 -17.33
N LYS G 154 1.29 -13.98 -18.34
CA LYS G 154 1.00 -15.41 -18.27
C LYS G 154 2.14 -16.30 -18.73
N GLY G 155 3.07 -15.81 -19.53
CA GLY G 155 4.19 -16.61 -19.96
C GLY G 155 3.83 -17.60 -21.05
N SER G 156 4.79 -18.48 -21.33
CA SER G 156 4.63 -19.52 -22.35
C SER G 156 5.55 -20.68 -22.00
N ALA G 157 4.97 -21.81 -21.59
CA ALA G 157 5.78 -22.94 -21.18
C ALA G 157 6.66 -23.51 -22.28
N PRO G 158 6.16 -23.78 -23.50
CA PRO G 158 7.04 -24.33 -24.53
C PRO G 158 8.22 -23.43 -24.88
N HIS G 159 8.02 -22.12 -24.87
CA HIS G 159 9.06 -21.17 -25.26
C HIS G 159 9.96 -20.77 -24.10
N LYS G 160 9.77 -21.35 -22.91
CA LYS G 160 10.56 -21.04 -21.73
C LYS G 160 10.47 -19.57 -21.38
N ILE G 161 9.27 -19.01 -21.45
CA ILE G 161 8.99 -17.65 -21.01
C ILE G 161 8.23 -17.73 -19.70
N VAL G 162 8.80 -17.14 -18.64
CA VAL G 162 8.28 -17.24 -17.29
C VAL G 162 7.52 -15.96 -16.97
N SER G 163 6.31 -16.11 -16.44
CA SER G 163 5.50 -14.97 -16.06
C SER G 163 5.94 -14.42 -14.72
N VAL G 164 5.33 -13.31 -14.31
CA VAL G 164 5.68 -12.68 -13.05
C VAL G 164 5.14 -13.45 -11.85
N PHE G 165 4.07 -14.23 -12.03
CA PHE G 165 3.48 -14.99 -10.94
C PHE G 165 4.11 -16.37 -10.75
N ASN G 166 4.92 -16.82 -11.69
CA ASN G 166 5.53 -18.15 -11.63
C ASN G 166 7.04 -18.11 -11.45
N HIS G 167 7.62 -16.92 -11.29
CA HIS G 167 9.07 -16.82 -11.11
C HIS G 167 9.46 -17.51 -9.80
N PRO G 168 10.44 -18.42 -9.82
CA PRO G 168 10.73 -19.22 -8.64
C PRO G 168 11.60 -18.53 -7.60
N ASN G 169 12.00 -17.28 -7.82
CA ASN G 169 12.90 -16.57 -6.92
C ASN G 169 12.24 -15.35 -6.27
N ILE G 170 10.93 -15.22 -6.37
CA ILE G 170 10.21 -14.12 -5.76
C ILE G 170 9.49 -14.61 -4.51
N THR G 171 9.19 -13.68 -3.61
CA THR G 171 8.58 -14.02 -2.34
C THR G 171 7.07 -14.16 -2.51
N LYS G 172 6.53 -15.29 -2.06
CA LYS G 172 5.10 -15.56 -2.10
C LYS G 172 4.59 -15.72 -0.67
N ILE G 173 3.53 -14.99 -0.34
CA ILE G 173 2.95 -14.99 1.00
C ILE G 173 1.51 -15.44 0.90
N THR G 174 1.18 -16.54 1.58
CA THR G 174 -0.21 -16.96 1.67
C THR G 174 -0.99 -15.99 2.55
N SER G 175 -2.27 -15.80 2.22
CA SER G 175 -3.08 -14.79 2.87
C SER G 175 -4.42 -15.36 3.31
N GLY G 176 -4.88 -14.92 4.48
CA GLY G 176 -6.28 -15.10 4.83
C GLY G 176 -7.13 -14.15 4.01
N LYS G 177 -8.30 -14.64 3.60
CA LYS G 177 -9.12 -13.91 2.65
C LYS G 177 -9.56 -12.56 3.23
N TRP G 178 -9.47 -11.52 2.42
CA TRP G 178 -9.90 -10.19 2.85
C TRP G 178 -11.41 -10.06 2.89
N ILE G 179 -12.13 -10.91 2.15
CA ILE G 179 -13.59 -10.92 2.15
C ILE G 179 -14.03 -12.37 2.31
N ASP G 180 -14.61 -12.70 3.46
CA ASP G 180 -15.08 -14.05 3.75
C ASP G 180 -16.58 -14.00 3.99
N ALA G 181 -17.34 -14.67 3.11
CA ALA G 181 -18.79 -14.74 3.20
C ALA G 181 -19.41 -13.35 3.29
N SER G 182 -18.94 -12.45 2.42
CA SER G 182 -19.38 -11.07 2.30
C SER G 182 -19.10 -10.24 3.54
N THR G 183 -18.23 -10.72 4.44
CA THR G 183 -17.80 -9.96 5.60
C THR G 183 -16.41 -9.40 5.33
N MET G 184 -16.25 -8.09 5.51
CA MET G 184 -15.04 -7.39 5.11
C MET G 184 -14.11 -7.23 6.31
N LYS G 185 -12.82 -7.55 6.09
CA LYS G 185 -11.81 -7.43 7.13
C LYS G 185 -10.69 -6.49 6.67
N PRO G 186 -10.76 -5.21 7.00
CA PRO G 186 -9.70 -4.29 6.56
C PRO G 186 -8.43 -4.39 7.40
N GLU G 187 -8.56 -4.86 8.64
CA GLU G 187 -7.39 -5.00 9.50
C GLU G 187 -6.42 -6.04 8.94
N THR G 188 -6.93 -7.15 8.41
CA THR G 188 -6.07 -8.15 7.78
C THR G 188 -5.36 -7.57 6.57
N ALA G 189 -6.07 -6.78 5.77
CA ALA G 189 -5.47 -6.16 4.60
C ALA G 189 -4.33 -5.24 5.00
N GLU G 190 -4.57 -4.37 5.99
CA GLU G 190 -3.52 -3.44 6.42
C GLU G 190 -2.32 -4.19 6.99
N ALA G 191 -2.57 -5.21 7.81
CA ALA G 191 -1.48 -5.98 8.40
C ALA G 191 -0.65 -6.67 7.32
N GLU G 192 -1.31 -7.26 6.32
CA GLU G 192 -0.58 -7.97 5.27
C GLU G 192 0.20 -7.01 4.38
N LEU G 193 -0.36 -5.84 4.09
CA LEU G 193 0.38 -4.86 3.31
C LEU G 193 1.63 -4.40 4.06
N THR G 194 1.49 -4.12 5.35
CA THR G 194 2.66 -3.72 6.14
C THR G 194 3.69 -4.84 6.20
N GLN G 195 3.24 -6.08 6.35
CA GLN G 195 4.16 -7.21 6.39
C GLN G 195 4.92 -7.34 5.07
N ALA G 196 4.24 -7.19 3.94
CA ALA G 196 4.91 -7.28 2.64
C ALA G 196 5.94 -6.16 2.48
N ILE G 197 5.59 -4.94 2.86
CA ILE G 197 6.53 -3.82 2.77
C ILE G 197 7.76 -4.09 3.63
N GLU G 198 7.54 -4.56 4.86
CA GLU G 198 8.67 -4.84 5.75
C GLU G 198 9.53 -5.97 5.21
N THR G 199 8.91 -6.98 4.59
CA THR G 199 9.68 -8.07 4.01
C THR G 199 10.57 -7.58 2.88
N ILE G 200 10.03 -6.71 2.01
CA ILE G 200 10.84 -6.15 0.94
C ILE G 200 12.00 -5.35 1.53
N GLU G 201 11.72 -4.55 2.56
CA GLU G 201 12.79 -3.77 3.19
C GLU G 201 13.85 -4.66 3.83
N THR G 202 13.46 -5.83 4.34
CA THR G 202 14.37 -6.68 5.08
C THR G 202 15.25 -7.55 4.18
N ILE G 203 14.67 -8.26 3.22
CA ILE G 203 15.46 -9.24 2.47
C ILE G 203 16.53 -8.57 1.63
N THR G 204 16.27 -7.35 1.15
CA THR G 204 17.25 -6.59 0.40
C THR G 204 18.22 -5.84 1.31
N ARG G 205 17.99 -5.88 2.62
CA ARG G 205 18.89 -5.29 3.63
C ARG G 205 19.06 -3.79 3.42
N GLY G 206 17.93 -3.09 3.26
CA GLY G 206 17.91 -1.65 3.24
C GLY G 206 18.30 -1.00 1.93
N GLN G 207 18.67 -1.78 0.92
CA GLN G 207 19.04 -1.20 -0.37
C GLN G 207 17.83 -0.77 -1.19
N HIS G 208 16.71 -1.46 -1.05
CA HIS G 208 15.52 -1.18 -1.83
C HIS G 208 14.31 -1.03 -0.93
N ARG G 209 13.40 -0.15 -1.31
CA ARG G 209 12.17 0.12 -0.57
C ARG G 209 10.98 0.06 -1.51
N ALA G 210 9.90 -0.57 -1.06
CA ALA G 210 8.72 -0.73 -1.89
C ALA G 210 8.10 0.63 -2.22
N THR G 211 7.68 0.78 -3.48
CA THR G 211 7.10 2.03 -3.95
C THR G 211 5.75 1.88 -4.64
N ASN G 212 5.35 0.68 -5.05
CA ASN G 212 4.10 0.49 -5.77
C ASN G 212 3.38 -0.76 -5.29
N ILE G 213 2.05 -0.66 -5.22
CA ILE G 213 1.16 -1.76 -4.87
C ILE G 213 0.09 -1.88 -5.93
N LEU G 214 -0.27 -3.12 -6.27
CA LEU G 214 -1.35 -3.41 -7.21
C LEU G 214 -2.31 -4.39 -6.56
N ILE G 215 -3.59 -4.05 -6.59
CA ILE G 215 -4.65 -4.83 -5.95
C ILE G 215 -5.77 -5.10 -6.95
N PRO G 216 -6.57 -6.15 -6.75
CA PRO G 216 -7.72 -6.39 -7.64
C PRO G 216 -8.72 -5.25 -7.55
N PRO G 217 -9.41 -4.94 -8.66
CA PRO G 217 -10.38 -3.83 -8.63
C PRO G 217 -11.60 -4.08 -7.76
N SER G 218 -11.87 -5.32 -7.37
CA SER G 218 -13.00 -5.63 -6.50
C SER G 218 -12.67 -5.48 -5.03
N MET G 219 -11.43 -5.13 -4.68
CA MET G 219 -11.03 -4.95 -3.30
C MET G 219 -10.93 -3.49 -2.89
N ARG G 220 -11.29 -2.55 -3.78
CA ARG G 220 -11.24 -1.13 -3.42
C ARG G 220 -12.28 -0.77 -2.38
N LYS G 221 -13.37 -1.53 -2.27
CA LYS G 221 -14.40 -1.25 -1.28
C LYS G 221 -13.95 -1.59 0.14
N VAL G 222 -13.01 -2.51 0.30
CA VAL G 222 -12.52 -2.89 1.62
C VAL G 222 -11.69 -1.79 2.25
N LEU G 223 -10.86 -1.10 1.46
CA LEU G 223 -9.97 -0.08 2.00
C LEU G 223 -10.66 1.27 2.18
N ALA G 224 -11.90 1.42 1.73
CA ALA G 224 -12.63 2.66 1.86
C ALA G 224 -13.54 2.67 3.09
N ILE G 225 -13.51 1.62 3.91
CA ILE G 225 -14.33 1.56 5.11
C ILE G 225 -13.86 2.62 6.10
N ARG G 226 -14.82 3.34 6.68
CA ARG G 226 -14.49 4.32 7.71
C ARG G 226 -14.16 3.60 9.01
N MET G 227 -13.06 4.00 9.66
CA MET G 227 -12.63 3.33 10.87
C MET G 227 -13.59 3.61 12.02
N PRO G 228 -13.74 2.67 12.95
CA PRO G 228 -14.70 2.84 14.04
C PRO G 228 -14.38 4.04 14.92
N GLU G 229 -15.43 4.73 15.36
CA GLU G 229 -15.33 5.95 16.19
C GLU G 229 -14.33 6.97 15.64
N THR G 230 -14.41 7.22 14.34
CA THR G 230 -13.66 8.32 13.74
C THR G 230 -14.26 8.63 12.37
N THR G 231 -13.71 9.66 11.72
CA THR G 231 -14.18 10.12 10.42
C THR G 231 -13.15 9.90 9.31
N MET G 232 -12.12 9.10 9.57
CA MET G 232 -11.07 8.83 8.60
C MET G 232 -11.04 7.34 8.30
N SER G 233 -10.67 7.00 7.08
CA SER G 233 -10.70 5.63 6.58
C SER G 233 -9.33 4.97 6.66
N TYR G 234 -9.32 3.65 6.42
CA TYR G 234 -8.09 2.88 6.53
C TYR G 234 -7.06 3.31 5.50
N LEU G 235 -7.49 3.63 4.28
CA LEU G 235 -6.56 4.03 3.24
C LEU G 235 -5.83 5.32 3.61
N ASP G 236 -6.54 6.28 4.20
CA ASP G 236 -5.91 7.54 4.58
C ASP G 236 -4.87 7.32 5.68
N TYR G 237 -5.19 6.47 6.66
CA TYR G 237 -4.22 6.17 7.71
C TYR G 237 -2.99 5.46 7.14
N PHE G 238 -3.21 4.50 6.24
CA PHE G 238 -2.09 3.79 5.63
C PHE G 238 -1.21 4.73 4.85
N LYS G 239 -1.81 5.67 4.10
CA LYS G 239 -1.02 6.64 3.35
C LYS G 239 -0.29 7.60 4.28
N SER G 240 -0.90 7.95 5.41
CA SER G 240 -0.21 8.81 6.38
C SER G 240 1.00 8.11 6.99
N GLN G 241 0.89 6.83 7.28
CA GLN G 241 2.00 6.08 7.86
C GLN G 241 3.06 5.71 6.83
N ASN G 242 2.72 5.69 5.54
CA ASN G 242 3.65 5.28 4.47
C ASN G 242 3.61 6.37 3.40
N SER G 243 4.45 7.38 3.55
CA SER G 243 4.47 8.49 2.60
C SER G 243 5.34 8.14 1.40
N GLY G 244 4.83 8.41 0.21
CA GLY G 244 5.56 8.18 -1.02
C GLY G 244 5.27 6.88 -1.73
N ILE G 245 4.25 6.14 -1.33
CA ILE G 245 3.90 4.86 -1.95
C ILE G 245 2.58 5.05 -2.69
N GLU G 246 2.53 4.57 -3.92
CA GLU G 246 1.35 4.71 -4.75
C GLU G 246 0.54 3.42 -4.78
N ILE G 247 -0.78 3.57 -4.87
CA ILE G 247 -1.71 2.45 -4.91
C ILE G 247 -2.49 2.52 -6.22
N ASP G 248 -2.49 1.43 -6.97
CA ASP G 248 -3.20 1.34 -8.23
C ASP G 248 -3.95 0.03 -8.28
N SER G 249 -4.92 -0.04 -9.19
CA SER G 249 -5.76 -1.23 -9.33
C SER G 249 -5.64 -1.79 -10.75
N ILE G 250 -5.48 -3.10 -10.83
CA ILE G 250 -5.24 -3.80 -12.09
C ILE G 250 -6.21 -4.98 -12.18
N ALA G 251 -6.87 -5.11 -13.32
CA ALA G 251 -7.83 -6.20 -13.50
C ALA G 251 -7.16 -7.55 -13.69
N GLU G 252 -5.91 -7.57 -14.18
CA GLU G 252 -5.18 -8.81 -14.40
C GLU G 252 -5.00 -9.61 -13.11
N LEU G 253 -5.11 -8.97 -11.95
CA LEU G 253 -4.98 -9.64 -10.66
C LEU G 253 -6.27 -10.29 -10.20
N GLU G 254 -7.37 -10.14 -10.94
CA GLU G 254 -8.62 -10.80 -10.58
C GLU G 254 -8.53 -12.31 -10.72
N ASP G 255 -7.59 -12.82 -11.52
CA ASP G 255 -7.44 -14.26 -11.72
C ASP G 255 -6.00 -14.52 -12.14
N ILE G 256 -5.21 -15.09 -11.25
CA ILE G 256 -3.79 -15.31 -11.47
C ILE G 256 -3.50 -16.75 -11.87
N ASP G 257 -4.07 -17.72 -11.16
CA ASP G 257 -3.82 -19.12 -11.48
C ASP G 257 -4.73 -19.65 -12.58
N GLY G 258 -5.74 -18.89 -12.96
CA GLY G 258 -6.72 -19.33 -13.94
C GLY G 258 -7.92 -20.02 -13.35
N ALA G 259 -7.98 -20.18 -12.03
CA ALA G 259 -9.07 -20.89 -11.35
C ALA G 259 -9.84 -19.98 -10.40
N GLY G 260 -9.66 -18.67 -10.49
CA GLY G 260 -10.38 -17.73 -9.66
C GLY G 260 -9.57 -17.13 -8.51
N THR G 261 -8.36 -17.62 -8.28
CA THR G 261 -7.54 -17.07 -7.20
C THR G 261 -7.13 -15.64 -7.51
N LYS G 262 -7.21 -14.77 -6.50
CA LYS G 262 -6.81 -13.38 -6.61
C LYS G 262 -5.40 -13.20 -6.04
N GLY G 263 -4.85 -12.01 -6.21
CA GLY G 263 -3.51 -11.74 -5.73
C GLY G 263 -3.22 -10.25 -5.66
N VAL G 264 -2.23 -9.92 -4.83
CA VAL G 264 -1.77 -8.55 -4.65
C VAL G 264 -0.27 -8.52 -4.92
N LEU G 265 0.21 -7.46 -5.55
CA LEU G 265 1.60 -7.37 -5.98
C LEU G 265 2.24 -6.13 -5.40
N VAL G 266 3.35 -6.30 -4.66
CA VAL G 266 4.08 -5.18 -4.08
C VAL G 266 5.49 -5.19 -4.67
N TYR G 267 5.93 -4.04 -5.18
CA TYR G 267 7.23 -4.00 -5.84
C TYR G 267 7.78 -2.58 -5.82
N GLU G 268 9.05 -2.46 -6.18
CA GLU G 268 9.72 -1.18 -6.39
C GLU G 268 9.96 -1.01 -7.89
N LYS G 269 9.33 0.00 -8.47
CA LYS G 269 9.41 0.23 -9.92
C LYS G 269 10.72 0.95 -10.22
N ASN G 270 11.55 0.32 -11.06
CA ASN G 270 12.87 0.83 -11.38
C ASN G 270 13.40 0.13 -12.63
N PRO G 271 13.94 0.86 -13.61
CA PRO G 271 14.50 0.18 -14.79
C PRO G 271 15.65 -0.76 -14.46
N MET G 272 16.30 -0.60 -13.32
CA MET G 272 17.39 -1.45 -12.89
C MET G 272 16.93 -2.80 -12.36
N ASN G 273 15.65 -2.96 -12.06
CA ASN G 273 15.12 -4.15 -11.43
C ASN G 273 14.37 -5.06 -12.40
N MET G 274 13.53 -4.51 -13.27
CA MET G 274 12.79 -5.29 -14.25
C MET G 274 12.47 -4.40 -15.44
N SER G 275 12.33 -5.01 -16.60
CA SER G 275 12.12 -4.21 -17.81
C SER G 275 11.47 -5.04 -18.90
N ILE G 276 10.91 -4.33 -19.88
CA ILE G 276 10.36 -4.92 -21.10
C ILE G 276 10.98 -4.20 -22.29
N GLU G 277 11.42 -4.97 -23.28
CA GLU G 277 12.01 -4.44 -24.51
C GLU G 277 11.08 -4.67 -25.68
N ILE G 278 10.94 -3.66 -26.52
CA ILE G 278 10.22 -3.80 -27.80
C ILE G 278 11.13 -3.28 -28.90
N PRO G 279 12.07 -4.10 -29.39
CA PRO G 279 13.04 -3.59 -30.39
C PRO G 279 12.42 -3.23 -31.73
N GLU G 280 11.23 -3.72 -32.05
CA GLU G 280 10.58 -3.40 -33.31
C GLU G 280 9.09 -3.23 -33.08
N ALA G 281 8.53 -2.13 -33.59
CA ALA G 281 7.13 -1.82 -33.39
C ALA G 281 6.28 -2.45 -34.49
N PHE G 282 4.96 -2.41 -34.29
CA PHE G 282 4.02 -2.99 -35.24
C PHE G 282 4.13 -2.29 -36.59
N ASN G 283 4.20 -3.07 -37.65
CA ASN G 283 4.30 -2.53 -39.00
C ASN G 283 3.69 -3.53 -39.98
N MET G 284 3.34 -3.01 -41.17
CA MET G 284 2.64 -3.79 -42.18
C MET G 284 3.50 -3.90 -43.43
N LEU G 285 3.21 -4.93 -44.22
CA LEU G 285 3.88 -5.18 -45.49
C LEU G 285 2.94 -4.91 -46.65
N PRO G 286 3.47 -4.60 -47.83
CA PRO G 286 2.61 -4.37 -49.00
C PRO G 286 1.77 -5.60 -49.32
N ALA G 287 0.57 -5.35 -49.82
CA ALA G 287 -0.37 -6.44 -50.10
C ALA G 287 0.14 -7.31 -51.25
N GLN G 288 -0.09 -8.61 -51.13
CA GLN G 288 0.36 -9.58 -52.12
C GLN G 288 -0.85 -10.11 -52.88
N PRO G 289 -1.06 -9.71 -54.13
CA PRO G 289 -2.30 -10.06 -54.83
C PRO G 289 -2.36 -11.54 -55.21
N LYS G 290 -3.58 -12.03 -55.34
CA LYS G 290 -3.90 -13.35 -55.88
C LYS G 290 -4.92 -13.16 -57.01
N ASP G 291 -5.57 -14.25 -57.40
CA ASP G 291 -6.54 -14.23 -58.50
C ASP G 291 -7.48 -13.03 -58.43
N LEU G 292 -8.24 -12.92 -57.34
CA LEU G 292 -9.16 -11.79 -57.19
C LEU G 292 -9.18 -11.21 -55.78
N HIS G 293 -8.21 -11.53 -54.93
CA HIS G 293 -8.14 -10.99 -53.58
C HIS G 293 -6.71 -10.65 -53.23
N PHE G 294 -6.51 -10.24 -51.98
CA PHE G 294 -5.22 -9.79 -51.46
C PHE G 294 -4.95 -10.46 -50.12
N LYS G 295 -3.71 -10.37 -49.68
CA LYS G 295 -3.34 -10.74 -48.32
C LYS G 295 -2.34 -9.73 -47.79
N VAL G 296 -2.56 -9.30 -46.56
CA VAL G 296 -1.68 -8.31 -45.93
C VAL G 296 -1.15 -8.88 -44.63
N PRO G 297 0.16 -9.07 -44.51
CA PRO G 297 0.75 -9.54 -43.25
C PRO G 297 1.25 -8.41 -42.35
N CYS G 298 1.25 -8.71 -41.05
CA CYS G 298 1.67 -7.79 -40.00
C CYS G 298 2.64 -8.51 -39.08
N THR G 299 3.65 -7.79 -38.60
CA THR G 299 4.68 -8.41 -37.77
C THR G 299 5.27 -7.39 -36.82
N SER G 300 5.92 -7.90 -35.76
CA SER G 300 6.61 -7.06 -34.79
C SER G 300 7.55 -7.95 -33.96
N LYS G 301 8.21 -7.34 -32.99
CA LYS G 301 9.13 -8.06 -32.11
C LYS G 301 8.90 -7.67 -30.65
N CYS G 302 9.19 -8.60 -29.75
CA CYS G 302 9.06 -8.37 -28.32
C CYS G 302 10.00 -9.31 -27.60
N THR G 303 10.11 -9.13 -26.28
CA THR G 303 10.96 -10.00 -25.47
C THR G 303 10.30 -10.52 -24.21
N GLY G 304 9.32 -9.83 -23.65
CA GLY G 304 8.74 -10.21 -22.37
C GLY G 304 9.45 -9.55 -21.21
N LEU G 305 8.85 -9.71 -20.03
CA LEU G 305 9.38 -9.10 -18.82
C LEU G 305 10.63 -9.83 -18.36
N THR G 306 11.71 -9.09 -18.12
CA THR G 306 12.95 -9.63 -17.58
C THR G 306 13.18 -9.00 -16.22
N ILE G 307 13.41 -9.84 -15.21
CA ILE G 307 13.58 -9.41 -13.83
C ILE G 307 15.05 -9.64 -13.47
N TYR G 308 15.84 -8.56 -13.43
CA TYR G 308 17.25 -8.69 -13.09
C TYR G 308 17.42 -9.04 -11.61
N ARG G 309 16.74 -8.33 -10.73
CA ARG G 309 16.85 -8.54 -9.29
C ARG G 309 15.50 -8.97 -8.71
N PRO G 310 15.29 -10.27 -8.46
CA PRO G 310 13.95 -10.76 -8.14
C PRO G 310 13.55 -10.62 -6.68
N MET G 311 14.40 -10.04 -5.83
CA MET G 311 14.06 -9.87 -4.42
C MET G 311 13.23 -8.63 -4.15
N THR G 312 12.93 -7.83 -5.18
CA THR G 312 12.13 -6.62 -5.03
C THR G 312 10.68 -6.81 -5.48
N ILE G 313 10.17 -8.04 -5.41
CA ILE G 313 8.80 -8.34 -5.77
C ILE G 313 8.21 -9.28 -4.71
N VAL G 314 6.99 -8.98 -4.28
CA VAL G 314 6.27 -9.82 -3.33
C VAL G 314 4.86 -10.05 -3.85
N LEU G 315 4.44 -11.31 -3.89
CA LEU G 315 3.10 -11.70 -4.31
C LEU G 315 2.33 -12.24 -3.12
N ILE G 316 1.24 -11.57 -2.76
CA ILE G 316 0.34 -12.02 -1.72
C ILE G 316 -0.76 -12.81 -2.43
N THR G 317 -0.88 -14.09 -2.10
CA THR G 317 -1.76 -15.01 -2.80
C THR G 317 -2.95 -15.39 -1.93
N GLY G 318 -4.10 -15.57 -2.56
CA GLY G 318 -5.31 -15.95 -1.86
C GLY G 318 -6.14 -14.79 -1.36
N VAL G 319 -5.85 -13.57 -1.78
CA VAL G 319 -6.59 -12.39 -1.36
C VAL G 319 -8.01 -12.44 -1.90
N ASP H 11 -19.77 -19.24 -82.34
CA ASP H 11 -19.21 -19.36 -80.99
C ASP H 11 -17.72 -19.68 -81.06
N MET H 12 -17.25 -20.49 -80.11
CA MET H 12 -15.85 -20.90 -80.06
C MET H 12 -15.77 -22.37 -79.69
N ALA H 13 -14.62 -22.97 -79.97
CA ALA H 13 -14.33 -24.30 -79.46
C ALA H 13 -14.13 -24.24 -77.95
N ILE H 14 -14.36 -25.37 -77.31
CA ILE H 14 -14.37 -25.41 -75.84
C ILE H 14 -12.98 -25.62 -75.28
N ALA H 15 -12.15 -26.48 -75.89
CA ALA H 15 -10.84 -26.78 -75.36
C ALA H 15 -9.99 -27.45 -76.43
N LEU H 16 -8.71 -27.64 -76.12
CA LEU H 16 -7.73 -28.31 -76.95
C LEU H 16 -6.91 -29.27 -76.11
N PRO H 17 -6.34 -30.31 -76.71
CA PRO H 17 -5.50 -31.23 -75.93
C PRO H 17 -4.27 -30.53 -75.38
N GLY H 18 -3.87 -30.93 -74.17
CA GLY H 18 -2.67 -30.40 -73.57
C GLY H 18 -2.80 -29.04 -72.95
N MET H 19 -3.98 -28.45 -72.94
CA MET H 19 -4.18 -27.12 -72.40
C MET H 19 -4.71 -27.20 -70.98
N VAL H 20 -4.16 -26.34 -70.12
CA VAL H 20 -4.52 -26.33 -68.70
C VAL H 20 -5.97 -25.88 -68.56
N ALA H 21 -6.72 -26.56 -67.70
CA ALA H 21 -8.15 -26.31 -67.59
C ALA H 21 -8.43 -25.04 -66.80
N ASP H 22 -7.98 -24.99 -65.54
CA ASP H 22 -8.27 -23.88 -64.64
C ASP H 22 -6.97 -23.27 -64.15
N THR H 23 -7.09 -22.29 -63.25
CA THR H 23 -5.96 -21.61 -62.64
C THR H 23 -5.81 -21.97 -61.17
N SER H 24 -6.08 -23.22 -60.81
CA SER H 24 -5.87 -23.69 -59.45
C SER H 24 -4.39 -24.00 -59.24
N LYS H 25 -4.09 -24.66 -58.12
CA LYS H 25 -2.71 -25.04 -57.85
C LYS H 25 -2.19 -25.98 -58.92
N TYR H 26 -1.13 -25.54 -59.62
CA TYR H 26 -0.53 -26.34 -60.68
C TYR H 26 0.98 -26.24 -60.57
N ASN H 27 1.66 -27.27 -61.09
CA ASN H 27 3.11 -27.32 -61.11
C ASN H 27 3.56 -27.81 -62.48
N ILE H 28 4.58 -27.14 -63.03
CA ILE H 28 5.12 -27.48 -64.34
C ILE H 28 6.62 -27.69 -64.21
N ASP H 29 7.11 -28.83 -64.69
CA ASP H 29 8.54 -29.15 -64.69
C ASP H 29 9.09 -28.84 -66.07
N GLY H 30 9.85 -27.75 -66.18
CA GLY H 30 10.45 -27.38 -67.45
C GLY H 30 11.85 -27.90 -67.67
N ALA H 31 12.42 -28.61 -66.69
CA ALA H 31 13.78 -29.15 -66.81
C ALA H 31 13.72 -30.63 -67.21
N CYS H 32 13.22 -30.86 -68.42
CA CYS H 32 13.07 -32.21 -68.96
C CYS H 32 13.41 -32.22 -70.44
N VAL H 33 13.62 -33.41 -70.98
CA VAL H 33 13.97 -33.59 -72.39
C VAL H 33 13.43 -34.93 -72.87
N VAL H 34 13.02 -34.97 -74.14
CA VAL H 34 12.45 -36.18 -74.74
C VAL H 34 13.62 -37.09 -75.13
N ASN H 35 13.74 -38.22 -74.41
CA ASN H 35 14.87 -39.12 -74.65
C ASN H 35 14.77 -39.78 -76.02
N GLU H 36 13.63 -40.38 -76.33
CA GLU H 36 13.44 -41.13 -77.56
C GLU H 36 12.08 -40.82 -78.16
N GLY H 37 12.03 -40.87 -79.49
CA GLY H 37 10.78 -40.73 -80.21
C GLY H 37 10.16 -39.34 -80.04
N ASP H 38 8.90 -39.25 -80.46
CA ASP H 38 8.13 -38.02 -80.39
C ASP H 38 7.00 -38.18 -79.37
N VAL H 39 6.67 -37.09 -78.70
CA VAL H 39 5.61 -37.06 -77.71
C VAL H 39 4.49 -36.16 -78.22
N LEU H 40 3.27 -36.67 -78.22
CA LEU H 40 2.10 -35.92 -78.67
C LEU H 40 1.59 -35.04 -77.53
N VAL H 41 1.30 -33.78 -77.84
CA VAL H 41 0.79 -32.86 -76.83
C VAL H 41 -0.54 -33.37 -76.31
N GLY H 42 -0.65 -33.45 -74.99
CA GLY H 42 -1.84 -34.00 -74.36
C GLY H 42 -1.77 -35.45 -73.99
N ALA H 43 -0.58 -36.06 -74.01
CA ALA H 43 -0.41 -37.48 -73.69
C ALA H 43 0.47 -37.62 -72.47
N ALA H 44 0.25 -38.71 -71.74
CA ALA H 44 1.01 -38.98 -70.52
C ALA H 44 2.44 -39.40 -70.84
N VAL H 45 3.35 -39.08 -69.92
CA VAL H 45 4.77 -39.37 -70.09
C VAL H 45 5.31 -40.04 -68.83
N GLN H 46 6.44 -40.69 -68.97
CA GLN H 46 7.11 -41.38 -67.86
C GLN H 46 8.59 -41.01 -67.85
N VAL H 47 9.18 -41.07 -66.65
CA VAL H 47 10.58 -40.68 -66.47
C VAL H 47 11.43 -41.93 -66.64
N VAL H 48 12.13 -42.01 -67.77
CA VAL H 48 13.00 -43.16 -68.04
C VAL H 48 14.22 -43.13 -67.14
N GLN H 49 14.86 -41.96 -67.01
CA GLN H 49 16.09 -41.85 -66.24
C GLN H 49 16.20 -40.45 -65.67
N ALA H 50 16.47 -40.36 -64.37
CA ALA H 50 16.67 -39.09 -63.69
C ALA H 50 18.13 -38.98 -63.27
N GLN H 51 18.87 -38.10 -63.94
CA GLN H 51 20.29 -37.93 -63.62
C GLN H 51 20.46 -37.35 -62.23
N ALA H 52 21.39 -37.95 -61.46
CA ALA H 52 21.53 -37.59 -60.06
C ALA H 52 22.11 -36.19 -59.88
N VAL H 53 23.13 -35.85 -60.67
CA VAL H 53 23.84 -34.59 -60.51
C VAL H 53 23.36 -33.54 -61.51
N ASP H 54 23.17 -33.94 -62.77
CA ASP H 54 22.76 -32.98 -63.79
C ASP H 54 21.34 -32.47 -63.56
N GLY H 55 20.47 -33.31 -62.99
CA GLY H 55 19.14 -32.86 -62.62
C GLY H 55 18.11 -32.89 -63.72
N HIS H 56 18.43 -33.44 -64.88
CA HIS H 56 17.47 -33.54 -65.96
C HIS H 56 16.75 -34.89 -65.94
N LYS H 57 15.49 -34.88 -66.37
CA LYS H 57 14.67 -36.07 -66.45
C LYS H 57 14.43 -36.43 -67.90
N LEU H 58 14.67 -37.69 -68.25
CA LEU H 58 14.46 -38.19 -69.60
C LEU H 58 13.05 -38.76 -69.68
N VAL H 59 12.18 -38.09 -70.45
CA VAL H 59 10.79 -38.49 -70.55
C VAL H 59 10.60 -39.33 -71.80
N LYS H 60 9.49 -40.07 -71.81
CA LYS H 60 9.16 -40.93 -72.95
C LYS H 60 7.65 -41.15 -72.96
N ALA H 61 7.14 -41.57 -74.11
CA ALA H 61 5.73 -41.91 -74.21
C ALA H 61 5.43 -43.13 -73.34
N LEU H 62 4.24 -43.15 -72.74
CA LEU H 62 3.87 -44.22 -71.83
C LEU H 62 3.83 -45.56 -72.56
N THR H 63 4.32 -46.60 -71.89
CA THR H 63 4.37 -47.95 -72.44
C THR H 63 3.58 -48.89 -71.53
N THR H 64 3.69 -50.19 -71.82
CA THR H 64 2.91 -51.19 -71.10
C THR H 64 3.47 -51.39 -69.69
N GLY H 65 2.58 -51.40 -68.71
CA GLY H 65 2.95 -51.73 -67.34
C GLY H 65 3.94 -50.78 -66.69
N THR H 66 3.74 -49.47 -66.87
CA THR H 66 4.59 -48.46 -66.27
C THR H 66 3.74 -47.41 -65.57
N THR H 67 4.37 -46.71 -64.63
CA THR H 67 3.68 -45.69 -63.85
C THR H 67 3.80 -44.34 -64.53
N PRO H 68 2.70 -43.67 -64.86
CA PRO H 68 2.79 -42.35 -65.50
C PRO H 68 3.31 -41.30 -64.53
N TYR H 69 3.87 -40.23 -65.11
CA TYR H 69 4.41 -39.11 -64.35
C TYR H 69 3.62 -37.83 -64.54
N GLY H 70 3.38 -37.41 -65.76
CA GLY H 70 2.67 -36.18 -66.03
C GLY H 70 2.15 -36.13 -67.43
N VAL H 71 1.62 -34.97 -67.80
CA VAL H 71 1.01 -34.75 -69.11
C VAL H 71 1.71 -33.58 -69.79
N ALA H 72 2.12 -33.76 -71.03
CA ALA H 72 2.78 -32.71 -71.78
C ALA H 72 1.79 -31.62 -72.20
N ILE H 73 2.21 -30.37 -72.07
CA ILE H 73 1.33 -29.23 -72.35
C ILE H 73 1.80 -28.53 -73.61
N ARG H 74 0.96 -27.62 -74.10
CA ARG H 74 1.23 -26.86 -75.31
C ARG H 74 2.17 -25.70 -75.04
N SER H 75 2.81 -25.22 -76.11
CA SER H 75 3.66 -24.03 -76.05
C SER H 75 3.89 -23.56 -77.48
N HIS H 76 3.59 -22.28 -77.74
CA HIS H 76 3.72 -21.76 -79.09
C HIS H 76 5.15 -21.43 -79.49
N TRP H 77 6.08 -21.42 -78.54
CA TRP H 77 7.47 -21.07 -78.83
C TRP H 77 8.41 -22.25 -78.71
N GLN H 78 8.22 -23.12 -77.71
CA GLN H 78 9.15 -24.21 -77.49
C GLN H 78 9.14 -25.20 -78.65
N THR H 79 7.97 -25.49 -79.20
CA THR H 79 7.83 -26.50 -80.25
C THR H 79 6.98 -25.94 -81.38
N VAL H 80 7.50 -26.07 -82.60
CA VAL H 80 6.75 -25.78 -83.82
C VAL H 80 6.72 -27.05 -84.66
N ASN H 81 5.71 -27.15 -85.52
CA ASN H 81 5.57 -28.32 -86.38
C ASN H 81 4.68 -27.95 -87.55
N ALA H 82 4.92 -28.62 -88.68
CA ALA H 82 4.18 -28.34 -89.90
C ALA H 82 2.80 -28.97 -89.93
N GLN H 83 2.50 -29.88 -89.01
CA GLN H 83 1.19 -30.51 -88.97
C GLN H 83 0.18 -29.61 -88.28
N ASN H 84 -1.08 -30.03 -88.33
CA ASN H 84 -2.13 -29.30 -87.62
C ASN H 84 -1.95 -29.44 -86.10
N GLN H 85 -1.53 -30.61 -85.65
CA GLN H 85 -1.40 -30.89 -84.22
C GLN H 85 0.05 -30.71 -83.79
N MET H 86 0.23 -30.13 -82.60
CA MET H 86 1.56 -29.96 -82.05
C MET H 86 2.18 -31.30 -81.68
N ILE H 87 3.51 -31.34 -81.64
CA ILE H 87 4.24 -32.56 -81.30
C ILE H 87 5.61 -32.16 -80.76
N TYR H 88 6.10 -32.93 -79.80
CA TYR H 88 7.41 -32.72 -79.21
C TYR H 88 8.42 -33.59 -79.95
N GLU H 89 9.46 -32.95 -80.50
CA GLU H 89 10.47 -33.68 -81.25
C GLU H 89 11.51 -34.28 -80.31
N ASP H 90 12.17 -35.33 -80.78
CA ASP H 90 13.22 -35.97 -80.00
C ASP H 90 14.38 -35.01 -79.80
N GLY H 91 14.91 -34.98 -78.59
CA GLY H 91 16.05 -34.13 -78.29
C GLY H 91 15.73 -32.68 -78.00
N GLY H 92 14.51 -32.38 -77.57
CA GLY H 92 14.12 -31.03 -77.24
C GLY H 92 13.56 -30.93 -75.85
N ALA H 93 13.71 -29.73 -75.27
CA ALA H 93 13.16 -29.48 -73.94
C ALA H 93 11.65 -29.54 -73.96
N ILE H 94 11.07 -30.14 -72.92
CA ILE H 94 9.64 -30.40 -72.86
C ILE H 94 9.07 -29.88 -71.56
N ASN H 95 7.86 -29.33 -71.64
CA ASN H 95 7.10 -28.92 -70.47
C ASN H 95 6.18 -30.07 -70.04
N VAL H 96 6.28 -30.47 -68.79
CA VAL H 96 5.46 -31.53 -68.22
C VAL H 96 4.81 -31.01 -66.95
N MET H 97 3.48 -31.12 -66.88
CA MET H 97 2.71 -30.63 -65.75
C MET H 97 2.42 -31.79 -64.81
N THR H 98 2.78 -31.63 -63.53
CA THR H 98 2.71 -32.70 -62.56
C THR H 98 1.60 -32.54 -61.53
N SER H 99 0.86 -31.44 -61.56
CA SER H 99 -0.19 -31.20 -60.58
C SER H 99 -1.11 -30.11 -61.11
N GLY H 100 -2.39 -30.43 -61.21
CA GLY H 100 -3.37 -29.47 -61.68
C GLY H 100 -4.38 -30.14 -62.60
N ARG H 101 -5.21 -29.32 -63.23
CA ARG H 101 -6.27 -29.82 -64.11
C ARG H 101 -5.89 -29.59 -65.56
N VAL H 102 -5.96 -30.64 -66.36
CA VAL H 102 -5.48 -30.56 -67.74
C VAL H 102 -6.42 -31.34 -68.65
N TRP H 103 -6.56 -30.88 -69.89
CA TRP H 103 -7.29 -31.64 -70.89
C TRP H 103 -6.39 -32.71 -71.50
N MET H 104 -6.96 -33.88 -71.74
CA MET H 104 -6.21 -35.06 -72.11
C MET H 104 -6.93 -35.81 -73.23
N LEU H 105 -6.14 -36.47 -74.06
CA LEU H 105 -6.67 -37.33 -75.11
C LEU H 105 -7.38 -38.52 -74.49
N SER H 106 -8.42 -39.01 -75.17
CA SER H 106 -9.19 -40.13 -74.65
C SER H 106 -9.70 -40.97 -75.80
N LYS H 107 -9.89 -42.26 -75.52
CA LYS H 107 -10.49 -43.19 -76.47
C LYS H 107 -11.87 -43.65 -76.04
N SER H 108 -12.33 -43.26 -74.86
CA SER H 108 -13.65 -43.64 -74.39
C SER H 108 -14.72 -42.85 -75.14
N THR H 109 -15.97 -43.31 -75.01
CA THR H 109 -17.09 -42.65 -75.67
C THR H 109 -18.18 -42.19 -74.73
N GLU H 110 -18.19 -42.63 -73.47
CA GLU H 110 -19.15 -42.16 -72.47
C GLU H 110 -18.40 -41.57 -71.29
N ALA H 111 -18.96 -40.49 -70.74
CA ALA H 111 -18.33 -39.83 -69.60
C ALA H 111 -18.45 -40.70 -68.36
N PRO H 112 -17.36 -40.92 -67.63
CA PRO H 112 -17.44 -41.68 -66.38
C PRO H 112 -17.98 -40.83 -65.24
N THR H 113 -18.13 -41.47 -64.08
CA THR H 113 -18.65 -40.79 -62.91
C THR H 113 -17.63 -39.79 -62.37
N PHE H 114 -18.13 -38.69 -61.81
CA PHE H 114 -17.27 -37.68 -61.23
C PHE H 114 -16.56 -38.24 -60.00
N GLY H 115 -15.27 -37.94 -59.89
CA GLY H 115 -14.46 -38.45 -58.80
C GLY H 115 -13.92 -39.85 -58.99
N SER H 116 -14.20 -40.49 -60.12
CA SER H 116 -13.73 -41.85 -60.35
C SER H 116 -12.24 -41.86 -60.64
N ALA H 117 -11.61 -43.00 -60.37
CA ALA H 117 -10.20 -43.17 -60.67
C ALA H 117 -10.01 -43.64 -62.11
N VAL H 118 -9.24 -42.90 -62.89
CA VAL H 118 -9.10 -43.17 -64.30
C VAL H 118 -7.92 -44.11 -64.54
N LYS H 119 -7.98 -44.84 -65.66
CA LYS H 119 -6.95 -45.77 -66.06
C LYS H 119 -6.40 -45.37 -67.42
N LEU H 120 -5.11 -45.60 -67.63
CA LEU H 120 -4.44 -45.13 -68.83
C LEU H 120 -4.06 -46.29 -69.74
N ASP H 121 -4.27 -46.08 -71.04
CA ASP H 121 -4.00 -47.10 -72.04
C ASP H 121 -2.50 -47.23 -72.29
N VAL H 122 -2.13 -48.14 -73.20
CA VAL H 122 -0.72 -48.37 -73.48
C VAL H 122 -0.13 -47.29 -74.37
N ASP H 123 -0.95 -46.51 -75.06
CA ASP H 123 -0.49 -45.42 -75.91
C ASP H 123 -0.33 -44.11 -75.15
N GLY H 124 -0.71 -44.08 -73.88
CA GLY H 124 -0.80 -42.84 -73.14
C GLY H 124 -2.17 -42.20 -73.16
N GLN H 125 -3.20 -42.92 -73.58
CA GLN H 125 -4.54 -42.37 -73.72
C GLN H 125 -5.36 -42.68 -72.47
N GLU H 126 -6.65 -42.41 -72.53
CA GLU H 126 -7.58 -42.69 -71.43
C GLU H 126 -8.47 -43.86 -71.84
N LYS H 127 -8.29 -45.01 -71.19
CA LYS H 127 -9.12 -46.16 -71.42
C LYS H 127 -10.20 -46.22 -70.33
N SER H 128 -11.09 -47.19 -70.43
CA SER H 128 -12.19 -47.34 -69.47
C SER H 128 -11.67 -47.53 -68.04
N THR H 135 -3.23 -42.03 -57.58
CA THR H 135 -3.93 -42.23 -58.85
C THR H 135 -4.71 -40.98 -59.23
N TRP H 136 -4.70 -40.65 -60.52
CA TRP H 136 -5.41 -39.48 -61.00
C TRP H 136 -6.90 -39.77 -61.07
N THR H 137 -7.69 -38.71 -61.00
CA THR H 137 -9.14 -38.82 -60.94
C THR H 137 -9.79 -37.91 -61.99
N TYR H 138 -11.01 -38.28 -62.37
CA TYR H 138 -11.80 -37.48 -63.29
C TYR H 138 -12.25 -36.18 -62.62
N ALA H 139 -12.26 -35.09 -63.39
CA ALA H 139 -12.58 -33.78 -62.86
C ALA H 139 -13.98 -33.29 -63.22
N GLY H 140 -14.55 -33.75 -64.32
CA GLY H 140 -15.91 -33.37 -64.66
C GLY H 140 -16.08 -32.80 -66.06
N GLY H 141 -14.97 -32.60 -66.78
CA GLY H 141 -15.02 -32.07 -68.12
C GLY H 141 -14.95 -33.16 -69.16
N TRP H 142 -15.93 -33.18 -70.06
CA TRP H 142 -16.03 -34.19 -71.12
C TRP H 142 -16.65 -33.52 -72.34
N THR H 143 -15.80 -33.11 -73.28
CA THR H 143 -16.25 -32.41 -74.47
C THR H 143 -15.76 -33.12 -75.72
N LYS H 144 -16.18 -32.60 -76.87
CA LYS H 144 -15.85 -33.14 -78.17
C LYS H 144 -15.35 -32.02 -79.07
N TYR H 145 -14.26 -32.27 -79.78
CA TYR H 145 -13.69 -31.27 -80.70
C TYR H 145 -12.93 -31.99 -81.79
N LYS H 146 -13.44 -31.91 -83.02
CA LYS H 146 -12.82 -32.53 -84.19
C LYS H 146 -12.54 -34.02 -83.96
N ASP H 147 -13.51 -34.69 -83.35
CA ASP H 147 -13.46 -36.13 -83.09
C ASP H 147 -12.23 -36.51 -82.27
N ILE H 148 -11.95 -35.72 -81.23
CA ILE H 148 -10.86 -36.00 -80.33
C ILE H 148 -11.33 -36.50 -78.96
N GLN H 149 -12.48 -36.01 -78.47
CA GLN H 149 -13.06 -36.46 -77.21
C GLN H 149 -12.12 -36.22 -76.03
N LEU H 150 -11.88 -34.94 -75.75
CA LEU H 150 -11.05 -34.54 -74.63
C LEU H 150 -11.69 -34.94 -73.31
N VAL H 151 -10.85 -35.14 -72.30
CA VAL H 151 -11.30 -35.41 -70.94
C VAL H 151 -10.49 -34.57 -69.98
N GLU H 152 -11.13 -34.06 -68.92
CA GLU H 152 -10.46 -33.21 -67.95
C GLU H 152 -9.98 -34.04 -66.77
N VAL H 153 -8.69 -33.97 -66.48
CA VAL H 153 -8.06 -34.82 -65.48
C VAL H 153 -7.37 -33.96 -64.42
N GLN H 154 -7.54 -34.38 -63.16
CA GLN H 154 -6.87 -33.80 -62.01
C GLN H 154 -5.65 -34.63 -61.67
N LEU H 155 -4.47 -34.01 -61.70
CA LEU H 155 -3.21 -34.67 -61.40
C LEU H 155 -2.68 -34.20 -60.05
N HIS H 156 -2.34 -35.16 -59.20
CA HIS H 156 -1.68 -34.92 -57.93
C HIS H 156 -0.23 -35.35 -58.01
N GLN H 157 0.59 -34.78 -57.15
CA GLN H 157 1.99 -35.17 -57.01
C GLN H 157 2.14 -36.02 -55.76
N LEU H 158 2.57 -37.26 -55.94
CA LEU H 158 2.71 -38.18 -54.81
C LEU H 158 4.16 -38.28 -54.34
N GLN I 3 -9.44 7.75 -3.35
CA GLN I 3 -9.92 7.03 -4.52
C GLN I 3 -8.76 6.36 -5.25
N ILE I 4 -8.97 5.12 -5.70
CA ILE I 4 -7.96 4.32 -6.36
C ILE I 4 -8.38 4.13 -7.81
N ASN I 5 -7.49 4.50 -8.73
CA ASN I 5 -7.77 4.34 -10.15
C ASN I 5 -7.77 2.88 -10.55
N ALA I 6 -8.62 2.53 -11.51
CA ALA I 6 -8.77 1.15 -11.95
C ALA I 6 -8.64 1.05 -13.46
N SER I 7 -8.09 -0.06 -13.93
CA SER I 7 -7.97 -0.38 -15.34
C SER I 7 -8.44 -1.81 -15.57
N TYR I 8 -9.03 -2.05 -16.73
CA TYR I 8 -9.64 -3.33 -17.05
C TYR I 8 -8.98 -3.94 -18.28
N GLN I 9 -9.35 -5.20 -18.56
CA GLN I 9 -8.76 -5.95 -19.66
C GLN I 9 -9.76 -6.97 -20.16
N ARG I 10 -9.76 -7.19 -21.48
CA ARG I 10 -10.67 -8.15 -22.09
C ARG I 10 -10.05 -8.63 -23.40
N ASP I 11 -10.25 -9.91 -23.70
CA ASP I 11 -9.66 -10.55 -24.88
C ASP I 11 -10.74 -10.84 -25.91
N MET I 12 -10.37 -10.72 -27.19
CA MET I 12 -11.27 -11.08 -28.27
C MET I 12 -11.36 -12.59 -28.41
N ALA I 13 -12.30 -13.03 -29.24
CA ALA I 13 -12.40 -14.44 -29.58
C ALA I 13 -11.35 -14.81 -30.62
N ILE I 14 -11.17 -16.11 -30.82
CA ILE I 14 -10.10 -16.58 -31.68
C ILE I 14 -10.57 -16.73 -33.12
N ALA I 15 -11.80 -17.21 -33.33
CA ALA I 15 -12.27 -17.50 -34.67
C ALA I 15 -13.78 -17.33 -34.75
N LEU I 16 -14.30 -17.52 -35.96
CA LEU I 16 -15.71 -17.50 -36.29
C LEU I 16 -16.01 -18.72 -37.15
N PRO I 17 -17.26 -19.20 -37.13
CA PRO I 17 -17.59 -20.38 -37.94
C PRO I 17 -17.41 -20.10 -39.42
N GLY I 18 -16.76 -21.04 -40.12
CA GLY I 18 -16.50 -20.90 -41.54
C GLY I 18 -15.33 -20.02 -41.88
N MET I 19 -14.57 -19.55 -40.90
CA MET I 19 -13.45 -18.66 -41.17
C MET I 19 -12.22 -19.45 -41.60
N VAL I 20 -11.49 -18.91 -42.56
CA VAL I 20 -10.22 -19.50 -42.96
C VAL I 20 -9.22 -19.37 -41.82
N ALA I 21 -8.57 -20.48 -41.47
CA ALA I 21 -7.72 -20.54 -40.29
C ALA I 21 -6.45 -19.72 -40.45
N ASP I 22 -5.63 -20.07 -41.45
CA ASP I 22 -4.37 -19.37 -41.67
C ASP I 22 -4.01 -19.31 -43.15
N THR I 23 -2.92 -18.60 -43.47
CA THR I 23 -2.56 -18.31 -44.85
C THR I 23 -1.73 -19.42 -45.50
N SER I 24 -1.78 -20.63 -44.97
CA SER I 24 -1.10 -21.75 -45.62
C SER I 24 -1.74 -22.02 -46.98
N LYS I 25 -1.11 -22.92 -47.73
CA LYS I 25 -1.55 -23.21 -49.10
C LYS I 25 -2.99 -23.70 -49.11
N TYR I 26 -3.86 -22.94 -49.79
CA TYR I 26 -5.28 -23.24 -49.82
C TYR I 26 -5.77 -23.20 -51.27
N ASN I 27 -7.04 -23.55 -51.45
CA ASN I 27 -7.66 -23.58 -52.77
C ASN I 27 -9.15 -23.33 -52.61
N ILE I 28 -9.67 -22.33 -53.30
CA ILE I 28 -11.09 -21.99 -53.27
C ILE I 28 -11.70 -22.24 -54.63
N ASP I 29 -12.83 -22.94 -54.65
CA ASP I 29 -13.56 -23.25 -55.88
C ASP I 29 -14.79 -22.33 -55.92
N GLY I 30 -14.67 -21.23 -56.66
CA GLY I 30 -15.74 -20.25 -56.72
C GLY I 30 -16.76 -20.44 -57.82
N ALA I 31 -16.52 -21.39 -58.73
CA ALA I 31 -17.47 -21.67 -59.81
C ALA I 31 -18.46 -22.75 -59.38
N CYS I 32 -19.21 -22.44 -58.33
CA CYS I 32 -20.18 -23.37 -57.76
C CYS I 32 -21.51 -22.64 -57.59
N VAL I 33 -22.60 -23.39 -57.61
CA VAL I 33 -23.94 -22.85 -57.48
C VAL I 33 -24.71 -23.69 -56.46
N VAL I 34 -25.44 -23.02 -55.58
CA VAL I 34 -26.23 -23.73 -54.57
C VAL I 34 -27.55 -24.19 -55.18
N ASN I 35 -27.91 -25.45 -54.91
CA ASN I 35 -29.12 -26.04 -55.44
C ASN I 35 -29.91 -26.69 -54.32
N GLU I 36 -31.22 -26.47 -54.32
CA GLU I 36 -32.17 -27.18 -53.44
C GLU I 36 -31.83 -26.96 -51.97
N GLY I 37 -31.97 -25.72 -51.52
CA GLY I 37 -31.88 -25.44 -50.10
C GLY I 37 -30.90 -24.36 -49.71
N ASP I 38 -30.61 -24.26 -48.41
CA ASP I 38 -29.70 -23.27 -47.87
C ASP I 38 -28.51 -23.98 -47.23
N VAL I 39 -27.35 -23.33 -47.28
CA VAL I 39 -26.10 -23.90 -46.79
C VAL I 39 -25.59 -23.02 -45.66
N LEU I 40 -25.21 -23.64 -44.55
CA LEU I 40 -24.67 -22.90 -43.41
C LEU I 40 -23.16 -22.75 -43.56
N VAL I 41 -22.66 -21.56 -43.28
CA VAL I 41 -21.22 -21.32 -43.39
C VAL I 41 -20.51 -22.09 -42.29
N GLY I 42 -19.47 -22.83 -42.67
CA GLY I 42 -18.77 -23.71 -41.76
C GLY I 42 -19.25 -25.15 -41.78
N ALA I 43 -20.04 -25.55 -42.77
CA ALA I 43 -20.54 -26.92 -42.87
C ALA I 43 -20.20 -27.47 -44.25
N ALA I 44 -20.01 -28.79 -44.29
CA ALA I 44 -19.58 -29.46 -45.50
C ALA I 44 -20.68 -29.48 -46.55
N VAL I 45 -20.27 -29.61 -47.81
CA VAL I 45 -21.18 -29.64 -48.95
C VAL I 45 -20.84 -30.85 -49.81
N GLN I 46 -21.79 -31.22 -50.67
CA GLN I 46 -21.66 -32.33 -51.59
C GLN I 46 -21.91 -31.84 -53.01
N VAL I 47 -21.50 -32.64 -53.99
CA VAL I 47 -21.70 -32.34 -55.41
C VAL I 47 -22.74 -33.29 -55.97
N VAL I 48 -23.78 -32.73 -56.57
CA VAL I 48 -24.84 -33.54 -57.17
C VAL I 48 -24.71 -33.65 -58.68
N GLN I 49 -24.04 -32.70 -59.35
CA GLN I 49 -23.86 -32.76 -60.79
C GLN I 49 -22.78 -31.78 -61.21
N ALA I 50 -21.83 -32.27 -62.00
CA ALA I 50 -20.78 -31.44 -62.60
C ALA I 50 -21.07 -31.33 -64.09
N GLN I 51 -21.31 -30.12 -64.56
CA GLN I 51 -21.67 -29.92 -65.96
C GLN I 51 -20.48 -30.21 -66.86
N ALA I 52 -20.73 -30.97 -67.92
CA ALA I 52 -19.66 -31.46 -68.78
C ALA I 52 -19.09 -30.38 -69.71
N VAL I 53 -19.90 -29.39 -70.10
CA VAL I 53 -19.49 -28.35 -71.03
C VAL I 53 -19.52 -26.98 -70.37
N ASP I 54 -20.60 -26.66 -69.66
CA ASP I 54 -20.74 -25.33 -69.06
C ASP I 54 -19.67 -25.09 -67.99
N GLY I 55 -19.42 -26.09 -67.15
CA GLY I 55 -18.33 -26.03 -66.19
C GLY I 55 -18.74 -25.84 -64.75
N HIS I 56 -19.95 -25.35 -64.48
CA HIS I 56 -20.37 -25.13 -63.11
C HIS I 56 -20.65 -26.46 -62.41
N LYS I 57 -20.53 -26.43 -61.08
CA LYS I 57 -20.84 -27.57 -60.23
C LYS I 57 -22.04 -27.24 -59.35
N LEU I 58 -22.94 -28.20 -59.18
CA LEU I 58 -24.15 -28.01 -58.39
C LEU I 58 -23.94 -28.67 -57.03
N VAL I 59 -24.13 -27.88 -55.96
CA VAL I 59 -23.84 -28.34 -54.61
C VAL I 59 -25.06 -28.12 -53.73
N LYS I 60 -25.13 -28.90 -52.65
CA LYS I 60 -26.14 -28.74 -51.61
C LYS I 60 -25.57 -29.27 -50.30
N ALA I 61 -26.37 -29.18 -49.24
CA ALA I 61 -25.93 -29.65 -47.93
C ALA I 61 -25.72 -31.16 -47.94
N LEU I 62 -24.85 -31.61 -47.04
CA LEU I 62 -24.46 -33.01 -46.98
C LEU I 62 -25.64 -33.88 -46.57
N THR I 63 -25.62 -35.13 -47.04
CA THR I 63 -26.72 -36.07 -46.82
C THR I 63 -26.12 -37.44 -46.57
N THR I 64 -26.94 -38.33 -45.99
CA THR I 64 -26.48 -39.67 -45.66
C THR I 64 -26.01 -40.41 -46.91
N GLY I 65 -24.93 -41.18 -46.75
CA GLY I 65 -24.41 -41.99 -47.83
C GLY I 65 -23.92 -41.20 -49.02
N THR I 66 -23.21 -40.10 -48.76
CA THR I 66 -22.69 -39.25 -49.81
C THR I 66 -21.26 -38.85 -49.48
N THR I 67 -20.53 -38.42 -50.51
CA THR I 67 -19.13 -38.04 -50.37
C THR I 67 -19.02 -36.54 -50.27
N PRO I 68 -18.50 -35.99 -49.18
CA PRO I 68 -18.32 -34.53 -49.09
C PRO I 68 -17.25 -34.03 -50.04
N TYR I 69 -17.38 -32.78 -50.44
CA TYR I 69 -16.47 -32.15 -51.38
C TYR I 69 -15.65 -31.03 -50.75
N GLY I 70 -16.27 -30.16 -49.98
CA GLY I 70 -15.57 -29.05 -49.37
C GLY I 70 -16.40 -28.40 -48.30
N VAL I 71 -15.94 -27.23 -47.85
CA VAL I 71 -16.57 -26.48 -46.78
C VAL I 71 -16.73 -25.03 -47.23
N ALA I 72 -17.93 -24.48 -47.05
CA ALA I 72 -18.17 -23.09 -47.40
C ALA I 72 -17.49 -22.15 -46.41
N ILE I 73 -17.08 -20.98 -46.91
CA ILE I 73 -16.32 -20.02 -46.11
C ILE I 73 -17.07 -18.70 -46.05
N ARG I 74 -16.61 -17.84 -45.15
CA ARG I 74 -17.26 -16.55 -44.92
C ARG I 74 -16.96 -15.57 -46.05
N SER I 75 -17.89 -14.65 -46.28
CA SER I 75 -17.71 -13.56 -47.22
C SER I 75 -18.76 -12.50 -46.92
N HIS I 76 -18.34 -11.24 -46.89
CA HIS I 76 -19.24 -10.14 -46.56
C HIS I 76 -19.99 -9.60 -47.76
N TRP I 77 -19.74 -10.14 -48.94
CA TRP I 77 -20.42 -9.71 -50.16
C TRP I 77 -21.29 -10.78 -50.80
N GLN I 78 -20.93 -12.05 -50.67
CA GLN I 78 -21.64 -13.13 -51.35
C GLN I 78 -22.65 -13.84 -50.45
N THR I 79 -22.76 -13.45 -49.18
CA THR I 79 -23.64 -14.11 -48.23
C THR I 79 -24.80 -13.20 -47.85
N VAL I 80 -25.96 -13.80 -47.60
CA VAL I 80 -27.13 -13.08 -47.14
C VAL I 80 -27.26 -13.28 -45.64
N ASN I 81 -27.77 -12.26 -44.94
CA ASN I 81 -27.92 -12.30 -43.50
C ASN I 81 -29.36 -12.72 -43.18
N ALA I 82 -29.55 -14.00 -42.85
CA ALA I 82 -30.85 -14.53 -42.50
C ALA I 82 -30.72 -15.40 -41.25
N GLN I 83 -31.78 -15.40 -40.44
CA GLN I 83 -31.82 -16.14 -39.18
C GLN I 83 -30.70 -15.73 -38.22
N ASN I 84 -30.38 -14.44 -38.20
CA ASN I 84 -29.38 -13.86 -37.30
C ASN I 84 -28.01 -14.50 -37.48
N GLN I 85 -27.63 -14.78 -38.72
CA GLN I 85 -26.35 -15.36 -39.06
C GLN I 85 -26.19 -15.33 -40.58
N MET I 86 -25.02 -15.76 -41.04
CA MET I 86 -24.71 -15.82 -42.47
C MET I 86 -25.12 -17.18 -43.03
N ILE I 87 -25.86 -17.16 -44.14
CA ILE I 87 -26.20 -18.38 -44.87
C ILE I 87 -25.98 -18.12 -46.37
N TYR I 88 -25.83 -19.21 -47.10
CA TYR I 88 -25.79 -19.18 -48.57
C TYR I 88 -27.16 -19.59 -49.08
N GLU I 89 -27.84 -18.68 -49.77
CA GLU I 89 -29.20 -18.94 -50.20
C GLU I 89 -29.21 -19.76 -51.48
N ASP I 90 -30.37 -20.33 -51.78
CA ASP I 90 -30.52 -21.18 -52.94
C ASP I 90 -30.44 -20.36 -54.21
N GLY I 91 -29.77 -20.90 -55.22
CA GLY I 91 -29.64 -20.23 -56.50
C GLY I 91 -28.58 -19.15 -56.56
N GLY I 92 -27.54 -19.23 -55.73
CA GLY I 92 -26.50 -18.24 -55.74
C GLY I 92 -25.13 -18.89 -55.71
N ALA I 93 -24.12 -18.11 -56.11
CA ALA I 93 -22.76 -18.58 -56.10
C ALA I 93 -22.24 -18.74 -54.67
N ILE I 94 -21.38 -19.73 -54.47
CA ILE I 94 -20.88 -20.07 -53.15
C ILE I 94 -19.37 -20.27 -53.21
N ASN I 95 -18.68 -19.79 -52.18
CA ASN I 95 -17.24 -19.97 -52.03
C ASN I 95 -17.00 -21.28 -51.29
N VAL I 96 -16.52 -22.29 -52.01
CA VAL I 96 -16.28 -23.62 -51.47
C VAL I 96 -14.79 -23.88 -51.45
N MET I 97 -14.26 -24.23 -50.28
CA MET I 97 -12.84 -24.51 -50.10
C MET I 97 -12.60 -26.01 -50.16
N THR I 98 -11.61 -26.42 -50.96
CA THR I 98 -11.30 -27.83 -51.13
C THR I 98 -9.87 -28.19 -50.73
N SER I 99 -9.12 -27.26 -50.14
CA SER I 99 -7.76 -27.53 -49.70
C SER I 99 -7.31 -26.43 -48.76
N GLY I 100 -6.87 -26.82 -47.57
CA GLY I 100 -6.35 -25.88 -46.59
C GLY I 100 -6.98 -26.06 -45.22
N ARG I 101 -6.60 -25.16 -44.30
CA ARG I 101 -7.07 -25.19 -42.94
C ARG I 101 -8.27 -24.26 -42.78
N VAL I 102 -9.29 -24.74 -42.08
CA VAL I 102 -10.54 -23.99 -41.95
C VAL I 102 -11.13 -24.25 -40.57
N TRP I 103 -11.86 -23.26 -40.05
CA TRP I 103 -12.64 -23.40 -38.83
C TRP I 103 -14.04 -23.88 -39.20
N MET I 104 -14.48 -24.95 -38.54
CA MET I 104 -15.66 -25.68 -38.94
C MET I 104 -16.57 -25.91 -37.73
N LEU I 105 -17.87 -25.91 -37.99
CA LEU I 105 -18.86 -26.18 -36.95
C LEU I 105 -18.71 -27.59 -36.42
N SER I 106 -18.95 -27.75 -35.12
CA SER I 106 -18.81 -29.05 -34.47
C SER I 106 -19.94 -29.25 -33.48
N LYS I 107 -20.20 -30.52 -33.16
CA LYS I 107 -21.19 -30.85 -32.15
C LYS I 107 -20.73 -31.96 -31.22
N SER I 108 -19.42 -32.14 -31.05
CA SER I 108 -18.89 -33.11 -30.12
C SER I 108 -18.59 -32.44 -28.78
N THR I 109 -18.02 -33.20 -27.84
CA THR I 109 -17.77 -32.72 -26.50
C THR I 109 -16.32 -32.83 -26.06
N GLU I 110 -15.47 -33.57 -26.77
CA GLU I 110 -14.10 -33.79 -26.37
C GLU I 110 -13.15 -33.30 -27.46
N ALA I 111 -12.01 -32.77 -27.03
CA ALA I 111 -11.02 -32.26 -27.97
C ALA I 111 -10.44 -33.42 -28.80
N PRO I 112 -10.20 -33.21 -30.08
CA PRO I 112 -9.66 -34.27 -30.93
C PRO I 112 -8.14 -34.33 -30.86
N THR I 113 -7.60 -35.43 -31.39
CA THR I 113 -6.16 -35.65 -31.41
C THR I 113 -5.61 -35.28 -32.79
N PHE I 114 -4.35 -34.83 -32.80
CA PHE I 114 -3.73 -34.32 -34.01
C PHE I 114 -3.49 -35.44 -35.00
N GLY I 115 -3.87 -35.22 -36.26
CA GLY I 115 -3.60 -36.14 -37.34
C GLY I 115 -4.59 -37.25 -37.54
N SER I 116 -5.61 -37.36 -36.70
CA SER I 116 -6.59 -38.43 -36.84
C SER I 116 -7.63 -38.06 -37.89
N ALA I 117 -8.35 -39.08 -38.36
CA ALA I 117 -9.33 -38.89 -39.42
C ALA I 117 -10.57 -38.19 -38.90
N VAL I 118 -11.23 -37.44 -39.79
CA VAL I 118 -12.40 -36.65 -39.47
C VAL I 118 -13.65 -37.45 -39.80
N LYS I 119 -14.64 -37.39 -38.92
CA LYS I 119 -15.93 -38.04 -39.12
C LYS I 119 -17.04 -36.99 -39.07
N LEU I 120 -18.00 -37.10 -39.98
CA LEU I 120 -19.04 -36.11 -40.13
C LEU I 120 -20.40 -36.69 -39.75
N ASP I 121 -21.33 -35.78 -39.46
CA ASP I 121 -22.71 -36.14 -39.16
C ASP I 121 -23.56 -36.05 -40.43
N VAL I 122 -24.84 -36.40 -40.29
CA VAL I 122 -25.74 -36.40 -41.44
C VAL I 122 -25.98 -34.98 -41.94
N ASP I 123 -26.02 -34.01 -41.03
CA ASP I 123 -26.30 -32.63 -41.41
C ASP I 123 -25.07 -31.88 -41.91
N GLY I 124 -23.89 -32.48 -41.87
CA GLY I 124 -22.69 -31.84 -42.38
C GLY I 124 -21.83 -31.17 -41.34
N GLN I 125 -21.94 -31.55 -40.07
CA GLN I 125 -21.13 -30.98 -39.00
C GLN I 125 -20.25 -32.08 -38.40
N GLU I 126 -19.09 -31.66 -37.91
CA GLU I 126 -18.13 -32.60 -37.36
C GLU I 126 -18.68 -33.25 -36.09
N LYS I 127 -18.45 -34.56 -35.96
CA LYS I 127 -18.86 -35.30 -34.78
C LYS I 127 -17.94 -36.50 -34.63
N SER I 128 -17.54 -36.78 -33.38
CA SER I 128 -16.49 -37.76 -33.13
C SER I 128 -16.88 -39.17 -33.52
N ASP I 129 -18.17 -39.49 -33.53
CA ASP I 129 -18.64 -40.83 -33.85
C ASP I 129 -19.60 -40.83 -35.03
N GLY I 130 -19.37 -39.94 -36.00
CA GLY I 130 -20.24 -39.88 -37.15
C GLY I 130 -20.11 -41.08 -38.06
N THR I 131 -21.12 -41.26 -38.91
CA THR I 131 -21.19 -42.39 -39.81
C THR I 131 -20.60 -42.10 -41.19
N ILE I 132 -20.09 -40.90 -41.43
CA ILE I 132 -19.54 -40.52 -42.72
C ILE I 132 -18.02 -40.46 -42.60
N GLU I 133 -17.33 -41.15 -43.52
CA GLU I 133 -15.88 -41.19 -43.51
C GLU I 133 -15.32 -40.15 -44.46
N THR I 134 -14.27 -39.46 -44.02
CA THR I 134 -13.63 -38.41 -44.79
C THR I 134 -12.13 -38.63 -44.83
N THR I 135 -11.51 -38.10 -45.88
CA THR I 135 -10.05 -38.11 -46.02
C THR I 135 -9.40 -37.04 -45.15
N TRP I 136 -10.17 -36.10 -44.63
CA TRP I 136 -9.62 -34.96 -43.90
C TRP I 136 -9.02 -35.41 -42.56
N THR I 137 -8.24 -34.50 -41.97
CA THR I 137 -7.57 -34.75 -40.70
C THR I 137 -7.79 -33.56 -39.77
N TYR I 138 -7.41 -33.74 -38.51
CA TYR I 138 -7.51 -32.69 -37.49
C TYR I 138 -6.21 -31.91 -37.41
N ALA I 139 -6.33 -30.60 -37.23
CA ALA I 139 -5.17 -29.72 -37.22
C ALA I 139 -4.82 -29.19 -35.84
N GLY I 140 -5.64 -29.44 -34.83
CA GLY I 140 -5.29 -29.16 -33.45
C GLY I 140 -6.06 -28.00 -32.83
N GLY I 141 -6.66 -27.13 -33.62
CA GLY I 141 -7.42 -26.04 -33.05
C GLY I 141 -8.78 -26.50 -32.54
N TRP I 142 -9.15 -26.00 -31.37
CA TRP I 142 -10.40 -26.42 -30.73
C TRP I 142 -10.81 -25.30 -29.77
N THR I 143 -11.85 -24.56 -30.13
CA THR I 143 -12.24 -23.38 -29.36
C THR I 143 -13.76 -23.26 -29.37
N LYS I 144 -14.24 -22.21 -28.70
CA LYS I 144 -15.68 -22.04 -28.51
C LYS I 144 -16.01 -20.55 -28.56
N TYR I 145 -16.78 -20.17 -29.56
CA TYR I 145 -17.41 -18.85 -29.59
C TYR I 145 -18.61 -18.89 -28.64
N LYS I 146 -19.31 -17.77 -28.47
CA LYS I 146 -20.43 -17.73 -27.55
C LYS I 146 -21.40 -18.86 -27.85
N ASP I 147 -21.53 -19.79 -26.91
CA ASP I 147 -22.30 -21.04 -27.00
C ASP I 147 -22.22 -21.72 -28.36
N ILE I 148 -21.08 -21.66 -29.03
CA ILE I 148 -20.87 -22.36 -30.30
C ILE I 148 -19.50 -23.04 -30.25
N GLN I 149 -19.47 -24.33 -30.61
CA GLN I 149 -18.23 -25.08 -30.67
C GLN I 149 -17.63 -25.00 -32.06
N LEU I 150 -16.30 -24.92 -32.12
CA LEU I 150 -15.59 -24.83 -33.39
C LEU I 150 -14.41 -25.78 -33.37
N VAL I 151 -13.98 -26.21 -34.56
CA VAL I 151 -12.86 -27.14 -34.67
C VAL I 151 -12.04 -26.78 -35.92
N GLU I 152 -10.73 -26.96 -35.82
CA GLU I 152 -9.82 -26.68 -36.92
C GLU I 152 -9.61 -27.94 -37.75
N VAL I 153 -9.83 -27.86 -39.06
CA VAL I 153 -9.82 -29.03 -39.92
C VAL I 153 -8.93 -28.75 -41.13
N GLN I 154 -8.15 -29.75 -41.54
CA GLN I 154 -7.28 -29.67 -42.71
C GLN I 154 -7.91 -30.46 -43.86
N LEU I 155 -8.20 -29.76 -44.95
CA LEU I 155 -8.85 -30.34 -46.12
C LEU I 155 -7.83 -30.63 -47.20
N HIS I 156 -7.86 -31.85 -47.72
CA HIS I 156 -7.03 -32.27 -48.85
C HIS I 156 -7.88 -32.31 -50.11
N GLN I 157 -7.26 -31.97 -51.24
CA GLN I 157 -7.97 -31.97 -52.51
C GLN I 157 -8.50 -33.36 -52.83
N LEU I 158 -9.77 -33.45 -53.21
CA LEU I 158 -10.40 -34.71 -53.53
C LEU I 158 -9.77 -35.33 -54.78
N GLN J 3 57.58 -22.39 -69.44
CA GLN J 3 57.35 -21.00 -69.83
C GLN J 3 55.95 -20.85 -70.41
N ILE J 4 55.20 -21.94 -70.42
CA ILE J 4 53.82 -21.96 -70.90
C ILE J 4 52.89 -21.76 -69.72
N ASN J 5 51.87 -20.95 -69.91
CA ASN J 5 50.91 -20.69 -68.83
C ASN J 5 49.93 -21.85 -68.69
N ALA J 6 49.40 -22.02 -67.49
CA ALA J 6 48.45 -23.08 -67.20
C ALA J 6 47.20 -22.47 -66.57
N SER J 7 46.04 -22.86 -67.10
CA SER J 7 44.75 -22.48 -66.54
C SER J 7 44.00 -23.72 -66.09
N TYR J 8 43.29 -23.58 -64.96
CA TYR J 8 42.60 -24.70 -64.33
C TYR J 8 41.12 -24.37 -64.20
N GLN J 9 40.34 -25.39 -63.82
CA GLN J 9 38.90 -25.26 -63.71
C GLN J 9 38.41 -26.13 -62.56
N ARG J 10 37.44 -25.60 -61.81
CA ARG J 10 36.87 -26.30 -60.67
C ARG J 10 35.37 -26.09 -60.63
N ASP J 11 34.65 -27.12 -60.20
CA ASP J 11 33.21 -27.08 -60.06
C ASP J 11 32.80 -27.01 -58.60
N MET J 12 31.66 -26.38 -58.35
CA MET J 12 31.10 -26.27 -57.01
C MET J 12 30.29 -27.52 -56.67
N ALA J 13 30.08 -27.73 -55.38
CA ALA J 13 29.12 -28.73 -54.95
C ALA J 13 27.71 -28.21 -55.20
N ILE J 14 26.74 -29.13 -55.24
CA ILE J 14 25.38 -28.79 -55.66
C ILE J 14 24.39 -28.77 -54.51
N ALA J 15 24.74 -29.26 -53.33
CA ALA J 15 23.75 -29.38 -52.27
C ALA J 15 24.41 -29.26 -50.90
N LEU J 16 23.59 -28.92 -49.92
CA LEU J 16 23.92 -28.87 -48.50
C LEU J 16 22.78 -29.51 -47.73
N PRO J 17 23.05 -30.05 -46.54
CA PRO J 17 21.96 -30.68 -45.77
C PRO J 17 20.87 -29.68 -45.41
N GLY J 18 19.63 -30.11 -45.60
CA GLY J 18 18.49 -29.27 -45.28
C GLY J 18 18.21 -28.16 -46.28
N MET J 19 18.87 -28.17 -47.42
CA MET J 19 18.68 -27.12 -48.42
C MET J 19 17.48 -27.44 -49.31
N VAL J 20 16.69 -26.42 -49.60
CA VAL J 20 15.54 -26.60 -50.49
C VAL J 20 16.04 -26.86 -51.90
N ALA J 21 15.57 -27.95 -52.51
CA ALA J 21 16.16 -28.41 -53.77
C ALA J 21 15.91 -27.43 -54.91
N ASP J 22 14.67 -26.96 -55.06
CA ASP J 22 14.33 -26.04 -56.12
C ASP J 22 13.10 -25.23 -55.71
N THR J 23 12.63 -24.39 -56.64
CA THR J 23 11.55 -23.45 -56.37
C THR J 23 10.19 -23.96 -56.82
N SER J 24 9.96 -25.26 -56.74
CA SER J 24 8.65 -25.83 -57.07
C SER J 24 7.70 -25.54 -55.92
N LYS J 25 6.51 -26.14 -55.97
CA LYS J 25 5.48 -25.91 -54.96
C LYS J 25 5.95 -26.43 -53.60
N TYR J 26 6.13 -25.51 -52.65
CA TYR J 26 6.60 -25.86 -51.31
C TYR J 26 5.74 -25.15 -50.28
N ASN J 27 5.83 -25.60 -49.04
CA ASN J 27 5.08 -25.00 -47.93
C ASN J 27 5.88 -25.17 -46.66
N ILE J 28 6.10 -24.07 -45.94
CA ILE J 28 6.93 -24.06 -44.74
C ILE J 28 6.03 -23.81 -43.54
N ASP J 29 6.08 -24.72 -42.57
CA ASP J 29 5.30 -24.63 -41.33
C ASP J 29 6.19 -24.01 -40.25
N GLY J 30 6.11 -22.69 -40.12
CA GLY J 30 7.03 -21.98 -39.26
C GLY J 30 6.50 -21.52 -37.92
N ALA J 31 5.29 -21.98 -37.55
CA ALA J 31 4.69 -21.64 -36.27
C ALA J 31 4.84 -22.75 -35.24
N CYS J 32 5.96 -23.48 -35.29
CA CYS J 32 6.24 -24.56 -34.36
C CYS J 32 7.34 -24.13 -33.39
N VAL J 33 7.52 -24.92 -32.35
CA VAL J 33 8.55 -24.68 -31.34
C VAL J 33 9.22 -26.00 -31.00
N VAL J 34 10.54 -25.96 -30.86
CA VAL J 34 11.30 -27.16 -30.51
C VAL J 34 11.09 -27.45 -29.02
N ASN J 35 10.78 -28.71 -28.71
CA ASN J 35 10.56 -29.15 -27.34
C ASN J 35 11.39 -30.39 -27.07
N GLU J 36 11.92 -30.48 -25.85
CA GLU J 36 12.61 -31.66 -25.35
C GLU J 36 13.81 -32.02 -26.21
N GLY J 37 14.81 -31.14 -26.20
CA GLY J 37 16.08 -31.43 -26.86
C GLY J 37 16.40 -30.54 -28.03
N ASP J 38 17.20 -31.04 -28.97
CA ASP J 38 17.58 -30.31 -30.17
C ASP J 38 17.44 -31.21 -31.38
N VAL J 39 17.25 -30.60 -32.54
CA VAL J 39 17.06 -31.32 -33.79
C VAL J 39 18.14 -30.90 -34.77
N LEU J 40 18.40 -31.76 -35.75
CA LEU J 40 19.42 -31.51 -36.75
C LEU J 40 18.79 -31.00 -38.03
N VAL J 41 19.49 -30.08 -38.71
CA VAL J 41 19.03 -29.56 -39.99
C VAL J 41 19.23 -30.64 -41.06
N GLY J 42 18.14 -31.08 -41.67
CA GLY J 42 18.21 -32.15 -42.65
C GLY J 42 17.69 -33.47 -42.13
N ALA J 43 16.99 -33.44 -41.00
CA ALA J 43 16.47 -34.64 -40.38
C ALA J 43 14.99 -34.46 -40.06
N ALA J 44 14.26 -35.57 -40.07
CA ALA J 44 12.82 -35.53 -39.85
C ALA J 44 12.50 -35.26 -38.38
N VAL J 45 11.30 -34.71 -38.15
CA VAL J 45 10.79 -34.42 -36.82
C VAL J 45 9.37 -34.95 -36.71
N GLN J 46 8.91 -35.08 -35.46
CA GLN J 46 7.57 -35.55 -35.17
C GLN J 46 6.85 -34.52 -34.31
N VAL J 47 5.52 -34.57 -34.34
CA VAL J 47 4.68 -33.63 -33.61
C VAL J 47 4.24 -34.29 -32.31
N VAL J 48 4.51 -33.64 -31.18
CA VAL J 48 4.09 -34.16 -29.89
C VAL J 48 2.63 -33.81 -29.62
N GLN J 49 2.32 -32.51 -29.56
CA GLN J 49 0.95 -32.07 -29.36
C GLN J 49 0.78 -30.67 -29.93
N ALA J 50 -0.47 -30.34 -30.25
CA ALA J 50 -0.83 -29.03 -30.77
C ALA J 50 -1.72 -28.33 -29.76
N GLN J 51 -1.36 -27.09 -29.41
CA GLN J 51 -2.12 -26.35 -28.43
C GLN J 51 -3.49 -25.96 -28.99
N ALA J 52 -4.52 -26.03 -28.14
CA ALA J 52 -5.88 -25.80 -28.59
C ALA J 52 -6.15 -24.33 -28.84
N VAL J 53 -5.64 -23.45 -27.97
CA VAL J 53 -5.95 -22.02 -28.02
C VAL J 53 -4.75 -21.21 -28.49
N ASP J 54 -3.56 -21.49 -27.92
CA ASP J 54 -2.38 -20.70 -28.27
C ASP J 54 -2.01 -20.89 -29.74
N GLY J 55 -2.04 -22.12 -30.23
CA GLY J 55 -1.82 -22.39 -31.63
C GLY J 55 -0.41 -22.77 -32.04
N HIS J 56 0.42 -23.26 -31.12
CA HIS J 56 1.76 -23.69 -31.46
C HIS J 56 1.90 -25.20 -31.32
N LYS J 57 2.55 -25.81 -32.30
CA LYS J 57 2.82 -27.23 -32.27
C LYS J 57 4.14 -27.51 -31.55
N LEU J 58 4.23 -28.69 -30.94
CA LEU J 58 5.42 -29.10 -30.21
C LEU J 58 6.08 -30.25 -30.97
N VAL J 59 7.35 -30.06 -31.32
CA VAL J 59 8.07 -31.03 -32.15
C VAL J 59 9.39 -31.40 -31.50
N LYS J 60 9.92 -32.55 -31.91
CA LYS J 60 11.23 -33.02 -31.46
C LYS J 60 11.76 -34.01 -32.47
N ALA J 61 12.98 -34.50 -32.23
CA ALA J 61 13.60 -35.47 -33.11
C ALA J 61 12.80 -36.76 -33.13
N LEU J 62 12.77 -37.39 -34.31
CA LEU J 62 11.98 -38.61 -34.49
C LEU J 62 12.55 -39.75 -33.66
N THR J 63 11.64 -40.58 -33.14
CA THR J 63 12.01 -41.74 -32.33
C THR J 63 11.30 -42.96 -32.90
N THR J 64 11.40 -44.08 -32.18
CA THR J 64 10.81 -45.34 -32.64
C THR J 64 9.30 -45.29 -32.58
N GLY J 65 8.66 -45.80 -33.64
CA GLY J 65 7.21 -45.89 -33.67
C GLY J 65 6.50 -44.56 -33.66
N THR J 66 7.01 -43.57 -34.38
CA THR J 66 6.41 -42.25 -34.45
C THR J 66 6.34 -41.79 -35.90
N THR J 67 5.23 -41.17 -36.26
CA THR J 67 5.01 -40.71 -37.62
C THR J 67 5.73 -39.39 -37.88
N PRO J 68 6.55 -39.31 -38.92
CA PRO J 68 7.22 -38.04 -39.23
C PRO J 68 6.23 -37.01 -39.75
N TYR J 69 6.58 -35.74 -39.56
CA TYR J 69 5.75 -34.62 -39.97
C TYR J 69 6.42 -33.71 -40.99
N GLY J 70 7.74 -33.57 -40.94
CA GLY J 70 8.43 -32.68 -41.86
C GLY J 70 9.93 -32.76 -41.65
N VAL J 71 10.63 -31.82 -42.28
CA VAL J 71 12.08 -31.78 -42.26
C VAL J 71 12.52 -30.35 -41.96
N ALA J 72 13.46 -30.20 -41.03
CA ALA J 72 14.02 -28.89 -40.72
C ALA J 72 14.88 -28.39 -41.88
N ILE J 73 14.77 -27.10 -42.18
CA ILE J 73 15.46 -26.51 -43.32
C ILE J 73 16.45 -25.46 -42.82
N ARG J 74 17.39 -25.12 -43.70
CA ARG J 74 18.47 -24.21 -43.36
C ARG J 74 17.97 -22.77 -43.20
N SER J 75 18.63 -22.03 -42.31
CA SER J 75 18.31 -20.63 -42.08
C SER J 75 19.51 -20.00 -41.39
N HIS J 76 20.04 -18.92 -41.95
CA HIS J 76 21.23 -18.29 -41.41
C HIS J 76 20.94 -17.43 -40.18
N TRP J 77 19.67 -17.22 -39.85
CA TRP J 77 19.27 -16.38 -38.74
C TRP J 77 18.64 -17.15 -37.60
N GLN J 78 17.77 -18.11 -37.90
CA GLN J 78 17.04 -18.83 -36.86
C GLN J 78 17.84 -19.97 -36.24
N THR J 79 18.96 -20.36 -36.82
CA THR J 79 19.72 -21.50 -36.35
C THR J 79 20.92 -21.05 -35.52
N VAL J 80 21.40 -21.96 -34.67
CA VAL J 80 22.60 -21.74 -33.87
C VAL J 80 23.63 -22.79 -34.27
N ASN J 81 24.90 -22.41 -34.18
CA ASN J 81 25.99 -23.27 -34.61
C ASN J 81 26.48 -24.11 -33.45
N ALA J 82 26.38 -25.43 -33.59
CA ALA J 82 26.86 -26.36 -32.57
C ALA J 82 27.19 -27.69 -33.23
N GLN J 83 28.20 -28.36 -32.68
CA GLN J 83 28.69 -29.64 -33.21
C GLN J 83 29.14 -29.50 -34.66
N ASN J 84 29.75 -28.36 -34.98
CA ASN J 84 30.28 -28.10 -36.32
C ASN J 84 29.20 -28.17 -37.40
N GLN J 85 27.99 -27.70 -37.06
CA GLN J 85 26.89 -27.74 -38.01
C GLN J 85 25.76 -26.86 -37.50
N MET J 86 24.69 -26.80 -38.29
CA MET J 86 23.50 -26.04 -37.93
C MET J 86 22.52 -26.93 -37.17
N ILE J 87 22.06 -26.44 -36.01
CA ILE J 87 21.07 -27.14 -35.21
C ILE J 87 20.01 -26.14 -34.77
N TYR J 88 18.90 -26.67 -34.27
CA TYR J 88 17.84 -25.88 -33.63
C TYR J 88 17.83 -26.22 -32.15
N GLU J 89 18.02 -25.21 -31.30
CA GLU J 89 18.09 -25.42 -29.87
C GLU J 89 16.68 -25.49 -29.27
N ASP J 90 16.60 -25.92 -28.03
CA ASP J 90 15.32 -26.10 -27.35
C ASP J 90 14.69 -24.76 -27.01
N GLY J 91 13.36 -24.75 -27.00
CA GLY J 91 12.60 -23.56 -26.67
C GLY J 91 12.72 -22.43 -27.67
N GLY J 92 12.68 -22.76 -28.96
CA GLY J 92 12.80 -21.75 -29.99
C GLY J 92 12.01 -22.14 -31.22
N ALA J 93 11.65 -21.12 -32.00
CA ALA J 93 10.90 -21.35 -33.23
C ALA J 93 11.74 -22.11 -34.24
N ILE J 94 11.09 -22.98 -35.01
CA ILE J 94 11.75 -23.85 -35.96
C ILE J 94 11.09 -23.70 -37.33
N ASN J 95 11.87 -23.98 -38.38
CA ASN J 95 11.41 -23.90 -39.76
C ASN J 95 11.24 -25.33 -40.28
N VAL J 96 10.01 -25.82 -40.27
CA VAL J 96 9.70 -27.17 -40.69
C VAL J 96 9.05 -27.13 -42.07
N MET J 97 9.52 -27.98 -42.97
CA MET J 97 9.00 -28.07 -44.33
C MET J 97 8.07 -29.27 -44.45
N THR J 98 6.85 -29.02 -44.93
CA THR J 98 5.84 -30.07 -45.01
C THR J 98 5.58 -30.57 -46.42
N SER J 99 5.90 -29.79 -47.45
CA SER J 99 5.71 -30.21 -48.83
C SER J 99 6.69 -29.47 -49.74
N GLY J 100 7.29 -30.22 -50.66
CA GLY J 100 8.28 -29.70 -51.59
C GLY J 100 9.47 -30.64 -51.70
N ARG J 101 10.46 -30.21 -52.47
CA ARG J 101 11.67 -30.99 -52.69
C ARG J 101 12.79 -30.48 -51.80
N VAL J 102 13.43 -31.40 -51.06
CA VAL J 102 14.42 -31.00 -50.06
C VAL J 102 15.61 -31.97 -50.15
N TRP J 103 16.75 -31.51 -49.64
CA TRP J 103 17.94 -32.36 -49.50
C TRP J 103 18.01 -32.89 -48.07
N MET J 104 18.19 -34.20 -47.94
CA MET J 104 18.13 -34.89 -46.66
C MET J 104 19.40 -35.69 -46.44
N LEU J 105 19.78 -35.80 -45.16
CA LEU J 105 20.89 -36.64 -44.77
C LEU J 105 20.56 -38.11 -45.00
N SER J 106 21.55 -38.87 -45.44
CA SER J 106 21.34 -40.26 -45.82
C SER J 106 22.33 -41.15 -45.09
N LYS J 107 21.92 -42.41 -44.88
CA LYS J 107 22.78 -43.44 -44.33
C LYS J 107 22.91 -44.64 -45.27
N SER J 108 22.36 -44.55 -46.47
CA SER J 108 22.40 -45.65 -47.42
C SER J 108 23.73 -45.63 -48.17
N THR J 109 23.97 -46.67 -48.97
CA THR J 109 25.22 -46.83 -49.70
C THR J 109 25.05 -46.93 -51.20
N GLU J 110 23.82 -47.04 -51.70
CA GLU J 110 23.56 -47.18 -53.13
C GLU J 110 22.50 -46.19 -53.55
N ALA J 111 22.58 -45.77 -54.82
CA ALA J 111 21.64 -44.80 -55.34
C ALA J 111 20.22 -45.38 -55.37
N PRO J 112 19.21 -44.58 -55.03
CA PRO J 112 17.84 -45.13 -54.98
C PRO J 112 17.13 -45.07 -56.33
N THR J 113 15.88 -45.51 -56.34
CA THR J 113 15.07 -45.57 -57.56
C THR J 113 14.07 -44.41 -57.57
N PHE J 114 13.94 -43.76 -58.72
CA PHE J 114 13.02 -42.64 -58.85
C PHE J 114 11.58 -43.10 -58.61
N GLY J 115 10.89 -42.40 -57.70
CA GLY J 115 9.50 -42.69 -57.41
C GLY J 115 9.25 -43.69 -56.31
N SER J 116 10.29 -44.32 -55.77
CA SER J 116 10.10 -45.31 -54.72
C SER J 116 9.80 -44.62 -53.39
N ALA J 117 9.20 -45.38 -52.48
CA ALA J 117 8.84 -44.85 -51.17
C ALA J 117 10.07 -44.70 -50.28
N VAL J 118 10.08 -43.64 -49.49
CA VAL J 118 11.21 -43.34 -48.60
C VAL J 118 11.01 -44.06 -47.27
N LYS J 119 12.08 -44.69 -46.79
CA LYS J 119 12.09 -45.32 -45.47
C LYS J 119 13.19 -44.67 -44.65
N LEU J 120 12.86 -44.31 -43.41
CA LEU J 120 13.76 -43.59 -42.53
C LEU J 120 14.32 -44.52 -41.45
N ASP J 121 15.38 -44.04 -40.81
CA ASP J 121 15.93 -44.71 -39.65
C ASP J 121 15.25 -44.21 -38.39
N VAL J 122 15.64 -44.75 -37.23
CA VAL J 122 15.03 -44.38 -35.97
C VAL J 122 15.40 -42.97 -35.52
N ASP J 123 16.41 -42.36 -36.13
CA ASP J 123 16.83 -41.00 -35.79
C ASP J 123 16.42 -39.99 -36.84
N GLY J 124 15.55 -40.36 -37.77
CA GLY J 124 15.07 -39.43 -38.76
C GLY J 124 16.00 -39.18 -39.92
N GLN J 125 16.83 -40.16 -40.28
CA GLN J 125 17.71 -40.06 -41.43
C GLN J 125 17.38 -41.18 -42.41
N GLU J 126 17.43 -40.86 -43.70
CA GLU J 126 17.04 -41.81 -44.73
C GLU J 126 17.96 -43.02 -44.71
N LYS J 127 17.35 -44.20 -44.90
CA LYS J 127 18.10 -45.45 -44.95
C LYS J 127 17.39 -46.40 -45.91
N SER J 128 18.17 -47.15 -46.68
CA SER J 128 17.60 -48.03 -47.68
C SER J 128 16.78 -49.15 -47.06
N ASP J 129 17.10 -49.55 -45.83
CA ASP J 129 16.41 -50.63 -45.14
C ASP J 129 15.98 -50.18 -43.75
N GLY J 130 15.41 -48.98 -43.64
CA GLY J 130 14.95 -48.49 -42.36
C GLY J 130 13.65 -49.12 -41.94
N THR J 131 13.31 -48.90 -40.67
CA THR J 131 12.10 -49.49 -40.09
C THR J 131 10.88 -48.59 -40.25
N ILE J 132 11.05 -47.28 -40.15
CA ILE J 132 9.93 -46.35 -40.23
C ILE J 132 9.58 -46.11 -41.69
N GLU J 133 8.32 -46.30 -42.04
CA GLU J 133 7.83 -46.14 -43.39
C GLU J 133 7.07 -44.82 -43.52
N THR J 134 7.30 -44.12 -44.62
CA THR J 134 6.68 -42.83 -44.90
C THR J 134 5.92 -42.91 -46.22
N THR J 135 5.20 -41.83 -46.52
CA THR J 135 4.50 -41.68 -47.80
C THR J 135 5.26 -40.81 -48.78
N TRP J 136 6.51 -40.45 -48.47
CA TRP J 136 7.31 -39.62 -49.34
C TRP J 136 8.00 -40.46 -50.40
N THR J 137 8.42 -39.80 -51.48
CA THR J 137 9.07 -40.47 -52.60
C THR J 137 10.38 -39.78 -52.93
N TYR J 138 11.27 -40.51 -53.58
CA TYR J 138 12.56 -39.95 -53.98
C TYR J 138 12.38 -39.06 -55.21
N ALA J 139 13.08 -37.92 -55.21
CA ALA J 139 12.96 -36.95 -56.28
C ALA J 139 14.04 -37.08 -57.34
N GLY J 140 14.98 -38.00 -57.16
CA GLY J 140 15.98 -38.27 -58.19
C GLY J 140 17.39 -37.88 -57.84
N GLY J 141 17.57 -36.86 -57.02
CA GLY J 141 18.90 -36.40 -56.68
C GLY J 141 19.60 -37.35 -55.72
N TRP J 142 20.91 -37.45 -55.87
CA TRP J 142 21.73 -38.30 -55.00
C TRP J 142 23.17 -37.82 -55.14
N THR J 143 23.73 -37.21 -54.11
CA THR J 143 25.03 -36.56 -54.24
C THR J 143 25.78 -36.62 -52.92
N LYS J 144 26.96 -36.03 -52.90
CA LYS J 144 27.82 -36.03 -51.73
C LYS J 144 28.52 -34.69 -51.60
N TYR J 145 28.63 -34.21 -50.37
CA TYR J 145 29.39 -33.00 -50.05
C TYR J 145 30.42 -33.36 -48.99
N LYS J 146 31.67 -33.51 -49.41
CA LYS J 146 32.81 -33.71 -48.52
C LYS J 146 32.53 -34.73 -47.42
N ASP J 147 32.30 -35.99 -47.81
CA ASP J 147 32.06 -37.14 -46.94
C ASP J 147 30.66 -37.14 -46.34
N ILE J 148 29.77 -36.24 -46.74
CA ILE J 148 28.40 -36.22 -46.26
C ILE J 148 27.48 -36.64 -47.40
N GLN J 149 26.72 -37.71 -47.20
CA GLN J 149 25.82 -38.22 -48.22
C GLN J 149 24.50 -37.47 -48.16
N LEU J 150 23.97 -37.11 -49.34
CA LEU J 150 22.73 -36.36 -49.42
C LEU J 150 21.82 -36.97 -50.48
N VAL J 151 20.52 -37.01 -50.18
CA VAL J 151 19.53 -37.54 -51.10
C VAL J 151 18.38 -36.55 -51.21
N GLU J 152 17.79 -36.46 -52.40
CA GLU J 152 16.72 -35.51 -52.64
C GLU J 152 15.37 -36.20 -52.45
N VAL J 153 14.50 -35.57 -51.67
CA VAL J 153 13.26 -36.19 -51.20
C VAL J 153 12.09 -35.28 -51.52
N GLN J 154 11.00 -35.88 -52.02
CA GLN J 154 9.76 -35.18 -52.32
C GLN J 154 8.79 -35.34 -51.15
N LEU J 155 8.22 -34.24 -50.70
CA LEU J 155 7.35 -34.19 -49.54
C LEU J 155 5.96 -33.71 -49.94
N HIS J 156 4.94 -34.37 -49.40
CA HIS J 156 3.57 -33.95 -49.58
C HIS J 156 2.89 -33.84 -48.23
N GLN J 157 1.86 -33.00 -48.17
CA GLN J 157 1.20 -32.70 -46.90
C GLN J 157 0.52 -33.94 -46.34
N LEU J 158 0.53 -34.06 -45.02
CA LEU J 158 -0.07 -35.19 -44.31
C LEU J 158 -1.54 -35.39 -44.69
N GLN K 3 75.78 -20.97 -55.19
CA GLN K 3 76.07 -21.76 -54.00
C GLN K 3 74.89 -21.72 -53.04
N ILE K 4 74.68 -22.82 -52.31
CA ILE K 4 73.55 -22.96 -51.40
C ILE K 4 74.06 -22.76 -49.98
N ASN K 5 73.53 -21.74 -49.30
CA ASN K 5 73.91 -21.47 -47.92
C ASN K 5 73.34 -22.52 -46.97
N ALA K 6 73.97 -22.63 -45.81
CA ALA K 6 73.57 -23.64 -44.84
C ALA K 6 73.49 -23.02 -43.45
N SER K 7 72.64 -23.60 -42.61
CA SER K 7 72.49 -23.20 -41.22
C SER K 7 72.46 -24.44 -40.35
N TYR K 8 73.10 -24.36 -39.19
CA TYR K 8 73.31 -25.50 -38.32
C TYR K 8 72.67 -25.25 -36.97
N GLN K 9 72.53 -26.33 -36.19
CA GLN K 9 71.82 -26.29 -34.92
C GLN K 9 72.41 -27.30 -33.96
N ARG K 10 72.55 -26.90 -32.69
CA ARG K 10 73.07 -27.79 -31.65
C ARG K 10 72.38 -27.46 -30.34
N ASP K 11 72.04 -28.51 -29.58
CA ASP K 11 71.37 -28.37 -28.30
C ASP K 11 72.35 -28.51 -27.15
N MET K 12 72.15 -27.69 -26.12
CA MET K 12 72.98 -27.76 -24.93
C MET K 12 72.66 -29.03 -24.12
N ALA K 13 73.55 -29.34 -23.18
CA ALA K 13 73.28 -30.42 -22.24
C ALA K 13 72.26 -29.93 -21.21
N ILE K 14 71.74 -30.86 -20.41
CA ILE K 14 70.66 -30.59 -19.47
C ILE K 14 71.18 -30.29 -18.07
N ALA K 15 72.12 -31.10 -17.58
CA ALA K 15 72.54 -31.00 -16.20
C ALA K 15 73.98 -31.46 -16.04
N LEU K 16 74.53 -31.18 -14.86
CA LEU K 16 75.86 -31.56 -14.43
C LEU K 16 75.75 -32.24 -13.08
N PRO K 17 76.71 -33.09 -12.72
CA PRO K 17 76.62 -33.77 -11.41
C PRO K 17 76.64 -32.77 -10.26
N GLY K 18 75.75 -33.00 -9.29
CA GLY K 18 75.66 -32.15 -8.13
C GLY K 18 74.88 -30.87 -8.33
N MET K 19 74.33 -30.64 -9.51
CA MET K 19 73.59 -29.41 -9.77
C MET K 19 72.22 -29.44 -9.10
N VAL K 20 71.79 -28.30 -8.60
CA VAL K 20 70.46 -28.18 -8.00
C VAL K 20 69.42 -28.20 -9.12
N ALA K 21 68.45 -29.09 -9.01
CA ALA K 21 67.51 -29.32 -10.11
C ALA K 21 66.52 -28.17 -10.26
N ASP K 22 65.69 -27.95 -9.24
CA ASP K 22 64.65 -26.94 -9.27
C ASP K 22 64.80 -25.99 -8.08
N THR K 23 64.19 -24.81 -8.22
CA THR K 23 64.13 -23.86 -7.11
C THR K 23 62.82 -24.05 -6.37
N SER K 24 62.68 -25.23 -5.76
CA SER K 24 61.43 -25.63 -5.10
C SER K 24 61.73 -26.13 -3.69
N LYS K 25 61.79 -25.20 -2.74
CA LYS K 25 61.77 -25.49 -1.31
C LYS K 25 62.91 -26.43 -0.92
N TYR K 26 64.13 -25.89 -1.02
CA TYR K 26 65.33 -26.61 -0.64
C TYR K 26 65.87 -26.10 0.68
N ASN K 27 66.81 -26.86 1.26
CA ASN K 27 67.46 -26.49 2.50
C ASN K 27 68.91 -26.96 2.46
N ILE K 28 69.84 -26.05 2.74
CA ILE K 28 71.27 -26.33 2.69
C ILE K 28 71.87 -26.10 4.08
N ASP K 29 72.66 -27.05 4.55
CA ASP K 29 73.37 -26.95 5.83
C ASP K 29 74.83 -26.63 5.52
N GLY K 30 75.21 -25.36 5.67
CA GLY K 30 76.56 -24.93 5.39
C GLY K 30 77.55 -25.11 6.53
N ALA K 31 77.07 -25.44 7.73
CA ALA K 31 77.95 -25.61 8.89
C ALA K 31 78.34 -27.07 9.06
N CYS K 32 78.97 -27.62 8.02
CA CYS K 32 79.45 -28.99 8.03
C CYS K 32 80.92 -29.01 7.63
N VAL K 33 81.65 -30.00 8.15
CA VAL K 33 83.06 -30.16 7.87
C VAL K 33 83.33 -31.60 7.49
N VAL K 34 84.38 -31.80 6.69
CA VAL K 34 84.70 -33.10 6.10
C VAL K 34 85.86 -33.73 6.86
N ASN K 35 85.77 -35.04 7.09
CA ASN K 35 86.83 -35.80 7.71
C ASN K 35 87.04 -37.11 6.95
N GLU K 36 88.25 -37.66 7.08
CA GLU K 36 88.59 -38.98 6.55
C GLU K 36 88.36 -39.06 5.04
N GLY K 37 89.13 -38.27 4.30
CA GLY K 37 89.16 -38.41 2.86
C GLY K 37 88.50 -37.30 2.08
N ASP K 38 87.94 -37.64 0.93
CA ASP K 38 87.34 -36.68 0.02
C ASP K 38 85.89 -37.07 -0.29
N VAL K 39 85.11 -36.09 -0.73
CA VAL K 39 83.71 -36.29 -1.08
C VAL K 39 83.52 -35.83 -2.53
N LEU K 40 83.01 -36.72 -3.36
CA LEU K 40 82.71 -36.36 -4.74
C LEU K 40 81.43 -35.54 -4.82
N VAL K 41 81.47 -34.46 -5.59
CA VAL K 41 80.29 -33.62 -5.77
C VAL K 41 79.23 -34.43 -6.53
N GLY K 42 78.12 -34.71 -5.87
CA GLY K 42 77.07 -35.51 -6.42
C GLY K 42 76.88 -36.88 -5.79
N ALA K 43 77.35 -37.08 -4.56
CA ALA K 43 77.22 -38.36 -3.87
C ALA K 43 76.74 -38.13 -2.45
N ALA K 44 76.11 -39.16 -1.90
CA ALA K 44 75.54 -39.07 -0.56
C ALA K 44 76.65 -39.00 0.49
N VAL K 45 76.32 -38.40 1.63
CA VAL K 45 77.22 -38.27 2.76
C VAL K 45 76.52 -38.76 4.01
N GLN K 46 77.31 -39.07 5.03
CA GLN K 46 76.82 -39.49 6.33
C GLN K 46 77.40 -38.61 7.42
N VAL K 47 76.74 -38.60 8.57
CA VAL K 47 77.18 -37.83 9.73
C VAL K 47 77.76 -38.79 10.77
N VAL K 48 78.97 -38.48 11.24
CA VAL K 48 79.63 -39.34 12.21
C VAL K 48 79.66 -38.73 13.61
N GLN K 49 79.45 -37.42 13.74
CA GLN K 49 79.46 -36.80 15.06
C GLN K 49 78.81 -35.41 14.96
N ALA K 50 77.98 -35.08 15.93
CA ALA K 50 77.37 -33.76 16.05
C ALA K 50 77.93 -33.10 17.30
N GLN K 51 78.73 -32.06 17.10
CA GLN K 51 79.35 -31.37 18.23
C GLN K 51 78.29 -30.70 19.10
N ALA K 52 78.40 -30.91 20.41
CA ALA K 52 77.35 -30.48 21.33
C ALA K 52 77.36 -28.98 21.55
N VAL K 53 78.54 -28.37 21.65
CA VAL K 53 78.64 -26.96 22.00
C VAL K 53 79.10 -26.10 20.84
N ASP K 54 80.10 -26.54 20.06
CA ASP K 54 80.59 -25.72 18.96
C ASP K 54 79.56 -25.58 17.84
N GLY K 55 78.81 -26.63 17.55
CA GLY K 55 77.73 -26.56 16.60
C GLY K 55 78.02 -27.07 15.21
N HIS K 56 79.16 -27.71 14.98
CA HIS K 56 79.49 -28.25 13.68
C HIS K 56 79.13 -29.72 13.60
N LYS K 57 78.93 -30.20 12.38
CA LYS K 57 78.64 -31.60 12.11
C LYS K 57 79.74 -32.21 11.26
N LEU K 58 80.22 -33.39 11.67
CA LEU K 58 81.33 -34.05 11.00
C LEU K 58 80.77 -35.04 9.99
N VAL K 59 81.08 -34.85 8.72
CA VAL K 59 80.53 -35.68 7.65
C VAL K 59 81.66 -36.31 6.86
N LYS K 60 81.33 -37.38 6.14
CA LYS K 60 82.27 -38.08 5.28
C LYS K 60 81.48 -38.87 4.25
N ALA K 61 82.20 -39.56 3.38
CA ALA K 61 81.57 -40.36 2.33
C ALA K 61 80.81 -41.53 2.93
N LEU K 62 79.72 -41.92 2.27
CA LEU K 62 78.87 -42.99 2.76
C LEU K 62 79.59 -44.34 2.68
N THR K 63 79.40 -45.15 3.70
CA THR K 63 79.97 -46.50 3.73
C THR K 63 78.89 -47.54 4.01
N THR K 64 79.29 -48.79 4.18
CA THR K 64 78.32 -49.87 4.39
C THR K 64 77.66 -49.78 5.76
N GLY K 65 76.40 -50.17 5.81
CA GLY K 65 75.67 -50.22 7.07
C GLY K 65 75.51 -48.89 7.75
N THR K 66 75.17 -47.84 7.01
CA THR K 66 75.02 -46.50 7.54
C THR K 66 73.73 -45.88 7.03
N THR K 67 73.46 -44.66 7.47
CA THR K 67 72.27 -43.92 7.08
C THR K 67 72.68 -42.62 6.41
N PRO K 68 72.31 -42.39 5.15
CA PRO K 68 72.69 -41.15 4.48
C PRO K 68 72.00 -39.94 5.10
N TYR K 69 72.67 -38.80 5.01
CA TYR K 69 72.15 -37.55 5.55
C TYR K 69 71.87 -36.49 4.50
N GLY K 70 72.63 -36.46 3.41
CA GLY K 70 72.42 -35.44 2.40
C GLY K 70 73.31 -35.68 1.20
N VAL K 71 73.26 -34.74 0.26
CA VAL K 71 73.98 -34.83 -0.99
C VAL K 71 74.80 -33.55 -1.17
N ALA K 72 76.08 -33.71 -1.49
CA ALA K 72 76.94 -32.56 -1.76
C ALA K 72 76.53 -31.89 -3.07
N ILE K 73 76.51 -30.56 -3.06
CA ILE K 73 76.08 -29.79 -4.20
C ILE K 73 77.28 -29.07 -4.81
N ARG K 74 77.06 -28.43 -5.95
CA ARG K 74 78.13 -27.91 -6.79
C ARG K 74 78.26 -26.40 -6.63
N SER K 75 79.47 -25.95 -6.30
CA SER K 75 79.76 -24.53 -6.11
C SER K 75 81.12 -24.21 -6.69
N HIS K 76 81.23 -23.03 -7.30
CA HIS K 76 82.44 -22.62 -8.00
C HIS K 76 83.51 -22.06 -7.08
N TRP K 77 83.23 -21.91 -5.80
CA TRP K 77 84.16 -21.28 -4.86
C TRP K 77 84.69 -22.22 -3.79
N GLN K 78 83.85 -23.11 -3.26
CA GLN K 78 84.24 -23.95 -2.14
C GLN K 78 84.90 -25.27 -2.54
N THR K 79 84.94 -25.58 -3.83
CA THR K 79 85.43 -26.87 -4.30
C THR K 79 86.83 -26.73 -4.89
N VAL K 80 87.46 -27.90 -5.13
CA VAL K 80 88.75 -27.96 -5.80
C VAL K 80 88.64 -28.90 -6.99
N ASN K 81 89.49 -28.66 -7.99
CA ASN K 81 89.48 -29.39 -9.24
C ASN K 81 90.55 -30.48 -9.20
N ALA K 82 90.13 -31.71 -8.95
CA ALA K 82 91.04 -32.84 -8.89
C ALA K 82 90.44 -34.02 -9.65
N GLN K 83 91.31 -34.88 -10.18
CA GLN K 83 90.93 -35.89 -11.18
C GLN K 83 90.03 -35.30 -12.27
N ASN K 84 90.30 -34.05 -12.67
CA ASN K 84 89.53 -33.37 -13.71
C ASN K 84 88.05 -33.28 -13.34
N GLN K 85 87.77 -33.13 -12.05
CA GLN K 85 86.38 -33.01 -11.61
C GLN K 85 86.34 -32.27 -10.28
N MET K 86 85.17 -31.75 -9.95
CA MET K 86 85.00 -30.94 -8.75
C MET K 86 84.78 -31.82 -7.53
N ILE K 87 85.53 -31.55 -6.46
CA ILE K 87 85.44 -32.32 -5.22
C ILE K 87 85.60 -31.38 -4.03
N TYR K 88 85.26 -31.90 -2.85
CA TYR K 88 85.49 -31.22 -1.57
C TYR K 88 86.66 -31.92 -0.88
N GLU K 89 87.70 -31.15 -0.55
CA GLU K 89 88.88 -31.72 0.07
C GLU K 89 88.67 -31.89 1.57
N ASP K 90 89.55 -32.69 2.18
CA ASP K 90 89.47 -32.95 3.61
C ASP K 90 89.79 -31.69 4.41
N GLY K 91 89.02 -31.49 5.49
CA GLY K 91 89.25 -30.37 6.37
C GLY K 91 88.71 -29.04 5.89
N GLY K 92 87.66 -29.05 5.06
CA GLY K 92 87.09 -27.82 4.57
C GLY K 92 85.57 -27.83 4.69
N ALA K 93 85.00 -26.63 4.66
CA ALA K 93 83.56 -26.48 4.73
C ALA K 93 82.91 -27.06 3.47
N ILE K 94 81.74 -27.67 3.65
CA ILE K 94 81.04 -28.34 2.58
C ILE K 94 79.58 -27.88 2.58
N ASN K 95 78.96 -27.96 1.40
CA ASN K 95 77.53 -27.66 1.25
C ASN K 95 76.77 -28.97 1.11
N VAL K 96 75.83 -29.21 2.00
CA VAL K 96 75.06 -30.44 2.02
C VAL K 96 73.58 -30.10 1.88
N MET K 97 72.94 -30.67 0.86
CA MET K 97 71.51 -30.51 0.66
C MET K 97 70.75 -31.56 1.45
N THR K 98 69.80 -31.13 2.27
CA THR K 98 69.02 -32.05 3.08
C THR K 98 67.57 -32.17 2.64
N SER K 99 67.07 -31.24 1.83
CA SER K 99 65.73 -31.35 1.27
C SER K 99 65.68 -30.52 -0.01
N GLY K 100 65.11 -31.09 -1.06
CA GLY K 100 65.03 -30.40 -2.33
C GLY K 100 65.08 -31.40 -3.47
N ARG K 101 65.48 -30.90 -4.65
CA ARG K 101 65.62 -31.72 -5.84
C ARG K 101 67.01 -31.55 -6.40
N VAL K 102 67.74 -32.65 -6.60
CA VAL K 102 69.14 -32.60 -6.97
C VAL K 102 69.43 -33.60 -8.08
N TRP K 103 70.50 -33.33 -8.82
CA TRP K 103 71.05 -34.27 -9.80
C TRP K 103 72.14 -35.09 -9.14
N MET K 104 72.01 -36.41 -9.21
CA MET K 104 72.87 -37.32 -8.48
C MET K 104 73.47 -38.35 -9.42
N LEU K 105 74.69 -38.78 -9.12
CA LEU K 105 75.36 -39.80 -9.90
C LEU K 105 74.65 -41.14 -9.76
N SER K 106 74.66 -41.93 -10.83
CA SER K 106 73.94 -43.19 -10.85
C SER K 106 74.81 -44.29 -11.46
N LYS K 107 74.55 -45.52 -11.04
CA LYS K 107 75.23 -46.69 -11.57
C LYS K 107 74.27 -47.67 -12.24
N SER K 108 72.99 -47.34 -12.34
CA SER K 108 72.02 -48.23 -12.95
C SER K 108 71.95 -47.98 -14.47
N THR K 109 71.19 -48.84 -15.15
CA THR K 109 71.05 -48.77 -16.60
C THR K 109 69.62 -48.62 -17.07
N GLU K 110 68.63 -48.74 -16.17
CA GLU K 110 67.23 -48.65 -16.53
C GLU K 110 66.61 -47.41 -15.91
N ALA K 111 65.70 -46.77 -16.63
CA ALA K 111 65.04 -45.57 -16.13
C ALA K 111 64.19 -45.90 -14.91
N PRO K 112 64.14 -45.02 -13.92
CA PRO K 112 63.41 -45.33 -12.69
C PRO K 112 61.92 -45.03 -12.81
N THR K 113 61.19 -45.44 -11.79
CA THR K 113 59.75 -45.20 -11.68
C THR K 113 59.51 -44.00 -10.77
N PHE K 114 58.68 -43.07 -11.23
CA PHE K 114 58.39 -41.86 -10.46
C PHE K 114 57.73 -42.22 -9.13
N GLY K 115 58.26 -41.64 -8.04
CA GLY K 115 57.68 -41.82 -6.72
C GLY K 115 58.19 -43.02 -5.95
N SER K 116 59.02 -43.87 -6.54
CA SER K 116 59.51 -45.05 -5.85
C SER K 116 60.74 -44.70 -5.02
N ALA K 117 61.08 -45.60 -4.10
CA ALA K 117 62.15 -45.36 -3.14
C ALA K 117 63.52 -45.43 -3.82
N VAL K 118 64.48 -44.73 -3.24
CA VAL K 118 65.85 -44.67 -3.76
C VAL K 118 66.73 -45.60 -2.94
N LYS K 119 67.53 -46.41 -3.62
CA LYS K 119 68.49 -47.30 -2.98
C LYS K 119 69.89 -46.93 -3.44
N LEU K 120 70.82 -46.81 -2.49
CA LEU K 120 72.18 -46.36 -2.77
C LEU K 120 73.15 -47.53 -2.73
N ASP K 121 74.32 -47.30 -3.33
CA ASP K 121 75.41 -48.25 -3.30
C ASP K 121 76.21 -48.07 -2.01
N VAL K 122 77.33 -48.78 -1.90
CA VAL K 122 78.14 -48.73 -0.69
C VAL K 122 79.17 -47.60 -0.80
N ASP K 123 79.09 -46.84 -1.89
CA ASP K 123 80.00 -45.71 -2.09
C ASP K 123 79.28 -44.37 -2.24
N GLY K 124 77.96 -44.34 -2.07
CA GLY K 124 77.23 -43.09 -2.13
C GLY K 124 76.63 -42.73 -3.48
N GLN K 125 76.60 -43.67 -4.42
CA GLN K 125 76.03 -43.42 -5.74
C GLN K 125 74.79 -44.27 -5.93
N GLU K 126 73.78 -43.70 -6.58
CA GLU K 126 72.51 -44.37 -6.75
C GLU K 126 72.66 -45.62 -7.62
N LYS K 127 71.95 -46.68 -7.25
CA LYS K 127 71.96 -47.93 -7.97
C LYS K 127 70.58 -48.56 -7.90
N SER K 128 70.13 -49.16 -9.00
CA SER K 128 68.79 -49.74 -9.03
C SER K 128 68.65 -50.87 -8.02
N ASP K 129 69.66 -51.73 -7.92
CA ASP K 129 69.66 -52.84 -6.98
C ASP K 129 70.77 -52.59 -5.97
N GLY K 130 70.45 -51.82 -4.93
CA GLY K 130 71.40 -51.50 -3.88
C GLY K 130 71.08 -52.21 -2.59
N THR K 131 71.91 -51.93 -1.58
CA THR K 131 71.79 -52.56 -0.27
C THR K 131 71.50 -51.56 0.84
N ILE K 132 71.46 -50.27 0.55
CA ILE K 132 71.22 -49.23 1.55
C ILE K 132 69.90 -48.57 1.22
N GLU K 133 68.99 -48.55 2.19
CA GLU K 133 67.63 -48.03 2.00
C GLU K 133 67.55 -46.61 2.52
N THR K 134 66.83 -45.76 1.78
CA THR K 134 66.63 -44.36 2.15
C THR K 134 65.14 -44.04 2.10
N THR K 135 64.80 -42.84 2.56
CA THR K 135 63.45 -42.32 2.46
C THR K 135 63.28 -41.36 1.28
N TRP K 136 64.28 -41.29 0.40
CA TRP K 136 64.23 -40.43 -0.76
C TRP K 136 63.42 -41.08 -1.87
N THR K 137 62.98 -40.27 -2.83
CA THR K 137 62.16 -40.73 -3.94
C THR K 137 62.68 -40.15 -5.25
N TYR K 138 62.41 -40.86 -6.34
CA TYR K 138 62.76 -40.38 -7.67
C TYR K 138 61.82 -39.27 -8.11
N ALA K 139 62.36 -38.32 -8.88
CA ALA K 139 61.57 -37.18 -9.35
C ALA K 139 61.32 -37.23 -10.86
N GLY K 140 61.86 -38.22 -11.57
CA GLY K 140 61.58 -38.43 -12.97
C GLY K 140 62.67 -37.98 -13.92
N GLY K 141 63.61 -37.15 -13.47
CA GLY K 141 64.71 -36.75 -14.33
C GLY K 141 65.72 -37.86 -14.48
N TRP K 142 66.15 -38.08 -15.72
CA TRP K 142 67.05 -39.20 -16.04
C TRP K 142 67.76 -38.85 -17.34
N THR K 143 69.05 -38.53 -17.26
CA THR K 143 69.75 -38.04 -18.43
C THR K 143 71.21 -38.48 -18.37
N LYS K 144 72.02 -37.97 -19.29
CA LYS K 144 73.43 -38.34 -19.35
C LYS K 144 74.23 -37.19 -19.97
N TYR K 145 75.31 -36.83 -19.30
CA TYR K 145 76.27 -35.84 -19.77
C TYR K 145 77.57 -36.57 -20.08
N LYS K 146 77.85 -36.76 -21.37
CA LYS K 146 79.13 -37.30 -21.84
C LYS K 146 79.55 -38.50 -21.01
N ASP K 147 78.91 -39.64 -21.27
CA ASP K 147 78.97 -40.97 -20.67
C ASP K 147 78.89 -40.93 -19.14
N ILE K 148 78.47 -39.83 -18.54
CA ILE K 148 78.18 -39.77 -17.11
C ILE K 148 76.67 -39.78 -16.93
N GLN K 149 76.16 -40.85 -16.31
CA GLN K 149 74.73 -40.98 -16.09
C GLN K 149 74.28 -40.14 -14.89
N LEU K 150 73.12 -39.50 -15.02
CA LEU K 150 72.58 -38.65 -13.97
C LEU K 150 71.11 -38.98 -13.74
N VAL K 151 70.73 -39.00 -12.45
CA VAL K 151 69.35 -39.25 -12.05
C VAL K 151 68.90 -38.08 -11.18
N GLU K 152 67.60 -37.90 -11.06
CA GLU K 152 67.01 -36.80 -10.30
C GLU K 152 66.41 -37.33 -9.02
N VAL K 153 66.76 -36.73 -7.89
CA VAL K 153 66.39 -37.25 -6.57
C VAL K 153 65.69 -36.16 -5.77
N GLN K 154 64.64 -36.56 -5.06
CA GLN K 154 63.90 -35.73 -4.11
C GLN K 154 64.34 -36.08 -2.70
N LEU K 155 64.88 -35.09 -1.99
CA LEU K 155 65.41 -35.26 -0.64
C LEU K 155 64.46 -34.65 0.38
N HIS K 156 64.17 -35.41 1.42
CA HIS K 156 63.32 -34.99 2.52
C HIS K 156 64.17 -34.83 3.77
N GLN K 157 63.87 -33.78 4.55
CA GLN K 157 64.63 -33.51 5.76
C GLN K 157 64.52 -34.66 6.75
N LEU K 158 65.67 -35.08 7.29
CA LEU K 158 65.71 -36.17 8.26
C LEU K 158 65.13 -35.73 9.60
N GLN L 3 8.23 7.36 11.69
CA GLN L 3 9.03 6.20 11.32
C GLN L 3 10.44 6.32 11.87
N ILE L 4 11.08 5.18 12.13
CA ILE L 4 12.42 5.12 12.69
C ILE L 4 13.33 4.38 11.73
N ASN L 5 14.55 4.86 11.58
CA ASN L 5 15.51 4.31 10.62
C ASN L 5 16.01 2.95 11.08
N ALA L 6 16.57 2.20 10.14
CA ALA L 6 17.11 0.88 10.40
C ALA L 6 18.45 0.71 9.70
N SER L 7 19.30 -0.11 10.29
CA SER L 7 20.57 -0.50 9.69
C SER L 7 20.73 -2.01 9.83
N TYR L 8 21.47 -2.61 8.91
CA TYR L 8 21.57 -4.06 8.82
C TYR L 8 23.02 -4.50 8.85
N GLN L 9 23.21 -5.82 8.89
CA GLN L 9 24.52 -6.42 9.02
C GLN L 9 24.55 -7.75 8.26
N ARG L 10 25.67 -8.03 7.60
CA ARG L 10 25.83 -9.27 6.85
C ARG L 10 27.29 -9.70 6.93
N ASP L 11 27.51 -11.01 6.80
CA ASP L 11 28.84 -11.60 6.91
C ASP L 11 29.21 -12.28 5.59
N MET L 12 30.47 -12.12 5.18
CA MET L 12 30.94 -12.78 3.98
C MET L 12 31.17 -14.27 4.22
N ALA L 13 31.25 -15.02 3.13
CA ALA L 13 31.61 -16.41 3.22
C ALA L 13 33.10 -16.55 3.53
N ILE L 14 33.47 -17.71 4.07
CA ILE L 14 34.83 -17.92 4.56
C ILE L 14 35.79 -18.29 3.43
N ALA L 15 35.43 -19.26 2.59
CA ALA L 15 36.39 -19.82 1.66
C ALA L 15 35.70 -20.16 0.34
N LEU L 16 36.49 -20.67 -0.58
CA LEU L 16 36.06 -21.10 -1.90
C LEU L 16 36.73 -22.44 -2.21
N PRO L 17 36.16 -23.23 -3.11
CA PRO L 17 36.81 -24.49 -3.49
C PRO L 17 38.15 -24.23 -4.16
N GLY L 18 39.16 -25.03 -3.78
CA GLY L 18 40.48 -24.88 -4.34
C GLY L 18 41.16 -23.58 -4.00
N MET L 19 41.00 -23.09 -2.77
CA MET L 19 41.57 -21.82 -2.34
C MET L 19 42.62 -22.07 -1.28
N VAL L 20 43.69 -21.28 -1.32
CA VAL L 20 44.77 -21.44 -0.35
C VAL L 20 44.31 -20.90 1.01
N ALA L 21 44.48 -21.73 2.05
CA ALA L 21 43.90 -21.41 3.35
C ALA L 21 44.61 -20.23 4.01
N ASP L 22 45.94 -20.26 4.04
CA ASP L 22 46.71 -19.22 4.73
C ASP L 22 48.10 -19.16 4.11
N THR L 23 48.97 -18.33 4.69
CA THR L 23 50.30 -18.07 4.15
C THR L 23 51.37 -18.92 4.80
N SER L 24 51.02 -20.12 5.26
CA SER L 24 52.02 -21.02 5.80
C SER L 24 52.96 -21.50 4.69
N LYS L 25 53.92 -22.33 5.06
CA LYS L 25 54.93 -22.80 4.11
C LYS L 25 54.28 -23.74 3.11
N TYR L 26 54.04 -23.24 1.90
CA TYR L 26 53.41 -23.99 0.82
C TYR L 26 54.41 -24.21 -0.31
N ASN L 27 53.95 -24.91 -1.35
CA ASN L 27 54.78 -25.15 -2.53
C ASN L 27 53.85 -25.43 -3.71
N ILE L 28 54.09 -24.76 -4.84
CA ILE L 28 53.26 -24.87 -6.03
C ILE L 28 54.10 -25.42 -7.17
N ASP L 29 53.56 -26.41 -7.87
CA ASP L 29 54.23 -27.02 -9.03
C ASP L 29 53.49 -26.55 -10.29
N GLY L 30 54.14 -25.68 -11.05
CA GLY L 30 53.51 -25.08 -12.20
C GLY L 30 53.99 -25.59 -13.54
N ALA L 31 54.85 -26.61 -13.54
CA ALA L 31 55.39 -27.18 -14.77
C ALA L 31 54.69 -28.50 -15.12
N CYS L 32 53.39 -28.57 -14.88
CA CYS L 32 52.57 -29.73 -15.17
C CYS L 32 51.55 -29.38 -16.26
N VAL L 33 51.06 -30.42 -16.93
CA VAL L 33 50.10 -30.25 -18.02
C VAL L 33 49.00 -31.29 -17.87
N VAL L 34 47.76 -30.86 -18.06
CA VAL L 34 46.60 -31.74 -17.97
C VAL L 34 46.61 -32.70 -19.16
N ASN L 35 46.35 -33.97 -18.88
CA ASN L 35 46.37 -35.01 -19.90
C ASN L 35 45.02 -35.72 -19.93
N GLU L 36 44.46 -35.86 -21.14
CA GLU L 36 43.25 -36.64 -21.42
C GLU L 36 42.14 -36.39 -20.40
N GLY L 37 41.62 -35.17 -20.41
CA GLY L 37 40.45 -34.83 -19.64
C GLY L 37 40.56 -33.43 -19.08
N ASP L 38 39.69 -33.14 -18.12
CA ASP L 38 39.70 -31.87 -17.41
C ASP L 38 39.64 -32.11 -15.91
N VAL L 39 40.12 -31.14 -15.16
CA VAL L 39 40.25 -31.26 -13.70
C VAL L 39 39.45 -30.15 -13.04
N LEU L 40 38.65 -30.52 -12.06
CA LEU L 40 37.87 -29.56 -11.27
C LEU L 40 38.78 -28.89 -10.25
N VAL L 41 38.69 -27.57 -10.14
CA VAL L 41 39.46 -26.85 -9.14
C VAL L 41 38.96 -27.24 -7.76
N GLY L 42 39.88 -27.75 -6.93
CA GLY L 42 39.53 -28.22 -5.61
C GLY L 42 39.53 -29.72 -5.45
N ALA L 43 40.02 -30.47 -6.42
CA ALA L 43 40.05 -31.92 -6.38
C ALA L 43 41.48 -32.42 -6.56
N ALA L 44 41.71 -33.67 -6.18
CA ALA L 44 43.04 -34.25 -6.23
C ALA L 44 43.38 -34.72 -7.64
N VAL L 45 44.69 -34.81 -7.90
CA VAL L 45 45.21 -35.24 -9.20
C VAL L 45 46.21 -36.37 -8.97
N GLN L 46 46.56 -37.03 -10.07
CA GLN L 46 47.54 -38.11 -10.05
C GLN L 46 48.50 -37.93 -11.21
N VAL L 47 49.71 -38.46 -11.07
CA VAL L 47 50.75 -38.38 -12.09
C VAL L 47 50.79 -39.70 -12.84
N VAL L 48 50.74 -39.63 -14.17
CA VAL L 48 50.79 -40.82 -15.01
C VAL L 48 52.17 -41.01 -15.63
N GLN L 49 52.87 -39.92 -15.94
CA GLN L 49 54.16 -40.03 -16.59
C GLN L 49 54.96 -38.75 -16.40
N ALA L 50 56.22 -38.90 -16.02
CA ALA L 50 57.17 -37.79 -15.93
C ALA L 50 58.20 -37.93 -17.03
N GLN L 51 58.29 -36.92 -17.89
CA GLN L 51 59.21 -36.99 -19.01
C GLN L 51 60.65 -36.98 -18.54
N ALA L 52 61.45 -37.88 -19.10
CA ALA L 52 62.82 -38.09 -18.64
C ALA L 52 63.68 -36.85 -18.89
N VAL L 53 63.55 -36.25 -20.06
CA VAL L 53 64.43 -35.16 -20.45
C VAL L 53 63.70 -33.84 -20.63
N ASP L 54 62.42 -33.84 -21.03
CA ASP L 54 61.71 -32.60 -21.27
C ASP L 54 61.34 -31.90 -19.97
N GLY L 55 61.01 -32.67 -18.93
CA GLY L 55 60.81 -32.13 -17.60
C GLY L 55 59.38 -31.94 -17.18
N HIS L 56 58.42 -32.00 -18.10
CA HIS L 56 57.03 -31.81 -17.72
C HIS L 56 56.45 -33.10 -17.15
N LYS L 57 55.37 -32.95 -16.39
CA LYS L 57 54.68 -34.07 -15.78
C LYS L 57 53.23 -34.10 -16.27
N LEU L 58 52.75 -35.28 -16.63
CA LEU L 58 51.40 -35.45 -17.14
C LEU L 58 50.48 -35.84 -15.97
N VAL L 59 49.42 -35.06 -15.77
CA VAL L 59 48.48 -35.30 -14.69
C VAL L 59 47.08 -35.41 -15.26
N LYS L 60 46.20 -36.04 -14.47
CA LYS L 60 44.80 -36.20 -14.84
C LYS L 60 44.00 -36.41 -13.57
N ALA L 61 42.68 -36.41 -13.71
CA ALA L 61 41.80 -36.57 -12.56
C ALA L 61 42.00 -37.94 -11.92
N LEU L 62 41.84 -37.98 -10.61
CA LEU L 62 42.12 -39.20 -9.85
C LEU L 62 41.11 -40.29 -10.17
N THR L 63 41.59 -41.53 -10.24
CA THR L 63 40.74 -42.68 -10.47
C THR L 63 40.96 -43.72 -9.39
N THR L 64 40.36 -44.91 -9.55
CA THR L 64 40.46 -45.95 -8.54
C THR L 64 41.85 -46.57 -8.53
N GLY L 65 42.30 -46.95 -7.34
CA GLY L 65 43.57 -47.63 -7.19
C GLY L 65 44.78 -46.84 -7.61
N THR L 66 44.82 -45.56 -7.28
CA THR L 66 45.93 -44.69 -7.62
C THR L 66 46.38 -43.91 -6.38
N THR L 67 47.48 -43.17 -6.53
CA THR L 67 48.06 -42.41 -5.43
C THR L 67 47.96 -40.93 -5.72
N PRO L 68 47.26 -40.15 -4.88
CA PRO L 68 47.15 -38.71 -5.14
C PRO L 68 48.49 -38.01 -5.00
N TYR L 69 48.62 -36.91 -5.74
CA TYR L 69 49.85 -36.12 -5.76
C TYR L 69 49.66 -34.68 -5.30
N GLY L 70 48.51 -34.08 -5.55
CA GLY L 70 48.29 -32.70 -5.16
C GLY L 70 46.86 -32.29 -5.41
N VAL L 71 46.60 -31.00 -5.25
CA VAL L 71 45.26 -30.43 -5.41
C VAL L 71 45.37 -29.20 -6.29
N ALA L 72 44.49 -29.11 -7.29
CA ALA L 72 44.44 -27.92 -8.14
C ALA L 72 43.92 -26.73 -7.36
N ILE L 73 44.44 -25.55 -7.67
CA ILE L 73 44.11 -24.33 -6.93
C ILE L 73 43.54 -23.29 -7.89
N ARG L 74 42.88 -22.29 -7.30
CA ARG L 74 42.21 -21.26 -8.08
C ARG L 74 43.22 -20.33 -8.74
N SER L 75 42.95 -19.98 -10.00
CA SER L 75 43.72 -18.97 -10.72
C SER L 75 42.79 -18.25 -11.69
N HIS L 76 42.76 -16.92 -11.60
CA HIS L 76 41.87 -16.15 -12.47
C HIS L 76 42.35 -16.16 -13.92
N TRP L 77 43.64 -16.40 -14.14
CA TRP L 77 44.22 -16.26 -15.47
C TRP L 77 44.37 -17.57 -16.22
N GLN L 78 44.66 -18.67 -15.52
CA GLN L 78 45.04 -19.93 -16.15
C GLN L 78 43.94 -20.97 -16.07
N THR L 79 42.68 -20.53 -16.05
CA THR L 79 41.55 -21.44 -15.94
C THR L 79 40.47 -21.05 -16.94
N VAL L 80 39.50 -21.94 -17.12
CA VAL L 80 38.36 -21.71 -18.01
C VAL L 80 37.07 -21.93 -17.22
N ASN L 81 36.07 -21.09 -17.49
CA ASN L 81 34.78 -21.19 -16.82
C ASN L 81 33.88 -22.12 -17.62
N ALA L 82 33.67 -23.32 -17.09
CA ALA L 82 32.85 -24.32 -17.74
C ALA L 82 31.95 -25.03 -16.73
N GLN L 83 30.77 -25.46 -17.21
CA GLN L 83 29.65 -25.91 -16.36
C GLN L 83 29.52 -25.09 -15.08
N ASN L 84 29.49 -23.77 -15.23
CA ASN L 84 29.28 -22.83 -14.12
C ASN L 84 30.30 -22.99 -13.00
N GLN L 85 31.39 -23.71 -13.26
CA GLN L 85 32.49 -23.83 -12.33
C GLN L 85 33.75 -23.39 -13.05
N MET L 86 34.87 -23.43 -12.34
CA MET L 86 36.15 -23.03 -12.92
C MET L 86 37.07 -24.24 -12.95
N ILE L 87 37.55 -24.60 -14.15
CA ILE L 87 38.25 -25.86 -14.37
C ILE L 87 39.51 -25.60 -15.18
N TYR L 88 40.38 -26.63 -15.22
CA TYR L 88 41.56 -26.67 -16.07
C TYR L 88 41.26 -27.62 -17.21
N GLU L 89 41.48 -27.16 -18.45
CA GLU L 89 41.09 -27.94 -19.61
C GLU L 89 42.26 -28.79 -20.10
N ASP L 90 41.99 -29.61 -21.11
CA ASP L 90 42.97 -30.56 -21.63
C ASP L 90 44.10 -29.85 -22.37
N GLY L 91 45.32 -30.37 -22.19
CA GLY L 91 46.48 -29.86 -22.88
C GLY L 91 46.87 -28.44 -22.49
N GLY L 92 46.86 -28.15 -21.20
CA GLY L 92 47.22 -26.82 -20.73
C GLY L 92 47.96 -26.90 -19.41
N ALA L 93 48.66 -25.82 -19.09
CA ALA L 93 49.41 -25.76 -17.84
C ALA L 93 48.45 -25.70 -16.65
N ILE L 94 48.85 -26.34 -15.54
CA ILE L 94 48.00 -26.45 -14.36
C ILE L 94 48.82 -26.13 -13.12
N ASN L 95 48.21 -25.39 -12.20
CA ASN L 95 48.82 -25.08 -10.91
C ASN L 95 48.41 -26.17 -9.92
N VAL L 96 49.39 -26.95 -9.47
CA VAL L 96 49.16 -28.07 -8.57
C VAL L 96 49.90 -27.79 -7.27
N MET L 97 49.17 -27.83 -6.15
CA MET L 97 49.76 -27.55 -4.85
C MET L 97 50.18 -28.85 -4.17
N THR L 98 51.45 -28.92 -3.77
CA THR L 98 52.02 -30.15 -3.23
C THR L 98 52.33 -30.09 -1.74
N SER L 99 52.21 -28.93 -1.11
CA SER L 99 52.50 -28.81 0.32
C SER L 99 51.88 -27.53 0.86
N GLY L 100 51.11 -27.65 1.94
CA GLY L 100 50.50 -26.51 2.58
C GLY L 100 49.03 -26.76 2.86
N ARG L 101 48.33 -25.71 3.27
CA ARG L 101 46.94 -25.80 3.68
C ARG L 101 46.05 -25.32 2.55
N VAL L 102 44.99 -26.07 2.24
CA VAL L 102 44.12 -25.75 1.11
C VAL L 102 42.68 -26.15 1.42
N TRP L 103 41.74 -25.37 0.85
CA TRP L 103 40.32 -25.66 0.93
C TRP L 103 39.91 -26.51 -0.27
N MET L 104 39.27 -27.64 -0.02
CA MET L 104 38.87 -28.54 -1.09
C MET L 104 37.48 -29.10 -0.85
N LEU L 105 36.90 -29.61 -1.94
CA LEU L 105 35.53 -30.10 -1.93
C LEU L 105 35.41 -31.34 -1.05
N SER L 106 34.21 -31.51 -0.47
CA SER L 106 33.95 -32.62 0.44
C SER L 106 32.60 -33.24 0.11
N LYS L 107 32.46 -34.52 0.45
CA LYS L 107 31.20 -35.24 0.37
C LYS L 107 30.75 -35.77 1.72
N SER L 108 31.43 -35.39 2.80
CA SER L 108 31.08 -35.86 4.13
C SER L 108 29.92 -35.05 4.69
N THR L 109 29.37 -35.51 5.81
CA THR L 109 28.22 -34.86 6.45
C THR L 109 28.48 -34.37 7.86
N GLU L 110 29.52 -34.88 8.53
CA GLU L 110 29.85 -34.45 9.88
C GLU L 110 31.28 -33.91 9.92
N ALA L 111 31.53 -33.02 10.88
CA ALA L 111 32.83 -32.39 10.98
C ALA L 111 33.90 -33.44 11.34
N PRO L 112 35.11 -33.29 10.80
CA PRO L 112 36.16 -34.28 11.06
C PRO L 112 36.97 -33.94 12.32
N THR L 113 37.81 -34.90 12.69
CA THR L 113 38.69 -34.74 13.84
C THR L 113 40.01 -34.11 13.40
N PHE L 114 40.46 -33.11 14.15
CA PHE L 114 41.71 -32.43 13.82
C PHE L 114 42.89 -33.39 13.91
N GLY L 115 43.71 -33.40 12.86
CA GLY L 115 44.92 -34.18 12.82
C GLY L 115 44.78 -35.59 12.30
N SER L 116 43.56 -36.07 12.07
CA SER L 116 43.37 -37.43 11.61
C SER L 116 43.66 -37.54 10.11
N ALA L 117 43.83 -38.78 9.65
CA ALA L 117 44.18 -39.04 8.26
C ALA L 117 43.00 -38.75 7.34
N VAL L 118 43.31 -38.32 6.12
CA VAL L 118 42.31 -37.96 5.12
C VAL L 118 42.05 -39.16 4.21
N LYS L 119 40.78 -39.45 3.97
CA LYS L 119 40.36 -40.48 3.04
C LYS L 119 39.64 -39.83 1.86
N LEU L 120 40.06 -40.14 0.65
CA LEU L 120 39.52 -39.53 -0.56
C LEU L 120 38.62 -40.52 -1.29
N ASP L 121 37.65 -39.98 -2.03
CA ASP L 121 36.79 -40.80 -2.86
C ASP L 121 37.47 -41.07 -4.20
N VAL L 122 36.90 -41.99 -4.97
CA VAL L 122 37.48 -42.42 -6.24
C VAL L 122 37.53 -41.27 -7.24
N ASP L 123 36.63 -40.30 -7.09
CA ASP L 123 36.59 -39.19 -8.04
C ASP L 123 37.50 -38.04 -7.65
N GLY L 124 38.20 -38.13 -6.53
CA GLY L 124 39.16 -37.12 -6.13
C GLY L 124 38.66 -36.09 -5.13
N GLN L 125 37.51 -36.32 -4.51
CA GLN L 125 36.97 -35.41 -3.51
C GLN L 125 36.99 -36.08 -2.14
N GLU L 126 37.26 -35.30 -1.10
CA GLU L 126 37.36 -35.84 0.25
C GLU L 126 36.01 -36.37 0.70
N LYS L 127 36.03 -37.53 1.35
CA LYS L 127 34.82 -38.15 1.89
C LYS L 127 35.21 -39.07 3.02
N SER L 128 34.47 -39.01 4.13
CA SER L 128 34.70 -39.94 5.23
C SER L 128 34.49 -41.38 4.74
N ASP L 129 35.00 -42.32 5.53
CA ASP L 129 34.98 -43.77 5.24
C ASP L 129 35.22 -44.08 3.76
N GLY L 130 36.11 -43.32 3.13
CA GLY L 130 36.43 -43.54 1.74
C GLY L 130 37.40 -44.68 1.54
N THR L 131 37.65 -45.00 0.27
CA THR L 131 38.52 -46.12 -0.08
C THR L 131 39.98 -45.74 -0.21
N ILE L 132 40.28 -44.59 -0.82
CA ILE L 132 41.67 -44.21 -1.06
C ILE L 132 42.24 -43.58 0.19
N GLU L 133 43.42 -44.04 0.58
CA GLU L 133 44.09 -43.57 1.78
C GLU L 133 45.33 -42.76 1.42
N THR L 134 45.52 -41.64 2.13
CA THR L 134 46.61 -40.72 1.86
C THR L 134 47.43 -40.53 3.13
N THR L 135 48.43 -39.65 3.04
CA THR L 135 49.23 -39.25 4.19
C THR L 135 48.93 -37.82 4.62
N TRP L 136 47.79 -37.29 4.21
CA TRP L 136 47.38 -35.93 4.57
C TRP L 136 46.54 -35.96 5.86
N THR L 137 46.53 -34.81 6.53
CA THR L 137 45.81 -34.67 7.79
C THR L 137 44.87 -33.47 7.72
N TYR L 138 43.81 -33.52 8.50
CA TYR L 138 42.85 -32.43 8.58
C TYR L 138 43.43 -31.26 9.35
N ALA L 139 43.22 -30.05 8.84
CA ALA L 139 43.76 -28.84 9.43
C ALA L 139 42.73 -28.08 10.25
N GLY L 140 41.57 -28.66 10.50
CA GLY L 140 40.58 -28.02 11.34
C GLY L 140 39.81 -26.91 10.66
N GLY L 141 39.07 -27.27 9.61
CA GLY L 141 38.24 -26.30 8.91
C GLY L 141 36.99 -26.95 8.35
N TRP L 142 35.82 -26.39 8.67
CA TRP L 142 34.55 -27.00 8.27
C TRP L 142 33.57 -25.85 8.04
N THR L 143 33.49 -25.41 6.79
CA THR L 143 32.58 -24.34 6.39
C THR L 143 31.77 -24.80 5.19
N LYS L 144 31.00 -23.89 4.61
CA LYS L 144 30.15 -24.22 3.49
C LYS L 144 29.81 -22.93 2.74
N TYR L 145 29.93 -22.97 1.41
CA TYR L 145 29.46 -21.87 0.57
C TYR L 145 27.95 -22.02 0.42
N LYS L 146 27.36 -21.32 -0.55
CA LYS L 146 25.90 -21.30 -0.69
C LYS L 146 25.31 -22.71 -0.69
N ASP L 147 25.88 -23.61 -1.48
CA ASP L 147 25.46 -25.00 -1.41
C ASP L 147 26.60 -26.01 -1.54
N ILE L 148 27.86 -25.59 -1.38
CA ILE L 148 29.01 -26.46 -1.58
C ILE L 148 29.70 -26.67 -0.24
N GLN L 149 29.95 -27.94 0.10
CA GLN L 149 30.71 -28.26 1.30
C GLN L 149 32.20 -28.17 1.03
N LEU L 150 32.93 -27.63 2.00
CA LEU L 150 34.38 -27.44 1.88
C LEU L 150 35.06 -27.94 3.14
N VAL L 151 36.34 -28.29 3.02
CA VAL L 151 37.13 -28.75 4.16
C VAL L 151 38.57 -28.33 3.95
N GLU L 152 39.27 -28.05 5.05
CA GLU L 152 40.65 -27.61 5.01
C GLU L 152 41.58 -28.79 5.25
N VAL L 153 42.57 -28.95 4.36
CA VAL L 153 43.46 -30.10 4.38
C VAL L 153 44.90 -29.63 4.36
N GLN L 154 45.75 -30.35 5.08
CA GLN L 154 47.18 -30.11 5.14
C GLN L 154 47.88 -31.12 4.24
N LEU L 155 48.65 -30.63 3.28
CA LEU L 155 49.30 -31.46 2.27
C LEU L 155 50.79 -31.53 2.58
N HIS L 156 51.31 -32.76 2.65
CA HIS L 156 52.74 -33.02 2.80
C HIS L 156 53.27 -33.54 1.47
N GLN L 157 54.46 -33.09 1.10
CA GLN L 157 55.05 -33.50 -0.18
C GLN L 157 55.39 -34.98 -0.16
N LEU L 158 55.13 -35.63 -1.29
CA LEU L 158 55.43 -37.05 -1.44
C LEU L 158 56.93 -37.30 -1.42
N GLN M 3 105.61 -6.16 39.55
CA GLN M 3 104.25 -6.63 39.35
C GLN M 3 104.01 -7.07 37.92
N ILE M 4 102.98 -7.90 37.72
CA ILE M 4 102.62 -8.43 36.41
C ILE M 4 101.17 -8.08 36.14
N ASN M 5 100.91 -7.49 34.96
CA ASN M 5 99.55 -7.18 34.57
C ASN M 5 98.79 -8.46 34.25
N ALA M 6 97.46 -8.38 34.32
CA ALA M 6 96.59 -9.51 34.10
C ALA M 6 95.46 -9.14 33.15
N SER M 7 94.99 -10.13 32.39
CA SER M 7 93.84 -9.98 31.51
C SER M 7 92.93 -11.18 31.68
N TYR M 8 91.63 -10.95 31.61
CA TYR M 8 90.63 -11.97 31.85
C TYR M 8 89.75 -12.12 30.61
N GLN M 9 89.01 -13.23 30.57
CA GLN M 9 88.22 -13.57 29.40
C GLN M 9 87.02 -14.41 29.83
N ARG M 10 85.84 -14.06 29.33
CA ARG M 10 84.61 -14.80 29.60
C ARG M 10 83.87 -15.04 28.29
N ASP M 11 83.14 -16.15 28.24
CA ASP M 11 82.36 -16.52 27.07
C ASP M 11 80.88 -16.47 27.40
N MET M 12 80.08 -15.99 26.45
CA MET M 12 78.63 -15.93 26.63
C MET M 12 78.05 -17.34 26.59
N ALA M 13 76.85 -17.46 27.15
CA ALA M 13 76.10 -18.71 27.03
C ALA M 13 75.58 -18.86 25.60
N ILE M 14 75.29 -20.11 25.23
CA ILE M 14 74.89 -20.41 23.86
C ILE M 14 73.40 -20.22 23.63
N ALA M 15 72.55 -20.54 24.61
CA ALA M 15 71.13 -20.56 24.35
C ALA M 15 70.35 -20.26 25.63
N LEU M 16 69.08 -19.95 25.44
CA LEU M 16 68.10 -19.73 26.50
C LEU M 16 66.89 -20.60 26.21
N PRO M 17 66.07 -20.91 27.22
CA PRO M 17 64.91 -21.76 26.98
C PRO M 17 63.94 -21.12 25.99
N GLY M 18 63.47 -21.93 25.05
CA GLY M 18 62.50 -21.47 24.08
C GLY M 18 63.05 -20.62 22.95
N MET M 19 64.37 -20.50 22.83
CA MET M 19 64.96 -19.71 21.76
C MET M 19 65.07 -20.54 20.49
N VAL M 20 64.94 -19.86 19.35
CA VAL M 20 65.08 -20.52 18.05
C VAL M 20 66.56 -20.76 17.79
N ALA M 21 66.90 -21.97 17.35
CA ALA M 21 68.30 -22.35 17.21
C ALA M 21 68.90 -21.81 15.92
N ASP M 22 68.35 -22.20 14.78
CA ASP M 22 68.90 -21.84 13.48
C ASP M 22 67.82 -21.18 12.61
N THR M 23 68.26 -20.37 11.66
CA THR M 23 67.35 -19.77 10.68
C THR M 23 67.29 -20.68 9.44
N SER M 24 66.68 -21.84 9.62
CA SER M 24 66.65 -22.88 8.59
C SER M 24 65.24 -23.46 8.49
N LYS M 25 64.41 -22.87 7.62
CA LYS M 25 63.12 -23.41 7.22
C LYS M 25 62.24 -23.73 8.44
N TYR M 26 61.89 -22.67 9.15
CA TYR M 26 61.01 -22.79 10.31
C TYR M 26 59.59 -22.37 9.94
N ASN M 27 58.67 -22.60 10.86
CA ASN M 27 57.28 -22.20 10.67
C ASN M 27 56.67 -21.90 12.04
N ILE M 28 56.02 -20.74 12.17
CA ILE M 28 55.44 -20.29 13.43
C ILE M 28 53.93 -20.22 13.27
N ASP M 29 53.21 -20.84 14.20
CA ASP M 29 51.74 -20.88 14.17
C ASP M 29 51.22 -19.90 15.22
N GLY M 30 51.09 -18.65 14.79
CA GLY M 30 50.74 -17.54 15.68
C GLY M 30 49.26 -17.25 15.85
N ALA M 31 48.38 -18.07 15.28
CA ALA M 31 46.94 -17.83 15.38
C ALA M 31 46.27 -18.74 16.41
N CYS M 32 46.95 -18.99 17.52
CA CYS M 32 46.44 -19.81 18.61
C CYS M 32 46.14 -18.92 19.82
N VAL M 33 45.54 -19.52 20.84
CA VAL M 33 45.23 -18.80 22.08
C VAL M 33 45.31 -19.78 23.24
N VAL M 34 45.88 -19.31 24.35
CA VAL M 34 46.05 -20.13 25.54
C VAL M 34 44.69 -20.34 26.20
N ASN M 35 44.46 -21.55 26.70
CA ASN M 35 43.19 -21.89 27.32
C ASN M 35 43.43 -22.72 28.57
N GLU M 36 42.92 -22.24 29.71
CA GLU M 36 42.90 -22.99 30.97
C GLU M 36 44.31 -23.34 31.42
N GLY M 37 45.04 -22.30 31.81
CA GLY M 37 46.30 -22.48 32.52
C GLY M 37 47.37 -21.54 32.00
N ASP M 38 48.61 -21.86 32.35
CA ASP M 38 49.79 -21.12 31.91
C ASP M 38 50.73 -22.06 31.17
N VAL M 39 51.44 -21.49 30.19
CA VAL M 39 52.40 -22.24 29.38
C VAL M 39 53.77 -21.59 29.53
N LEU M 40 54.76 -22.39 29.90
CA LEU M 40 56.13 -21.90 30.03
C LEU M 40 56.82 -21.91 28.68
N VAL M 41 57.59 -20.85 28.40
CA VAL M 41 58.36 -20.79 27.17
C VAL M 41 59.38 -21.92 27.16
N GLY M 42 59.41 -22.65 26.06
CA GLY M 42 60.32 -23.79 25.95
C GLY M 42 59.72 -25.12 26.33
N ALA M 43 58.40 -25.25 26.27
CA ALA M 43 57.73 -26.49 26.61
C ALA M 43 56.68 -26.82 25.57
N ALA M 44 56.39 -28.10 25.43
CA ALA M 44 55.45 -28.60 24.44
C ALA M 44 54.01 -28.26 24.84
N VAL M 45 53.15 -28.14 23.83
CA VAL M 45 51.74 -27.83 24.02
C VAL M 45 50.90 -28.88 23.31
N GLN M 46 49.59 -28.82 23.53
CA GLN M 46 48.64 -29.71 22.90
C GLN M 46 47.45 -28.90 22.41
N VAL M 47 46.77 -29.43 21.40
CA VAL M 47 45.61 -28.77 20.81
C VAL M 47 44.35 -29.39 21.41
N VAL M 48 43.49 -28.56 21.97
CA VAL M 48 42.25 -29.03 22.57
C VAL M 48 41.10 -29.01 21.56
N GLN M 49 40.96 -27.91 20.83
CA GLN M 49 39.87 -27.78 19.86
C GLN M 49 40.25 -26.74 18.82
N ALA M 50 39.96 -27.04 17.56
CA ALA M 50 40.14 -26.10 16.46
C ALA M 50 38.77 -25.63 16.00
N GLN M 51 38.56 -24.32 16.02
CA GLN M 51 37.28 -23.76 15.63
C GLN M 51 37.04 -23.97 14.13
N ALA M 52 35.80 -24.32 13.78
CA ALA M 52 35.49 -24.66 12.40
C ALA M 52 35.38 -23.44 11.50
N VAL M 53 34.91 -22.32 12.04
CA VAL M 53 34.69 -21.11 11.26
C VAL M 53 35.61 -19.97 11.68
N ASP M 54 35.76 -19.74 12.99
CA ASP M 54 36.56 -18.62 13.45
C ASP M 54 38.04 -18.79 13.10
N GLY M 55 38.58 -20.00 13.30
CA GLY M 55 39.91 -20.35 12.87
C GLY M 55 40.91 -20.55 14.00
N HIS M 56 40.65 -19.97 15.16
CA HIS M 56 41.62 -20.05 16.26
C HIS M 56 41.69 -21.47 16.82
N LYS M 57 42.86 -21.82 17.35
CA LYS M 57 43.11 -23.11 17.97
C LYS M 57 43.33 -22.93 19.46
N LEU M 58 42.80 -23.85 20.26
CA LEU M 58 42.89 -23.76 21.70
C LEU M 58 43.99 -24.70 22.20
N VAL M 59 45.04 -24.13 22.77
CA VAL M 59 46.19 -24.90 23.21
C VAL M 59 46.35 -24.73 24.72
N LYS M 60 47.05 -25.69 25.32
CA LYS M 60 47.41 -25.64 26.73
C LYS M 60 48.63 -26.53 26.94
N ALA M 61 49.10 -26.57 28.19
CA ALA M 61 50.26 -27.39 28.52
C ALA M 61 49.93 -28.87 28.30
N LEU M 62 50.94 -29.61 27.85
CA LEU M 62 50.75 -31.03 27.56
C LEU M 62 50.51 -31.82 28.83
N THR M 63 49.67 -32.85 28.73
CA THR M 63 49.40 -33.74 29.86
C THR M 63 49.56 -35.19 29.44
N THR M 64 49.17 -36.11 30.32
CA THR M 64 49.34 -37.54 30.05
C THR M 64 48.40 -38.01 28.94
N GLY M 65 48.90 -38.92 28.11
CA GLY M 65 48.10 -39.50 27.05
C GLY M 65 47.63 -38.52 26.00
N THR M 66 48.52 -37.65 25.54
CA THR M 66 48.17 -36.65 24.54
C THR M 66 49.36 -36.45 23.60
N THR M 67 49.07 -36.08 22.35
CA THR M 67 50.09 -35.87 21.33
C THR M 67 50.50 -34.41 21.30
N PRO M 68 51.80 -34.12 21.29
CA PRO M 68 52.24 -32.72 21.26
C PRO M 68 52.04 -32.09 19.89
N TYR M 69 52.00 -30.76 19.88
CA TYR M 69 51.77 -30.00 18.66
C TYR M 69 52.93 -29.06 18.33
N GLY M 70 53.47 -28.36 19.33
CA GLY M 70 54.54 -27.41 19.08
C GLY M 70 55.22 -27.03 20.37
N VAL M 71 56.08 -26.01 20.28
CA VAL M 71 56.84 -25.51 21.41
C VAL M 71 56.69 -23.99 21.47
N ALA M 72 56.40 -23.47 22.66
CA ALA M 72 56.32 -22.03 22.84
C ALA M 72 57.70 -21.41 22.70
N ILE M 73 57.78 -20.28 22.00
CA ILE M 73 59.04 -19.64 21.69
C ILE M 73 59.08 -18.26 22.34
N ARG M 74 60.30 -17.72 22.44
CA ARG M 74 60.52 -16.46 23.14
C ARG M 74 59.91 -15.28 22.40
N SER M 75 59.48 -14.28 23.17
CA SER M 75 58.99 -13.02 22.63
C SER M 75 59.04 -11.98 23.73
N HIS M 76 59.59 -10.82 23.43
CA HIS M 76 59.72 -9.76 24.43
C HIS M 76 58.48 -8.87 24.51
N TRP M 77 57.44 -9.17 23.74
CA TRP M 77 56.23 -8.35 23.68
C TRP M 77 54.97 -9.11 24.04
N GLN M 78 54.86 -10.38 23.64
CA GLN M 78 53.66 -11.15 23.89
C GLN M 78 53.67 -11.87 25.23
N THR M 79 54.81 -12.02 25.86
CA THR M 79 54.94 -12.79 27.08
C THR M 79 54.82 -11.89 28.31
N VAL M 80 54.74 -12.53 29.48
CA VAL M 80 54.74 -11.83 30.76
C VAL M 80 55.79 -12.47 31.66
N ASN M 81 56.25 -11.69 32.64
CA ASN M 81 57.27 -12.15 33.57
C ASN M 81 56.60 -12.66 34.84
N ALA M 82 56.82 -13.93 35.17
CA ALA M 82 56.22 -14.52 36.35
C ALA M 82 57.07 -15.70 36.81
N GLN M 83 57.15 -15.88 38.13
CA GLN M 83 57.91 -16.96 38.75
C GLN M 83 59.39 -16.90 38.37
N ASN M 84 59.92 -15.70 38.16
CA ASN M 84 61.29 -15.49 37.69
C ASN M 84 61.52 -16.21 36.36
N GLN M 85 60.47 -16.31 35.55
CA GLN M 85 60.55 -16.90 34.23
C GLN M 85 59.70 -16.05 33.29
N MET M 86 59.71 -16.42 32.01
CA MET M 86 58.93 -15.76 30.98
C MET M 86 57.87 -16.74 30.50
N ILE M 87 56.59 -16.37 30.65
CA ILE M 87 55.48 -17.30 30.43
C ILE M 87 54.41 -16.64 29.58
N TYR M 88 53.51 -17.49 29.06
CA TYR M 88 52.31 -17.07 28.34
C TYR M 88 51.11 -17.28 29.26
N GLU M 89 50.30 -16.24 29.42
CA GLU M 89 49.18 -16.29 30.33
C GLU M 89 47.89 -16.73 29.63
N ASP M 90 46.89 -17.07 30.44
CA ASP M 90 45.62 -17.55 29.92
C ASP M 90 44.89 -16.41 29.19
N GLY M 91 44.13 -16.78 28.17
CA GLY M 91 43.35 -15.80 27.42
C GLY M 91 44.17 -14.83 26.60
N GLY M 92 45.23 -15.30 25.95
CA GLY M 92 46.04 -14.45 25.11
C GLY M 92 46.66 -15.24 23.98
N ALA M 93 47.09 -14.51 22.95
CA ALA M 93 47.72 -15.14 21.80
C ALA M 93 49.10 -15.68 22.17
N ILE M 94 49.48 -16.79 21.55
CA ILE M 94 50.71 -17.50 21.87
C ILE M 94 51.45 -17.84 20.59
N ASN M 95 52.77 -17.69 20.61
CA ASN M 95 53.62 -18.10 19.50
C ASN M 95 53.95 -19.57 19.66
N VAL M 96 53.55 -20.39 18.69
CA VAL M 96 53.77 -21.83 18.73
C VAL M 96 54.56 -22.22 17.49
N MET M 97 55.69 -22.90 17.69
CA MET M 97 56.56 -23.32 16.61
C MET M 97 56.25 -24.75 16.21
N THR M 98 55.95 -24.95 14.92
CA THR M 98 55.52 -26.26 14.43
C THR M 98 56.61 -27.03 13.69
N SER M 99 57.61 -26.36 13.12
CA SER M 99 58.67 -27.06 12.40
C SER M 99 59.91 -26.17 12.38
N GLY M 100 61.07 -26.79 12.60
CA GLY M 100 62.32 -26.06 12.63
C GLY M 100 63.27 -26.66 13.65
N ARG M 101 64.12 -25.83 14.21
CA ARG M 101 65.03 -26.24 15.28
C ARG M 101 64.84 -25.32 16.47
N VAL M 102 64.70 -25.88 17.66
CA VAL M 102 64.37 -25.09 18.84
C VAL M 102 65.14 -25.62 20.05
N TRP M 103 65.56 -24.70 20.90
CA TRP M 103 66.09 -25.06 22.21
C TRP M 103 64.95 -25.31 23.18
N MET M 104 65.06 -26.38 23.96
CA MET M 104 63.98 -26.89 24.78
C MET M 104 64.50 -27.30 26.15
N LEU M 105 63.65 -27.14 27.17
CA LEU M 105 63.99 -27.57 28.52
C LEU M 105 64.07 -29.09 28.60
N SER M 106 64.99 -29.58 29.42
CA SER M 106 65.26 -31.00 29.50
C SER M 106 65.36 -31.42 30.96
N LYS M 107 65.04 -32.69 31.21
CA LYS M 107 65.18 -33.30 32.53
C LYS M 107 66.12 -34.50 32.50
N SER M 108 66.87 -34.69 31.42
CA SER M 108 67.80 -35.80 31.30
C SER M 108 69.20 -35.39 31.77
N THR M 109 70.08 -36.39 31.90
CA THR M 109 71.43 -36.17 32.37
C THR M 109 72.51 -36.64 31.39
N GLU M 110 72.19 -37.48 30.41
CA GLU M 110 73.15 -37.97 29.45
C GLU M 110 72.88 -37.36 28.08
N ALA M 111 73.97 -37.10 27.35
CA ALA M 111 73.84 -36.50 26.03
C ALA M 111 73.11 -37.45 25.08
N PRO M 112 72.29 -36.92 24.17
CA PRO M 112 71.52 -37.77 23.27
C PRO M 112 72.31 -38.14 22.02
N THR M 113 71.74 -39.08 21.26
CA THR M 113 72.32 -39.55 20.01
C THR M 113 71.68 -38.81 18.85
N PHE M 114 72.50 -38.31 17.94
CA PHE M 114 72.00 -37.52 16.81
C PHE M 114 71.07 -38.37 15.94
N GLY M 115 69.91 -37.81 15.61
CA GLY M 115 68.95 -38.48 14.76
C GLY M 115 68.00 -39.42 15.46
N SER M 116 68.14 -39.62 16.77
CA SER M 116 67.26 -40.51 17.52
C SER M 116 65.93 -39.80 17.78
N ALA M 117 64.92 -40.58 18.16
CA ALA M 117 63.58 -40.05 18.40
C ALA M 117 63.52 -39.35 19.76
N VAL M 118 62.64 -38.36 19.86
CA VAL M 118 62.48 -37.55 21.05
C VAL M 118 61.35 -38.12 21.89
N LYS M 119 61.58 -38.27 23.19
CA LYS M 119 60.58 -38.70 24.14
C LYS M 119 60.35 -37.59 25.16
N LEU M 120 59.09 -37.26 25.41
CA LEU M 120 58.73 -36.19 26.32
C LEU M 120 58.23 -36.76 27.64
N ASP M 121 57.94 -35.85 28.56
CA ASP M 121 57.40 -36.18 29.87
C ASP M 121 55.95 -35.73 29.96
N VAL M 122 55.29 -36.09 31.06
CA VAL M 122 53.91 -35.73 31.30
C VAL M 122 53.81 -34.21 31.49
N ASP M 123 54.92 -33.60 31.91
CA ASP M 123 54.95 -32.16 32.17
C ASP M 123 55.18 -31.33 30.91
N GLY M 124 55.67 -31.96 29.83
CA GLY M 124 55.97 -31.23 28.60
C GLY M 124 57.43 -30.99 28.36
N GLN M 125 58.32 -31.57 29.17
CA GLN M 125 59.76 -31.37 29.02
C GLN M 125 60.42 -32.66 28.56
N GLU M 126 61.54 -32.50 27.85
CA GLU M 126 62.24 -33.65 27.27
C GLU M 126 62.79 -34.55 28.38
N LYS M 127 62.76 -35.85 28.11
CA LYS M 127 63.26 -36.85 29.05
C LYS M 127 63.79 -38.04 28.28
N SER M 128 64.92 -38.58 28.73
CA SER M 128 65.50 -39.74 28.05
C SER M 128 64.57 -40.95 28.08
N ASP M 129 63.84 -41.13 29.18
CA ASP M 129 62.90 -42.24 29.34
C ASP M 129 61.53 -41.65 29.66
N GLY M 130 60.76 -41.36 28.62
CA GLY M 130 59.44 -40.77 28.78
C GLY M 130 58.34 -41.66 28.25
N THR M 131 57.11 -41.43 28.72
CA THR M 131 55.98 -42.26 28.34
C THR M 131 55.22 -41.73 27.13
N ILE M 132 55.68 -40.63 26.53
CA ILE M 132 55.00 -40.02 25.39
C ILE M 132 55.89 -40.16 24.17
N GLU M 133 55.35 -40.75 23.11
CA GLU M 133 56.08 -40.94 21.85
C GLU M 133 55.90 -39.73 20.96
N THR M 134 56.98 -39.34 20.29
CA THR M 134 56.97 -38.17 19.41
C THR M 134 57.77 -38.49 18.16
N THR M 135 57.42 -37.82 17.06
CA THR M 135 58.11 -37.99 15.79
C THR M 135 59.26 -37.01 15.59
N TRP M 136 59.59 -36.23 16.61
CA TRP M 136 60.70 -35.29 16.51
C TRP M 136 62.03 -36.02 16.70
N THR M 137 63.11 -35.36 16.32
CA THR M 137 64.45 -35.92 16.40
C THR M 137 65.39 -34.90 17.04
N TYR M 138 66.47 -35.41 17.64
CA TYR M 138 67.47 -34.55 18.25
C TYR M 138 68.37 -33.93 17.17
N ALA M 139 68.79 -32.69 17.41
CA ALA M 139 69.57 -31.94 16.45
C ALA M 139 71.05 -31.83 16.82
N GLY M 140 71.47 -32.40 17.94
CA GLY M 140 72.87 -32.44 18.32
C GLY M 140 73.26 -31.52 19.45
N GLY M 141 72.61 -30.37 19.58
CA GLY M 141 73.01 -29.42 20.61
C GLY M 141 72.66 -29.91 22.00
N TRP M 142 73.56 -29.62 22.95
CA TRP M 142 73.38 -30.06 24.34
C TRP M 142 74.21 -29.12 25.21
N THR M 143 73.55 -28.14 25.82
CA THR M 143 74.24 -27.11 26.60
C THR M 143 73.49 -26.91 27.91
N LYS M 144 73.90 -25.88 28.66
CA LYS M 144 73.32 -25.60 29.96
C LYS M 144 73.52 -24.13 30.28
N TYR M 145 72.50 -23.52 30.88
CA TYR M 145 72.54 -22.11 31.28
C TYR M 145 72.24 -22.00 32.77
N LYS M 146 73.28 -21.97 33.59
CA LYS M 146 73.17 -21.74 35.03
C LYS M 146 72.18 -22.69 35.69
N ASP M 147 72.55 -23.96 35.66
CA ASP M 147 71.78 -25.04 36.30
C ASP M 147 70.43 -25.25 35.64
N ILE M 148 70.28 -24.77 34.40
CA ILE M 148 69.12 -25.07 33.58
C ILE M 148 69.62 -25.83 32.36
N GLN M 149 69.11 -27.05 32.17
CA GLN M 149 69.57 -27.91 31.09
C GLN M 149 68.73 -27.69 29.84
N LEU M 150 69.39 -27.57 28.70
CA LEU M 150 68.74 -27.33 27.42
C LEU M 150 69.12 -28.42 26.42
N VAL M 151 68.30 -28.55 25.38
CA VAL M 151 68.55 -29.54 24.33
C VAL M 151 67.97 -29.00 23.03
N GLU M 152 68.61 -29.36 21.92
CA GLU M 152 68.16 -28.93 20.60
C GLU M 152 67.25 -29.99 19.99
N VAL M 153 66.09 -29.56 19.49
CA VAL M 153 65.09 -30.46 18.97
C VAL M 153 64.67 -30.01 17.57
N GLN M 154 64.56 -30.98 16.66
CA GLN M 154 64.07 -30.76 15.30
C GLN M 154 62.58 -31.08 15.24
N LEU M 155 61.78 -30.06 14.97
CA LEU M 155 60.33 -30.21 14.88
C LEU M 155 59.91 -30.41 13.44
N HIS M 156 59.09 -31.44 13.21
CA HIS M 156 58.51 -31.74 11.91
C HIS M 156 57.01 -31.47 11.96
N GLN M 157 56.47 -30.97 10.85
CA GLN M 157 55.06 -30.58 10.81
C GLN M 157 54.16 -31.78 11.06
N LEU M 158 53.07 -31.54 11.78
CA LEU M 158 52.10 -32.58 12.11
C LEU M 158 51.52 -33.22 10.85
N GLN N 3 36.83 53.96 118.47
CA GLN N 3 36.93 52.90 119.46
C GLN N 3 37.88 51.81 118.99
N ILE N 4 37.42 50.57 119.03
CA ILE N 4 38.20 49.41 118.60
C ILE N 4 37.56 48.86 117.34
N ASN N 5 38.32 48.80 116.25
CA ASN N 5 37.81 48.29 115.00
C ASN N 5 37.82 46.76 114.99
N ALA N 6 37.03 46.19 114.09
CA ALA N 6 36.90 44.74 113.97
C ALA N 6 37.03 44.32 112.52
N SER N 7 37.65 43.17 112.31
CA SER N 7 37.79 42.57 110.99
C SER N 7 37.36 41.11 111.06
N TYR N 8 36.67 40.67 110.01
CA TYR N 8 36.08 39.35 109.98
C TYR N 8 36.64 38.55 108.81
N GLN N 9 36.41 37.24 108.86
CA GLN N 9 36.90 36.32 107.84
C GLN N 9 35.88 35.22 107.64
N ARG N 10 35.54 34.97 106.37
CA ARG N 10 34.63 33.89 106.02
C ARG N 10 35.24 33.06 104.89
N ASP N 11 35.05 31.75 104.98
CA ASP N 11 35.55 30.81 103.97
C ASP N 11 34.40 30.35 103.09
N MET N 12 34.63 30.33 101.79
CA MET N 12 33.63 29.84 100.86
C MET N 12 33.46 28.33 101.01
N ALA N 13 32.32 27.84 100.54
CA ALA N 13 32.13 26.40 100.43
C ALA N 13 33.02 25.84 99.33
N ILE N 14 33.32 24.54 99.41
CA ILE N 14 34.27 23.92 98.51
C ILE N 14 33.63 23.20 97.34
N ALA N 15 32.33 22.96 97.36
CA ALA N 15 31.72 22.15 96.32
C ALA N 15 30.24 22.47 96.20
N LEU N 16 29.68 22.08 95.06
CA LEU N 16 28.25 22.15 94.75
C LEU N 16 27.82 20.80 94.20
N PRO N 17 26.55 20.45 94.32
CA PRO N 17 26.09 19.17 93.76
C PRO N 17 26.29 19.12 92.25
N GLY N 18 26.83 18.00 91.78
CA GLY N 18 27.07 17.84 90.36
C GLY N 18 28.26 18.61 89.81
N MET N 19 29.29 18.82 90.62
CA MET N 19 30.47 19.58 90.21
C MET N 19 31.64 18.63 90.00
N VAL N 20 32.46 18.94 89.01
CA VAL N 20 33.66 18.14 88.75
C VAL N 20 34.71 18.50 89.79
N ALA N 21 35.26 17.49 90.46
CA ALA N 21 36.15 17.74 91.60
C ALA N 21 37.53 18.21 91.16
N ASP N 22 38.19 17.44 90.31
CA ASP N 22 39.55 17.73 89.88
C ASP N 22 39.59 17.88 88.36
N THR N 23 40.78 18.21 87.86
CA THR N 23 41.05 18.25 86.42
C THR N 23 41.75 16.99 85.93
N SER N 24 41.75 15.93 86.74
CA SER N 24 42.38 14.69 86.34
C SER N 24 41.61 14.06 85.18
N LYS N 25 42.13 12.90 84.72
CA LYS N 25 41.58 12.25 83.54
C LYS N 25 40.10 11.94 83.71
N TYR N 26 39.27 12.53 82.86
CA TYR N 26 37.83 12.35 82.91
C TYR N 26 37.31 12.10 81.50
N ASN N 27 36.00 11.85 81.42
CA ASN N 27 35.34 11.60 80.13
C ASN N 27 33.86 11.93 80.26
N ILE N 28 33.33 12.66 79.29
CA ILE N 28 31.94 13.09 79.29
C ILE N 28 31.29 12.66 77.99
N ASP N 29 30.08 12.10 78.08
CA ASP N 29 29.29 11.69 76.92
C ASP N 29 28.19 12.71 76.69
N GLY N 30 28.32 13.48 75.61
CA GLY N 30 27.35 14.52 75.31
C GLY N 30 26.21 14.11 74.40
N ALA N 31 26.31 12.96 73.74
CA ALA N 31 25.26 12.49 72.83
C ALA N 31 24.30 11.56 73.58
N CYS N 32 23.61 12.16 74.56
CA CYS N 32 22.67 11.43 75.39
C CYS N 32 21.38 12.22 75.48
N VAL N 33 20.25 11.50 75.57
CA VAL N 33 18.92 12.09 75.54
C VAL N 33 18.16 11.61 76.77
N VAL N 34 17.45 12.52 77.43
CA VAL N 34 16.60 12.18 78.57
C VAL N 34 15.31 11.59 78.00
N ASN N 35 15.00 10.35 78.36
CA ASN N 35 13.85 9.67 77.76
C ASN N 35 12.58 9.92 78.55
N GLU N 36 12.59 9.63 79.86
CA GLU N 36 11.42 9.80 80.70
C GLU N 36 11.79 10.64 81.92
N GLY N 37 10.85 11.49 82.34
CA GLY N 37 11.00 12.22 83.57
C GLY N 37 12.10 13.28 83.52
N ASP N 38 12.48 13.72 84.72
CA ASP N 38 13.53 14.70 84.90
C ASP N 38 14.68 14.08 85.69
N VAL N 39 15.89 14.55 85.42
CA VAL N 39 17.10 14.05 86.06
C VAL N 39 17.70 15.15 86.92
N LEU N 40 18.06 14.79 88.15
CA LEU N 40 18.65 15.72 89.10
C LEU N 40 20.15 15.82 88.87
N VAL N 41 20.65 17.05 88.74
CA VAL N 41 22.08 17.24 88.57
C VAL N 41 22.79 16.80 89.84
N GLY N 42 23.59 15.75 89.74
CA GLY N 42 24.25 15.17 90.89
C GLY N 42 23.83 13.76 91.24
N ALA N 43 22.99 13.13 90.42
CA ALA N 43 22.50 11.78 90.68
C ALA N 43 22.85 10.87 89.52
N ALA N 44 22.94 9.57 89.80
CA ALA N 44 23.30 8.59 88.79
C ALA N 44 22.16 8.40 87.79
N VAL N 45 22.52 7.92 86.60
CA VAL N 45 21.58 7.67 85.53
C VAL N 45 21.77 6.23 85.04
N GLN N 46 20.88 5.80 84.14
CA GLN N 46 20.94 4.48 83.55
C GLN N 46 20.61 4.59 82.07
N VAL N 47 21.07 3.61 81.30
CA VAL N 47 20.87 3.58 79.85
C VAL N 47 19.68 2.68 79.53
N VAL N 48 18.67 3.23 78.86
CA VAL N 48 17.52 2.45 78.47
C VAL N 48 17.81 1.67 77.19
N GLN N 49 18.25 2.34 76.14
CA GLN N 49 18.69 1.67 74.93
C GLN N 49 19.62 2.58 74.15
N ALA N 50 20.49 1.95 73.37
CA ALA N 50 21.41 2.65 72.48
C ALA N 50 21.00 2.37 71.05
N GLN N 51 20.69 3.42 70.29
CA GLN N 51 20.27 3.25 68.92
C GLN N 51 21.41 2.72 68.06
N ALA N 52 21.09 1.78 67.18
CA ALA N 52 22.13 1.08 66.42
C ALA N 52 22.72 1.96 65.32
N VAL N 53 21.87 2.70 64.61
CA VAL N 53 22.31 3.48 63.46
C VAL N 53 22.38 4.97 63.79
N ASP N 54 21.36 5.49 64.46
CA ASP N 54 21.35 6.93 64.77
C ASP N 54 22.46 7.30 65.75
N GLY N 55 22.76 6.42 66.71
CA GLY N 55 23.91 6.62 67.56
C GLY N 55 23.66 7.41 68.83
N HIS N 56 22.41 7.56 69.25
CA HIS N 56 22.09 8.24 70.50
C HIS N 56 21.78 7.20 71.59
N LYS N 57 21.88 7.65 72.83
CA LYS N 57 21.60 6.82 74.00
C LYS N 57 20.42 7.44 74.75
N LEU N 58 19.48 6.60 75.17
CA LEU N 58 18.32 7.08 75.92
C LEU N 58 18.54 6.80 77.39
N VAL N 59 18.62 7.85 78.20
CA VAL N 59 18.95 7.74 79.61
C VAL N 59 17.83 8.35 80.44
N LYS N 60 17.67 7.81 81.64
CA LYS N 60 16.70 8.32 82.61
C LYS N 60 17.26 8.10 84.01
N ALA N 61 16.45 8.47 85.00
CA ALA N 61 16.87 8.31 86.39
C ALA N 61 16.98 6.83 86.74
N LEU N 62 17.69 6.56 87.85
CA LEU N 62 17.95 5.21 88.28
C LEU N 62 16.70 4.57 88.88
N THR N 63 16.66 3.24 88.85
CA THR N 63 15.51 2.47 89.31
C THR N 63 16.03 1.17 89.90
N THR N 64 15.18 0.44 90.60
CA THR N 64 15.57 -0.80 91.28
C THR N 64 16.03 -1.84 90.27
N GLY N 65 17.10 -2.55 90.61
CA GLY N 65 17.62 -3.61 89.76
C GLY N 65 18.15 -3.11 88.43
N THR N 66 18.92 -2.03 88.44
CA THR N 66 19.46 -1.45 87.23
C THR N 66 20.93 -1.13 87.44
N THR N 67 21.67 -1.04 86.33
CA THR N 67 23.09 -0.78 86.37
C THR N 67 23.35 0.68 86.07
N PRO N 68 23.97 1.44 86.98
CA PRO N 68 24.25 2.84 86.70
C PRO N 68 25.29 2.99 85.60
N TYR N 69 25.15 4.06 84.84
CA TYR N 69 26.05 4.35 83.72
C TYR N 69 26.90 5.59 83.93
N GLY N 70 26.38 6.60 84.60
CA GLY N 70 27.14 7.83 84.80
C GLY N 70 26.40 8.77 85.72
N VAL N 71 26.95 9.98 85.83
CA VAL N 71 26.44 11.01 86.74
C VAL N 71 26.29 12.31 85.96
N ALA N 72 25.15 12.97 86.13
CA ALA N 72 24.91 14.26 85.48
C ALA N 72 25.72 15.36 86.15
N ILE N 73 26.23 16.29 85.33
CA ILE N 73 27.12 17.35 85.80
C ILE N 73 26.47 18.70 85.56
N ARG N 74 26.97 19.70 86.29
CA ARG N 74 26.44 21.06 86.20
C ARG N 74 26.78 21.69 84.86
N SER N 75 25.87 22.57 84.41
CA SER N 75 26.10 23.35 83.19
C SER N 75 25.12 24.52 83.22
N HIS N 76 25.65 25.73 83.02
CA HIS N 76 24.82 26.93 83.09
C HIS N 76 24.03 27.18 81.80
N TRP N 77 24.23 26.36 80.77
CA TRP N 77 23.56 26.54 79.49
C TRP N 77 22.55 25.44 79.19
N GLN N 78 22.90 24.17 79.44
CA GLN N 78 22.04 23.06 79.04
C GLN N 78 20.96 22.73 80.06
N THR N 79 21.05 23.24 81.28
CA THR N 79 20.12 22.88 82.34
C THR N 79 18.98 23.89 82.43
N VAL N 80 17.94 23.51 83.17
CA VAL N 80 16.84 24.40 83.51
C VAL N 80 16.73 24.46 85.03
N ASN N 81 16.01 25.47 85.51
CA ASN N 81 15.83 25.69 86.94
C ASN N 81 14.45 25.22 87.36
N ALA N 82 14.40 24.34 88.34
CA ALA N 82 13.14 23.86 88.88
C ALA N 82 13.35 23.49 90.34
N GLN N 83 12.30 23.67 91.14
CA GLN N 83 12.34 23.49 92.61
C GLN N 83 13.66 23.98 93.20
N ASN N 84 14.04 25.20 92.80
CA ASN N 84 15.23 25.88 93.33
C ASN N 84 16.50 25.05 93.14
N GLN N 85 16.65 24.44 91.98
CA GLN N 85 17.83 23.64 91.69
C GLN N 85 17.89 23.32 90.21
N MET N 86 19.09 23.01 89.74
CA MET N 86 19.31 22.69 88.34
C MET N 86 18.85 21.27 88.05
N ILE N 87 18.06 21.12 86.98
CA ILE N 87 17.66 19.80 86.49
C ILE N 87 17.80 19.79 84.97
N TYR N 88 17.83 18.59 84.41
CA TYR N 88 17.79 18.37 82.97
C TYR N 88 16.38 17.97 82.59
N GLU N 89 15.71 18.81 81.80
CA GLU N 89 14.33 18.58 81.43
C GLU N 89 14.22 17.42 80.45
N ASP N 90 13.01 16.86 80.36
CA ASP N 90 12.77 15.70 79.52
C ASP N 90 12.87 16.07 78.05
N GLY N 91 13.32 15.13 77.24
CA GLY N 91 13.48 15.35 75.81
C GLY N 91 14.54 16.36 75.44
N GLY N 92 15.71 16.29 76.07
CA GLY N 92 16.78 17.22 75.78
C GLY N 92 18.12 16.57 76.03
N ALA N 93 19.17 17.18 75.45
CA ALA N 93 20.52 16.67 75.62
C ALA N 93 20.99 16.85 77.06
N ILE N 94 21.76 15.87 77.54
CA ILE N 94 22.22 15.86 78.93
C ILE N 94 23.73 15.62 78.94
N ASN N 95 24.39 16.17 79.96
CA ASN N 95 25.83 15.98 80.15
C ASN N 95 26.04 14.88 81.16
N VAL N 96 26.50 13.72 80.70
CA VAL N 96 26.75 12.55 81.54
C VAL N 96 28.25 12.30 81.58
N MET N 97 28.80 12.16 82.78
CA MET N 97 30.22 11.95 83.00
C MET N 97 30.46 10.50 83.36
N THR N 98 31.30 9.82 82.57
CA THR N 98 31.47 8.38 82.68
C THR N 98 32.72 7.96 83.44
N SER N 99 33.69 8.86 83.63
CA SER N 99 34.91 8.50 84.34
C SER N 99 35.58 9.78 84.84
N GLY N 100 36.07 9.75 86.07
CA GLY N 100 36.72 10.92 86.65
C GLY N 100 36.42 11.09 88.13
N ARG N 101 36.35 12.33 88.61
CA ARG N 101 36.00 12.61 89.99
C ARG N 101 34.86 13.64 90.02
N VAL N 102 33.83 13.38 90.82
CA VAL N 102 32.64 14.22 90.82
C VAL N 102 32.06 14.28 92.22
N TRP N 103 31.36 15.38 92.52
CA TRP N 103 30.64 15.53 93.78
C TRP N 103 29.20 15.05 93.61
N MET N 104 28.76 14.19 94.52
CA MET N 104 27.43 13.58 94.47
C MET N 104 26.65 13.89 95.75
N LEU N 105 25.33 13.87 95.60
CA LEU N 105 24.43 13.99 96.73
C LEU N 105 24.47 12.71 97.56
N SER N 106 24.32 12.85 98.87
CA SER N 106 24.45 11.73 99.80
C SER N 106 23.26 11.68 100.73
N LYS N 107 22.93 10.47 101.18
CA LYS N 107 21.91 10.25 102.19
C LYS N 107 22.49 9.60 103.45
N SER N 108 23.81 9.61 103.60
CA SER N 108 24.47 9.00 104.74
C SER N 108 24.77 10.04 105.81
N THR N 109 25.24 9.55 106.96
CA THR N 109 25.57 10.39 108.09
C THR N 109 27.00 10.23 108.60
N GLU N 110 27.70 9.17 108.19
CA GLU N 110 29.07 8.93 108.62
C GLU N 110 30.01 9.06 107.42
N ALA N 111 31.22 9.55 107.70
CA ALA N 111 32.21 9.73 106.66
C ALA N 111 32.62 8.38 106.07
N PRO N 112 32.92 8.33 104.77
CA PRO N 112 33.26 7.04 104.15
C PRO N 112 34.73 6.66 104.32
N THR N 113 35.10 5.50 103.80
CA THR N 113 36.47 5.01 103.87
C THR N 113 37.10 5.08 102.48
N PHE N 114 38.31 5.60 102.41
CA PHE N 114 38.99 5.77 101.13
C PHE N 114 39.20 4.43 100.45
N GLY N 115 38.87 4.36 99.16
CA GLY N 115 39.12 3.19 98.35
C GLY N 115 38.05 2.12 98.41
N SER N 116 37.02 2.29 99.23
CA SER N 116 35.98 1.27 99.34
C SER N 116 34.94 1.44 98.24
N ALA N 117 34.08 0.43 98.09
CA ALA N 117 33.05 0.43 97.07
C ALA N 117 31.97 1.45 97.39
N VAL N 118 31.23 1.83 96.34
CA VAL N 118 30.17 2.84 96.44
C VAL N 118 28.83 2.13 96.31
N LYS N 119 27.93 2.41 97.25
CA LYS N 119 26.59 1.85 97.24
C LYS N 119 25.57 2.95 96.98
N LEU N 120 24.69 2.75 96.01
CA LEU N 120 23.67 3.72 95.65
C LEU N 120 22.32 3.32 96.23
N ASP N 121 21.39 4.26 96.17
CA ASP N 121 20.01 4.03 96.59
C ASP N 121 19.17 3.70 95.35
N VAL N 122 17.86 3.61 95.53
CA VAL N 122 16.96 3.26 94.43
C VAL N 122 16.54 4.53 93.69
N ASP N 123 17.13 5.66 94.04
CA ASP N 123 16.83 6.93 93.38
C ASP N 123 18.08 7.62 92.82
N GLY N 124 19.22 6.95 92.84
CA GLY N 124 20.42 7.51 92.24
C GLY N 124 21.30 8.32 93.17
N GLN N 125 21.12 8.19 94.48
CA GLN N 125 21.91 8.94 95.45
C GLN N 125 22.71 7.98 96.32
N GLU N 126 23.88 8.42 96.77
CA GLU N 126 24.76 7.56 97.54
C GLU N 126 24.15 7.27 98.91
N LYS N 127 24.34 6.03 99.38
CA LYS N 127 23.83 5.62 100.68
C LYS N 127 24.63 4.42 101.14
N SER N 128 25.20 4.52 102.35
CA SER N 128 26.09 3.47 102.83
C SER N 128 25.38 2.13 103.00
N ASP N 129 24.07 2.16 103.21
CA ASP N 129 23.27 0.94 103.34
C ASP N 129 22.49 0.61 102.07
N GLY N 130 22.87 1.21 100.94
CA GLY N 130 22.10 1.01 99.72
C GLY N 130 22.20 -0.40 99.20
N THR N 131 21.27 -0.74 98.31
CA THR N 131 21.16 -2.07 97.76
C THR N 131 21.75 -2.21 96.36
N ILE N 132 22.01 -1.10 95.67
CA ILE N 132 22.55 -1.15 94.32
C ILE N 132 24.07 -1.10 94.40
N GLU N 133 24.73 -2.06 93.76
CA GLU N 133 26.18 -2.21 93.81
C GLU N 133 26.80 -1.65 92.54
N THR N 134 27.86 -0.85 92.70
CA THR N 134 28.62 -0.32 91.60
C THR N 134 30.09 -0.72 91.75
N THR N 135 30.88 -0.38 90.74
CA THR N 135 32.32 -0.57 90.79
C THR N 135 33.07 0.71 91.16
N TRP N 136 32.35 1.77 91.51
CA TRP N 136 32.97 3.04 91.86
C TRP N 136 33.60 2.97 93.24
N THR N 137 34.49 3.93 93.51
CA THR N 137 35.19 3.99 94.78
C THR N 137 35.18 5.43 95.28
N TYR N 138 35.31 5.58 96.60
CA TYR N 138 35.34 6.89 97.22
C TYR N 138 36.70 7.54 97.03
N ALA N 139 36.72 8.87 97.05
CA ALA N 139 37.94 9.64 96.84
C ALA N 139 38.36 10.44 98.07
N GLY N 140 37.59 10.37 99.16
CA GLY N 140 37.95 11.03 100.40
C GLY N 140 37.23 12.33 100.67
N GLY N 141 36.64 12.95 99.66
CA GLY N 141 35.92 14.20 99.89
C GLY N 141 34.61 13.95 100.60
N TRP N 142 34.30 14.79 101.59
CA TRP N 142 33.07 14.64 102.36
C TRP N 142 32.79 16.00 103.00
N THR N 143 31.78 16.71 102.50
CA THR N 143 31.55 18.08 102.95
C THR N 143 30.05 18.37 102.91
N LYS N 144 29.70 19.63 103.17
CA LYS N 144 28.30 20.04 103.22
C LYS N 144 28.19 21.48 102.76
N TYR N 145 27.14 21.76 102.00
CA TYR N 145 26.80 23.11 101.56
C TYR N 145 25.36 23.39 101.97
N LYS N 146 25.19 24.24 102.99
CA LYS N 146 23.87 24.70 103.42
C LYS N 146 22.87 23.55 103.54
N ASP N 147 23.09 22.68 104.52
CA ASP N 147 22.36 21.44 104.81
C ASP N 147 22.16 20.56 103.59
N ILE N 148 23.08 20.58 102.62
CA ILE N 148 23.12 19.58 101.55
C ILE N 148 24.43 18.83 101.68
N GLN N 149 24.35 17.54 101.98
CA GLN N 149 25.54 16.71 102.14
C GLN N 149 26.11 16.34 100.78
N LEU N 150 27.44 16.38 100.67
CA LEU N 150 28.12 16.10 99.41
C LEU N 150 29.28 15.14 99.66
N VAL N 151 29.47 14.20 98.72
CA VAL N 151 30.53 13.21 98.83
C VAL N 151 31.25 13.11 97.48
N GLU N 152 32.57 12.97 97.53
CA GLU N 152 33.39 12.84 96.33
C GLU N 152 33.41 11.38 95.89
N VAL N 153 33.27 11.15 94.59
CA VAL N 153 33.17 9.81 94.03
C VAL N 153 34.06 9.73 92.80
N GLN N 154 34.74 8.59 92.66
CA GLN N 154 35.59 8.30 91.52
C GLN N 154 34.84 7.36 90.57
N LEU N 155 34.76 7.75 89.31
CA LEU N 155 33.99 7.05 88.30
C LEU N 155 34.92 6.31 87.34
N HIS N 156 34.64 5.03 87.13
CA HIS N 156 35.37 4.18 86.20
C HIS N 156 34.49 3.86 85.01
N GLN N 157 35.11 3.79 83.83
CA GLN N 157 34.35 3.54 82.61
C GLN N 157 33.75 2.14 82.62
N LEU N 158 32.47 2.05 82.27
CA LEU N 158 31.77 0.77 82.25
C LEU N 158 32.30 -0.13 81.13
#